data_4R09
#
_entry.id   4R09
#
_cell.length_a   86.683
_cell.length_b   141.342
_cell.length_c   170.042
_cell.angle_alpha   90.00
_cell.angle_beta   89.46
_cell.angle_gamma   90.00
#
_symmetry.space_group_name_H-M   'P 1 21 1'
#
loop_
_entity.id
_entity.type
_entity.pdbx_description
1 polymer 'Toll-like receptor 8'
2 branched alpha-D-mannopyranose-(1-3)-[alpha-D-mannopyranose-(1-6)]beta-D-mannopyranose-(1-4)-2-acetamido-2-deoxy-beta-D-glucopyranose-(1-4)-2-acetamido-2-deoxy-beta-D-glucopyranose
3 branched 2-acetamido-2-deoxy-beta-D-glucopyranose-(1-4)-2-acetamido-2-deoxy-beta-D-glucopyranose
4 branched beta-D-mannopyranose-(1-4)-2-acetamido-2-deoxy-beta-D-glucopyranose-(1-4)-2-acetamido-2-deoxy-beta-D-glucopyranose
5 non-polymer URIDINE
6 non-polymer 'O-[(2R,3S,4R,5R)-5-(2-amino-6-oxo-3,6-dihydro-9H-purin-9-yl)-2-({[(S)-({(2R,3S,4R,5R)-5-(2,4-dioxo-3,4-dihydropyrimidin-1(2H)-yl)-4-hydroxy-2-[(thiophosphonooxy)methyl]tetrahydrofuran-3-yl}oxy)(sulfanyl)phosphoryl]oxy}methyl)-4-hydroxytetrahydrofuran-3-yl] dihydrogen (S)-phosphorothioate'
7 non-polymer 1-[(2R,3aR,4R,6R,6aR)-2-hydroxy-6-(hydroxymethyl)-2-sulfidotetrahydrofuro[3,4-d][1,3,2]dioxaphosphol-4-yl]pyrimidine-2,4(1H,3H)-dione
8 non-polymer 2-acetamido-2-deoxy-beta-D-glucopyranose
#
_entity_poly.entity_id   1
_entity_poly.type   'polypeptide(L)'
_entity_poly.pdbx_seq_one_letter_code
;RSPWEENFSRSYPCDEKKQNDSVIAECSNRRLQEVPQTVGKYVTELDLSDNFITHITNESFQGLQNLTKINLNHNPNVQH
QNGNPGIQSNGLNITDGAFLNLKNLRELLLEDNQLPQIPSGLPESLTELSLIQNNIYNITKEGISRLINLKNLYLAWNCY
FNKVCEKTNIEDGVFETLTNLELLSLSFNSLSHVPPKLPSSLRKLFLSNTQIKYISEEDFKGLINLTLLDLSGNCPRCFN
APFPCVPCDGGASINIDRFAFQNLTQLRYLNLSSTSLRKINAAWFKNMPHLKVLDLEFNYLVGEIASGAFLTMLPRLEIL
DLSFNYIKGSYPQHINISRNFSKLLSLRALHLRGYVFQELREDDFQPLMQLPNLSTINLGINFIKQIDFKLFQNFSNLEI
IYLSENRISPLVKDTRQSYANSSSFQRHIRKRRSTDFEFDPHSNFYHFTRPLIKPQCAAYGKALDLSLNSIFFIGPNQFE
NLPDIACLNLSANSNAQVLSGTEFSAIPHVKYLDLTNNRLDFDNASALTELSDLEVLDLSYNSHYFRIAGVTHHLEFIQN
FTNLKVLNLSHNNIYTLTDKYNLESKSLVELVFSGNRLDILWNDDDNRYISIFKGLKNLTRLDLSLNRLKHIPNEAFLNL
PASLTELHINDNMLKFFNWTLLQQFPRLELLDLRGNKLLFLTDSLSDFTSSLRTLLLSHNRISHLPSGFLSEVSSLKHLD
LSSNLLKTINKSALETKTTTKLSMLELHGNPFECTCDIGDFRRWMDEHLNVKIPRLVDVICASPGDQRGKSIVSLELTTC
VSDVTEFLVPR
;
_entity_poly.pdbx_strand_id   A,B,C,D
#
# COMPACT_ATOMS: atom_id res chain seq x y z
N ARG A 10 17.93 -2.56 34.76
CA ARG A 10 16.87 -3.64 34.78
C ARG A 10 15.65 -3.10 35.49
N SER A 11 14.59 -2.85 34.73
CA SER A 11 13.49 -2.06 35.22
C SER A 11 12.67 -2.84 36.23
N TYR A 12 12.02 -2.11 37.11
CA TYR A 12 11.16 -2.69 38.12
C TYR A 12 10.26 -1.55 38.65
N PRO A 13 8.96 -1.80 38.78
CA PRO A 13 8.35 -3.12 38.66
C PRO A 13 7.79 -3.43 37.27
N CYS A 14 8.04 -2.57 36.30
CA CYS A 14 7.48 -2.77 34.98
C CYS A 14 8.51 -3.45 34.14
N ASP A 15 8.07 -4.01 33.02
CA ASP A 15 8.97 -4.51 32.00
C ASP A 15 8.96 -3.45 30.88
N GLU A 16 10.12 -2.90 30.53
CA GLU A 16 10.17 -1.75 29.63
C GLU A 16 10.89 -2.10 28.35
N LYS A 17 10.36 -1.64 27.23
CA LYS A 17 10.88 -1.99 25.91
C LYS A 17 10.95 -0.74 25.09
N LYS A 18 11.72 -0.77 24.01
CA LYS A 18 12.04 0.45 23.25
C LYS A 18 11.68 0.29 21.76
N GLN A 19 10.63 0.98 21.31
CA GLN A 19 10.13 0.84 19.92
C GLN A 19 9.46 2.12 19.39
N VAL A 23 9.04 4.05 23.51
CA VAL A 23 9.53 3.26 24.66
C VAL A 23 8.46 3.04 25.72
N ILE A 24 8.10 1.77 25.90
CA ILE A 24 6.85 1.37 26.55
C ILE A 24 7.07 0.63 27.88
N ALA A 25 6.22 0.92 28.85
CA ALA A 25 6.24 0.24 30.14
C ALA A 25 5.04 -0.66 30.26
N GLU A 26 5.29 -1.97 30.28
CA GLU A 26 4.27 -2.96 30.54
C GLU A 26 4.26 -3.21 32.03
N CYS A 27 3.30 -2.61 32.72
CA CYS A 27 3.23 -2.67 34.14
C CYS A 27 1.89 -3.17 34.61
N SER A 28 1.30 -4.08 33.86
CA SER A 28 -0.08 -4.47 34.11
C SER A 28 -0.16 -5.75 34.93
N ASN A 29 -1.31 -5.92 35.60
CA ASN A 29 -1.64 -7.19 36.24
C ASN A 29 -0.49 -7.68 37.11
N ARG A 30 -0.09 -6.83 38.03
CA ARG A 30 1.15 -6.96 38.72
C ARG A 30 0.98 -6.72 40.23
N ARG A 31 -0.27 -6.70 40.69
CA ARG A 31 -0.54 -6.54 42.12
C ARG A 31 -0.11 -5.22 42.75
N LEU A 32 0.08 -4.18 41.94
CA LEU A 32 0.50 -2.87 42.44
C LEU A 32 -0.64 -2.17 43.19
N GLN A 33 -0.29 -1.38 44.22
CA GLN A 33 -1.30 -0.67 45.05
C GLN A 33 -1.34 0.84 44.80
N GLU A 34 -0.38 1.33 44.04
CA GLU A 34 -0.29 2.74 43.72
C GLU A 34 0.61 2.83 42.52
N VAL A 35 0.62 3.97 41.84
CA VAL A 35 1.48 4.10 40.68
C VAL A 35 2.90 3.95 41.18
N PRO A 36 3.72 3.14 40.51
CA PRO A 36 5.07 2.97 41.00
C PRO A 36 5.88 4.24 40.80
N GLN A 37 6.78 4.55 41.75
CA GLN A 37 7.61 5.74 41.64
C GLN A 37 8.98 5.45 41.02
N THR A 38 9.18 4.22 40.56
CA THR A 38 10.44 3.79 39.99
C THR A 38 10.33 3.58 38.47
N VAL A 39 9.44 4.30 37.82
CA VAL A 39 9.21 4.10 36.40
C VAL A 39 10.17 5.00 35.68
N GLY A 40 10.95 4.41 34.78
CA GLY A 40 11.82 5.19 33.88
C GLY A 40 11.23 6.51 33.37
N LYS A 41 12.09 7.52 33.31
CA LYS A 41 11.68 8.85 32.89
C LYS A 41 11.53 8.92 31.37
N TYR A 42 12.13 7.95 30.68
CA TYR A 42 12.10 7.89 29.23
C TYR A 42 10.75 7.39 28.66
N VAL A 43 9.90 6.85 29.53
CA VAL A 43 8.73 6.13 29.08
C VAL A 43 7.73 7.05 28.39
N THR A 44 7.04 6.52 27.38
CA THR A 44 5.99 7.28 26.65
C THR A 44 4.61 6.63 26.73
N GLU A 45 4.55 5.32 26.83
CA GLU A 45 3.28 4.60 27.04
C GLU A 45 3.38 3.73 28.31
N LEU A 46 2.38 3.84 29.17
CA LEU A 46 2.39 3.13 30.43
C LEU A 46 1.08 2.41 30.68
N ASP A 47 1.20 1.09 30.85
CA ASP A 47 0.07 0.23 31.03
C ASP A 47 0.03 -0.35 32.43
N LEU A 48 -0.84 0.22 33.27
CA LEU A 48 -1.02 -0.23 34.67
C LEU A 48 -2.39 -0.92 34.91
N SER A 49 -3.04 -1.36 33.83
CA SER A 49 -4.36 -1.97 33.93
C SER A 49 -4.30 -3.20 34.78
N ASP A 50 -5.45 -3.59 35.32
CA ASP A 50 -5.57 -4.82 36.14
C ASP A 50 -4.61 -4.82 37.33
N ASN A 51 -4.40 -3.65 37.94
CA ASN A 51 -3.66 -3.56 39.19
C ASN A 51 -4.60 -3.22 40.36
N PHE A 52 -4.06 -2.87 41.53
CA PHE A 52 -4.86 -2.61 42.70
C PHE A 52 -4.83 -1.16 43.09
N ILE A 53 -4.48 -0.28 42.15
CA ILE A 53 -4.33 1.15 42.40
C ILE A 53 -5.68 1.82 42.72
N THR A 54 -5.74 2.51 43.86
CA THR A 54 -6.98 3.09 44.37
C THR A 54 -6.98 4.61 44.38
N HIS A 55 -5.85 5.24 44.09
CA HIS A 55 -5.74 6.72 44.15
C HIS A 55 -4.81 7.28 43.06
N ILE A 56 -5.23 8.40 42.46
CA ILE A 56 -4.39 9.11 41.48
C ILE A 56 -4.36 10.59 41.86
N THR A 57 -3.19 11.22 41.80
CA THR A 57 -3.04 12.62 42.22
C THR A 57 -2.04 13.29 41.31
N ASN A 58 -1.78 14.57 41.58
CA ASN A 58 -0.69 15.29 40.91
C ASN A 58 0.67 14.66 41.15
N GLU A 59 0.83 13.98 42.29
CA GLU A 59 2.12 13.34 42.60
C GLU A 59 2.36 12.08 41.77
N SER A 60 1.27 11.44 41.32
CA SER A 60 1.37 10.08 40.75
C SER A 60 2.31 9.96 39.56
N PHE A 61 2.22 10.89 38.62
CA PHE A 61 3.06 10.82 37.44
C PHE A 61 3.94 12.03 37.32
N GLN A 62 4.48 12.48 38.45
CA GLN A 62 5.26 13.71 38.49
C GLN A 62 6.58 13.50 37.77
N GLY A 63 7.14 12.31 37.89
CA GLY A 63 8.41 12.01 37.23
C GLY A 63 8.39 12.16 35.71
N LEU A 64 7.25 11.82 35.11
CA LEU A 64 7.20 11.34 33.72
C LEU A 64 6.68 12.38 32.72
N GLN A 65 7.46 13.44 32.52
CA GLN A 65 7.14 14.50 31.55
C GLN A 65 6.59 13.95 30.22
N ASN A 66 7.26 12.93 29.68
CA ASN A 66 7.06 12.52 28.30
C ASN A 66 5.95 11.49 28.09
N LEU A 67 4.91 11.49 28.93
CA LEU A 67 3.85 10.47 28.80
C LEU A 67 2.82 10.82 27.72
N THR A 68 2.69 9.89 26.79
CA THR A 68 1.85 10.03 25.62
C THR A 68 0.56 9.26 25.81
N LYS A 69 0.64 8.14 26.52
CA LYS A 69 -0.47 7.21 26.64
C LYS A 69 -0.46 6.59 28.03
N ILE A 70 -1.62 6.59 28.69
CA ILE A 70 -1.74 5.94 29.99
C ILE A 70 -2.95 5.04 30.05
N ASN A 71 -2.70 3.81 30.48
CA ASN A 71 -3.78 2.81 30.62
C ASN A 71 -3.97 2.40 32.10
N LEU A 72 -5.13 2.77 32.62
CA LEU A 72 -5.46 2.53 34.00
C LEU A 72 -6.71 1.66 34.17
N ASN A 73 -7.06 0.88 33.14
CA ASN A 73 -8.31 0.08 33.17
C ASN A 73 -8.30 -0.94 34.26
N HIS A 74 -9.46 -1.17 34.85
CA HIS A 74 -9.67 -2.24 35.80
C HIS A 74 -8.80 -2.03 37.04
N ASN A 75 -8.88 -0.85 37.63
CA ASN A 75 -8.29 -0.60 38.92
C ASN A 75 -9.37 -0.01 39.78
N PRO A 76 -9.47 -0.44 41.03
CA PRO A 76 -8.68 -1.52 41.60
C PRO A 76 -9.29 -2.86 41.25
N ASN A 77 -8.48 -3.75 40.73
CA ASN A 77 -8.98 -5.02 40.22
C ASN A 77 -9.44 -5.95 41.35
N VAL A 78 -10.65 -5.69 41.85
CA VAL A 78 -11.24 -6.35 43.04
C VAL A 78 -10.92 -5.54 44.28
N GLY A 91 -13.44 1.40 43.88
CA GLY A 91 -13.40 2.71 43.23
C GLY A 91 -11.97 3.16 42.93
N LEU A 92 -11.78 3.89 41.85
CA LEU A 92 -10.55 4.65 41.63
C LEU A 92 -10.81 6.15 41.93
N ASN A 93 -10.20 6.64 43.01
CA ASN A 93 -10.30 8.06 43.38
C ASN A 93 -9.25 8.88 42.59
N ILE A 94 -9.76 9.78 41.76
CA ILE A 94 -8.92 10.62 40.91
C ILE A 94 -9.14 12.07 41.31
N THR A 95 -8.04 12.82 41.50
CA THR A 95 -8.14 14.23 41.92
C THR A 95 -8.47 15.12 40.72
N ASP A 96 -9.18 16.20 41.00
CA ASP A 96 -9.28 17.33 40.08
C ASP A 96 -7.89 17.66 39.60
N GLY A 97 -7.71 17.79 38.30
CA GLY A 97 -6.41 18.18 37.77
C GLY A 97 -5.26 17.21 37.95
N ALA A 98 -5.52 15.99 38.44
CA ALA A 98 -4.42 15.00 38.69
C ALA A 98 -3.50 14.77 37.51
N PHE A 99 -4.02 14.92 36.27
CA PHE A 99 -3.26 14.65 35.02
C PHE A 99 -2.80 15.91 34.33
N LEU A 100 -3.25 17.07 34.80
CA LEU A 100 -3.07 18.35 34.08
C LEU A 100 -1.60 18.68 33.74
N ASN A 101 -0.67 18.21 34.57
CA ASN A 101 0.76 18.41 34.37
C ASN A 101 1.35 17.67 33.19
N LEU A 102 0.69 16.60 32.75
CA LEU A 102 1.21 15.79 31.65
C LEU A 102 0.88 16.44 30.33
N LYS A 103 1.90 16.94 29.67
CA LYS A 103 1.72 17.85 28.55
C LYS A 103 1.64 17.15 27.21
N ASN A 104 2.21 15.95 27.12
CA ASN A 104 2.14 15.13 25.90
C ASN A 104 1.12 14.01 26.00
N LEU A 105 0.27 14.05 27.03
CA LEU A 105 -0.72 13.02 27.24
C LEU A 105 -1.77 13.08 26.13
N ARG A 106 -1.68 12.14 25.20
CA ARG A 106 -2.58 12.10 24.03
C ARG A 106 -3.72 11.12 24.26
N GLU A 107 -3.43 10.03 24.97
CA GLU A 107 -4.38 8.91 25.11
C GLU A 107 -4.54 8.49 26.60
N LEU A 108 -5.78 8.34 27.05
CA LEU A 108 -6.05 7.98 28.45
C LEU A 108 -7.19 6.94 28.63
N LEU A 109 -6.82 5.76 29.13
CA LEU A 109 -7.78 4.67 29.30
C LEU A 109 -8.19 4.48 30.76
N LEU A 110 -9.46 4.82 31.07
CA LEU A 110 -10.01 4.68 32.39
C LEU A 110 -11.24 3.84 32.39
N GLU A 111 -11.12 2.61 31.92
CA GLU A 111 -12.30 1.75 31.84
C GLU A 111 -12.43 0.97 33.11
N ASP A 112 -13.65 0.63 33.50
CA ASP A 112 -13.88 -0.33 34.54
C ASP A 112 -13.21 0.12 35.83
N ASN A 113 -13.44 1.38 36.18
CA ASN A 113 -12.86 2.01 37.34
C ASN A 113 -13.91 2.55 38.31
N GLN A 114 -15.18 2.26 38.03
CA GLN A 114 -16.28 2.70 38.87
C GLN A 114 -16.30 4.21 39.10
N LEU A 115 -15.83 4.95 38.12
CA LEU A 115 -15.88 6.40 38.21
C LEU A 115 -17.34 6.84 38.31
N PRO A 116 -17.66 7.74 39.30
CA PRO A 116 -18.97 8.41 39.44
C PRO A 116 -19.15 9.60 38.52
N GLN A 117 -18.06 10.13 37.98
CA GLN A 117 -18.09 11.26 37.07
C GLN A 117 -16.88 11.22 36.14
N ILE A 118 -16.94 12.05 35.12
CA ILE A 118 -15.76 12.34 34.33
C ILE A 118 -14.81 13.08 35.23
N PRO A 119 -13.60 12.55 35.43
CA PRO A 119 -12.64 13.29 36.24
C PRO A 119 -12.51 14.73 35.77
N SER A 120 -12.42 15.64 36.73
CA SER A 120 -12.20 17.06 36.44
C SER A 120 -10.73 17.32 36.10
N GLY A 121 -10.49 18.41 35.38
CA GLY A 121 -9.14 18.85 35.07
C GLY A 121 -8.37 17.83 34.29
N LEU A 122 -8.83 17.55 33.08
CA LEU A 122 -8.12 16.65 32.17
C LEU A 122 -7.36 17.47 31.16
N PRO A 123 -6.17 16.98 30.75
CA PRO A 123 -5.28 17.86 30.00
C PRO A 123 -5.79 18.10 28.60
N GLU A 124 -5.54 19.31 28.11
CA GLU A 124 -6.05 19.83 26.84
C GLU A 124 -5.61 19.00 25.66
N SER A 125 -4.46 18.35 25.82
CA SER A 125 -3.81 17.63 24.77
C SER A 125 -4.36 16.23 24.46
N LEU A 126 -5.42 15.79 25.16
CA LEU A 126 -5.95 14.43 24.95
C LEU A 126 -6.58 14.29 23.57
N THR A 127 -6.32 13.17 22.92
CA THR A 127 -6.94 12.83 21.65
C THR A 127 -7.85 11.61 21.74
N GLU A 128 -7.52 10.68 22.67
CA GLU A 128 -8.37 9.48 22.97
C GLU A 128 -8.70 9.47 24.44
N LEU A 129 -9.97 9.20 24.77
CA LEU A 129 -10.39 9.02 26.16
C LEU A 129 -11.46 7.97 26.26
N SER A 130 -11.22 6.94 27.07
CA SER A 130 -12.19 5.88 27.26
C SER A 130 -12.63 5.80 28.72
N LEU A 131 -13.93 5.85 28.91
CA LEU A 131 -14.53 5.85 30.21
C LEU A 131 -15.59 4.74 30.24
N ILE A 132 -15.38 3.72 29.41
CA ILE A 132 -16.29 2.60 29.24
C ILE A 132 -16.49 1.91 30.58
N GLN A 133 -17.68 1.39 30.85
CA GLN A 133 -17.90 0.56 32.02
C GLN A 133 -17.57 1.31 33.32
N ASN A 134 -18.33 2.38 33.58
CA ASN A 134 -18.19 3.14 34.82
C ASN A 134 -19.57 3.49 35.35
N ASN A 135 -19.64 4.42 36.30
CA ASN A 135 -20.91 4.87 36.85
C ASN A 135 -21.16 6.37 36.56
N ILE A 136 -20.76 6.79 35.37
CA ILE A 136 -20.97 8.17 34.90
C ILE A 136 -22.33 8.29 34.23
N TYR A 137 -23.24 9.01 34.88
CA TYR A 137 -24.55 9.27 34.29
C TYR A 137 -24.75 10.72 33.91
N ASN A 138 -23.69 11.50 33.96
CA ASN A 138 -23.75 12.92 33.69
C ASN A 138 -22.57 13.32 32.80
N ILE A 139 -22.85 13.78 31.57
CA ILE A 139 -21.81 14.17 30.57
C ILE A 139 -21.81 15.68 30.41
N THR A 140 -20.81 16.35 30.95
CA THR A 140 -20.90 17.80 31.20
C THR A 140 -19.86 18.58 30.44
N LYS A 141 -20.14 19.88 30.24
CA LYS A 141 -19.18 20.83 29.65
C LYS A 141 -17.95 20.98 30.52
N GLU A 142 -18.18 21.09 31.82
CA GLU A 142 -17.11 21.13 32.80
C GLU A 142 -16.10 20.05 32.48
N GLY A 143 -16.61 18.84 32.24
CA GLY A 143 -15.75 17.67 32.00
C GLY A 143 -15.13 17.54 30.62
N ILE A 144 -15.89 17.89 29.58
CA ILE A 144 -15.55 17.49 28.21
C ILE A 144 -15.24 18.66 27.29
N SER A 145 -15.98 19.75 27.43
CA SER A 145 -16.06 20.76 26.38
C SER A 145 -14.75 21.50 26.14
N ARG A 146 -13.78 21.34 27.02
CA ARG A 146 -12.52 22.02 26.85
C ARG A 146 -11.48 21.06 26.27
N LEU A 147 -11.90 19.85 25.94
CA LEU A 147 -10.99 18.85 25.39
C LEU A 147 -11.04 18.86 23.86
N ILE A 148 -10.75 20.04 23.30
CA ILE A 148 -10.92 20.35 21.86
C ILE A 148 -10.20 19.38 20.92
N ASN A 149 -9.12 18.75 21.41
CA ASN A 149 -8.29 17.90 20.57
C ASN A 149 -8.78 16.46 20.47
N LEU A 150 -9.95 16.17 21.03
CA LEU A 150 -10.44 14.81 21.09
C LEU A 150 -10.74 14.26 19.70
N LYS A 151 -10.18 13.09 19.40
CA LYS A 151 -10.44 12.37 18.16
C LYS A 151 -11.48 11.33 18.41
N ASN A 152 -11.23 10.48 19.39
CA ASN A 152 -12.17 9.41 19.77
C ASN A 152 -12.63 9.56 21.21
N LEU A 153 -13.93 9.45 21.46
CA LEU A 153 -14.45 9.56 22.83
C LEU A 153 -15.36 8.40 23.19
N TYR A 154 -14.94 7.58 24.14
CA TYR A 154 -15.68 6.37 24.48
C TYR A 154 -16.39 6.47 25.83
N LEU A 155 -17.72 6.39 25.83
CA LEU A 155 -18.50 6.52 27.05
C LEU A 155 -19.50 5.40 27.25
N ALA A 156 -19.37 4.33 26.48
CA ALA A 156 -20.36 3.28 26.46
C ALA A 156 -20.46 2.44 27.75
N TRP A 157 -21.55 1.70 27.87
CA TRP A 157 -21.70 0.70 28.93
C TRP A 157 -21.62 1.32 30.32
N ASN A 158 -22.21 2.49 30.52
CA ASN A 158 -22.24 3.09 31.85
C ASN A 158 -23.56 2.89 32.54
N CYS A 159 -24.65 2.78 31.77
CA CYS A 159 -25.94 2.40 32.35
C CYS A 159 -26.73 1.50 31.39
N TYR A 160 -27.02 0.28 31.83
CA TYR A 160 -27.58 -0.71 30.94
C TYR A 160 -28.20 -1.86 31.74
N PHE A 161 -29.00 -2.66 31.04
CA PHE A 161 -29.63 -3.83 31.60
C PHE A 161 -30.35 -3.51 32.95
N ASN A 162 -30.27 -4.41 33.93
CA ASN A 162 -30.78 -4.15 35.25
C ASN A 162 -29.74 -3.58 36.17
N LYS A 163 -28.72 -2.94 35.62
CA LYS A 163 -27.78 -2.21 36.48
C LYS A 163 -28.55 -1.12 37.20
N VAL A 164 -28.27 -0.95 38.49
CA VAL A 164 -28.89 0.14 39.24
C VAL A 164 -28.24 1.48 38.90
N CYS A 165 -28.91 2.29 38.08
CA CYS A 165 -28.32 3.52 37.51
C CYS A 165 -29.36 4.50 37.06
N GLU A 166 -28.95 5.76 37.00
CA GLU A 166 -29.78 6.86 36.53
C GLU A 166 -29.77 6.91 35.00
N LYS A 167 -30.82 7.51 34.43
CA LYS A 167 -30.82 7.90 33.02
C LYS A 167 -29.72 8.91 32.71
N THR A 168 -29.19 8.85 31.50
CA THR A 168 -27.97 9.58 31.19
C THR A 168 -28.30 11.00 30.86
N ASN A 169 -27.62 11.94 31.48
CA ASN A 169 -27.82 13.34 31.19
C ASN A 169 -26.69 13.88 30.31
N ILE A 170 -27.08 14.54 29.22
CA ILE A 170 -26.14 15.06 28.25
C ILE A 170 -26.37 16.56 28.13
N GLU A 171 -25.51 17.36 28.75
CA GLU A 171 -25.67 18.81 28.75
C GLU A 171 -25.81 19.30 27.32
N ASP A 172 -26.79 20.15 27.05
CA ASP A 172 -27.01 20.67 25.68
C ASP A 172 -25.75 21.29 25.09
N GLY A 173 -25.34 20.75 23.94
CA GLY A 173 -24.22 21.31 23.17
C GLY A 173 -22.81 20.90 23.60
N VAL A 174 -22.73 20.01 24.58
CA VAL A 174 -21.46 19.61 25.17
C VAL A 174 -20.47 19.11 24.13
N PHE A 175 -20.97 18.50 23.05
CA PHE A 175 -20.08 17.99 22.00
C PHE A 175 -19.78 19.05 20.94
N GLU A 176 -20.48 20.18 20.99
CA GLU A 176 -20.39 21.19 19.94
C GLU A 176 -18.96 21.74 19.70
N THR A 177 -18.19 21.89 20.77
CA THR A 177 -16.81 22.40 20.69
C THR A 177 -15.77 21.33 20.46
N LEU A 178 -16.17 20.06 20.36
CA LEU A 178 -15.24 19.00 19.92
C LEU A 178 -15.17 18.91 18.36
N THR A 179 -14.54 19.90 17.73
CA THR A 179 -14.57 20.05 16.27
C THR A 179 -13.59 19.16 15.53
N ASN A 180 -12.74 18.44 16.25
CA ASN A 180 -11.88 17.42 15.64
C ASN A 180 -12.35 16.01 15.94
N LEU A 181 -13.50 15.88 16.59
CA LEU A 181 -14.00 14.59 17.04
C LEU A 181 -14.43 13.70 15.88
N GLU A 182 -13.79 12.52 15.79
CA GLU A 182 -14.06 11.55 14.72
C GLU A 182 -14.91 10.36 15.20
N LEU A 183 -14.70 9.91 16.43
CA LEU A 183 -15.44 8.77 16.97
C LEU A 183 -16.11 9.12 18.30
N LEU A 184 -17.40 8.86 18.38
CA LEU A 184 -18.15 9.07 19.59
C LEU A 184 -19.03 7.88 19.80
N SER A 185 -19.00 7.32 21.00
CA SER A 185 -19.71 6.11 21.27
C SER A 185 -20.37 6.23 22.61
N LEU A 186 -21.69 6.09 22.61
CA LEU A 186 -22.54 6.32 23.76
C LEU A 186 -23.41 5.09 24.04
N SER A 187 -22.99 3.93 23.55
CA SER A 187 -23.86 2.79 23.55
C SER A 187 -24.05 2.22 24.93
N PHE A 188 -25.11 1.43 25.06
CA PHE A 188 -25.48 0.84 26.32
C PHE A 188 -25.44 1.93 27.37
N ASN A 189 -26.18 2.98 27.08
CA ASN A 189 -26.57 4.00 28.04
C ASN A 189 -28.03 4.34 27.73
N SER A 190 -28.73 4.92 28.68
CA SER A 190 -30.10 5.27 28.48
C SER A 190 -30.19 6.70 27.95
N LEU A 191 -30.30 6.85 26.63
CA LEU A 191 -30.29 8.20 26.03
C LEU A 191 -31.69 8.73 25.63
N SER A 192 -32.58 7.86 25.18
CA SER A 192 -33.91 8.27 24.71
C SER A 192 -33.93 9.12 23.43
N HIS A 193 -32.91 9.95 23.19
CA HIS A 193 -32.88 10.79 21.99
C HIS A 193 -31.45 10.97 21.57
N VAL A 194 -31.23 11.07 20.26
CA VAL A 194 -29.91 11.37 19.72
C VAL A 194 -29.48 12.72 20.29
N PRO A 195 -28.30 12.81 20.91
CA PRO A 195 -28.02 14.12 21.47
C PRO A 195 -27.95 15.08 20.33
N PRO A 196 -28.36 16.34 20.54
CA PRO A 196 -28.19 17.34 19.50
C PRO A 196 -26.81 17.95 19.50
N LYS A 197 -26.52 18.69 18.43
CA LYS A 197 -25.35 19.53 18.35
C LYS A 197 -24.09 18.71 18.33
N LEU A 198 -24.08 17.72 17.46
CA LEU A 198 -22.91 16.93 17.16
C LEU A 198 -22.02 17.64 16.14
N PRO A 199 -20.70 17.60 16.35
CA PRO A 199 -19.79 18.21 15.40
C PRO A 199 -19.78 17.43 14.09
N SER A 200 -19.57 18.14 12.98
CA SER A 200 -19.64 17.53 11.67
C SER A 200 -18.33 16.86 11.31
N SER A 201 -17.36 16.91 12.22
CA SER A 201 -16.13 16.15 12.06
C SER A 201 -16.37 14.62 12.19
N LEU A 202 -17.52 14.25 12.76
CA LEU A 202 -17.79 12.87 13.12
C LEU A 202 -17.66 11.91 11.96
N ARG A 203 -16.85 10.87 12.18
CA ARG A 203 -16.71 9.75 11.27
C ARG A 203 -17.58 8.59 11.72
N LYS A 204 -17.54 8.29 13.02
CA LYS A 204 -18.27 7.14 13.54
C LYS A 204 -19.09 7.47 14.76
N LEU A 205 -20.36 7.10 14.69
CA LEU A 205 -21.30 7.34 15.79
C LEU A 205 -21.91 6.01 16.26
N PHE A 206 -21.64 5.65 17.51
CA PHE A 206 -22.18 4.43 18.09
C PHE A 206 -23.28 4.74 19.11
N LEU A 207 -24.50 4.33 18.79
CA LEU A 207 -25.63 4.55 19.71
C LEU A 207 -26.44 3.26 19.94
N SER A 208 -25.75 2.13 20.05
CA SER A 208 -26.44 0.88 20.25
C SER A 208 -27.02 0.80 21.64
N ASN A 209 -28.16 0.14 21.77
CA ASN A 209 -28.82 -0.03 23.07
C ASN A 209 -28.83 1.23 23.86
N THR A 210 -29.24 2.33 23.23
CA THR A 210 -29.40 3.60 23.91
C THR A 210 -30.85 4.00 24.14
N GLN A 211 -31.79 3.11 23.90
CA GLN A 211 -33.22 3.36 24.25
C GLN A 211 -33.82 4.51 23.41
N ILE A 212 -33.62 4.45 22.11
CA ILE A 212 -33.93 5.55 21.21
C ILE A 212 -34.98 5.06 20.23
N LYS A 213 -36.21 5.49 20.45
CA LYS A 213 -37.36 4.98 19.74
C LYS A 213 -37.41 5.56 18.35
N TYR A 214 -37.04 6.83 18.22
CA TYR A 214 -37.35 7.60 17.04
C TYR A 214 -36.12 8.35 16.59
N ILE A 215 -35.86 8.29 15.29
CA ILE A 215 -34.80 9.06 14.65
C ILE A 215 -35.44 10.03 13.69
N SER A 216 -34.99 11.27 13.72
CA SER A 216 -35.60 12.33 12.92
C SER A 216 -34.64 12.94 11.89
N GLU A 217 -35.21 13.78 11.04
CA GLU A 217 -34.48 14.48 9.98
C GLU A 217 -33.35 15.36 10.54
N GLU A 218 -33.57 15.95 11.72
CA GLU A 218 -32.59 16.82 12.34
C GLU A 218 -31.45 16.04 12.95
N ASP A 219 -31.72 14.87 13.51
CA ASP A 219 -30.72 14.12 14.30
C ASP A 219 -29.33 14.00 13.69
N PHE A 220 -29.26 13.72 12.38
CA PHE A 220 -28.00 13.47 11.68
C PHE A 220 -27.83 14.40 10.49
N LYS A 221 -28.48 15.57 10.58
CA LYS A 221 -28.62 16.50 9.44
C LYS A 221 -27.28 16.94 8.81
N GLY A 222 -26.31 17.36 9.61
CA GLY A 222 -25.08 17.95 9.05
C GLY A 222 -23.83 17.12 9.24
N LEU A 223 -23.97 15.79 9.19
CA LEU A 223 -22.89 14.88 9.52
C LEU A 223 -22.45 14.19 8.25
N ILE A 224 -21.82 14.96 7.38
CA ILE A 224 -21.59 14.58 6.00
C ILE A 224 -20.27 13.85 5.82
N ASN A 225 -19.52 13.68 6.93
CA ASN A 225 -18.33 12.81 6.96
C ASN A 225 -18.61 11.40 7.56
N LEU A 226 -19.79 11.18 8.15
CA LEU A 226 -20.08 9.88 8.77
C LEU A 226 -19.86 8.73 7.82
N THR A 227 -19.03 7.79 8.26
CA THR A 227 -18.86 6.53 7.59
C THR A 227 -19.50 5.39 8.34
N LEU A 228 -19.67 5.52 9.65
CA LEU A 228 -20.31 4.44 10.43
C LEU A 228 -21.44 4.95 11.29
N LEU A 229 -22.59 4.33 11.16
CA LEU A 229 -23.69 4.61 12.09
C LEU A 229 -24.19 3.32 12.74
N ASP A 230 -24.33 3.32 14.05
CA ASP A 230 -24.74 2.12 14.78
C ASP A 230 -25.95 2.42 15.62
N LEU A 231 -27.11 1.90 15.26
CA LEU A 231 -28.37 2.19 15.99
C LEU A 231 -29.09 0.93 16.50
N SER A 232 -28.40 -0.20 16.44
CA SER A 232 -28.87 -1.44 17.08
C SER A 232 -28.97 -1.19 18.56
N GLY A 233 -29.57 -2.06 19.36
CA GLY A 233 -30.86 -2.57 19.19
C GLY A 233 -31.66 -1.63 20.09
N ASN A 234 -32.00 -0.48 19.51
CA ASN A 234 -33.05 0.35 19.99
C ASN A 234 -34.37 -0.16 19.37
N CYS A 235 -35.37 -0.39 20.24
CA CYS A 235 -36.53 -1.24 19.94
C CYS A 235 -36.10 -2.68 19.63
N PRO A 236 -35.40 -3.32 20.60
CA PRO A 236 -34.79 -4.62 20.43
C PRO A 236 -35.81 -5.69 20.21
N ARG A 237 -35.40 -6.78 19.59
CA ARG A 237 -36.22 -7.98 19.50
C ARG A 237 -35.87 -8.86 20.70
N CYS A 238 -36.77 -8.98 21.67
CA CYS A 238 -36.45 -9.56 23.01
C CYS A 238 -36.77 -11.06 23.22
N PHE A 239 -37.40 -11.70 22.24
CA PHE A 239 -37.68 -13.10 22.39
C PHE A 239 -36.35 -13.80 22.51
N ASN A 240 -36.19 -14.50 23.61
CA ASN A 240 -35.04 -15.38 23.79
C ASN A 240 -33.77 -14.57 23.91
N ALA A 241 -33.92 -13.38 24.47
CA ALA A 241 -32.79 -12.51 24.70
C ALA A 241 -31.84 -13.16 25.71
N PRO A 242 -30.54 -13.21 25.37
CA PRO A 242 -29.50 -13.58 26.33
C PRO A 242 -29.05 -12.47 27.29
N PHE A 243 -29.93 -11.50 27.51
CA PHE A 243 -29.71 -10.42 28.49
C PHE A 243 -31.08 -9.81 28.85
N PRO A 244 -31.17 -9.05 29.95
CA PRO A 244 -32.44 -8.35 30.28
C PRO A 244 -32.87 -7.45 29.14
N CYS A 245 -34.11 -7.57 28.71
CA CYS A 245 -34.49 -6.98 27.43
C CYS A 245 -35.84 -6.34 27.54
N VAL A 246 -35.97 -5.12 27.02
CA VAL A 246 -37.22 -4.36 27.14
C VAL A 246 -37.66 -3.80 25.79
N PRO A 247 -38.78 -4.30 25.28
CA PRO A 247 -39.17 -3.83 23.96
C PRO A 247 -39.83 -2.47 23.99
N CYS A 248 -39.75 -1.76 22.88
CA CYS A 248 -40.71 -0.71 22.57
C CYS A 248 -42.14 -1.23 22.70
N ASP A 249 -43.06 -0.33 23.07
CA ASP A 249 -44.45 -0.71 23.34
C ASP A 249 -45.11 -1.26 22.09
N GLY A 250 -46.04 -2.18 22.26
CA GLY A 250 -46.37 -3.12 21.23
C GLY A 250 -45.17 -4.05 21.14
N GLY A 251 -44.76 -4.34 19.92
CA GLY A 251 -43.36 -4.69 19.62
C GLY A 251 -42.92 -3.78 18.50
N ALA A 252 -43.31 -2.51 18.59
CA ALA A 252 -43.03 -1.53 17.55
C ALA A 252 -41.57 -1.60 17.11
N SER A 253 -41.29 -1.12 15.91
CA SER A 253 -39.93 -1.04 15.42
C SER A 253 -39.38 0.31 15.74
N ILE A 254 -38.07 0.42 15.75
CA ILE A 254 -37.48 1.72 15.77
C ILE A 254 -38.17 2.53 14.67
N ASN A 255 -38.37 3.82 14.89
CA ASN A 255 -39.02 4.68 13.89
C ASN A 255 -38.04 5.65 13.31
N ILE A 256 -37.67 5.42 12.05
CA ILE A 256 -36.67 6.22 11.40
C ILE A 256 -37.33 7.07 10.33
N ASP A 257 -37.32 8.37 10.54
CA ASP A 257 -37.88 9.30 9.59
C ASP A 257 -37.39 9.07 8.16
N ARG A 258 -38.26 9.32 7.20
CA ARG A 258 -37.95 9.08 5.77
C ARG A 258 -36.70 9.82 5.32
N PHE A 259 -36.43 10.98 5.92
CA PHE A 259 -35.32 11.82 5.48
C PHE A 259 -34.11 11.83 6.46
N ALA A 260 -34.07 10.87 7.39
CA ALA A 260 -33.06 10.82 8.47
C ALA A 260 -31.64 10.58 8.02
N PHE A 261 -31.46 9.87 6.89
CA PHE A 261 -30.13 9.63 6.30
C PHE A 261 -29.83 10.44 5.02
N GLN A 262 -30.55 11.53 4.82
CA GLN A 262 -30.45 12.34 3.61
C GLN A 262 -29.06 12.77 3.23
N ASN A 263 -28.35 13.34 4.19
CA ASN A 263 -27.08 13.97 3.95
C ASN A 263 -25.94 13.01 4.40
N LEU A 264 -26.28 11.74 4.67
CA LEU A 264 -25.26 10.75 5.06
C LEU A 264 -24.58 10.10 3.85
N THR A 265 -24.12 10.92 2.94
CA THR A 265 -23.61 10.44 1.68
C THR A 265 -22.33 9.55 1.77
N GLN A 266 -21.64 9.59 2.91
CA GLN A 266 -20.38 8.85 3.05
C GLN A 266 -20.52 7.55 3.84
N LEU A 267 -21.74 7.17 4.23
CA LEU A 267 -21.91 6.00 5.06
C LEU A 267 -21.37 4.74 4.37
N ARG A 268 -20.53 4.01 5.11
CA ARG A 268 -20.06 2.69 4.69
C ARG A 268 -20.65 1.54 5.50
N TYR A 269 -21.02 1.79 6.73
CA TYR A 269 -21.39 0.73 7.66
C TYR A 269 -22.64 1.16 8.36
N LEU A 270 -23.69 0.38 8.23
CA LEU A 270 -24.91 0.70 8.90
C LEU A 270 -25.32 -0.49 9.69
N ASN A 271 -25.50 -0.31 10.99
CA ASN A 271 -25.91 -1.41 11.83
C ASN A 271 -27.29 -1.15 12.36
N LEU A 272 -28.24 -1.98 11.95
CA LEU A 272 -29.60 -1.86 12.42
C LEU A 272 -30.09 -3.16 13.06
N SER A 273 -29.17 -3.90 13.66
CA SER A 273 -29.52 -5.17 14.27
C SER A 273 -30.39 -4.92 15.49
N SER A 274 -31.40 -5.77 15.66
CA SER A 274 -32.25 -5.75 16.83
C SER A 274 -32.85 -4.38 17.04
N THR A 275 -33.42 -3.85 15.99
CA THR A 275 -34.34 -2.75 16.12
C THR A 275 -35.75 -3.15 15.68
N SER A 276 -36.05 -4.43 15.72
CA SER A 276 -37.42 -4.91 15.44
C SER A 276 -38.01 -4.39 14.09
N LEU A 277 -37.17 -4.17 13.09
CA LEU A 277 -37.66 -3.74 11.77
C LEU A 277 -38.48 -4.82 11.08
N ARG A 278 -39.56 -4.40 10.45
CA ARG A 278 -40.38 -5.27 9.58
C ARG A 278 -40.37 -4.77 8.16
N LYS A 279 -40.44 -3.45 8.01
CA LYS A 279 -40.28 -2.77 6.73
C LYS A 279 -38.90 -2.19 6.73
N ILE A 280 -38.28 -2.12 5.58
CA ILE A 280 -37.08 -1.35 5.39
C ILE A 280 -37.31 -0.37 4.25
N ASN A 281 -37.32 0.90 4.57
CA ASN A 281 -37.57 1.90 3.57
C ASN A 281 -36.38 2.09 2.65
N ALA A 282 -36.55 1.63 1.41
CA ALA A 282 -35.59 1.86 0.31
C ALA A 282 -35.01 3.28 0.22
N ALA A 283 -35.80 4.28 0.55
CA ALA A 283 -35.40 5.67 0.41
C ALA A 283 -34.37 6.13 1.44
N TRP A 284 -34.26 5.42 2.54
CA TRP A 284 -33.15 5.64 3.48
C TRP A 284 -31.80 5.59 2.77
N PHE A 285 -31.74 4.88 1.63
CA PHE A 285 -30.48 4.66 0.88
C PHE A 285 -30.35 5.50 -0.39
N LYS A 286 -31.41 6.24 -0.72
CA LYS A 286 -31.45 7.12 -1.90
C LYS A 286 -30.11 7.83 -2.20
N ASN A 287 -29.42 8.25 -1.13
CA ASN A 287 -28.22 9.07 -1.20
C ASN A 287 -27.01 8.36 -0.62
N MET A 288 -27.00 7.04 -0.67
CA MET A 288 -26.02 6.29 0.07
C MET A 288 -25.25 5.37 -0.85
N PRO A 289 -24.57 5.95 -1.86
CA PRO A 289 -23.87 5.13 -2.87
C PRO A 289 -22.71 4.31 -2.35
N HIS A 290 -22.18 4.61 -1.16
CA HIS A 290 -20.99 3.89 -0.68
C HIS A 290 -21.28 2.77 0.32
N LEU A 291 -22.55 2.50 0.61
CA LEU A 291 -22.90 1.55 1.64
C LEU A 291 -22.27 0.19 1.29
N LYS A 292 -21.49 -0.31 2.25
CA LYS A 292 -20.61 -1.44 2.08
C LYS A 292 -21.02 -2.61 3.01
N VAL A 293 -21.45 -2.29 4.24
CA VAL A 293 -21.89 -3.28 5.22
C VAL A 293 -23.24 -2.88 5.77
N LEU A 294 -24.16 -3.82 5.80
CA LEU A 294 -25.51 -3.54 6.32
C LEU A 294 -25.94 -4.68 7.23
N ASP A 295 -26.11 -4.37 8.50
CA ASP A 295 -26.30 -5.38 9.53
C ASP A 295 -27.72 -5.31 10.02
N LEU A 296 -28.53 -6.31 9.68
CA LEU A 296 -29.96 -6.36 10.03
C LEU A 296 -30.34 -7.59 10.84
N GLU A 297 -29.41 -8.06 11.67
CA GLU A 297 -29.66 -9.27 12.43
C GLU A 297 -30.75 -9.00 13.44
N PHE A 298 -31.45 -10.06 13.86
CA PHE A 298 -32.43 -9.96 14.98
C PHE A 298 -33.50 -8.88 14.74
N ASN A 299 -34.09 -8.93 13.55
CA ASN A 299 -35.23 -8.11 13.23
C ASN A 299 -36.33 -9.05 12.81
N TYR A 300 -37.39 -8.55 12.17
CA TYR A 300 -38.47 -9.41 11.69
C TYR A 300 -38.63 -9.32 10.17
N LEU A 301 -37.57 -9.65 9.44
CA LEU A 301 -37.48 -9.31 8.02
C LEU A 301 -37.82 -10.44 7.04
N VAL A 302 -38.47 -11.49 7.49
CA VAL A 302 -38.75 -12.60 6.56
C VAL A 302 -39.57 -12.12 5.33
N GLY A 303 -40.54 -11.26 5.58
CA GLY A 303 -41.26 -10.57 4.52
C GLY A 303 -40.37 -9.79 3.59
N GLU A 304 -39.56 -8.89 4.13
CA GLU A 304 -38.59 -8.11 3.32
C GLU A 304 -37.54 -8.95 2.57
N ILE A 305 -37.15 -10.09 3.11
CA ILE A 305 -36.20 -10.98 2.42
C ILE A 305 -36.87 -11.62 1.20
N ALA A 306 -38.17 -11.85 1.29
CA ALA A 306 -38.94 -12.45 0.20
C ALA A 306 -39.33 -11.42 -0.89
N SER A 307 -39.06 -10.15 -0.61
CA SER A 307 -39.81 -9.07 -1.20
C SER A 307 -39.03 -7.77 -1.23
N GLY A 308 -37.70 -7.86 -1.28
CA GLY A 308 -36.85 -6.75 -0.86
C GLY A 308 -36.72 -5.60 -1.84
N ALA A 309 -37.52 -4.56 -1.64
CA ALA A 309 -37.43 -3.34 -2.43
C ALA A 309 -36.08 -2.67 -2.17
N PHE A 310 -35.69 -2.62 -0.90
CA PHE A 310 -34.45 -1.97 -0.56
C PHE A 310 -33.21 -2.53 -1.24
N LEU A 311 -33.27 -3.78 -1.74
CA LEU A 311 -32.08 -4.41 -2.37
C LEU A 311 -31.62 -3.64 -3.60
N THR A 312 -32.56 -2.98 -4.24
CA THR A 312 -32.30 -2.19 -5.45
C THR A 312 -31.26 -1.11 -5.18
N MET A 313 -31.28 -0.56 -3.98
CA MET A 313 -30.52 0.65 -3.68
C MET A 313 -29.04 0.40 -3.27
N LEU A 314 -28.54 -0.84 -3.42
CA LEU A 314 -27.29 -1.28 -2.76
C LEU A 314 -26.30 -2.08 -3.64
N PRO A 315 -26.06 -1.60 -4.85
CA PRO A 315 -25.26 -2.41 -5.75
C PRO A 315 -23.78 -2.32 -5.47
N ARG A 316 -23.41 -1.59 -4.43
CA ARG A 316 -22.02 -1.52 -4.00
C ARG A 316 -21.76 -2.24 -2.62
N LEU A 317 -22.84 -2.70 -1.99
CA LEU A 317 -22.78 -3.43 -0.74
C LEU A 317 -21.98 -4.72 -0.86
N GLU A 318 -20.96 -4.84 -0.01
CA GLU A 318 -20.14 -6.05 0.07
C GLU A 318 -20.68 -7.08 1.06
N ILE A 319 -21.10 -6.64 2.25
CA ILE A 319 -21.58 -7.57 3.28
C ILE A 319 -23.01 -7.29 3.70
N LEU A 320 -23.81 -8.34 3.70
CA LEU A 320 -25.22 -8.24 4.11
C LEU A 320 -25.52 -9.32 5.11
N ASP A 321 -26.03 -8.94 6.24
CA ASP A 321 -26.28 -9.89 7.31
C ASP A 321 -27.73 -9.81 7.74
N LEU A 322 -28.48 -10.84 7.43
CA LEU A 322 -29.87 -10.88 7.77
C LEU A 322 -30.12 -11.98 8.76
N SER A 323 -29.14 -12.22 9.63
CA SER A 323 -29.17 -13.36 10.54
C SER A 323 -30.18 -13.20 11.64
N PHE A 324 -30.70 -14.31 12.11
CA PHE A 324 -31.73 -14.36 13.12
C PHE A 324 -32.98 -13.44 12.91
N ASN A 325 -33.66 -13.61 11.79
CA ASN A 325 -34.96 -12.98 11.60
C ASN A 325 -36.06 -14.00 11.62
N TYR A 326 -35.77 -15.21 12.08
CA TYR A 326 -36.78 -16.27 12.14
C TYR A 326 -38.05 -15.80 12.83
N ILE A 327 -39.18 -16.30 12.36
CA ILE A 327 -40.47 -16.14 13.04
C ILE A 327 -40.63 -17.27 14.03
N LYS A 328 -40.75 -16.95 15.30
CA LYS A 328 -40.76 -18.00 16.30
C LYS A 328 -41.94 -18.89 16.02
N GLY A 329 -41.78 -20.18 16.25
CA GLY A 329 -42.85 -21.15 15.96
C GLY A 329 -43.25 -21.15 14.49
N SER A 330 -42.25 -21.28 13.65
CA SER A 330 -42.45 -21.42 12.22
C SER A 330 -41.16 -22.01 11.68
N TYR A 331 -41.29 -22.98 10.79
CA TYR A 331 -40.16 -23.80 10.38
C TYR A 331 -40.56 -24.24 9.00
N PRO A 332 -40.59 -23.30 8.06
CA PRO A 332 -41.09 -23.55 6.73
C PRO A 332 -40.19 -24.50 5.92
N GLN A 333 -40.76 -25.16 4.94
CA GLN A 333 -40.00 -26.04 4.09
C GLN A 333 -38.77 -25.36 3.50
N HIS A 334 -38.94 -24.12 3.02
CA HIS A 334 -37.92 -23.50 2.22
C HIS A 334 -37.65 -22.06 2.64
N ILE A 335 -36.46 -21.60 2.31
CA ILE A 335 -36.11 -20.19 2.43
C ILE A 335 -36.74 -19.47 1.23
N ASN A 336 -37.14 -18.21 1.39
CA ASN A 336 -37.75 -17.45 0.28
C ASN A 336 -36.92 -16.19 -0.05
N ILE A 337 -36.01 -16.33 -1.03
CA ILE A 337 -35.09 -15.25 -1.47
C ILE A 337 -35.62 -14.43 -2.66
N SER A 338 -35.99 -13.17 -2.42
CA SER A 338 -36.43 -12.28 -3.49
C SER A 338 -35.53 -12.34 -4.69
N ARG A 339 -36.10 -12.09 -5.87
CA ARG A 339 -35.29 -12.01 -7.09
C ARG A 339 -34.41 -10.79 -7.05
N ASN A 340 -34.81 -9.78 -6.26
CA ASN A 340 -34.10 -8.50 -6.21
C ASN A 340 -32.73 -8.62 -5.56
N PHE A 341 -32.50 -9.73 -4.87
CA PHE A 341 -31.16 -10.06 -4.41
C PHE A 341 -30.17 -9.99 -5.57
N SER A 342 -30.64 -10.24 -6.79
CA SER A 342 -29.76 -10.28 -7.96
C SER A 342 -29.13 -8.92 -8.28
N LYS A 343 -29.66 -7.88 -7.65
CA LYS A 343 -29.17 -6.52 -7.80
C LYS A 343 -27.91 -6.21 -6.96
N LEU A 344 -27.64 -7.03 -5.95
CA LEU A 344 -26.51 -6.79 -5.09
C LEU A 344 -25.23 -7.24 -5.76
N LEU A 345 -24.80 -6.49 -6.76
CA LEU A 345 -23.70 -6.90 -7.62
C LEU A 345 -22.29 -6.82 -7.02
N SER A 346 -22.16 -6.18 -5.85
CA SER A 346 -20.85 -6.14 -5.19
C SER A 346 -20.70 -7.10 -3.98
N LEU A 347 -21.77 -7.80 -3.62
CA LEU A 347 -21.80 -8.73 -2.48
C LEU A 347 -20.68 -9.76 -2.48
N ARG A 348 -19.79 -9.65 -1.48
CA ARG A 348 -18.79 -10.71 -1.20
C ARG A 348 -19.35 -11.79 -0.26
N ALA A 349 -20.14 -11.39 0.75
CA ALA A 349 -20.56 -12.31 1.84
C ALA A 349 -21.98 -12.10 2.26
N LEU A 350 -22.73 -13.18 2.36
CA LEU A 350 -24.12 -13.11 2.79
C LEU A 350 -24.33 -13.94 4.04
N HIS A 351 -24.83 -13.34 5.09
CA HIS A 351 -24.99 -14.07 6.31
C HIS A 351 -26.45 -14.26 6.58
N LEU A 352 -26.87 -15.52 6.63
CA LEU A 352 -28.22 -15.88 7.01
C LEU A 352 -28.29 -16.84 8.19
N ARG A 353 -27.52 -16.64 9.25
CA ARG A 353 -27.69 -17.56 10.40
C ARG A 353 -29.16 -17.52 10.79
N GLY A 354 -29.70 -18.60 11.29
CA GLY A 354 -30.94 -18.51 12.10
C GLY A 354 -32.16 -17.95 11.41
N TYR A 355 -32.33 -18.28 10.15
CA TYR A 355 -33.58 -18.06 9.43
C TYR A 355 -34.54 -19.12 9.85
N VAL A 356 -34.02 -20.34 9.96
CA VAL A 356 -34.74 -21.52 10.42
C VAL A 356 -35.70 -22.04 9.36
N PHE A 357 -35.29 -23.13 8.70
CA PHE A 357 -36.04 -23.70 7.60
C PHE A 357 -35.56 -25.11 7.32
N GLN A 358 -36.35 -25.88 6.57
CA GLN A 358 -36.18 -27.31 6.56
C GLN A 358 -35.33 -27.82 5.46
N GLU A 359 -35.41 -27.17 4.31
CA GLU A 359 -34.91 -27.76 3.08
C GLU A 359 -34.37 -26.69 2.17
N LEU A 360 -33.19 -26.94 1.61
CA LEU A 360 -32.61 -26.03 0.64
C LEU A 360 -32.58 -26.70 -0.75
N ARG A 361 -33.27 -26.06 -1.70
CA ARG A 361 -33.35 -26.54 -3.07
C ARG A 361 -32.59 -25.61 -4.00
N GLU A 362 -32.28 -26.09 -5.20
CA GLU A 362 -31.51 -25.31 -6.16
C GLU A 362 -32.24 -24.03 -6.57
N ASP A 363 -33.54 -24.12 -6.79
CA ASP A 363 -34.32 -22.96 -7.20
C ASP A 363 -34.32 -21.85 -6.13
N ASP A 364 -34.14 -22.22 -4.87
CA ASP A 364 -34.22 -21.25 -3.76
C ASP A 364 -33.13 -20.17 -3.84
N PHE A 365 -31.97 -20.53 -4.37
CA PHE A 365 -30.85 -19.59 -4.49
C PHE A 365 -30.57 -19.04 -5.90
N GLN A 366 -31.53 -19.14 -6.83
CA GLN A 366 -31.36 -18.64 -8.22
C GLN A 366 -30.84 -17.20 -8.25
N PRO A 367 -31.48 -16.31 -7.47
CA PRO A 367 -31.16 -14.95 -7.46
C PRO A 367 -29.76 -14.60 -7.00
N LEU A 368 -29.00 -15.55 -6.44
CA LEU A 368 -27.62 -15.30 -6.00
C LEU A 368 -26.58 -15.87 -6.98
N MET A 369 -27.06 -16.65 -7.93
CA MET A 369 -26.14 -17.49 -8.70
C MET A 369 -25.30 -16.75 -9.71
N GLN A 370 -25.63 -15.48 -9.94
CA GLN A 370 -24.93 -14.66 -10.91
C GLN A 370 -24.12 -13.54 -10.32
N LEU A 371 -24.15 -13.40 -8.99
CA LEU A 371 -23.44 -12.32 -8.33
C LEU A 371 -21.95 -12.55 -8.53
N PRO A 372 -21.31 -11.69 -9.29
CA PRO A 372 -19.94 -11.94 -9.72
C PRO A 372 -18.91 -12.18 -8.61
N ASN A 373 -19.05 -11.56 -7.42
CA ASN A 373 -18.00 -11.69 -6.38
C ASN A 373 -18.53 -12.26 -5.03
N LEU A 374 -19.72 -12.89 -5.04
CA LEU A 374 -20.28 -13.53 -3.84
C LEU A 374 -19.44 -14.74 -3.44
N SER A 375 -18.72 -14.59 -2.34
CA SER A 375 -17.65 -15.49 -1.97
C SER A 375 -17.99 -16.41 -0.78
N THR A 376 -18.77 -15.89 0.17
CA THR A 376 -19.10 -16.57 1.39
C THR A 376 -20.59 -16.67 1.54
N ILE A 377 -21.09 -17.87 1.79
CA ILE A 377 -22.49 -18.02 2.14
C ILE A 377 -22.59 -18.77 3.46
N ASN A 378 -23.25 -18.14 4.42
CA ASN A 378 -23.26 -18.64 5.79
C ASN A 378 -24.68 -18.97 6.22
N LEU A 379 -24.94 -20.28 6.35
CA LEU A 379 -26.24 -20.79 6.73
C LEU A 379 -26.26 -21.55 8.07
N GLY A 380 -25.40 -21.17 8.99
CA GLY A 380 -25.33 -21.85 10.25
C GLY A 380 -26.62 -21.68 11.01
N ILE A 381 -26.98 -22.71 11.78
CA ILE A 381 -28.04 -22.62 12.79
C ILE A 381 -29.36 -22.31 12.11
N ASN A 382 -29.70 -23.09 11.09
CA ASN A 382 -31.00 -23.01 10.43
C ASN A 382 -31.87 -24.25 10.58
N PHE A 383 -31.35 -25.21 11.36
CA PHE A 383 -31.94 -26.52 11.52
C PHE A 383 -32.26 -27.17 10.20
N ILE A 384 -31.43 -26.93 9.18
CA ILE A 384 -31.73 -27.45 7.85
C ILE A 384 -31.57 -28.97 7.84
N LYS A 385 -32.58 -29.67 7.31
CA LYS A 385 -32.58 -31.14 7.23
C LYS A 385 -32.04 -31.69 5.89
N GLN A 386 -32.39 -31.08 4.78
CA GLN A 386 -31.97 -31.58 3.46
C GLN A 386 -31.42 -30.46 2.62
N ILE A 387 -30.26 -30.73 2.01
CA ILE A 387 -29.67 -29.80 1.05
C ILE A 387 -29.45 -30.49 -0.28
N ASP A 388 -29.61 -29.74 -1.34
CA ASP A 388 -29.34 -30.19 -2.68
C ASP A 388 -27.99 -29.67 -3.15
N PHE A 389 -26.92 -30.36 -2.80
CA PHE A 389 -25.57 -29.79 -2.94
C PHE A 389 -25.14 -29.28 -4.34
N LYS A 390 -25.78 -29.77 -5.41
CA LYS A 390 -25.43 -29.34 -6.77
C LYS A 390 -25.80 -27.87 -7.03
N LEU A 391 -26.76 -27.38 -6.27
CA LEU A 391 -26.99 -25.97 -6.05
C LEU A 391 -25.71 -25.11 -6.12
N PHE A 392 -24.68 -25.51 -5.37
CA PHE A 392 -23.46 -24.70 -5.22
C PHE A 392 -22.53 -24.66 -6.46
N GLN A 393 -22.71 -25.59 -7.37
CA GLN A 393 -21.96 -25.61 -8.63
C GLN A 393 -22.38 -24.47 -9.57
N ASN A 394 -23.67 -24.12 -9.57
CA ASN A 394 -24.16 -23.02 -10.39
C ASN A 394 -23.80 -21.64 -9.76
N PHE A 395 -22.60 -21.52 -9.18
CA PHE A 395 -22.11 -20.27 -8.60
C PHE A 395 -20.73 -19.94 -9.18
N SER A 396 -20.44 -18.66 -9.29
CA SER A 396 -19.20 -18.23 -9.91
C SER A 396 -18.02 -18.44 -8.96
N ASN A 397 -17.98 -17.67 -7.87
CA ASN A 397 -16.74 -17.50 -7.07
C ASN A 397 -16.84 -18.04 -5.61
N LEU A 398 -17.72 -19.01 -5.32
CA LEU A 398 -17.88 -19.46 -3.93
C LEU A 398 -16.59 -20.05 -3.33
N GLU A 399 -16.03 -19.39 -2.33
CA GLU A 399 -14.83 -19.87 -1.65
C GLU A 399 -15.17 -20.59 -0.32
N ILE A 400 -16.21 -20.11 0.37
CA ILE A 400 -16.58 -20.63 1.67
C ILE A 400 -18.07 -20.95 1.73
N ILE A 401 -18.40 -22.24 1.81
CA ILE A 401 -19.77 -22.69 2.07
C ILE A 401 -19.92 -23.16 3.51
N TYR A 402 -20.60 -22.39 4.32
CA TYR A 402 -20.64 -22.67 5.74
C TYR A 402 -22.02 -23.15 6.16
N LEU A 403 -22.09 -24.41 6.53
CA LEU A 403 -23.32 -25.07 6.85
C LEU A 403 -23.29 -25.71 8.27
N SER A 404 -22.33 -25.29 9.10
CA SER A 404 -22.16 -25.80 10.43
C SER A 404 -23.43 -25.62 11.20
N GLU A 405 -23.71 -26.57 12.09
CA GLU A 405 -24.81 -26.48 13.02
C GLU A 405 -26.17 -26.51 12.30
N ASN A 406 -26.47 -27.63 11.67
CA ASN A 406 -27.82 -27.83 11.14
C ASN A 406 -28.28 -29.25 11.49
N ARG A 407 -29.21 -29.79 10.71
CA ARG A 407 -29.67 -31.16 10.89
C ARG A 407 -29.42 -32.03 9.65
N ILE A 408 -28.34 -31.74 8.90
CA ILE A 408 -27.93 -32.59 7.76
C ILE A 408 -27.53 -33.94 8.28
N SER A 409 -27.94 -34.97 7.55
CA SER A 409 -27.68 -36.36 7.94
C SER A 409 -27.52 -37.13 6.66
N PRO A 410 -27.31 -38.45 6.74
CA PRO A 410 -26.99 -39.22 5.53
C PRO A 410 -28.16 -39.41 4.56
N LEU A 411 -27.84 -39.44 3.26
CA LEU A 411 -28.83 -39.75 2.22
C LEU A 411 -28.99 -41.25 2.07
N ASP A 436 -15.58 -9.28 35.12
CA ASP A 436 -16.80 -9.83 35.76
C ASP A 436 -18.11 -9.18 35.27
N PHE A 437 -18.14 -8.78 34.00
CA PHE A 437 -19.42 -8.53 33.31
C PHE A 437 -19.56 -9.54 32.16
N GLU A 438 -20.79 -9.94 31.89
CA GLU A 438 -21.03 -10.98 30.90
C GLU A 438 -20.44 -10.68 29.49
N PHE A 439 -20.44 -9.42 29.04
CA PHE A 439 -20.24 -9.10 27.60
C PHE A 439 -19.04 -8.21 27.36
N ASP A 440 -18.28 -8.49 26.28
CA ASP A 440 -17.09 -7.70 25.96
C ASP A 440 -17.50 -6.39 25.29
N PRO A 441 -17.27 -5.28 25.98
CA PRO A 441 -17.66 -4.02 25.38
C PRO A 441 -16.86 -3.64 24.15
N HIS A 442 -15.81 -4.37 23.78
CA HIS A 442 -15.02 -4.02 22.58
C HIS A 442 -15.27 -4.96 21.43
N SER A 443 -16.31 -5.78 21.52
CA SER A 443 -16.61 -6.73 20.45
C SER A 443 -17.94 -6.44 19.89
N ASN A 444 -18.23 -7.01 18.74
CA ASN A 444 -19.57 -7.01 18.21
C ASN A 444 -20.48 -7.79 19.17
N PHE A 445 -21.71 -7.33 19.30
CA PHE A 445 -22.63 -7.87 20.30
C PHE A 445 -23.68 -8.83 19.69
N TYR A 446 -23.78 -8.89 18.35
CA TYR A 446 -24.84 -9.69 17.71
C TYR A 446 -24.27 -10.80 16.89
N HIS A 447 -22.95 -10.82 16.68
CA HIS A 447 -22.30 -12.04 16.21
C HIS A 447 -20.87 -12.18 16.68
N PHE A 448 -20.35 -13.42 16.62
CA PHE A 448 -18.94 -13.67 16.84
C PHE A 448 -18.19 -13.26 15.59
N THR A 449 -16.98 -12.71 15.77
CA THR A 449 -16.18 -12.23 14.66
C THR A 449 -14.90 -13.06 14.39
N ARG A 450 -14.74 -14.23 14.98
CA ARG A 450 -13.76 -15.21 14.45
C ARG A 450 -14.05 -15.55 12.98
N PRO A 451 -13.02 -15.99 12.24
CA PRO A 451 -13.26 -16.50 10.87
C PRO A 451 -14.20 -17.71 10.92
N LEU A 452 -15.06 -17.88 9.92
CA LEU A 452 -15.99 -19.00 9.88
C LEU A 452 -15.27 -20.31 9.74
N ILE A 453 -14.16 -20.28 9.00
CA ILE A 453 -13.37 -21.46 8.71
C ILE A 453 -11.92 -21.14 9.06
N LYS A 454 -11.24 -22.04 9.79
CA LYS A 454 -9.83 -21.80 10.15
C LYS A 454 -9.02 -21.33 8.90
N PRO A 455 -8.21 -20.26 9.06
CA PRO A 455 -7.39 -19.81 7.94
C PRO A 455 -6.52 -20.87 7.33
N GLN A 456 -5.88 -21.68 8.17
CA GLN A 456 -4.99 -22.66 7.67
C GLN A 456 -5.72 -23.61 6.73
N CYS A 457 -7.03 -23.80 6.92
CA CYS A 457 -7.81 -24.72 6.04
C CYS A 457 -8.34 -24.02 4.79
N ALA A 458 -8.72 -22.76 4.90
CA ALA A 458 -9.32 -22.03 3.78
C ALA A 458 -8.29 -21.59 2.78
N ALA A 459 -7.08 -21.32 3.25
CA ALA A 459 -5.94 -21.01 2.37
C ALA A 459 -5.82 -21.99 1.21
N TYR A 460 -6.25 -23.23 1.41
CA TYR A 460 -6.08 -24.30 0.41
C TYR A 460 -7.04 -24.21 -0.76
N GLY A 461 -8.07 -23.39 -0.65
CA GLY A 461 -9.10 -23.32 -1.72
C GLY A 461 -10.48 -23.43 -1.16
N LYS A 462 -11.41 -23.85 -1.99
CA LYS A 462 -12.82 -23.83 -1.64
C LYS A 462 -13.04 -24.69 -0.41
N ALA A 463 -13.88 -24.20 0.49
CA ALA A 463 -14.14 -24.88 1.72
C ALA A 463 -15.62 -25.17 1.91
N LEU A 464 -15.91 -26.29 2.53
CA LEU A 464 -17.25 -26.64 2.89
C LEU A 464 -17.23 -27.22 4.31
N ASP A 465 -17.93 -26.53 5.20
CA ASP A 465 -18.03 -26.86 6.58
C ASP A 465 -19.38 -27.49 6.82
N LEU A 466 -19.37 -28.77 7.20
CA LEU A 466 -20.59 -29.50 7.57
C LEU A 466 -20.54 -29.95 9.04
N SER A 467 -19.80 -29.21 9.85
CA SER A 467 -19.54 -29.58 11.22
C SER A 467 -20.80 -29.41 12.04
N LEU A 468 -20.82 -30.05 13.20
CA LEU A 468 -21.97 -30.07 14.05
C LEU A 468 -23.30 -30.40 13.29
N ASN A 469 -23.29 -31.42 12.44
CA ASN A 469 -24.53 -32.00 11.93
C ASN A 469 -24.67 -33.44 12.43
N SER A 470 -25.52 -34.26 11.80
CA SER A 470 -25.70 -35.65 12.18
C SER A 470 -25.35 -36.64 11.08
N ILE A 471 -24.27 -36.36 10.39
CA ILE A 471 -23.83 -37.20 9.30
C ILE A 471 -23.08 -38.36 9.94
N PHE A 472 -23.83 -39.33 10.44
CA PHE A 472 -23.22 -40.43 11.24
C PHE A 472 -22.52 -41.53 10.38
N PHE A 473 -22.82 -41.55 9.07
CA PHE A 473 -21.92 -42.15 8.07
C PHE A 473 -22.01 -41.38 6.74
N ILE A 474 -20.95 -41.44 5.96
CA ILE A 474 -20.94 -40.90 4.60
C ILE A 474 -21.38 -41.98 3.63
N GLY A 475 -22.60 -41.86 3.13
CA GLY A 475 -23.07 -42.77 2.10
C GLY A 475 -22.25 -42.65 0.83
N PRO A 476 -22.55 -43.50 -0.16
CA PRO A 476 -21.86 -43.46 -1.47
C PRO A 476 -22.08 -42.14 -2.29
N ASN A 477 -23.19 -41.43 -2.06
CA ASN A 477 -23.52 -40.19 -2.81
C ASN A 477 -23.61 -38.89 -1.97
N GLN A 478 -23.01 -38.89 -0.77
CA GLN A 478 -23.08 -37.71 0.10
C GLN A 478 -22.51 -36.46 -0.56
N PHE A 479 -21.41 -36.62 -1.29
CA PHE A 479 -20.68 -35.51 -1.85
C PHE A 479 -20.74 -35.41 -3.37
N GLU A 480 -21.71 -36.06 -3.99
CA GLU A 480 -21.87 -36.02 -5.44
C GLU A 480 -22.27 -34.62 -5.91
N ASN A 481 -21.75 -34.21 -7.05
CA ASN A 481 -22.04 -32.89 -7.62
C ASN A 481 -21.62 -31.71 -6.71
N LEU A 482 -20.50 -31.87 -6.03
CA LEU A 482 -19.93 -30.78 -5.26
C LEU A 482 -18.88 -30.03 -6.07
N PRO A 483 -18.63 -28.78 -5.73
CA PRO A 483 -17.50 -28.12 -6.36
C PRO A 483 -16.22 -28.80 -5.92
N ASP A 484 -15.11 -28.45 -6.57
CA ASP A 484 -13.83 -29.10 -6.30
C ASP A 484 -13.27 -28.64 -4.94
N ILE A 485 -13.64 -29.33 -3.86
CA ILE A 485 -13.35 -28.89 -2.50
C ILE A 485 -11.93 -29.19 -2.02
N ALA A 486 -11.28 -28.18 -1.44
CA ALA A 486 -9.91 -28.32 -0.97
C ALA A 486 -9.85 -28.41 0.52
N CYS A 487 -10.87 -27.89 1.19
CA CYS A 487 -10.93 -27.77 2.67
C CYS A 487 -12.32 -28.21 3.12
N LEU A 488 -12.36 -29.15 4.05
CA LEU A 488 -13.60 -29.80 4.41
C LEU A 488 -13.65 -30.09 5.88
N ASN A 489 -14.55 -29.42 6.58
CA ASN A 489 -14.80 -29.71 7.98
C ASN A 489 -15.97 -30.70 8.17
N LEU A 490 -15.70 -31.82 8.84
CA LEU A 490 -16.74 -32.76 9.21
C LEU A 490 -16.73 -33.05 10.72
N SER A 491 -16.12 -32.16 11.46
CA SER A 491 -15.99 -32.33 12.86
C SER A 491 -17.36 -32.54 13.48
N ALA A 492 -17.41 -33.40 14.50
CA ALA A 492 -18.58 -33.44 15.38
C ALA A 492 -19.83 -33.77 14.63
N ASN A 493 -19.76 -34.84 13.85
CA ASN A 493 -20.97 -35.40 13.22
C ASN A 493 -21.32 -36.75 13.84
N SER A 494 -20.57 -37.10 14.88
CA SER A 494 -20.63 -38.40 15.51
C SER A 494 -20.59 -39.51 14.44
N ASN A 495 -19.66 -39.38 13.48
CA ASN A 495 -19.48 -40.37 12.45
C ASN A 495 -18.76 -41.59 13.01
N ALA A 496 -19.44 -42.73 12.86
CA ALA A 496 -18.93 -44.01 13.37
C ALA A 496 -18.46 -44.97 12.29
N GLN A 497 -18.35 -44.50 11.05
CA GLN A 497 -18.18 -45.42 9.94
C GLN A 497 -16.77 -45.95 9.81
N VAL A 498 -16.67 -47.07 9.08
CA VAL A 498 -15.38 -47.61 8.64
C VAL A 498 -15.06 -46.99 7.27
N LEU A 499 -14.10 -46.08 7.23
CA LEU A 499 -13.67 -45.46 5.96
C LEU A 499 -12.82 -46.45 5.21
N SER A 500 -13.10 -46.60 3.91
CA SER A 500 -12.46 -47.68 3.10
C SER A 500 -11.69 -47.18 1.87
N GLY A 501 -11.82 -45.90 1.56
CA GLY A 501 -11.10 -45.30 0.46
C GLY A 501 -11.97 -45.05 -0.74
N THR A 502 -13.27 -44.85 -0.55
CA THR A 502 -14.18 -44.43 -1.67
C THR A 502 -15.21 -43.35 -1.28
N GLU A 503 -15.11 -42.86 -0.06
CA GLU A 503 -16.15 -42.07 0.49
C GLU A 503 -15.97 -40.64 0.08
N PHE A 504 -14.72 -40.24 -0.19
CA PHE A 504 -14.38 -38.85 -0.57
C PHE A 504 -14.02 -38.71 -2.04
N SER A 505 -14.62 -39.55 -2.87
CA SER A 505 -14.15 -39.74 -4.25
C SER A 505 -14.90 -38.86 -5.27
N ALA A 506 -16.07 -38.36 -4.91
CA ALA A 506 -16.63 -37.26 -5.63
C ALA A 506 -15.90 -35.93 -5.37
N ILE A 507 -14.90 -35.91 -4.47
CA ILE A 507 -14.15 -34.69 -4.15
C ILE A 507 -12.69 -35.04 -3.81
N PRO A 508 -11.97 -35.55 -4.81
CA PRO A 508 -10.68 -36.20 -4.53
C PRO A 508 -9.57 -35.31 -4.10
N HIS A 509 -9.73 -34.00 -4.22
CA HIS A 509 -8.58 -33.11 -4.00
C HIS A 509 -8.59 -32.37 -2.68
N VAL A 510 -9.36 -32.83 -1.70
CA VAL A 510 -9.31 -32.21 -0.40
C VAL A 510 -7.88 -32.22 0.11
N LYS A 511 -7.38 -31.05 0.52
CA LYS A 511 -6.02 -30.91 1.02
C LYS A 511 -5.98 -30.84 2.56
N TYR A 512 -7.10 -30.46 3.18
CA TYR A 512 -7.18 -30.27 4.62
C TYR A 512 -8.53 -30.78 5.01
N LEU A 513 -8.53 -31.74 5.95
CA LEU A 513 -9.75 -32.46 6.35
C LEU A 513 -9.90 -32.48 7.85
N ASP A 514 -11.00 -31.92 8.31
CA ASP A 514 -11.25 -31.89 9.75
C ASP A 514 -12.22 -32.97 10.03
N LEU A 515 -11.75 -33.98 10.75
CA LEU A 515 -12.58 -35.09 11.12
C LEU A 515 -12.70 -35.23 12.64
N THR A 516 -12.44 -34.13 13.37
CA THR A 516 -12.30 -34.19 14.83
C THR A 516 -13.64 -34.47 15.47
N ASN A 517 -13.64 -35.05 16.67
CA ASN A 517 -14.86 -35.23 17.48
C ASN A 517 -15.88 -36.03 16.74
N ASN A 518 -15.44 -37.13 16.18
CA ASN A 518 -16.35 -38.17 15.73
C ASN A 518 -15.97 -39.45 16.43
N ARG A 519 -16.59 -40.56 16.03
CA ARG A 519 -16.30 -41.85 16.63
C ARG A 519 -15.97 -42.86 15.55
N LEU A 520 -14.99 -42.52 14.72
CA LEU A 520 -14.66 -43.34 13.55
C LEU A 520 -14.13 -44.70 13.94
N ASP A 521 -14.48 -45.71 13.15
CA ASP A 521 -14.07 -47.09 13.37
C ASP A 521 -12.98 -47.40 12.37
N PHE A 522 -11.76 -47.49 12.86
CA PHE A 522 -10.62 -47.64 12.01
C PHE A 522 -10.31 -49.09 11.76
N ASP A 523 -11.14 -49.70 10.95
CA ASP A 523 -10.98 -51.09 10.59
C ASP A 523 -10.72 -51.28 9.08
N ASN A 524 -9.83 -50.49 8.48
CA ASN A 524 -9.49 -50.61 7.03
C ASN A 524 -8.27 -49.78 6.67
N ALA A 525 -7.24 -50.43 6.17
CA ALA A 525 -5.94 -49.81 5.93
C ALA A 525 -5.88 -48.90 4.68
N SER A 526 -6.94 -48.92 3.87
CA SER A 526 -7.06 -48.05 2.69
C SER A 526 -7.94 -46.83 2.96
N ALA A 527 -8.12 -46.50 4.24
CA ALA A 527 -9.02 -45.42 4.63
C ALA A 527 -8.41 -44.09 4.26
N LEU A 528 -9.21 -43.21 3.66
CA LEU A 528 -8.76 -41.85 3.30
C LEU A 528 -7.70 -41.80 2.18
N THR A 529 -7.54 -42.94 1.52
CA THR A 529 -6.45 -43.14 0.57
C THR A 529 -6.76 -42.47 -0.80
N GLU A 530 -8.03 -42.26 -1.12
CA GLU A 530 -8.41 -41.53 -2.36
C GLU A 530 -7.96 -40.10 -2.36
N LEU A 531 -7.59 -39.58 -1.20
CA LEU A 531 -7.19 -38.21 -1.11
C LEU A 531 -5.68 -38.15 -1.21
N SER A 532 -5.20 -38.26 -2.43
CA SER A 532 -3.75 -38.27 -2.75
C SER A 532 -3.07 -36.97 -2.37
N ASP A 533 -3.77 -35.88 -2.58
CA ASP A 533 -3.20 -34.56 -2.33
C ASP A 533 -3.20 -34.11 -0.87
N LEU A 534 -3.83 -34.90 0.01
CA LEU A 534 -4.03 -34.53 1.41
C LEU A 534 -2.76 -34.07 2.09
N GLU A 535 -2.83 -32.92 2.76
CA GLU A 535 -1.69 -32.34 3.41
C GLU A 535 -1.84 -32.28 4.90
N VAL A 536 -3.08 -32.08 5.34
CA VAL A 536 -3.40 -31.97 6.78
C VAL A 536 -4.60 -32.80 7.15
N LEU A 537 -4.45 -33.59 8.20
CA LEU A 537 -5.52 -34.50 8.66
C LEU A 537 -5.75 -34.32 10.14
N ASP A 538 -6.96 -33.91 10.51
CA ASP A 538 -7.31 -33.81 11.94
C ASP A 538 -8.29 -34.90 12.36
N LEU A 539 -7.75 -35.85 13.14
CA LEU A 539 -8.50 -36.97 13.69
C LEU A 539 -8.56 -36.92 15.22
N SER A 540 -8.39 -35.72 15.81
CA SER A 540 -8.42 -35.54 17.27
C SER A 540 -9.79 -35.89 17.84
N TYR A 541 -9.84 -36.41 19.07
CA TYR A 541 -11.13 -36.72 19.76
C TYR A 541 -12.01 -37.70 18.97
N ASN A 542 -11.43 -38.84 18.61
CA ASN A 542 -12.15 -39.95 18.02
C ASN A 542 -11.88 -41.20 18.86
N SER A 543 -11.88 -41.05 20.16
CA SER A 543 -11.46 -42.12 21.02
C SER A 543 -12.43 -43.25 21.20
N HIS A 544 -13.63 -43.10 20.70
CA HIS A 544 -14.69 -43.96 21.05
C HIS A 544 -14.39 -45.40 20.80
N TYR A 545 -13.93 -45.77 19.62
CA TYR A 545 -13.41 -47.10 19.36
C TYR A 545 -12.05 -47.39 19.94
N PHE A 546 -11.17 -46.43 19.93
CA PHE A 546 -9.84 -46.65 20.46
C PHE A 546 -9.88 -47.15 21.91
N ARG A 547 -10.91 -46.75 22.66
CA ARG A 547 -11.01 -47.16 24.09
C ARG A 547 -11.21 -48.66 24.23
N ILE A 548 -11.94 -49.22 23.28
CA ILE A 548 -12.34 -50.63 23.31
C ILE A 548 -11.22 -51.57 22.83
N ALA A 549 -10.64 -52.32 23.75
CA ALA A 549 -9.52 -53.22 23.44
C ALA A 549 -9.80 -54.23 22.31
N GLY A 550 -11.00 -54.74 22.24
CA GLY A 550 -11.24 -55.93 21.43
C GLY A 550 -11.70 -55.71 20.01
N VAL A 551 -11.91 -54.46 19.63
CA VAL A 551 -12.22 -54.17 18.27
C VAL A 551 -10.91 -53.76 17.62
N THR A 552 -10.95 -53.66 16.29
CA THR A 552 -9.75 -53.42 15.49
C THR A 552 -9.45 -51.93 15.41
N HIS A 553 -8.15 -51.61 15.44
CA HIS A 553 -7.65 -50.25 15.33
C HIS A 553 -6.55 -50.18 14.29
N HIS A 554 -6.93 -49.93 13.04
CA HIS A 554 -5.99 -49.94 11.90
C HIS A 554 -5.55 -48.51 11.45
N LEU A 555 -4.28 -48.18 11.70
CA LEU A 555 -3.69 -46.87 11.34
C LEU A 555 -2.65 -46.94 10.20
N GLU A 556 -2.74 -48.00 9.40
CA GLU A 556 -1.76 -48.26 8.35
C GLU A 556 -1.83 -47.21 7.24
N PHE A 557 -3.04 -46.72 6.97
CA PHE A 557 -3.29 -45.78 5.87
C PHE A 557 -2.44 -44.51 5.90
N ILE A 558 -1.89 -44.16 7.04
CA ILE A 558 -1.04 -42.99 7.13
C ILE A 558 -0.03 -43.03 5.96
N GLN A 559 0.64 -44.17 5.80
CA GLN A 559 1.76 -44.31 4.87
C GLN A 559 1.46 -44.11 3.38
N ASN A 560 0.23 -44.31 2.93
CA ASN A 560 -0.06 -44.21 1.51
C ASN A 560 -0.25 -42.78 1.07
N PHE A 561 0.37 -41.84 1.78
CA PHE A 561 0.20 -40.42 1.47
C PHE A 561 1.48 -39.74 1.08
N THR A 562 1.50 -39.25 -0.14
CA THR A 562 2.67 -38.63 -0.71
C THR A 562 2.98 -37.26 -0.08
N ASN A 563 1.95 -36.43 0.13
CA ASN A 563 2.14 -35.03 0.54
C ASN A 563 1.67 -34.67 1.95
N LEU A 564 1.50 -35.64 2.82
CA LEU A 564 0.83 -35.42 4.09
C LEU A 564 1.81 -34.82 5.06
N LYS A 565 1.51 -33.61 5.52
CA LYS A 565 2.48 -32.79 6.26
C LYS A 565 2.19 -32.78 7.75
N VAL A 566 0.89 -32.68 8.09
CA VAL A 566 0.48 -32.59 9.50
C VAL A 566 -0.63 -33.58 9.84
N LEU A 567 -0.40 -34.37 10.90
CA LEU A 567 -1.37 -35.34 11.41
C LEU A 567 -1.67 -35.08 12.87
N ASN A 568 -2.95 -35.00 13.20
CA ASN A 568 -3.32 -34.81 14.58
C ASN A 568 -4.16 -36.00 15.07
N LEU A 569 -3.55 -36.81 15.94
CA LEU A 569 -4.21 -37.92 16.57
C LEU A 569 -4.44 -37.67 18.09
N SER A 570 -4.44 -36.39 18.50
CA SER A 570 -4.56 -36.03 19.91
C SER A 570 -5.86 -36.49 20.56
N HIS A 571 -5.79 -36.83 21.83
CA HIS A 571 -6.96 -37.17 22.65
C HIS A 571 -7.75 -38.29 22.04
N ASN A 572 -7.07 -39.34 21.62
CA ASN A 572 -7.74 -40.52 21.11
C ASN A 572 -7.57 -41.70 22.02
N ASN A 573 -6.77 -41.56 23.08
CA ASN A 573 -6.77 -42.57 24.09
C ASN A 573 -6.19 -43.84 23.48
N ILE A 574 -5.24 -43.67 22.57
CA ILE A 574 -4.59 -44.78 21.90
C ILE A 574 -3.75 -45.57 22.90
N TYR A 575 -4.05 -46.86 23.03
CA TYR A 575 -3.22 -47.78 23.83
C TYR A 575 -2.99 -49.14 23.18
N THR A 576 -3.62 -49.37 22.03
CA THR A 576 -3.43 -50.59 21.33
C THR A 576 -3.78 -50.47 19.85
N LEU A 577 -3.07 -51.25 19.03
CA LEU A 577 -3.31 -51.28 17.59
C LEU A 577 -3.24 -52.70 17.12
N THR A 578 -3.79 -52.94 15.93
CA THR A 578 -3.95 -54.27 15.38
C THR A 578 -2.91 -54.46 14.26
N ASP A 579 -2.09 -55.51 14.38
CA ASP A 579 -1.18 -55.98 13.28
C ASP A 579 0.10 -55.16 13.13
N LYS A 580 -0.06 -53.89 12.75
CA LYS A 580 1.08 -52.99 12.55
C LYS A 580 1.14 -51.97 13.69
N TYR A 581 2.18 -52.10 14.51
CA TYR A 581 2.34 -51.33 15.72
C TYR A 581 3.06 -50.03 15.47
N ASN A 582 3.45 -49.77 14.22
CA ASN A 582 4.28 -48.62 13.93
C ASN A 582 3.62 -47.62 12.99
N LEU A 583 3.85 -46.35 13.22
CA LEU A 583 3.40 -45.30 12.31
C LEU A 583 4.51 -45.03 11.31
N GLU A 584 4.14 -44.76 10.07
CA GLU A 584 5.13 -44.62 8.99
C GLU A 584 4.69 -43.64 7.92
N SER A 585 5.57 -42.71 7.62
CA SER A 585 5.38 -41.78 6.52
C SER A 585 6.72 -41.25 6.04
N LYS A 586 6.87 -41.19 4.73
CA LYS A 586 8.05 -40.58 4.16
C LYS A 586 7.93 -39.05 4.12
N SER A 587 6.71 -38.50 4.22
CA SER A 587 6.49 -37.03 4.12
C SER A 587 6.24 -36.29 5.45
N LEU A 588 5.37 -36.85 6.28
CA LEU A 588 4.97 -36.21 7.53
C LEU A 588 6.09 -35.45 8.26
N VAL A 589 5.72 -34.22 8.65
CA VAL A 589 6.56 -33.28 9.33
C VAL A 589 6.09 -33.03 10.75
N GLU A 590 4.78 -33.01 10.95
CA GLU A 590 4.22 -32.82 12.30
C GLU A 590 3.25 -33.93 12.71
N LEU A 591 3.48 -34.48 13.89
CA LEU A 591 2.55 -35.41 14.53
C LEU A 591 2.26 -34.95 15.96
N VAL A 592 0.97 -34.69 16.27
CA VAL A 592 0.51 -34.47 17.62
C VAL A 592 -0.06 -35.77 18.20
N PHE A 593 0.46 -36.21 19.35
CA PHE A 593 0.04 -37.47 19.96
C PHE A 593 -0.34 -37.27 21.40
N SER A 594 -0.69 -36.05 21.74
CA SER A 594 -1.01 -35.74 23.12
C SER A 594 -2.32 -36.40 23.44
N GLY A 595 -2.58 -36.63 24.72
CA GLY A 595 -3.86 -37.22 25.15
C GLY A 595 -4.06 -38.66 24.68
N ASN A 596 -2.99 -39.44 24.64
CA ASN A 596 -3.11 -40.84 24.37
C ASN A 596 -2.50 -41.58 25.52
N ARG A 597 -2.27 -42.89 25.36
CA ARG A 597 -1.64 -43.68 26.40
C ARG A 597 -0.29 -44.29 26.03
N LEU A 598 0.69 -43.45 25.78
CA LEU A 598 2.05 -43.96 25.66
C LEU A 598 2.55 -44.67 26.93
N ASP A 599 1.99 -44.34 28.11
CA ASP A 599 2.31 -45.10 29.36
C ASP A 599 2.02 -46.58 29.17
N ILE A 600 0.95 -46.91 28.46
CA ILE A 600 0.60 -48.31 28.20
C ILE A 600 1.32 -48.86 26.95
N LEU A 601 1.42 -48.06 25.90
CA LEU A 601 2.12 -48.48 24.68
C LEU A 601 3.58 -48.84 24.94
N TRP A 602 4.21 -48.16 25.92
CA TRP A 602 5.62 -48.37 26.24
C TRP A 602 5.86 -48.93 27.63
N ASN A 603 4.85 -49.55 28.23
CA ASN A 603 5.01 -50.37 29.43
C ASN A 603 6.25 -51.29 29.35
N ASP A 604 6.87 -51.56 30.49
CA ASP A 604 8.14 -52.34 30.54
C ASP A 604 7.99 -53.79 30.05
N ASP A 605 6.80 -54.36 30.17
CA ASP A 605 6.56 -55.75 29.85
C ASP A 605 6.08 -55.93 28.41
N ASP A 606 6.07 -54.85 27.64
CA ASP A 606 5.66 -54.88 26.23
C ASP A 606 6.75 -54.23 25.39
N ASN A 607 7.15 -54.95 24.35
CA ASN A 607 8.18 -54.53 23.42
C ASN A 607 7.59 -54.04 22.10
N ARG A 608 6.32 -54.31 21.87
CA ARG A 608 5.81 -54.24 20.50
C ARG A 608 5.83 -52.84 19.89
N TYR A 609 5.76 -51.81 20.73
CA TYR A 609 5.53 -50.44 20.25
C TYR A 609 6.77 -49.57 20.43
N ILE A 610 7.93 -50.22 20.54
CA ILE A 610 9.14 -49.56 20.97
C ILE A 610 9.71 -48.63 19.86
N SER A 611 9.20 -48.78 18.64
CA SER A 611 9.67 -48.02 17.44
C SER A 611 8.52 -47.32 16.76
N ILE A 612 7.43 -47.19 17.50
CA ILE A 612 6.15 -46.67 16.98
C ILE A 612 6.25 -45.39 16.10
N PHE A 613 7.20 -44.50 16.39
CA PHE A 613 7.38 -43.27 15.58
C PHE A 613 8.61 -43.29 14.65
N LYS A 614 9.60 -44.16 14.90
CA LYS A 614 10.81 -44.29 14.03
C LYS A 614 10.56 -44.25 12.50
N GLY A 615 9.44 -44.76 12.04
CA GLY A 615 9.14 -44.74 10.60
C GLY A 615 8.64 -43.41 10.10
N LEU A 616 8.67 -42.41 10.95
CA LEU A 616 8.29 -41.08 10.54
C LEU A 616 9.61 -40.33 10.25
N LYS A 617 10.12 -40.54 9.04
CA LYS A 617 11.50 -40.16 8.62
C LYS A 617 11.74 -38.67 8.46
N ASN A 618 10.72 -37.96 8.03
CA ASN A 618 10.82 -36.54 7.79
C ASN A 618 10.49 -35.67 9.01
N LEU A 619 10.22 -36.28 10.15
CA LEU A 619 9.51 -35.61 11.25
C LEU A 619 10.34 -34.56 11.96
N THR A 620 9.76 -33.38 12.16
CA THR A 620 10.41 -32.28 12.87
C THR A 620 9.71 -31.87 14.16
N ARG A 621 8.38 -32.03 14.21
CA ARG A 621 7.62 -31.69 15.42
C ARG A 621 6.81 -32.88 15.95
N LEU A 622 6.95 -33.15 17.24
CA LEU A 622 6.32 -34.30 17.86
C LEU A 622 5.84 -33.91 19.25
N ASP A 623 4.54 -34.12 19.50
CA ASP A 623 3.93 -33.75 20.78
C ASP A 623 3.45 -34.99 21.51
N LEU A 624 4.08 -35.24 22.66
CA LEU A 624 3.83 -36.43 23.47
C LEU A 624 3.25 -36.00 24.81
N SER A 625 2.67 -34.81 24.88
CA SER A 625 2.09 -34.36 26.13
C SER A 625 0.87 -35.19 26.54
N LEU A 626 0.49 -35.09 27.81
CA LEU A 626 -0.68 -35.78 28.34
C LEU A 626 -0.80 -37.26 27.91
N ASN A 627 0.27 -38.04 28.10
CA ASN A 627 0.23 -39.51 27.90
C ASN A 627 0.50 -40.29 29.20
N ARG A 628 0.32 -39.64 30.34
CA ARG A 628 0.50 -40.28 31.65
C ARG A 628 1.85 -40.94 31.81
N LEU A 629 2.87 -40.38 31.16
CA LEU A 629 4.20 -41.01 31.16
C LEU A 629 4.96 -40.74 32.44
N LYS A 630 5.34 -41.80 33.14
CA LYS A 630 6.21 -41.70 34.31
C LYS A 630 7.67 -41.92 33.96
N HIS A 631 7.92 -42.65 32.88
CA HIS A 631 9.28 -42.91 32.43
C HIS A 631 9.26 -43.36 30.98
N ILE A 632 10.22 -42.92 30.19
CA ILE A 632 10.39 -43.44 28.85
C ILE A 632 11.55 -44.42 28.79
N PRO A 633 11.32 -45.63 28.26
CA PRO A 633 12.44 -46.54 28.08
C PRO A 633 13.45 -45.94 27.17
N ASN A 634 14.71 -45.95 27.63
CA ASN A 634 15.85 -45.50 26.82
C ASN A 634 15.77 -45.94 25.34
N GLU A 635 15.36 -47.18 25.08
CA GLU A 635 15.32 -47.67 23.69
C GLU A 635 14.23 -46.98 22.85
N ALA A 636 13.09 -46.73 23.48
CA ALA A 636 11.94 -46.13 22.80
C ALA A 636 12.21 -44.68 22.51
N PHE A 637 12.93 -44.04 23.42
CA PHE A 637 13.38 -42.67 23.19
C PHE A 637 14.37 -42.63 22.03
N LEU A 638 15.39 -43.48 22.08
CA LEU A 638 16.37 -43.55 20.97
C LEU A 638 15.72 -43.90 19.65
N ASN A 639 14.55 -44.51 19.69
CA ASN A 639 13.80 -44.74 18.46
C ASN A 639 12.91 -43.59 17.98
N LEU A 640 12.99 -42.45 18.64
CA LEU A 640 12.32 -41.25 18.14
C LEU A 640 13.14 -40.70 16.94
N PRO A 641 12.46 -40.19 15.89
CA PRO A 641 13.17 -39.85 14.67
C PRO A 641 14.30 -38.89 14.92
N ALA A 642 15.45 -39.17 14.28
CA ALA A 642 16.64 -38.34 14.41
C ALA A 642 16.45 -36.95 13.78
N SER A 643 15.41 -36.79 12.97
CA SER A 643 15.21 -35.56 12.24
C SER A 643 14.56 -34.45 13.08
N LEU A 644 14.25 -34.76 14.33
CA LEU A 644 13.43 -33.88 15.13
C LEU A 644 14.07 -32.54 15.38
N THR A 645 13.27 -31.48 15.30
CA THR A 645 13.67 -30.18 15.83
C THR A 645 12.86 -29.75 17.03
N GLU A 646 11.70 -30.36 17.25
CA GLU A 646 10.79 -29.87 18.27
C GLU A 646 10.18 -31.04 19.01
N LEU A 647 10.50 -31.19 20.29
CA LEU A 647 9.99 -32.31 21.07
C LEU A 647 9.26 -31.84 22.32
N HIS A 648 7.97 -32.18 22.44
CA HIS A 648 7.17 -31.84 23.63
C HIS A 648 6.80 -33.05 24.44
N ILE A 649 7.19 -33.08 25.70
CA ILE A 649 6.77 -34.14 26.60
C ILE A 649 6.21 -33.56 27.89
N ASN A 650 5.54 -32.42 27.76
CA ASN A 650 5.00 -31.71 28.90
C ASN A 650 3.72 -32.32 29.41
N ASP A 651 3.44 -32.08 30.69
CA ASP A 651 2.21 -32.54 31.33
C ASP A 651 2.11 -34.04 31.25
N ASN A 652 3.19 -34.70 31.64
CA ASN A 652 3.20 -36.12 31.92
C ASN A 652 3.56 -36.25 33.40
N MET A 653 4.10 -37.39 33.82
CA MET A 653 4.59 -37.49 35.18
C MET A 653 6.03 -37.95 35.26
N LEU A 654 6.87 -37.46 34.36
CA LEU A 654 8.26 -37.90 34.30
C LEU A 654 9.00 -37.63 35.60
N LYS A 655 9.67 -38.67 36.11
CA LYS A 655 10.51 -38.58 37.33
C LYS A 655 12.02 -38.45 36.98
N PHE A 656 12.43 -39.05 35.88
CA PHE A 656 13.80 -38.96 35.44
C PHE A 656 13.80 -38.72 33.95
N PHE A 657 14.93 -38.24 33.43
CA PHE A 657 15.07 -38.02 32.01
C PHE A 657 16.51 -38.25 31.63
N ASN A 658 16.76 -39.31 30.86
CA ASN A 658 18.10 -39.61 30.46
C ASN A 658 18.55 -38.56 29.44
N TRP A 659 19.25 -37.54 29.93
CA TRP A 659 19.77 -36.45 29.09
C TRP A 659 20.74 -36.94 28.03
N THR A 660 21.59 -37.90 28.41
CA THR A 660 22.64 -38.44 27.53
C THR A 660 22.07 -38.92 26.19
N LEU A 661 20.79 -39.23 26.14
CA LEU A 661 20.18 -39.65 24.90
C LEU A 661 20.01 -38.51 23.89
N LEU A 662 20.32 -37.28 24.25
CA LEU A 662 20.23 -36.16 23.29
C LEU A 662 21.38 -36.13 22.28
N GLN A 663 22.40 -36.97 22.47
CA GLN A 663 23.37 -37.21 21.42
C GLN A 663 22.73 -37.56 20.09
N GLN A 664 21.68 -38.39 20.10
CA GLN A 664 21.15 -38.88 18.81
C GLN A 664 20.22 -37.87 18.14
N PHE A 665 20.14 -36.66 18.70
CA PHE A 665 19.21 -35.65 18.18
C PHE A 665 19.97 -34.35 17.85
N PRO A 666 20.72 -34.39 16.75
CA PRO A 666 21.58 -33.30 16.36
C PRO A 666 20.84 -32.08 15.79
N ARG A 667 19.63 -32.26 15.23
CA ARG A 667 18.83 -31.11 14.76
C ARG A 667 17.87 -30.50 15.83
N LEU A 668 17.91 -31.03 17.05
CA LEU A 668 16.86 -30.74 18.07
C LEU A 668 17.03 -29.37 18.71
N GLU A 669 16.05 -28.48 18.45
CA GLU A 669 16.13 -27.08 18.90
C GLU A 669 15.32 -26.75 20.18
N LEU A 670 14.18 -27.41 20.36
CA LEU A 670 13.27 -27.13 21.49
C LEU A 670 12.86 -28.40 22.18
N LEU A 671 12.98 -28.39 23.49
CA LEU A 671 12.64 -29.54 24.30
C LEU A 671 11.83 -29.01 25.47
N ASP A 672 10.62 -29.54 25.58
CA ASP A 672 9.61 -29.06 26.50
C ASP A 672 9.26 -30.18 27.44
N LEU A 673 9.59 -29.97 28.71
CA LEU A 673 9.29 -30.92 29.75
C LEU A 673 8.54 -30.22 30.89
N ARG A 674 7.79 -29.17 30.58
CA ARG A 674 7.01 -28.51 31.61
C ARG A 674 6.03 -29.48 32.20
N GLY A 675 5.71 -29.32 33.46
CA GLY A 675 4.65 -30.10 34.10
C GLY A 675 4.92 -31.58 34.20
N ASN A 676 6.09 -31.94 34.68
CA ASN A 676 6.41 -33.31 35.08
C ASN A 676 6.91 -33.28 36.50
N LYS A 677 7.57 -34.33 36.95
CA LYS A 677 8.06 -34.41 38.34
C LYS A 677 9.57 -34.55 38.39
N LEU A 678 10.29 -33.73 37.64
CA LEU A 678 11.74 -33.87 37.54
C LEU A 678 12.45 -33.33 38.77
N LEU A 679 13.53 -34.02 39.15
CA LEU A 679 14.30 -33.71 40.38
C LEU A 679 15.66 -33.09 40.11
N PHE A 680 16.33 -33.50 39.03
CA PHE A 680 17.62 -32.89 38.72
C PHE A 680 18.04 -32.99 37.29
N LEU A 681 19.04 -32.16 37.00
CA LEU A 681 19.58 -31.95 35.66
C LEU A 681 20.98 -32.49 35.59
N THR A 682 21.32 -33.08 34.46
CA THR A 682 22.67 -33.48 34.19
C THR A 682 23.61 -32.31 34.38
N ASP A 683 24.82 -32.62 34.83
CA ASP A 683 25.82 -31.60 35.11
C ASP A 683 26.74 -31.35 33.92
N SER A 684 26.46 -31.98 32.78
CA SER A 684 27.31 -31.82 31.61
C SER A 684 26.51 -31.89 30.33
N LEU A 685 25.58 -30.96 30.20
CA LEU A 685 24.61 -30.98 29.12
C LEU A 685 25.22 -30.77 27.74
N SER A 686 26.33 -30.04 27.65
CA SER A 686 26.96 -29.77 26.33
C SER A 686 27.61 -31.01 25.76
N ASP A 687 27.97 -31.94 26.63
CA ASP A 687 28.45 -33.24 26.18
C ASP A 687 27.38 -33.89 25.29
N PHE A 688 26.12 -33.49 25.44
CA PHE A 688 24.97 -34.24 24.91
C PHE A 688 24.20 -33.58 23.76
N THR A 689 24.20 -32.25 23.70
CA THR A 689 23.53 -31.55 22.60
C THR A 689 24.31 -30.32 22.21
N SER A 690 24.26 -30.00 20.91
CA SER A 690 24.86 -28.77 20.40
C SER A 690 23.87 -27.87 19.69
N SER A 691 22.60 -28.30 19.63
CA SER A 691 21.58 -27.65 18.83
C SER A 691 20.48 -26.98 19.67
N LEU A 692 20.27 -27.50 20.88
CA LEU A 692 19.15 -27.08 21.74
C LEU A 692 19.08 -25.60 21.92
N ARG A 693 17.97 -25.01 21.52
CA ARG A 693 17.82 -23.58 21.47
C ARG A 693 16.90 -23.10 22.58
N THR A 694 15.82 -23.84 22.81
CA THR A 694 14.92 -23.58 23.93
C THR A 694 14.77 -24.82 24.83
N LEU A 695 14.91 -24.62 26.14
CA LEU A 695 14.67 -25.66 27.10
C LEU A 695 13.64 -25.23 28.12
N LEU A 696 12.53 -25.99 28.23
CA LEU A 696 11.39 -25.60 29.05
C LEU A 696 11.23 -26.55 30.18
N LEU A 697 11.32 -26.03 31.39
CA LEU A 697 11.31 -26.86 32.57
C LEU A 697 10.37 -26.41 33.67
N SER A 698 9.46 -25.49 33.39
CA SER A 698 8.46 -25.06 34.40
C SER A 698 7.75 -26.24 35.03
N HIS A 699 7.34 -26.05 36.28
CA HIS A 699 6.52 -27.01 37.00
C HIS A 699 7.15 -28.36 37.05
N ASN A 700 8.34 -28.37 37.62
CA ASN A 700 9.04 -29.57 38.00
C ASN A 700 9.55 -29.37 39.42
N ARG A 701 10.46 -30.21 39.87
CA ARG A 701 10.88 -30.22 41.25
C ARG A 701 12.39 -30.10 41.35
N ILE A 702 12.99 -29.32 40.46
CA ILE A 702 14.42 -29.08 40.51
C ILE A 702 14.70 -28.17 41.68
N SER A 703 15.54 -28.64 42.61
CA SER A 703 15.99 -27.83 43.76
C SER A 703 17.46 -27.32 43.64
N HIS A 704 18.20 -27.78 42.64
CA HIS A 704 19.61 -27.47 42.55
C HIS A 704 20.09 -27.37 41.12
N LEU A 705 20.85 -26.32 40.86
CA LEU A 705 21.50 -26.21 39.56
C LEU A 705 22.91 -26.82 39.59
N PRO A 706 23.20 -27.69 38.62
CA PRO A 706 24.56 -28.19 38.47
C PRO A 706 25.56 -27.06 38.31
N SER A 707 26.78 -27.28 38.81
CA SER A 707 27.84 -26.30 38.67
C SER A 707 28.17 -26.13 37.20
N GLY A 708 28.17 -24.88 36.73
CA GLY A 708 28.41 -24.57 35.34
C GLY A 708 27.16 -24.44 34.49
N PHE A 709 26.05 -24.95 34.98
CA PHE A 709 24.82 -24.99 34.20
C PHE A 709 24.45 -23.61 33.71
N LEU A 710 23.94 -23.53 32.48
CA LEU A 710 23.55 -22.25 31.84
C LEU A 710 24.75 -21.44 31.33
N SER A 711 25.95 -22.01 31.47
CA SER A 711 27.12 -21.59 30.70
C SER A 711 27.65 -22.80 29.94
N GLU A 712 26.78 -23.79 29.80
CA GLU A 712 27.12 -25.09 29.30
C GLU A 712 26.86 -25.11 27.79
N VAL A 713 25.68 -24.65 27.39
CA VAL A 713 25.25 -24.72 26.00
C VAL A 713 25.20 -23.35 25.31
N SER A 714 26.15 -23.14 24.40
CA SER A 714 26.21 -21.94 23.59
C SER A 714 24.88 -21.66 22.87
N SER A 715 24.29 -22.71 22.29
CA SER A 715 23.09 -22.56 21.44
C SER A 715 21.80 -22.17 22.20
N LEU A 716 21.77 -22.42 23.51
CA LEU A 716 20.58 -22.14 24.33
C LEU A 716 20.27 -20.63 24.48
N LYS A 717 19.15 -20.17 23.92
CA LYS A 717 18.69 -18.76 24.09
C LYS A 717 17.64 -18.60 25.19
N HIS A 718 16.81 -19.62 25.39
CA HIS A 718 15.63 -19.54 26.25
C HIS A 718 15.65 -20.71 27.24
N LEU A 719 15.84 -20.40 28.51
CA LEU A 719 15.83 -21.43 29.53
C LEU A 719 14.73 -21.09 30.50
N ASP A 720 13.84 -22.02 30.80
CA ASP A 720 12.69 -21.71 31.64
C ASP A 720 12.66 -22.59 32.88
N LEU A 721 12.95 -22.00 34.04
CA LEU A 721 13.00 -22.74 35.31
C LEU A 721 11.98 -22.22 36.30
N SER A 722 10.86 -21.73 35.78
CA SER A 722 9.76 -21.19 36.61
C SER A 722 9.13 -22.30 37.41
N SER A 723 8.48 -21.93 38.50
CA SER A 723 7.75 -22.89 39.32
C SER A 723 8.48 -24.20 39.51
N ASN A 724 9.72 -24.10 39.98
CA ASN A 724 10.44 -25.27 40.44
C ASN A 724 10.71 -25.12 41.94
N LEU A 725 11.78 -25.72 42.45
CA LEU A 725 12.04 -25.69 43.90
C LEU A 725 13.43 -25.13 44.25
N LEU A 726 13.95 -24.23 43.43
CA LEU A 726 15.28 -23.63 43.68
C LEU A 726 15.21 -22.63 44.81
N LYS A 727 16.13 -22.75 45.77
CA LYS A 727 16.27 -21.78 46.85
C LYS A 727 17.31 -20.71 46.58
N THR A 728 18.26 -20.99 45.70
CA THR A 728 19.37 -20.08 45.41
C THR A 728 19.90 -20.49 44.06
N ILE A 729 20.90 -19.75 43.58
CA ILE A 729 21.74 -20.19 42.47
C ILE A 729 23.18 -19.89 42.86
N ASN A 730 23.93 -20.95 43.21
CA ASN A 730 25.27 -20.81 43.80
C ASN A 730 26.24 -20.11 42.85
N LYS A 731 27.31 -19.56 43.41
CA LYS A 731 28.36 -18.93 42.61
C LYS A 731 28.82 -19.90 41.52
N SER A 732 28.92 -21.19 41.90
CA SER A 732 29.36 -22.26 40.99
C SER A 732 28.48 -22.39 39.73
N ALA A 733 27.19 -22.09 39.86
CA ALA A 733 26.27 -22.13 38.72
C ALA A 733 26.60 -21.04 37.70
N LEU A 734 27.44 -20.08 38.09
CA LEU A 734 27.72 -18.91 37.28
C LEU A 734 29.12 -18.90 36.63
N GLU A 735 30.09 -19.64 37.18
CA GLU A 735 31.42 -19.73 36.56
C GLU A 735 31.31 -20.19 35.10
N THR A 736 32.16 -19.63 34.24
CA THR A 736 32.01 -19.76 32.79
C THR A 736 33.26 -19.31 32.04
N LYS A 737 33.70 -20.10 31.07
CA LYS A 737 34.76 -19.69 30.14
C LYS A 737 34.12 -19.01 28.92
N THR A 738 33.17 -19.72 28.31
CA THR A 738 32.32 -19.17 27.24
C THR A 738 31.49 -18.01 27.74
N THR A 739 31.45 -16.93 26.97
CA THR A 739 30.39 -15.94 27.13
C THR A 739 29.04 -16.60 26.74
N THR A 740 28.01 -16.29 27.53
CA THR A 740 26.67 -16.86 27.32
C THR A 740 25.96 -16.26 26.09
N LYS A 741 25.11 -17.04 25.42
CA LYS A 741 24.26 -16.54 24.33
C LYS A 741 22.78 -16.61 24.74
N LEU A 742 22.56 -16.75 26.04
CA LEU A 742 21.26 -16.90 26.64
C LEU A 742 20.57 -15.55 26.73
N SER A 743 19.38 -15.43 26.13
CA SER A 743 18.65 -14.15 26.03
C SER A 743 17.42 -14.05 26.94
N MET A 744 16.92 -15.20 27.40
CA MET A 744 15.77 -15.23 28.27
C MET A 744 15.86 -16.38 29.23
N LEU A 745 15.63 -16.05 30.49
CA LEU A 745 15.73 -16.99 31.58
C LEU A 745 14.57 -16.72 32.52
N GLU A 746 13.76 -17.73 32.82
CA GLU A 746 12.57 -17.53 33.64
C GLU A 746 12.66 -18.21 34.99
N LEU A 747 12.54 -17.43 36.05
CA LEU A 747 12.75 -17.94 37.40
C LEU A 747 11.58 -17.67 38.36
N HIS A 748 10.46 -17.16 37.85
CA HIS A 748 9.34 -16.85 38.74
C HIS A 748 8.71 -18.10 39.30
N GLY A 749 8.12 -17.97 40.48
CA GLY A 749 7.52 -19.09 41.17
C GLY A 749 8.48 -20.08 41.87
N ASN A 750 9.77 -19.75 41.98
CA ASN A 750 10.67 -20.52 42.86
C ASN A 750 10.78 -19.93 44.27
N PRO A 751 10.94 -20.80 45.27
CA PRO A 751 10.94 -20.37 46.68
C PRO A 751 12.31 -19.84 47.14
N PHE A 752 12.66 -18.63 46.75
CA PHE A 752 14.03 -18.15 46.97
C PHE A 752 14.33 -17.81 48.41
N GLU A 753 15.43 -18.40 48.91
CA GLU A 753 16.07 -17.97 50.14
C GLU A 753 16.66 -16.59 49.90
N CYS A 754 16.00 -15.57 50.42
CA CYS A 754 16.50 -14.23 50.27
C CYS A 754 17.32 -13.86 51.48
N THR A 755 18.64 -14.04 51.34
CA THR A 755 19.58 -13.72 52.36
C THR A 755 20.92 -13.41 51.67
N CYS A 756 22.02 -13.39 52.41
CA CYS A 756 23.31 -12.95 51.83
C CYS A 756 23.74 -13.78 50.58
N ASP A 757 23.35 -15.05 50.52
CA ASP A 757 23.79 -15.96 49.44
C ASP A 757 23.48 -15.42 48.02
N ILE A 758 22.21 -15.08 47.78
CA ILE A 758 21.76 -14.70 46.42
C ILE A 758 22.41 -13.44 45.85
N GLY A 759 23.24 -12.76 46.64
CA GLY A 759 23.99 -11.61 46.16
C GLY A 759 24.74 -11.89 44.88
N ASP A 760 25.36 -13.06 44.80
CA ASP A 760 26.21 -13.38 43.66
C ASP A 760 25.37 -13.49 42.41
N PHE A 761 24.14 -13.98 42.58
CA PHE A 761 23.19 -14.02 41.47
C PHE A 761 22.66 -12.64 41.10
N ARG A 762 22.37 -11.82 42.11
CA ARG A 762 21.97 -10.44 41.86
C ARG A 762 23.00 -9.71 41.01
N ARG A 763 24.28 -9.91 41.33
CA ARG A 763 25.36 -9.31 40.56
C ARG A 763 25.37 -9.84 39.14
N TRP A 764 25.23 -11.16 39.01
CA TRP A 764 25.17 -11.81 37.71
C TRP A 764 24.10 -11.15 36.83
N MET A 765 22.92 -10.94 37.40
CA MET A 765 21.81 -10.31 36.68
C MET A 765 22.24 -8.92 36.26
N ASP A 766 22.69 -8.12 37.24
CA ASP A 766 23.28 -6.80 36.99
C ASP A 766 24.40 -6.81 35.95
N GLU A 767 25.15 -7.90 35.92
CA GLU A 767 26.23 -8.05 34.98
C GLU A 767 25.81 -8.90 33.77
N HIS A 768 24.51 -8.96 33.49
CA HIS A 768 23.99 -9.63 32.28
C HIS A 768 22.61 -9.12 31.91
N LEU A 769 22.54 -7.84 31.56
CA LEU A 769 21.26 -7.19 31.25
C LEU A 769 20.71 -7.61 29.89
N ASN A 770 21.58 -8.18 29.05
CA ASN A 770 21.14 -8.80 27.79
C ASN A 770 20.24 -10.03 28.05
N VAL A 771 20.40 -10.65 29.22
CA VAL A 771 19.59 -11.78 29.63
C VAL A 771 18.30 -11.28 30.25
N LYS A 772 17.22 -11.40 29.50
CA LYS A 772 15.95 -10.88 29.95
C LYS A 772 15.31 -11.86 30.94
N ILE A 773 14.63 -11.30 31.94
CA ILE A 773 13.96 -12.10 32.97
C ILE A 773 12.61 -11.46 33.28
N PRO A 774 11.53 -11.98 32.70
CA PRO A 774 10.24 -11.38 32.96
C PRO A 774 9.68 -11.74 34.32
N ARG A 775 8.65 -11.02 34.73
CA ARG A 775 7.86 -11.31 35.92
C ARG A 775 8.70 -11.18 37.16
N LEU A 776 9.52 -10.14 37.18
CA LEU A 776 10.35 -9.84 38.34
C LEU A 776 9.58 -9.70 39.66
N VAL A 777 8.39 -9.09 39.61
CA VAL A 777 7.51 -8.98 40.81
C VAL A 777 6.98 -10.31 41.28
N ASP A 778 7.14 -11.34 40.43
CA ASP A 778 6.81 -12.73 40.76
C ASP A 778 8.04 -13.63 40.92
N VAL A 779 9.25 -13.08 40.76
CA VAL A 779 10.46 -13.78 41.27
C VAL A 779 10.64 -13.38 42.74
N ILE A 780 10.01 -14.15 43.64
CA ILE A 780 9.66 -13.76 44.99
C ILE A 780 10.45 -14.55 46.03
N CYS A 781 10.81 -13.87 47.11
CA CYS A 781 11.36 -14.49 48.31
C CYS A 781 10.32 -15.34 49.02
N ALA A 782 10.72 -16.52 49.45
CA ALA A 782 9.91 -17.28 50.38
C ALA A 782 10.40 -17.07 51.79
N SER A 783 11.68 -16.71 51.95
CA SER A 783 12.27 -16.55 53.26
C SER A 783 13.25 -15.38 53.30
N PRO A 784 13.45 -14.78 54.47
CA PRO A 784 12.68 -15.10 55.68
C PRO A 784 11.54 -14.10 55.88
N GLY A 785 10.73 -14.32 56.92
CA GLY A 785 9.63 -13.40 57.28
C GLY A 785 9.78 -11.98 56.74
N ASP A 786 10.89 -11.33 57.06
CA ASP A 786 11.13 -9.94 56.61
C ASP A 786 10.96 -9.81 55.09
N GLN A 787 11.61 -10.70 54.34
CA GLN A 787 11.61 -10.62 52.86
C GLN A 787 10.47 -11.39 52.19
N ARG A 788 9.77 -12.24 52.95
CA ARG A 788 8.60 -12.97 52.45
C ARG A 788 7.68 -12.08 51.59
N GLY A 789 7.54 -12.45 50.32
CA GLY A 789 6.59 -11.81 49.41
C GLY A 789 7.19 -10.79 48.46
N LYS A 790 8.41 -10.34 48.75
CA LYS A 790 9.02 -9.27 47.95
C LYS A 790 9.88 -9.88 46.85
N SER A 791 9.94 -9.21 45.71
CA SER A 791 10.84 -9.63 44.64
C SER A 791 12.25 -9.69 45.18
N ILE A 792 12.91 -10.83 44.98
CA ILE A 792 14.33 -10.96 45.29
C ILE A 792 15.18 -9.76 44.85
N VAL A 793 14.65 -8.95 43.94
CA VAL A 793 15.40 -7.84 43.39
C VAL A 793 15.40 -6.60 44.32
N SER A 794 14.50 -6.58 45.29
CA SER A 794 14.34 -5.41 46.14
C SER A 794 14.83 -5.74 47.55
N LEU A 795 16.13 -5.98 47.63
CA LEU A 795 16.79 -6.16 48.91
C LEU A 795 18.19 -5.59 48.78
N GLU A 796 18.70 -4.99 49.86
CA GLU A 796 20.06 -4.46 49.88
C GLU A 796 21.06 -5.46 50.45
N LEU A 797 22.33 -5.28 50.07
CA LEU A 797 23.35 -6.35 50.15
C LEU A 797 24.55 -6.00 51.05
N ARG B 10 -3.90 -41.32 71.34
CA ARG B 10 -3.89 -40.93 69.90
C ARG B 10 -2.71 -41.57 69.18
N SER B 11 -3.02 -42.64 68.42
CA SER B 11 -1.98 -43.46 67.80
C SER B 11 -1.21 -42.70 66.75
N TYR B 12 0.03 -43.12 66.57
CA TYR B 12 0.89 -42.60 65.51
C TYR B 12 1.84 -43.75 65.06
N PRO B 13 2.23 -43.81 63.79
CA PRO B 13 1.71 -43.00 62.67
C PRO B 13 0.45 -43.56 62.03
N CYS B 14 -0.05 -44.68 62.54
CA CYS B 14 -1.14 -45.38 61.90
C CYS B 14 -2.48 -44.86 62.42
N ASP B 15 -3.57 -45.34 61.82
CA ASP B 15 -4.93 -45.10 62.34
C ASP B 15 -5.42 -46.40 62.94
N GLU B 16 -5.46 -46.47 64.27
CA GLU B 16 -5.89 -47.68 64.95
C GLU B 16 -7.39 -47.62 65.26
N LYS B 17 -8.15 -48.60 64.76
CA LYS B 17 -9.61 -48.64 64.95
C LYS B 17 -10.04 -49.84 65.82
N LYS B 18 -11.33 -49.90 66.18
CA LYS B 18 -11.84 -50.93 67.10
C LYS B 18 -12.55 -52.07 66.34
N GLN B 19 -13.45 -51.69 65.45
CA GLN B 19 -14.14 -52.63 64.53
C GLN B 19 -13.50 -54.01 64.45
N ASP B 21 -15.90 -57.49 66.92
CA ASP B 21 -14.68 -56.94 67.52
C ASP B 21 -13.44 -57.22 66.66
N SER B 22 -12.47 -56.31 66.77
CA SER B 22 -11.12 -56.51 66.22
C SER B 22 -10.17 -55.48 66.86
N VAL B 23 -9.01 -55.25 66.22
CA VAL B 23 -8.25 -54.01 66.40
C VAL B 23 -7.20 -53.90 65.30
N ILE B 24 -7.48 -53.05 64.30
CA ILE B 24 -6.68 -53.00 63.05
C ILE B 24 -6.00 -51.64 62.85
N ALA B 25 -4.75 -51.68 62.41
CA ALA B 25 -3.95 -50.47 62.22
C ALA B 25 -3.72 -50.20 60.72
N GLU B 26 -4.22 -49.07 60.23
CA GLU B 26 -4.03 -48.69 58.84
C GLU B 26 -2.81 -47.80 58.73
N CYS B 27 -1.76 -48.29 58.08
CA CYS B 27 -0.50 -47.55 58.03
C CYS B 27 0.01 -47.41 56.59
N SER B 28 -0.93 -47.37 55.63
CA SER B 28 -0.56 -47.43 54.23
C SER B 28 -0.33 -46.07 53.64
N ASN B 29 0.39 -46.05 52.53
CA ASN B 29 0.58 -44.84 51.74
C ASN B 29 0.93 -43.66 52.62
N ARG B 30 2.01 -43.82 53.38
CA ARG B 30 2.38 -42.90 54.46
C ARG B 30 3.84 -42.46 54.39
N ARG B 31 4.51 -42.75 53.26
CA ARG B 31 5.94 -42.41 53.06
C ARG B 31 6.92 -43.00 54.12
N LEU B 32 6.55 -44.14 54.71
CA LEU B 32 7.32 -44.75 55.81
C LEU B 32 8.54 -45.48 55.29
N GLN B 33 9.70 -45.18 55.86
CA GLN B 33 10.96 -45.78 55.39
C GLN B 33 11.26 -47.08 56.09
N GLU B 34 10.51 -47.37 57.14
CA GLU B 34 10.86 -48.45 58.06
C GLU B 34 9.68 -48.76 58.95
N VAL B 35 9.52 -50.03 59.30
CA VAL B 35 8.36 -50.45 60.11
C VAL B 35 8.34 -49.65 61.41
N PRO B 36 7.27 -48.87 61.64
CA PRO B 36 7.29 -48.03 62.84
C PRO B 36 7.26 -48.84 64.16
N GLN B 37 7.93 -48.32 65.18
CA GLN B 37 7.93 -48.99 66.48
C GLN B 37 6.86 -48.43 67.39
N THR B 38 6.06 -47.49 66.89
CA THR B 38 5.03 -46.83 67.69
C THR B 38 3.67 -47.44 67.46
N VAL B 39 3.66 -48.68 67.00
CA VAL B 39 2.40 -49.39 66.85
C VAL B 39 1.99 -49.88 68.20
N GLY B 40 0.75 -49.61 68.58
CA GLY B 40 0.20 -50.10 69.84
C GLY B 40 0.23 -51.61 69.90
N LYS B 41 0.87 -52.13 70.94
CA LYS B 41 1.16 -53.56 71.02
C LYS B 41 -0.05 -54.40 71.48
N TYR B 42 -1.18 -54.27 70.77
CA TYR B 42 -2.34 -55.17 70.95
C TYR B 42 -3.17 -55.30 69.66
N VAL B 43 -2.49 -55.15 68.52
CA VAL B 43 -3.14 -54.94 67.24
C VAL B 43 -3.21 -56.25 66.45
N THR B 44 -4.39 -56.51 65.88
CA THR B 44 -4.66 -57.75 65.16
C THR B 44 -4.03 -57.73 63.77
N GLU B 45 -4.38 -56.69 62.98
CA GLU B 45 -4.12 -56.67 61.54
C GLU B 45 -3.43 -55.38 61.14
N LEU B 46 -2.28 -55.48 60.48
CA LEU B 46 -1.46 -54.28 60.16
C LEU B 46 -1.28 -54.09 58.66
N ASP B 47 -1.71 -52.93 58.15
CA ASP B 47 -1.59 -52.59 56.72
C ASP B 47 -0.43 -51.62 56.56
N LEU B 48 0.65 -52.08 55.93
CA LEU B 48 1.83 -51.26 55.72
C LEU B 48 2.11 -51.04 54.24
N SER B 49 1.13 -51.36 53.41
CA SER B 49 1.25 -51.20 51.95
C SER B 49 1.68 -49.79 51.50
N ASP B 50 2.23 -49.70 50.30
CA ASP B 50 2.47 -48.40 49.60
C ASP B 50 3.42 -47.44 50.32
N ASN B 51 4.12 -47.91 51.34
CA ASN B 51 5.13 -47.10 52.02
C ASN B 51 6.45 -47.24 51.28
N PHE B 52 7.54 -46.69 51.84
CA PHE B 52 8.87 -46.92 51.26
C PHE B 52 9.78 -47.81 52.12
N ILE B 53 9.22 -48.90 52.65
CA ILE B 53 9.97 -49.78 53.54
C ILE B 53 10.91 -50.66 52.74
N THR B 54 12.14 -50.84 53.23
CA THR B 54 13.18 -51.49 52.45
C THR B 54 13.72 -52.80 53.07
N HIS B 55 13.59 -52.93 54.39
CA HIS B 55 14.02 -54.13 55.10
C HIS B 55 12.98 -54.65 56.09
N ILE B 56 12.84 -55.96 56.14
CA ILE B 56 12.21 -56.61 57.30
C ILE B 56 13.23 -57.52 57.98
N THR B 57 13.20 -57.50 59.32
CA THR B 57 13.98 -58.41 60.17
C THR B 57 13.10 -58.85 61.34
N ASN B 58 13.60 -59.77 62.17
CA ASN B 58 12.84 -60.20 63.35
C ASN B 58 12.69 -59.05 64.35
N GLU B 59 13.53 -58.01 64.17
CA GLU B 59 13.39 -56.75 64.92
C GLU B 59 12.18 -55.90 64.52
N SER B 60 11.74 -55.99 63.27
CA SER B 60 10.68 -55.12 62.77
C SER B 60 9.43 -55.16 63.61
N PHE B 61 9.01 -56.34 64.05
CA PHE B 61 7.73 -56.47 64.74
C PHE B 61 7.84 -56.98 66.19
N GLN B 62 9.05 -56.88 66.76
CA GLN B 62 9.37 -57.57 68.01
C GLN B 62 8.22 -57.62 69.03
N GLY B 63 7.66 -56.47 69.39
CA GLY B 63 6.73 -56.40 70.50
C GLY B 63 5.28 -56.73 70.16
N LEU B 64 5.05 -57.20 68.94
CA LEU B 64 3.70 -57.33 68.42
C LEU B 64 3.35 -58.80 68.24
N GLN B 65 2.90 -59.40 69.34
CA GLN B 65 2.67 -60.84 69.41
C GLN B 65 1.40 -61.20 68.67
N ASN B 66 0.35 -60.42 68.91
CA ASN B 66 -1.00 -60.80 68.53
C ASN B 66 -1.39 -60.36 67.10
N LEU B 67 -0.38 -60.07 66.27
CA LEU B 67 -0.59 -59.83 64.86
C LEU B 67 -1.08 -61.08 64.17
N THR B 68 -2.29 -61.02 63.62
CA THR B 68 -2.85 -62.10 62.84
C THR B 68 -2.78 -61.82 61.35
N LYS B 69 -2.27 -60.63 60.98
CA LYS B 69 -2.29 -60.21 59.57
C LYS B 69 -1.35 -59.05 59.30
N ILE B 70 -0.56 -59.16 58.23
CA ILE B 70 0.35 -58.11 57.79
C ILE B 70 0.30 -57.96 56.29
N ASN B 71 0.09 -56.73 55.84
CA ASN B 71 0.13 -56.41 54.42
C ASN B 71 1.28 -55.46 54.18
N LEU B 72 2.21 -55.88 53.31
CA LEU B 72 3.38 -55.10 53.00
C LEU B 72 3.48 -54.85 51.50
N ASN B 73 2.31 -54.83 50.85
CA ASN B 73 2.24 -54.74 49.38
C ASN B 73 2.82 -53.44 48.86
N HIS B 74 3.45 -53.53 47.70
CA HIS B 74 4.00 -52.36 47.04
C HIS B 74 4.92 -51.63 48.03
N ASN B 75 5.99 -52.30 48.44
CA ASN B 75 7.09 -51.65 49.15
C ASN B 75 8.37 -52.03 48.43
N PRO B 76 9.30 -51.11 48.26
CA PRO B 76 9.21 -49.76 48.75
C PRO B 76 8.57 -48.77 47.77
N ASN B 77 7.81 -49.28 46.81
CA ASN B 77 6.85 -48.44 46.07
C ASN B 77 7.37 -47.04 45.84
N VAL B 78 8.35 -46.93 44.94
CA VAL B 78 8.83 -45.62 44.49
C VAL B 78 7.67 -44.84 43.84
N GLN B 79 7.24 -43.78 44.55
CA GLN B 79 6.00 -43.04 44.25
C GLN B 79 5.65 -43.07 42.75
N ASN B 90 16.09 -51.08 45.65
CA ASN B 90 15.19 -51.58 44.61
C ASN B 90 14.05 -52.44 45.17
N GLY B 91 14.40 -53.55 45.83
CA GLY B 91 13.41 -54.51 46.35
C GLY B 91 13.29 -54.49 47.86
N LEU B 92 12.29 -55.20 48.38
CA LEU B 92 12.20 -55.44 49.81
C LEU B 92 13.09 -56.63 50.21
N ASN B 93 14.25 -56.32 50.83
CA ASN B 93 15.13 -57.29 51.51
C ASN B 93 14.41 -57.83 52.76
N ILE B 94 14.10 -59.13 52.75
CA ILE B 94 13.52 -59.81 53.91
C ILE B 94 14.49 -60.91 54.39
N THR B 95 14.89 -60.84 55.65
CA THR B 95 15.76 -61.86 56.24
C THR B 95 14.96 -63.09 56.70
N ASP B 96 15.64 -64.22 56.83
CA ASP B 96 15.01 -65.50 57.17
C ASP B 96 14.50 -65.48 58.60
N GLY B 97 13.33 -66.05 58.81
CA GLY B 97 12.76 -66.12 60.15
C GLY B 97 12.49 -64.75 60.75
N ALA B 98 12.36 -63.74 59.89
CA ALA B 98 12.04 -62.38 60.36
C ALA B 98 10.67 -62.39 61.03
N PHE B 99 9.77 -63.21 60.49
CA PHE B 99 8.39 -63.27 60.97
C PHE B 99 8.16 -64.32 62.05
N LEU B 100 9.18 -65.10 62.39
CA LEU B 100 8.98 -66.29 63.24
C LEU B 100 8.58 -65.96 64.68
N ASN B 101 9.18 -64.93 65.25
CA ASN B 101 8.79 -64.48 66.58
C ASN B 101 7.35 -63.96 66.66
N LEU B 102 6.63 -64.00 65.53
CA LEU B 102 5.20 -63.74 65.49
C LEU B 102 4.43 -65.05 65.43
N LYS B 103 3.72 -65.34 66.52
CA LYS B 103 3.20 -66.68 66.78
C LYS B 103 1.87 -66.86 66.06
N ASN B 104 1.09 -65.79 66.02
CA ASN B 104 -0.31 -65.86 65.63
C ASN B 104 -0.56 -65.54 64.15
N LEU B 105 0.49 -65.13 63.45
CA LEU B 105 0.33 -64.67 62.07
C LEU B 105 -0.46 -65.69 61.21
N ARG B 106 -1.47 -65.20 60.50
CA ARG B 106 -2.30 -66.05 59.62
C ARG B 106 -2.18 -65.68 58.13
N GLU B 107 -2.47 -64.42 57.82
CA GLU B 107 -2.48 -63.94 56.45
C GLU B 107 -1.32 -62.99 56.26
N LEU B 108 -0.54 -63.24 55.20
CA LEU B 108 0.63 -62.39 54.90
C LEU B 108 0.61 -61.96 53.45
N LEU B 109 0.68 -60.66 53.22
CA LEU B 109 0.65 -60.15 51.88
C LEU B 109 1.98 -59.46 51.57
N LEU B 110 2.71 -60.06 50.65
CA LEU B 110 3.93 -59.47 50.14
C LEU B 110 3.83 -59.35 48.62
N GLU B 111 2.77 -58.69 48.14
CA GLU B 111 2.59 -58.50 46.68
C GLU B 111 3.44 -57.34 46.21
N ASP B 112 4.00 -57.47 45.01
CA ASP B 112 4.61 -56.33 44.31
C ASP B 112 5.78 -55.68 45.09
N ASN B 113 6.72 -56.52 45.55
CA ASN B 113 7.92 -56.06 46.26
C ASN B 113 9.24 -56.36 45.49
N GLN B 114 9.11 -56.87 44.27
CA GLN B 114 10.26 -57.30 43.46
C GLN B 114 11.13 -58.42 44.11
N LEU B 115 10.46 -59.38 44.75
CA LEU B 115 11.19 -60.45 45.46
C LEU B 115 11.80 -61.47 44.51
N PRO B 116 13.10 -61.81 44.73
CA PRO B 116 13.84 -62.74 43.85
C PRO B 116 13.59 -64.19 44.20
N GLN B 117 13.15 -64.44 45.44
CA GLN B 117 12.82 -65.80 45.91
C GLN B 117 11.76 -65.70 47.00
N ILE B 118 11.03 -66.78 47.23
CA ILE B 118 10.20 -66.89 48.43
C ILE B 118 11.13 -66.76 49.64
N PRO B 119 10.81 -65.85 50.57
CA PRO B 119 11.72 -65.71 51.73
C PRO B 119 11.70 -66.93 52.65
N SER B 120 12.82 -67.13 53.36
CA SER B 120 13.01 -68.31 54.23
C SER B 120 12.49 -68.04 55.63
N GLY B 121 12.06 -69.10 56.30
CA GLY B 121 11.54 -68.99 57.67
C GLY B 121 10.23 -68.26 57.75
N LEU B 122 9.20 -68.81 57.11
CA LEU B 122 7.83 -68.34 57.29
C LEU B 122 7.19 -69.15 58.42
N PRO B 123 6.44 -68.48 59.32
CA PRO B 123 5.76 -69.17 60.43
C PRO B 123 4.83 -70.31 59.98
N GLU B 124 4.84 -71.42 60.73
CA GLU B 124 3.96 -72.55 60.41
C GLU B 124 2.48 -72.15 60.51
N SER B 125 2.19 -71.06 61.20
CA SER B 125 0.79 -70.65 61.48
C SER B 125 -0.01 -70.14 60.25
N LEU B 126 0.68 -69.93 59.12
CA LEU B 126 0.11 -69.25 57.96
C LEU B 126 -1.00 -70.02 57.27
N THR B 127 -2.08 -69.32 56.99
CA THR B 127 -3.21 -69.83 56.20
C THR B 127 -3.23 -69.19 54.80
N GLU B 128 -2.95 -67.88 54.75
CA GLU B 128 -2.97 -67.11 53.52
C GLU B 128 -1.59 -66.54 53.25
N LEU B 129 -1.03 -66.84 52.07
CA LEU B 129 0.19 -66.20 51.63
C LEU B 129 0.05 -65.69 50.19
N SER B 130 0.38 -64.40 49.97
CA SER B 130 0.44 -63.85 48.59
C SER B 130 1.82 -63.31 48.20
N LEU B 131 2.33 -63.79 47.07
CA LEU B 131 3.63 -63.36 46.53
C LEU B 131 3.51 -62.88 45.09
N ILE B 132 2.29 -62.42 44.74
CA ILE B 132 1.89 -61.95 43.43
C ILE B 132 2.73 -60.77 42.97
N GLN B 133 3.04 -60.75 41.69
CA GLN B 133 3.76 -59.64 41.05
C GLN B 133 5.16 -59.44 41.64
N ASN B 134 5.94 -60.53 41.66
CA ASN B 134 7.34 -60.49 42.11
C ASN B 134 8.33 -61.02 41.02
N ASN B 135 9.60 -61.22 41.39
CA ASN B 135 10.55 -61.93 40.54
C ASN B 135 10.97 -63.29 41.14
N ILE B 136 9.98 -64.05 41.62
CA ILE B 136 10.20 -65.43 42.11
C ILE B 136 9.99 -66.43 40.98
N TYR B 137 11.07 -67.11 40.58
CA TYR B 137 10.96 -68.08 39.47
C TYR B 137 11.14 -69.56 39.91
N ASN B 138 11.60 -69.76 41.14
CA ASN B 138 11.86 -71.09 41.69
C ASN B 138 10.91 -71.36 42.89
N ILE B 139 10.10 -72.40 42.83
CA ILE B 139 9.29 -72.81 43.97
C ILE B 139 10.03 -73.92 44.69
N THR B 140 10.06 -73.88 46.02
CA THR B 140 10.99 -74.72 46.78
C THR B 140 10.40 -75.17 48.13
N LYS B 141 10.89 -76.31 48.59
CA LYS B 141 10.46 -76.89 49.86
C LYS B 141 11.03 -76.07 51.00
N GLU B 142 12.20 -75.49 50.77
CA GLU B 142 12.80 -74.64 51.75
C GLU B 142 11.91 -73.42 52.05
N GLY B 143 11.10 -73.02 51.06
CA GLY B 143 10.16 -71.90 51.22
C GLY B 143 8.76 -72.30 51.66
N ILE B 144 8.13 -73.19 50.90
CA ILE B 144 6.70 -73.50 51.05
C ILE B 144 6.43 -74.72 51.95
N SER B 145 7.18 -75.80 51.72
CA SER B 145 6.86 -77.14 52.29
C SER B 145 6.48 -77.18 53.77
N ARG B 146 7.15 -76.36 54.58
CA ARG B 146 6.91 -76.37 56.02
C ARG B 146 5.70 -75.51 56.45
N LEU B 147 4.77 -75.25 55.53
CA LEU B 147 3.60 -74.41 55.81
C LEU B 147 2.32 -75.24 55.69
N ILE B 148 2.04 -76.00 56.75
CA ILE B 148 1.03 -77.07 56.73
C ILE B 148 -0.38 -76.53 56.69
N ASN B 149 -0.57 -75.36 57.29
CA ASN B 149 -1.90 -74.81 57.51
C ASN B 149 -2.43 -73.92 56.39
N LEU B 150 -1.71 -73.87 55.26
CA LEU B 150 -2.10 -73.04 54.11
C LEU B 150 -3.41 -73.44 53.50
N LYS B 151 -4.35 -72.49 53.50
CA LYS B 151 -5.59 -72.63 52.72
C LYS B 151 -5.41 -72.05 51.32
N ASN B 152 -4.78 -70.87 51.24
CA ASN B 152 -4.68 -70.12 49.98
C ASN B 152 -3.25 -69.73 49.67
N LEU B 153 -2.83 -69.92 48.42
CA LEU B 153 -1.47 -69.61 48.02
C LEU B 153 -1.40 -68.88 46.66
N TYR B 154 -0.97 -67.62 46.71
CA TYR B 154 -1.00 -66.75 45.56
C TYR B 154 0.41 -66.48 45.06
N LEU B 155 0.72 -66.98 43.87
CA LEU B 155 2.05 -66.81 43.28
C LEU B 155 2.03 -66.24 41.86
N ALA B 156 0.89 -65.67 41.46
CA ALA B 156 0.68 -65.27 40.07
C ALA B 156 1.48 -64.05 39.68
N TRP B 157 1.68 -63.88 38.37
CA TRP B 157 2.28 -62.67 37.77
C TRP B 157 3.72 -62.41 38.16
N ASN B 158 4.55 -63.46 38.21
CA ASN B 158 6.02 -63.27 38.32
C ASN B 158 6.75 -63.39 37.01
N CYS B 159 6.17 -64.10 36.02
CA CYS B 159 6.80 -64.25 34.69
C CYS B 159 5.79 -64.32 33.50
N TYR B 160 5.69 -63.23 32.76
CA TYR B 160 4.67 -63.07 31.74
C TYR B 160 5.11 -62.07 30.67
N PHE B 161 4.40 -62.07 29.55
CA PHE B 161 4.63 -61.09 28.49
C PHE B 161 6.12 -61.00 28.10
N ASN B 162 6.66 -59.79 27.91
CA ASN B 162 8.05 -59.60 27.54
C ASN B 162 8.89 -59.17 28.74
N LYS B 163 8.44 -59.54 29.94
CA LYS B 163 9.28 -59.38 31.12
C LYS B 163 10.54 -60.19 30.93
N VAL B 164 11.63 -59.72 31.51
CA VAL B 164 12.87 -60.46 31.57
C VAL B 164 12.76 -61.44 32.73
N CYS B 165 12.35 -62.67 32.43
CA CYS B 165 12.19 -63.67 33.46
C CYS B 165 12.52 -65.08 32.98
N GLU B 166 12.88 -65.95 33.94
CA GLU B 166 13.21 -67.37 33.68
C GLU B 166 11.92 -68.19 33.74
N LYS B 167 11.90 -69.32 33.03
CA LYS B 167 10.78 -70.27 33.12
C LYS B 167 10.61 -70.72 34.57
N THR B 168 9.42 -71.20 34.92
CA THR B 168 9.02 -71.30 36.33
C THR B 168 9.15 -72.72 36.85
N ASN B 169 10.20 -72.91 37.65
CA ASN B 169 10.63 -74.21 38.13
C ASN B 169 9.85 -74.61 39.40
N ILE B 170 9.00 -75.64 39.30
CA ILE B 170 8.22 -76.14 40.44
C ILE B 170 8.82 -77.44 41.01
N GLU B 171 9.64 -77.31 42.07
CA GLU B 171 10.21 -78.47 42.75
C GLU B 171 9.18 -79.55 42.99
N ASP B 172 9.53 -80.78 42.62
CA ASP B 172 8.60 -81.87 42.57
C ASP B 172 7.95 -82.12 43.93
N GLY B 173 6.63 -82.13 43.95
CA GLY B 173 5.86 -82.43 45.15
C GLY B 173 6.01 -81.35 46.20
N VAL B 174 6.14 -80.11 45.77
CA VAL B 174 6.34 -79.00 46.72
C VAL B 174 5.02 -78.64 47.39
N PHE B 175 3.91 -79.01 46.77
CA PHE B 175 2.56 -78.72 47.29
C PHE B 175 1.92 -79.91 47.99
N GLU B 176 2.53 -81.08 47.81
CA GLU B 176 2.00 -82.35 48.33
C GLU B 176 1.85 -82.33 49.85
N THR B 177 2.75 -81.62 50.55
CA THR B 177 2.63 -81.44 52.01
C THR B 177 1.39 -80.62 52.44
N LEU B 178 1.04 -79.58 51.68
CA LEU B 178 -0.02 -78.63 52.05
C LEU B 178 -1.42 -79.25 51.98
N THR B 179 -1.76 -80.10 52.94
CA THR B 179 -3.01 -80.89 52.88
C THR B 179 -4.24 -80.10 53.23
N ASN B 180 -4.07 -78.86 53.69
CA ASN B 180 -5.20 -78.00 54.00
C ASN B 180 -5.50 -77.00 52.87
N LEU B 181 -4.82 -77.12 51.73
CA LEU B 181 -4.81 -76.09 50.69
C LEU B 181 -6.08 -76.06 49.86
N GLU B 182 -6.74 -74.90 49.85
CA GLU B 182 -8.01 -74.73 49.13
C GLU B 182 -7.84 -74.01 47.80
N LEU B 183 -6.91 -73.06 47.76
CA LEU B 183 -6.74 -72.22 46.58
C LEU B 183 -5.29 -72.08 46.24
N LEU B 184 -4.97 -72.35 44.97
CA LEU B 184 -3.63 -72.17 44.46
C LEU B 184 -3.72 -71.43 43.13
N SER B 185 -3.02 -70.29 43.06
CA SER B 185 -2.97 -69.51 41.85
C SER B 185 -1.55 -69.44 41.37
N LEU B 186 -1.33 -69.93 40.15
CA LEU B 186 0.00 -69.90 39.53
C LEU B 186 -0.02 -69.17 38.18
N SER B 187 -1.08 -68.40 37.95
CA SER B 187 -1.36 -67.78 36.67
C SER B 187 -0.28 -66.80 36.23
N PHE B 188 -0.17 -66.61 34.92
CA PHE B 188 0.81 -65.66 34.38
C PHE B 188 2.21 -65.98 34.91
N ASN B 189 2.57 -67.24 34.76
CA ASN B 189 3.94 -67.73 34.89
C ASN B 189 4.14 -68.80 33.85
N SER B 190 5.36 -68.96 33.34
CA SER B 190 5.61 -70.03 32.41
C SER B 190 5.83 -71.35 33.17
N LEU B 191 4.81 -72.20 33.14
CA LEU B 191 4.85 -73.51 33.80
C LEU B 191 5.12 -74.59 32.76
N SER B 192 4.31 -74.59 31.71
CA SER B 192 4.42 -75.55 30.58
C SER B 192 3.67 -76.84 30.93
N HIS B 193 3.74 -77.24 32.19
CA HIS B 193 3.10 -78.43 32.68
C HIS B 193 2.37 -78.16 34.00
N VAL B 194 1.10 -78.56 34.06
CA VAL B 194 0.36 -78.44 35.29
C VAL B 194 1.08 -79.31 36.30
N PRO B 195 1.56 -78.71 37.38
CA PRO B 195 2.43 -79.50 38.23
C PRO B 195 1.71 -80.72 38.79
N PRO B 196 2.40 -81.86 38.79
CA PRO B 196 1.82 -83.04 39.37
C PRO B 196 2.01 -83.01 40.87
N LYS B 197 1.34 -83.94 41.55
CA LYS B 197 1.44 -84.05 43.01
C LYS B 197 0.85 -82.83 43.70
N LEU B 198 -0.44 -82.63 43.46
CA LEU B 198 -1.23 -81.58 44.11
C LEU B 198 -2.13 -82.19 45.17
N PRO B 199 -2.26 -81.52 46.32
CA PRO B 199 -3.10 -82.03 47.38
C PRO B 199 -4.57 -82.04 46.95
N SER B 200 -5.33 -82.97 47.52
CA SER B 200 -6.73 -83.17 47.16
C SER B 200 -7.64 -82.32 48.03
N SER B 201 -7.01 -81.48 48.85
CA SER B 201 -7.72 -80.42 49.55
C SER B 201 -8.20 -79.28 48.62
N LEU B 202 -7.55 -79.10 47.46
CA LEU B 202 -7.86 -77.97 46.53
C LEU B 202 -9.32 -77.83 46.16
N ARG B 203 -9.83 -76.60 46.33
CA ARG B 203 -11.15 -76.21 45.84
C ARG B 203 -11.05 -75.45 44.51
N LYS B 204 -10.06 -74.55 44.44
CA LYS B 204 -9.90 -73.64 43.32
C LYS B 204 -8.47 -73.68 42.84
N LEU B 205 -8.30 -73.85 41.51
CA LEU B 205 -6.99 -73.91 40.89
C LEU B 205 -6.91 -73.02 39.65
N PHE B 206 -5.96 -72.08 39.68
CA PHE B 206 -5.80 -71.06 38.64
C PHE B 206 -4.49 -71.23 37.89
N LEU B 207 -4.57 -71.55 36.59
CA LEU B 207 -3.38 -71.76 35.76
C LEU B 207 -3.55 -71.05 34.43
N SER B 208 -3.99 -69.80 34.50
CA SER B 208 -4.26 -68.99 33.33
C SER B 208 -2.97 -68.43 32.78
N ASN B 209 -2.82 -68.47 31.46
CA ASN B 209 -1.64 -67.90 30.81
C ASN B 209 -0.37 -68.49 31.47
N THR B 210 -0.30 -69.83 31.46
CA THR B 210 0.80 -70.59 32.05
C THR B 210 1.63 -71.29 30.98
N GLN B 211 1.19 -71.21 29.73
CA GLN B 211 1.85 -71.89 28.59
C GLN B 211 1.70 -73.40 28.71
N ILE B 212 0.47 -73.87 28.79
CA ILE B 212 0.23 -75.27 29.02
C ILE B 212 -0.66 -75.83 27.92
N LYS B 213 -0.01 -76.44 26.92
CA LYS B 213 -0.65 -76.79 25.66
C LYS B 213 -1.50 -78.03 25.77
N TYR B 214 -1.15 -78.89 26.71
CA TYR B 214 -1.72 -80.23 26.77
C TYR B 214 -2.13 -80.54 28.19
N ILE B 215 -3.36 -81.01 28.33
CA ILE B 215 -3.89 -81.44 29.62
C ILE B 215 -4.17 -82.93 29.55
N SER B 216 -3.34 -83.70 30.26
CA SER B 216 -3.46 -85.15 30.30
C SER B 216 -4.60 -85.56 31.22
N GLU B 217 -5.05 -86.80 31.04
CA GLU B 217 -6.05 -87.44 31.90
C GLU B 217 -5.57 -87.53 33.36
N GLU B 218 -4.26 -87.45 33.55
CA GLU B 218 -3.64 -87.58 34.87
C GLU B 218 -3.41 -86.27 35.63
N ASP B 219 -3.60 -85.12 34.95
CA ASP B 219 -3.23 -83.83 35.56
C ASP B 219 -4.15 -83.43 36.76
N PHE B 220 -5.44 -83.81 36.71
CA PHE B 220 -6.44 -83.48 37.78
C PHE B 220 -7.11 -84.70 38.46
N LYS B 221 -6.46 -85.86 38.48
CA LYS B 221 -7.09 -87.06 39.03
C LYS B 221 -7.25 -86.96 40.54
N GLY B 222 -6.15 -86.62 41.23
CA GLY B 222 -6.18 -86.45 42.69
C GLY B 222 -7.27 -85.55 43.23
N LEU B 223 -7.77 -84.64 42.38
CA LEU B 223 -8.51 -83.47 42.85
C LEU B 223 -10.02 -83.66 42.76
N ILE B 224 -10.59 -84.44 43.67
CA ILE B 224 -12.05 -84.71 43.64
C ILE B 224 -12.90 -83.56 44.15
N ASN B 225 -12.29 -82.58 44.81
CA ASN B 225 -13.04 -81.46 45.39
C ASN B 225 -13.00 -80.13 44.60
N LEU B 226 -12.57 -80.15 43.33
CA LEU B 226 -12.42 -78.91 42.58
C LEU B 226 -13.77 -78.30 42.27
N THR B 227 -13.93 -77.08 42.77
CA THR B 227 -15.05 -76.24 42.44
C THR B 227 -14.65 -75.35 41.29
N LEU B 228 -13.39 -74.88 41.31
CA LEU B 228 -12.90 -73.94 40.28
C LEU B 228 -11.65 -74.41 39.55
N LEU B 229 -11.74 -74.42 38.23
CA LEU B 229 -10.56 -74.67 37.37
C LEU B 229 -10.37 -73.53 36.36
N ASP B 230 -9.23 -72.85 36.44
CA ASP B 230 -8.87 -71.84 35.46
C ASP B 230 -7.71 -72.26 34.57
N LEU B 231 -8.04 -72.55 33.30
CA LEU B 231 -7.08 -72.84 32.24
C LEU B 231 -7.11 -71.83 31.10
N SER B 232 -7.72 -70.67 31.33
CA SER B 232 -7.80 -69.61 30.32
C SER B 232 -6.42 -69.22 29.79
N GLY B 233 -6.38 -68.73 28.55
CA GLY B 233 -5.20 -68.05 28.02
C GLY B 233 -4.02 -68.95 27.71
N ASN B 234 -4.26 -70.25 27.64
CA ASN B 234 -3.27 -71.23 27.22
C ASN B 234 -3.56 -71.64 25.77
N CYS B 235 -2.56 -71.42 24.89
CA CYS B 235 -2.76 -71.33 23.44
C CYS B 235 -3.78 -70.28 23.19
N PRO B 236 -3.41 -69.02 23.47
CA PRO B 236 -4.34 -67.91 23.43
C PRO B 236 -4.69 -67.59 22.03
N ARG B 237 -5.85 -66.98 21.82
CA ARG B 237 -6.19 -66.38 20.53
C ARG B 237 -5.47 -65.02 20.45
N CYS B 238 -4.55 -64.86 19.50
CA CYS B 238 -3.61 -63.73 19.53
C CYS B 238 -3.95 -62.53 18.65
N PHE B 239 -4.88 -62.69 17.71
CA PHE B 239 -5.28 -61.59 16.82
C PHE B 239 -5.84 -60.41 17.60
N ASN B 240 -5.25 -59.24 17.39
CA ASN B 240 -5.66 -58.02 18.10
C ASN B 240 -5.42 -58.11 19.61
N ALA B 241 -4.46 -58.91 20.03
CA ALA B 241 -4.15 -58.96 21.45
C ALA B 241 -3.81 -57.55 21.96
N PRO B 242 -4.33 -57.18 23.14
CA PRO B 242 -3.86 -55.98 23.86
C PRO B 242 -2.73 -56.26 24.82
N PHE B 243 -2.06 -57.37 24.61
CA PHE B 243 -0.84 -57.71 25.34
C PHE B 243 0.06 -58.49 24.37
N PRO B 244 1.33 -58.67 24.74
CA PRO B 244 2.21 -59.59 24.00
C PRO B 244 1.63 -60.99 24.01
N CYS B 245 1.68 -61.67 22.88
CA CYS B 245 0.88 -62.84 22.67
C CYS B 245 1.57 -63.83 21.76
N VAL B 246 1.91 -64.99 22.31
CA VAL B 246 2.51 -66.08 21.53
C VAL B 246 1.52 -67.21 21.35
N PRO B 247 1.02 -67.41 20.13
CA PRO B 247 0.13 -68.55 19.93
C PRO B 247 0.88 -69.90 20.02
N CYS B 248 0.13 -70.99 20.17
CA CYS B 248 0.68 -72.34 20.04
C CYS B 248 0.90 -72.60 18.56
N ASP B 249 1.89 -73.43 18.20
CA ASP B 249 2.27 -73.60 16.79
C ASP B 249 1.05 -74.09 16.06
N GLY B 250 0.69 -73.47 14.94
CA GLY B 250 -0.46 -73.95 14.18
C GLY B 250 -1.32 -72.85 13.57
N GLY B 251 -2.10 -72.13 14.38
CA GLY B 251 -2.10 -72.22 15.86
C GLY B 251 -3.13 -73.16 16.51
N ALA B 252 -2.64 -74.30 17.01
CA ALA B 252 -3.48 -75.27 17.68
C ALA B 252 -4.20 -74.69 18.89
N SER B 253 -5.42 -75.20 19.12
CA SER B 253 -6.11 -75.04 20.37
C SER B 253 -5.39 -75.81 21.44
N ILE B 254 -5.61 -75.47 22.69
CA ILE B 254 -5.09 -76.27 23.80
C ILE B 254 -5.54 -77.71 23.53
N ASN B 255 -4.77 -78.69 23.98
CA ASN B 255 -5.20 -80.08 23.84
C ASN B 255 -5.59 -80.71 25.17
N ILE B 256 -6.88 -80.96 25.32
CA ILE B 256 -7.39 -81.54 26.55
C ILE B 256 -7.85 -82.95 26.26
N ASP B 257 -7.37 -83.88 27.07
CA ASP B 257 -7.71 -85.29 26.91
C ASP B 257 -9.19 -85.59 27.16
N ARG B 258 -9.76 -86.45 26.32
CA ARG B 258 -11.13 -86.96 26.52
C ARG B 258 -11.51 -87.19 28.01
N PHE B 259 -10.58 -87.69 28.82
CA PHE B 259 -10.88 -88.01 30.22
C PHE B 259 -10.15 -87.07 31.18
N ALA B 260 -9.98 -85.82 30.78
CA ALA B 260 -9.29 -84.84 31.65
C ALA B 260 -10.15 -84.36 32.82
N PHE B 261 -11.47 -84.28 32.62
CA PHE B 261 -12.44 -83.79 33.63
C PHE B 261 -13.38 -84.92 34.14
N GLN B 262 -12.82 -86.12 34.24
CA GLN B 262 -13.57 -87.34 34.57
C GLN B 262 -13.88 -87.39 36.07
N ASN B 263 -12.89 -86.98 36.88
CA ASN B 263 -12.96 -86.98 38.34
C ASN B 263 -13.43 -85.66 38.94
N LEU B 264 -13.87 -84.72 38.10
CA LEU B 264 -14.16 -83.36 38.55
C LEU B 264 -15.65 -83.17 38.63
N THR B 265 -16.24 -83.92 39.54
CA THR B 265 -17.69 -83.99 39.67
C THR B 265 -18.21 -82.81 40.46
N GLN B 266 -17.36 -82.24 41.33
CA GLN B 266 -17.75 -81.13 42.20
C GLN B 266 -17.53 -79.74 41.61
N LEU B 267 -17.40 -79.65 40.29
CA LEU B 267 -16.90 -78.47 39.63
C LEU B 267 -18.03 -77.53 39.30
N ARG B 268 -17.79 -76.25 39.58
CA ARG B 268 -18.84 -75.23 39.48
C ARG B 268 -18.52 -74.18 38.43
N TYR B 269 -17.26 -73.75 38.39
CA TYR B 269 -16.81 -72.74 37.45
C TYR B 269 -15.67 -73.28 36.59
N LEU B 270 -15.80 -73.09 35.27
CA LEU B 270 -14.78 -73.49 34.31
C LEU B 270 -14.46 -72.37 33.36
N ASN B 271 -13.19 -72.04 33.31
CA ASN B 271 -12.75 -70.97 32.48
C ASN B 271 -11.71 -71.45 31.45
N LEU B 272 -12.16 -71.47 30.20
CA LEU B 272 -11.37 -71.93 29.08
C LEU B 272 -11.27 -70.78 28.05
N SER B 273 -11.36 -69.55 28.52
CA SER B 273 -11.29 -68.39 27.65
C SER B 273 -9.94 -68.30 26.97
N SER B 274 -9.93 -67.89 25.72
CA SER B 274 -8.68 -67.77 24.95
C SER B 274 -7.78 -69.01 25.05
N THR B 275 -8.32 -70.12 24.56
CA THR B 275 -7.57 -71.35 24.37
C THR B 275 -7.72 -71.82 22.92
N SER B 276 -8.20 -70.93 22.07
CA SER B 276 -8.27 -71.18 20.62
C SER B 276 -9.10 -72.43 20.29
N LEU B 277 -10.01 -72.81 21.17
CA LEU B 277 -10.89 -73.94 20.85
C LEU B 277 -11.70 -73.72 19.58
N ARG B 278 -11.83 -74.75 18.74
CA ARG B 278 -12.75 -74.70 17.61
C ARG B 278 -13.88 -75.66 17.76
N LYS B 279 -13.58 -76.81 18.36
CA LYS B 279 -14.58 -77.78 18.73
C LYS B 279 -14.47 -78.02 20.21
N ILE B 280 -15.59 -78.35 20.82
CA ILE B 280 -15.65 -78.69 22.24
C ILE B 280 -16.15 -80.13 22.42
N ASN B 281 -15.33 -80.95 23.06
CA ASN B 281 -15.73 -82.32 23.36
C ASN B 281 -16.93 -82.37 24.32
N ALA B 282 -18.10 -82.65 23.74
CA ALA B 282 -19.37 -82.80 24.47
C ALA B 282 -19.28 -83.61 25.74
N ALA B 283 -18.35 -84.55 25.74
CA ALA B 283 -18.20 -85.48 26.86
C ALA B 283 -17.12 -85.01 27.81
N TRP B 284 -16.70 -83.75 27.69
CA TRP B 284 -15.84 -83.15 28.73
C TRP B 284 -16.69 -82.89 29.96
N PHE B 285 -18.00 -82.85 29.76
CA PHE B 285 -18.94 -82.37 30.74
C PHE B 285 -19.78 -83.49 31.39
N LYS B 286 -19.43 -84.75 31.11
CA LYS B 286 -20.27 -85.88 31.51
C LYS B 286 -20.40 -85.98 33.02
N ASN B 287 -19.32 -85.71 33.72
CA ASN B 287 -19.30 -85.84 35.18
C ASN B 287 -19.14 -84.50 35.89
N MET B 288 -19.92 -83.52 35.45
CA MET B 288 -20.02 -82.24 36.13
C MET B 288 -21.38 -81.67 35.76
N PRO B 289 -22.45 -82.31 36.24
CA PRO B 289 -23.75 -81.76 35.95
C PRO B 289 -24.17 -80.68 36.99
N HIS B 290 -23.26 -80.32 37.90
CA HIS B 290 -23.42 -79.11 38.72
C HIS B 290 -22.54 -77.92 38.25
N LEU B 291 -22.10 -77.94 36.98
CA LEU B 291 -21.42 -76.77 36.42
C LEU B 291 -22.40 -75.62 36.24
N LYS B 292 -21.97 -74.48 36.76
CA LYS B 292 -22.78 -73.30 37.02
C LYS B 292 -22.35 -72.17 36.04
N VAL B 293 -21.02 -72.02 35.87
CA VAL B 293 -20.41 -70.91 35.14
C VAL B 293 -19.38 -71.40 34.12
N LEU B 294 -19.63 -71.14 32.84
CA LEU B 294 -18.74 -71.63 31.78
C LEU B 294 -18.21 -70.47 30.97
N ASP B 295 -16.91 -70.19 31.12
CA ASP B 295 -16.31 -69.06 30.44
C ASP B 295 -15.51 -69.52 29.17
N LEU B 296 -16.02 -69.18 28.00
CA LEU B 296 -15.45 -69.64 26.74
C LEU B 296 -15.16 -68.49 25.77
N GLU B 297 -14.64 -67.40 26.28
CA GLU B 297 -14.46 -66.21 25.46
C GLU B 297 -13.18 -66.31 24.66
N PHE B 298 -13.11 -65.55 23.56
CA PHE B 298 -11.85 -65.36 22.84
C PHE B 298 -11.30 -66.69 22.29
N ASN B 299 -12.21 -67.47 21.71
CA ASN B 299 -11.87 -68.73 21.08
C ASN B 299 -12.36 -68.62 19.65
N TYR B 300 -12.49 -69.75 18.94
CA TYR B 300 -13.09 -69.77 17.62
C TYR B 300 -14.26 -70.70 17.62
N LEU B 301 -15.40 -70.27 18.16
CA LEU B 301 -16.53 -71.19 18.35
C LEU B 301 -17.78 -70.86 17.57
N VAL B 302 -17.68 -70.07 16.53
CA VAL B 302 -18.88 -69.74 15.75
C VAL B 302 -19.61 -70.99 15.21
N GLY B 303 -18.84 -72.06 14.94
CA GLY B 303 -19.42 -73.31 14.48
C GLY B 303 -20.11 -74.02 15.60
N GLU B 304 -19.40 -74.20 16.69
CA GLU B 304 -19.98 -74.81 17.87
C GLU B 304 -21.21 -74.09 18.41
N ILE B 305 -21.33 -72.80 18.12
CA ILE B 305 -22.51 -72.06 18.57
C ILE B 305 -23.69 -72.40 17.66
N ALA B 306 -23.42 -72.60 16.37
CA ALA B 306 -24.49 -72.87 15.41
C ALA B 306 -25.00 -74.32 15.53
N SER B 307 -24.12 -75.20 16.00
CA SER B 307 -24.46 -76.59 16.17
C SER B 307 -23.57 -77.13 17.23
N GLY B 308 -24.11 -77.41 18.38
CA GLY B 308 -23.28 -77.74 19.51
C GLY B 308 -23.89 -78.80 20.36
N ALA B 309 -23.21 -79.93 20.44
CA ALA B 309 -23.64 -81.01 21.29
C ALA B 309 -23.37 -80.71 22.75
N PHE B 310 -22.24 -80.07 23.06
CA PHE B 310 -21.92 -79.76 24.46
C PHE B 310 -23.03 -78.98 25.17
N LEU B 311 -23.92 -78.33 24.40
CA LEU B 311 -25.09 -77.60 24.97
C LEU B 311 -26.19 -78.48 25.63
N THR B 312 -25.97 -79.80 25.64
CA THR B 312 -26.93 -80.73 26.23
C THR B 312 -26.30 -81.39 27.45
N MET B 313 -25.17 -80.88 27.90
CA MET B 313 -24.48 -81.38 29.09
C MET B 313 -24.45 -80.32 30.20
N LEU B 314 -25.34 -79.34 30.10
CA LEU B 314 -25.27 -78.18 30.94
C LEU B 314 -26.66 -77.84 31.46
N PRO B 315 -27.35 -78.86 31.99
CA PRO B 315 -28.69 -78.68 32.52
C PRO B 315 -28.72 -77.79 33.79
N ARG B 316 -27.64 -77.75 34.56
CA ARG B 316 -27.57 -76.83 35.69
C ARG B 316 -26.67 -75.59 35.44
N LEU B 317 -26.46 -75.17 34.19
CA LEU B 317 -25.60 -74.02 33.92
C LEU B 317 -26.34 -72.67 34.06
N GLU B 318 -25.71 -71.74 34.75
CA GLU B 318 -26.34 -70.48 35.07
C GLU B 318 -25.77 -69.30 34.25
N ILE B 319 -24.48 -69.36 33.93
CA ILE B 319 -23.81 -68.28 33.23
C ILE B 319 -22.95 -68.83 32.08
N LEU B 320 -23.35 -68.55 30.84
CA LEU B 320 -22.59 -68.94 29.67
C LEU B 320 -22.02 -67.74 28.94
N ASP B 321 -20.69 -67.72 28.84
CA ASP B 321 -19.98 -66.65 28.14
C ASP B 321 -19.22 -67.17 26.92
N LEU B 322 -19.70 -66.72 25.77
CA LEU B 322 -19.19 -67.08 24.49
C LEU B 322 -18.80 -65.79 23.75
N SER B 323 -18.24 -64.84 24.47
CA SER B 323 -17.95 -63.52 23.90
C SER B 323 -16.65 -63.54 23.16
N PHE B 324 -16.56 -62.66 22.16
CA PHE B 324 -15.42 -62.58 21.28
C PHE B 324 -14.98 -63.92 20.68
N ASN B 325 -15.87 -64.51 19.92
CA ASN B 325 -15.55 -65.62 19.06
C ASN B 325 -15.80 -65.26 17.61
N TYR B 326 -15.78 -63.97 17.28
CA TYR B 326 -15.98 -63.57 15.90
C TYR B 326 -14.84 -64.19 15.08
N ILE B 327 -15.18 -64.51 13.84
CA ILE B 327 -14.22 -64.85 12.81
C ILE B 327 -13.87 -63.57 12.09
N LYS B 328 -12.61 -63.18 12.10
CA LYS B 328 -12.17 -62.11 11.22
C LYS B 328 -12.26 -62.63 9.80
N GLY B 329 -12.69 -61.83 8.84
CA GLY B 329 -13.39 -60.58 9.06
C GLY B 329 -14.78 -60.80 8.52
N SER B 330 -15.43 -61.86 9.01
CA SER B 330 -16.84 -62.06 8.76
C SER B 330 -17.60 -60.87 9.33
N TYR B 331 -18.61 -60.44 8.60
CA TYR B 331 -19.61 -59.54 9.12
C TYR B 331 -20.93 -60.08 8.63
N PRO B 332 -21.24 -61.29 9.10
CA PRO B 332 -22.38 -62.03 8.57
C PRO B 332 -23.67 -61.34 8.89
N GLN B 333 -24.68 -61.73 8.16
CA GLN B 333 -25.99 -61.12 8.25
C GLN B 333 -26.62 -61.33 9.62
N HIS B 334 -26.43 -62.53 10.16
CA HIS B 334 -27.26 -63.06 11.24
C HIS B 334 -26.42 -63.84 12.23
N ILE B 335 -26.94 -63.99 13.44
CA ILE B 335 -26.30 -64.87 14.40
C ILE B 335 -26.93 -66.25 14.22
N ASN B 336 -26.10 -67.29 14.27
CA ASN B 336 -26.61 -68.63 14.16
C ASN B 336 -26.52 -69.36 15.48
N ILE B 337 -27.70 -69.60 16.05
CA ILE B 337 -27.87 -70.15 17.39
C ILE B 337 -28.45 -71.57 17.31
N SER B 338 -27.68 -72.55 17.76
CA SER B 338 -28.12 -73.93 17.83
C SER B 338 -29.44 -74.05 18.54
N ARG B 339 -30.29 -74.94 18.04
CA ARG B 339 -31.50 -75.37 18.74
C ARG B 339 -31.17 -75.89 20.14
N ASN B 340 -29.98 -76.44 20.30
CA ASN B 340 -29.56 -77.02 21.57
C ASN B 340 -29.36 -76.06 22.73
N PHE B 341 -29.26 -74.76 22.47
CA PHE B 341 -29.24 -73.78 23.58
C PHE B 341 -30.47 -74.00 24.47
N SER B 342 -31.58 -74.44 23.85
CA SER B 342 -32.85 -74.71 24.58
C SER B 342 -32.78 -75.78 25.71
N LYS B 343 -31.75 -76.62 25.71
CA LYS B 343 -31.54 -77.56 26.81
C LYS B 343 -30.67 -76.94 27.94
N LEU B 344 -30.64 -75.61 28.04
CA LEU B 344 -29.90 -74.92 29.10
C LEU B 344 -30.93 -74.32 30.04
N LEU B 345 -31.63 -75.18 30.76
CA LEU B 345 -32.84 -74.78 31.46
C LEU B 345 -32.52 -73.90 32.68
N SER B 346 -31.30 -74.03 33.19
CA SER B 346 -30.85 -73.26 34.37
C SER B 346 -30.19 -71.91 34.02
N LEU B 347 -30.20 -71.52 32.75
CA LEU B 347 -29.39 -70.38 32.29
C LEU B 347 -30.00 -69.08 32.78
N ARG B 348 -29.22 -68.31 33.51
CA ARG B 348 -29.68 -67.01 34.00
C ARG B 348 -29.15 -65.83 33.14
N ALA B 349 -28.04 -66.05 32.42
CA ALA B 349 -27.23 -64.99 31.79
C ALA B 349 -26.45 -65.46 30.56
N LEU B 350 -26.79 -64.95 29.39
CA LEU B 350 -26.01 -65.26 28.18
C LEU B 350 -25.22 -64.05 27.68
N HIS B 351 -23.90 -64.14 27.72
CA HIS B 351 -23.03 -63.10 27.19
C HIS B 351 -22.56 -63.44 25.78
N LEU B 352 -22.82 -62.54 24.85
CA LEU B 352 -22.45 -62.73 23.49
C LEU B 352 -21.89 -61.42 22.93
N ARG B 353 -20.86 -60.88 23.57
CA ARG B 353 -20.16 -59.74 22.99
C ARG B 353 -19.36 -60.17 21.74
N GLY B 354 -19.17 -59.24 20.81
CA GLY B 354 -18.12 -59.38 19.81
C GLY B 354 -18.15 -60.69 19.08
N TYR B 355 -19.36 -61.05 18.70
CA TYR B 355 -19.62 -62.08 17.73
C TYR B 355 -19.61 -61.42 16.38
N VAL B 356 -20.27 -60.27 16.30
CA VAL B 356 -20.20 -59.36 15.15
C VAL B 356 -21.07 -59.88 14.04
N PHE B 357 -22.24 -59.27 13.87
CA PHE B 357 -23.14 -59.65 12.81
C PHE B 357 -24.04 -58.49 12.61
N GLN B 358 -24.80 -58.49 11.52
CA GLN B 358 -25.41 -57.25 11.06
C GLN B 358 -26.81 -57.04 11.55
N GLU B 359 -27.54 -58.11 11.76
CA GLU B 359 -28.99 -58.02 11.95
C GLU B 359 -29.44 -59.04 12.99
N LEU B 360 -30.52 -58.73 13.70
CA LEU B 360 -31.10 -59.70 14.62
C LEU B 360 -32.58 -59.77 14.34
N ARG B 361 -33.05 -60.97 14.01
CA ARG B 361 -34.47 -61.21 13.76
C ARG B 361 -35.00 -62.06 14.87
N GLU B 362 -36.31 -62.13 15.00
CA GLU B 362 -36.89 -62.93 16.08
C GLU B 362 -36.49 -64.38 15.95
N ASP B 363 -36.69 -64.96 14.78
CA ASP B 363 -36.46 -66.37 14.59
C ASP B 363 -35.03 -66.76 14.91
N ASP B 364 -34.15 -65.76 15.06
CA ASP B 364 -32.74 -66.03 15.37
C ASP B 364 -32.53 -66.48 16.82
N PHE B 365 -33.43 -66.06 17.72
CA PHE B 365 -33.27 -66.38 19.17
C PHE B 365 -34.34 -67.35 19.75
N GLN B 366 -34.97 -68.16 18.88
CA GLN B 366 -36.01 -69.16 19.29
C GLN B 366 -35.53 -70.16 20.35
N PRO B 367 -34.33 -70.71 20.17
CA PRO B 367 -33.83 -71.68 21.12
C PRO B 367 -33.72 -71.14 22.54
N LEU B 368 -33.65 -69.82 22.67
CA LEU B 368 -33.57 -69.16 23.96
C LEU B 368 -34.94 -68.75 24.49
N MET B 369 -35.90 -68.58 23.59
CA MET B 369 -37.24 -68.09 23.99
C MET B 369 -37.94 -68.86 25.12
N GLN B 370 -37.70 -70.16 25.23
CA GLN B 370 -38.46 -71.01 26.17
C GLN B 370 -37.78 -71.20 27.56
N LEU B 371 -36.53 -70.80 27.71
CA LEU B 371 -35.83 -70.90 29.00
C LEU B 371 -36.54 -70.10 30.13
N PRO B 372 -36.89 -70.79 31.23
CA PRO B 372 -37.65 -70.15 32.30
C PRO B 372 -36.95 -68.97 33.02
N ASN B 373 -35.65 -69.07 33.29
CA ASN B 373 -34.94 -68.13 34.18
C ASN B 373 -33.86 -67.23 33.49
N LEU B 374 -33.94 -67.06 32.18
CA LEU B 374 -32.97 -66.24 31.47
C LEU B 374 -33.31 -64.74 31.62
N SER B 375 -32.60 -64.10 32.53
CA SER B 375 -32.87 -62.71 32.91
C SER B 375 -32.00 -61.69 32.15
N THR B 376 -30.72 -62.03 31.87
CA THR B 376 -29.75 -61.16 31.22
C THR B 376 -29.33 -61.67 29.84
N ILE B 377 -29.48 -60.82 28.83
CA ILE B 377 -28.89 -61.14 27.53
C ILE B 377 -27.98 -60.00 27.08
N ASN B 378 -26.69 -60.30 26.98
CA ASN B 378 -25.64 -59.31 26.68
C ASN B 378 -25.15 -59.45 25.24
N LEU B 379 -25.48 -58.44 24.42
CA LEU B 379 -25.00 -58.35 23.03
C LEU B 379 -24.13 -57.05 22.71
N GLY B 380 -23.43 -56.56 23.70
CA GLY B 380 -22.51 -55.47 23.47
C GLY B 380 -21.55 -55.76 22.34
N ILE B 381 -21.15 -54.68 21.62
CA ILE B 381 -19.98 -54.69 20.72
C ILE B 381 -20.13 -55.72 19.58
N ASN B 382 -21.31 -55.78 18.96
CA ASN B 382 -21.54 -56.64 17.79
C ASN B 382 -21.85 -55.86 16.50
N PHE B 383 -21.51 -54.58 16.46
CA PHE B 383 -21.65 -53.80 15.22
C PHE B 383 -22.97 -54.11 14.52
N ILE B 384 -24.00 -54.38 15.32
CA ILE B 384 -25.29 -54.76 14.83
C ILE B 384 -25.94 -53.53 14.33
N LYS B 385 -26.45 -53.58 13.10
CA LYS B 385 -27.16 -52.46 12.48
C LYS B 385 -28.65 -52.46 12.70
N GLN B 386 -29.27 -53.64 12.81
CA GLN B 386 -30.73 -53.71 13.02
C GLN B 386 -31.17 -54.81 13.95
N ILE B 387 -32.30 -54.58 14.58
CA ILE B 387 -32.85 -55.50 15.52
C ILE B 387 -34.35 -55.46 15.47
N ASP B 388 -34.97 -56.63 15.36
CA ASP B 388 -36.40 -56.75 15.53
C ASP B 388 -36.74 -56.80 17.02
N PHE B 389 -37.16 -55.67 17.57
CA PHE B 389 -37.32 -55.55 19.03
C PHE B 389 -38.44 -56.41 19.60
N LYS B 390 -39.38 -56.79 18.75
CA LYS B 390 -40.53 -57.57 19.19
C LYS B 390 -40.14 -58.98 19.66
N LEU B 391 -38.99 -59.46 19.20
CA LEU B 391 -38.51 -60.80 19.58
C LEU B 391 -38.21 -60.95 21.06
N PHE B 392 -38.08 -59.84 21.79
CA PHE B 392 -37.92 -59.89 23.25
C PHE B 392 -39.27 -60.06 23.96
N GLN B 393 -40.29 -60.56 23.27
CA GLN B 393 -41.58 -60.81 23.93
C GLN B 393 -41.91 -62.29 24.15
N ASN B 394 -41.55 -63.18 23.20
CA ASN B 394 -41.74 -64.63 23.44
C ASN B 394 -40.70 -65.17 24.48
N PHE B 395 -40.00 -64.24 25.13
CA PHE B 395 -39.22 -64.52 26.34
C PHE B 395 -40.08 -64.42 27.60
N SER B 396 -39.65 -65.10 28.66
CA SER B 396 -40.44 -65.22 29.88
C SER B 396 -39.99 -64.22 30.94
N ASN B 397 -38.68 -64.07 31.10
CA ASN B 397 -38.13 -63.55 32.35
C ASN B 397 -36.93 -62.59 32.17
N LEU B 398 -36.87 -61.91 31.02
CA LEU B 398 -35.78 -60.94 30.75
C LEU B 398 -35.92 -59.70 31.63
N GLU B 399 -34.89 -59.45 32.44
CA GLU B 399 -34.80 -58.24 33.24
C GLU B 399 -33.71 -57.26 32.70
N ILE B 400 -32.83 -57.74 31.82
CA ILE B 400 -31.70 -56.95 31.32
C ILE B 400 -31.43 -57.26 29.87
N ILE B 401 -31.64 -56.26 29.02
CA ILE B 401 -31.43 -56.40 27.57
C ILE B 401 -30.32 -55.42 27.16
N TYR B 402 -29.08 -55.89 27.12
CA TYR B 402 -27.92 -55.01 27.00
C TYR B 402 -27.46 -54.98 25.59
N LEU B 403 -27.67 -53.85 24.94
CA LEU B 403 -27.38 -53.67 23.54
C LEU B 403 -26.42 -52.49 23.31
N SER B 404 -25.69 -52.08 24.37
CA SER B 404 -24.75 -50.95 24.27
C SER B 404 -23.70 -51.22 23.22
N GLU B 405 -23.22 -50.18 22.54
CA GLU B 405 -22.07 -50.31 21.64
C GLU B 405 -22.41 -51.19 20.42
N ASN B 406 -23.41 -50.81 19.66
CA ASN B 406 -23.68 -51.46 18.37
C ASN B 406 -23.84 -50.39 17.30
N ARG B 407 -24.57 -50.66 16.23
CA ARG B 407 -24.77 -49.65 15.17
C ARG B 407 -26.24 -49.42 14.95
N ILE B 408 -27.04 -49.59 15.98
CA ILE B 408 -28.45 -49.30 15.86
C ILE B 408 -28.56 -47.83 15.49
N SER B 409 -29.57 -47.49 14.70
CA SER B 409 -29.84 -46.11 14.25
C SER B 409 -31.33 -46.01 13.99
N PRO B 410 -31.82 -44.85 13.57
CA PRO B 410 -33.31 -44.73 13.56
C PRO B 410 -34.01 -45.57 12.47
N ASP B 436 2.42 -49.78 37.86
CA ASP B 436 3.14 -49.76 36.58
C ASP B 436 3.10 -51.15 35.89
N PHE B 437 2.03 -51.89 36.16
CA PHE B 437 1.62 -53.02 35.31
C PHE B 437 0.19 -52.77 34.84
N GLU B 438 0.00 -52.86 33.52
CA GLU B 438 -1.24 -52.44 32.89
C GLU B 438 -2.47 -53.13 33.48
N PHE B 439 -2.32 -54.36 34.01
CA PHE B 439 -3.46 -55.25 34.30
C PHE B 439 -3.62 -55.55 35.75
N ASP B 440 -4.85 -55.52 36.23
CA ASP B 440 -5.10 -55.79 37.64
C ASP B 440 -5.03 -57.31 37.89
N PRO B 441 -4.01 -57.75 38.65
CA PRO B 441 -3.94 -59.16 38.99
C PRO B 441 -5.11 -59.71 39.82
N HIS B 442 -5.98 -58.85 40.35
CA HIS B 442 -7.16 -59.34 41.08
C HIS B 442 -8.47 -59.17 40.32
N SER B 443 -8.42 -58.89 39.03
CA SER B 443 -9.64 -58.85 38.24
C SER B 443 -9.66 -59.96 37.26
N ASN B 444 -10.85 -60.28 36.80
CA ASN B 444 -10.98 -61.05 35.62
C ASN B 444 -10.18 -60.34 34.53
N PHE B 445 -9.63 -61.13 33.60
CA PHE B 445 -8.67 -60.65 32.57
C PHE B 445 -9.31 -60.58 31.20
N TYR B 446 -10.47 -61.22 31.04
CA TYR B 446 -11.10 -61.29 29.74
C TYR B 446 -12.36 -60.45 29.67
N HIS B 447 -12.93 -60.10 30.82
CA HIS B 447 -14.02 -59.14 30.83
C HIS B 447 -13.99 -58.23 32.05
N PHE B 448 -14.52 -57.02 31.85
CA PHE B 448 -14.94 -56.17 32.94
C PHE B 448 -16.06 -56.87 33.73
N THR B 449 -16.00 -56.70 35.04
CA THR B 449 -16.95 -57.29 35.94
C THR B 449 -17.92 -56.29 36.60
N ARG B 450 -17.84 -55.01 36.23
CA ARG B 450 -18.86 -54.03 36.66
C ARG B 450 -20.26 -54.47 36.20
N PRO B 451 -21.31 -54.00 36.83
CA PRO B 451 -22.65 -54.39 36.44
C PRO B 451 -22.97 -53.86 35.08
N LEU B 452 -23.71 -54.61 34.29
CA LEU B 452 -24.01 -54.22 32.95
C LEU B 452 -24.82 -52.97 32.93
N ILE B 453 -25.78 -52.91 33.82
CA ILE B 453 -26.61 -51.74 33.96
C ILE B 453 -26.56 -51.29 35.38
N LYS B 454 -26.44 -50.00 35.60
CA LYS B 454 -26.25 -49.47 36.91
C LYS B 454 -27.39 -49.90 37.76
N PRO B 455 -26.99 -50.34 39.03
CA PRO B 455 -28.06 -50.93 39.83
C PRO B 455 -29.24 -50.04 40.15
N GLN B 456 -29.01 -48.77 40.35
CA GLN B 456 -30.08 -47.88 40.72
C GLN B 456 -31.12 -47.92 39.65
N CYS B 457 -30.71 -48.15 38.42
CA CYS B 457 -31.61 -48.21 37.26
C CYS B 457 -32.36 -49.53 37.23
N ALA B 458 -31.64 -50.64 37.34
CA ALA B 458 -32.22 -51.96 37.18
C ALA B 458 -33.25 -52.31 38.26
N ALA B 459 -33.04 -51.82 39.47
CA ALA B 459 -33.93 -52.18 40.57
C ALA B 459 -35.37 -51.77 40.24
N TYR B 460 -35.52 -50.77 39.38
CA TYR B 460 -36.84 -50.34 38.94
C TYR B 460 -37.57 -51.36 38.05
N GLY B 461 -36.83 -52.26 37.40
CA GLY B 461 -37.47 -53.34 36.68
C GLY B 461 -36.76 -53.73 35.41
N LYS B 462 -37.54 -54.07 34.39
CA LYS B 462 -36.99 -54.47 33.10
C LYS B 462 -36.19 -53.31 32.54
N ALA B 463 -34.94 -53.59 32.14
CA ALA B 463 -34.02 -52.57 31.64
C ALA B 463 -33.68 -52.80 30.15
N LEU B 464 -33.46 -51.71 29.43
CA LEU B 464 -33.06 -51.80 28.02
C LEU B 464 -31.97 -50.81 27.79
N ASP B 465 -30.73 -51.27 27.64
CA ASP B 465 -29.60 -50.40 27.43
C ASP B 465 -29.27 -50.30 25.97
N LEU B 466 -29.52 -49.13 25.38
CA LEU B 466 -29.15 -48.86 23.98
C LEU B 466 -28.02 -47.83 23.88
N SER B 467 -27.24 -47.70 24.94
CA SER B 467 -26.20 -46.70 24.99
C SER B 467 -25.26 -46.90 23.83
N LEU B 468 -24.45 -45.88 23.56
CA LEU B 468 -23.39 -45.91 22.53
C LEU B 468 -23.83 -46.51 21.15
N ASN B 469 -24.95 -46.07 20.63
CA ASN B 469 -25.36 -46.43 19.29
C ASN B 469 -25.48 -45.15 18.49
N SER B 470 -26.18 -45.20 17.37
CA SER B 470 -26.29 -44.03 16.52
C SER B 470 -27.73 -43.58 16.34
N ILE B 471 -28.50 -43.67 17.40
CA ILE B 471 -29.91 -43.30 17.33
C ILE B 471 -30.07 -41.78 17.43
N PHE B 472 -29.81 -41.10 16.34
CA PHE B 472 -29.64 -39.64 16.42
C PHE B 472 -30.98 -38.91 16.44
N PHE B 473 -32.06 -39.62 16.15
CA PHE B 473 -33.36 -39.17 16.61
C PHE B 473 -34.21 -40.37 16.98
N ILE B 474 -35.15 -40.20 17.90
CA ILE B 474 -36.13 -41.24 18.16
C ILE B 474 -37.36 -41.13 17.25
N GLY B 475 -37.43 -42.02 16.26
CA GLY B 475 -38.59 -42.08 15.37
C GLY B 475 -39.88 -42.45 16.08
N PRO B 476 -41.02 -42.32 15.39
CA PRO B 476 -42.28 -42.53 16.06
C PRO B 476 -42.52 -44.00 16.44
N ASN B 477 -41.89 -44.95 15.72
CA ASN B 477 -42.02 -46.38 16.00
C ASN B 477 -40.78 -47.08 16.52
N GLN B 478 -39.84 -46.32 17.07
CA GLN B 478 -38.59 -46.91 17.56
C GLN B 478 -38.81 -47.98 18.64
N PHE B 479 -39.83 -47.76 19.46
CA PHE B 479 -39.99 -48.52 20.71
C PHE B 479 -41.29 -49.32 20.74
N GLU B 480 -41.87 -49.61 19.58
CA GLU B 480 -43.02 -50.51 19.53
C GLU B 480 -42.55 -51.94 19.84
N ASN B 481 -43.43 -52.71 20.46
CA ASN B 481 -43.21 -54.14 20.73
C ASN B 481 -42.17 -54.39 21.80
N LEU B 482 -41.89 -53.38 22.59
CA LEU B 482 -41.04 -53.57 23.73
C LEU B 482 -41.87 -54.11 24.87
N PRO B 483 -41.23 -54.82 25.78
CA PRO B 483 -41.90 -55.08 27.04
C PRO B 483 -42.11 -53.80 27.86
N ASP B 484 -42.48 -53.95 29.12
CA ASP B 484 -42.73 -52.84 30.02
C ASP B 484 -41.38 -52.35 30.61
N ILE B 485 -40.61 -51.61 29.80
CA ILE B 485 -39.30 -51.13 30.24
C ILE B 485 -39.43 -50.14 31.38
N ALA B 486 -38.81 -50.46 32.50
CA ALA B 486 -38.77 -49.54 33.62
C ALA B 486 -37.49 -48.65 33.59
N CYS B 487 -36.43 -49.16 32.97
CA CYS B 487 -35.14 -48.50 32.99
C CYS B 487 -34.55 -48.52 31.58
N LEU B 488 -34.30 -47.34 31.04
CA LEU B 488 -33.91 -47.17 29.65
C LEU B 488 -32.68 -46.30 29.58
N ASN B 489 -31.60 -46.85 29.00
CA ASN B 489 -30.35 -46.07 28.75
C ASN B 489 -30.23 -45.68 27.29
N LEU B 490 -30.28 -44.39 26.98
CA LEU B 490 -30.03 -43.93 25.60
C LEU B 490 -28.77 -43.04 25.55
N SER B 491 -27.87 -43.21 26.53
CA SER B 491 -26.68 -42.36 26.58
C SER B 491 -25.81 -42.44 25.33
N ALA B 492 -25.16 -41.34 24.98
CA ALA B 492 -24.19 -41.34 23.89
C ALA B 492 -24.79 -41.85 22.59
N ASN B 493 -25.88 -41.25 22.16
CA ASN B 493 -26.41 -41.60 20.85
C ASN B 493 -26.40 -40.38 19.93
N SER B 494 -25.80 -39.29 20.42
CA SER B 494 -25.88 -37.98 19.80
C SER B 494 -27.29 -37.68 19.32
N ASN B 495 -28.25 -37.86 20.22
CA ASN B 495 -29.60 -37.55 19.92
C ASN B 495 -29.67 -36.05 19.89
N ALA B 496 -30.07 -35.51 18.74
CA ALA B 496 -30.19 -34.06 18.56
C ALA B 496 -31.63 -33.61 18.36
N GLN B 497 -32.59 -34.41 18.84
CA GLN B 497 -33.97 -34.17 18.50
C GLN B 497 -34.65 -33.29 19.50
N VAL B 498 -35.80 -32.75 19.07
CA VAL B 498 -36.74 -31.96 19.90
C VAL B 498 -37.82 -32.89 20.48
N LEU B 499 -37.60 -33.36 21.70
CA LEU B 499 -38.55 -34.27 22.37
C LEU B 499 -39.83 -33.54 22.68
N SER B 500 -40.95 -34.16 22.34
CA SER B 500 -42.22 -33.43 22.29
C SER B 500 -43.38 -34.13 22.98
N GLY B 501 -43.10 -35.13 23.81
CA GLY B 501 -44.15 -35.75 24.61
C GLY B 501 -44.77 -37.02 24.07
N THR B 502 -44.30 -37.52 22.92
CA THR B 502 -44.85 -38.73 22.29
C THR B 502 -43.81 -39.78 21.89
N GLU B 503 -42.53 -39.49 22.06
CA GLU B 503 -41.50 -40.41 21.57
C GLU B 503 -41.41 -41.69 22.41
N PHE B 504 -41.91 -41.65 23.65
CA PHE B 504 -41.88 -42.81 24.57
C PHE B 504 -43.26 -43.35 24.88
N SER B 505 -44.28 -42.92 24.14
CA SER B 505 -45.64 -43.44 24.33
C SER B 505 -45.67 -44.97 24.39
N ALA B 506 -44.87 -45.65 23.55
CA ALA B 506 -44.87 -47.13 23.50
C ALA B 506 -44.29 -47.81 24.74
N ILE B 507 -43.62 -47.04 25.59
CA ILE B 507 -43.01 -47.57 26.85
C ILE B 507 -43.14 -46.51 27.94
N PRO B 508 -44.39 -46.16 28.26
CA PRO B 508 -44.76 -45.03 29.10
C PRO B 508 -44.42 -45.21 30.58
N HIS B 509 -44.09 -46.43 31.01
CA HIS B 509 -43.84 -46.65 32.42
C HIS B 509 -42.36 -46.61 32.83
N VAL B 510 -41.52 -45.94 32.03
CA VAL B 510 -40.09 -45.81 32.34
C VAL B 510 -39.92 -44.95 33.56
N LYS B 511 -39.17 -45.43 34.54
CA LYS B 511 -38.95 -44.68 35.80
C LYS B 511 -37.55 -44.08 35.98
N TYR B 512 -36.60 -44.57 35.21
CA TYR B 512 -35.22 -44.11 35.27
C TYR B 512 -34.79 -43.97 33.84
N LEU B 513 -34.49 -42.74 33.42
CA LEU B 513 -34.18 -42.47 32.02
C LEU B 513 -32.84 -41.84 31.90
N ASP B 514 -31.90 -42.55 31.27
CA ASP B 514 -30.56 -42.02 31.06
C ASP B 514 -30.44 -41.49 29.64
N LEU B 515 -30.38 -40.18 29.52
CA LEU B 515 -30.16 -39.51 28.23
C LEU B 515 -28.86 -38.68 28.20
N THR B 516 -27.87 -39.08 29.00
CA THR B 516 -26.60 -38.33 29.12
C THR B 516 -25.82 -38.41 27.85
N ASN B 517 -24.96 -37.42 27.60
CA ASN B 517 -24.07 -37.43 26.41
C ASN B 517 -24.82 -37.48 25.08
N ASN B 518 -25.74 -36.56 24.89
CA ASN B 518 -26.38 -36.40 23.61
C ASN B 518 -26.38 -34.91 23.29
N ARG B 519 -27.16 -34.49 22.31
CA ARG B 519 -27.19 -33.08 21.93
C ARG B 519 -28.65 -32.64 21.73
N LEU B 520 -29.42 -32.79 22.79
CA LEU B 520 -30.85 -32.64 22.71
C LEU B 520 -31.17 -31.17 22.51
N ASP B 521 -32.21 -30.92 21.74
CA ASP B 521 -32.66 -29.58 21.41
C ASP B 521 -33.96 -29.37 22.15
N PHE B 522 -33.90 -28.59 23.24
CA PHE B 522 -35.01 -28.37 24.14
C PHE B 522 -35.93 -27.22 23.71
N ASP B 523 -36.72 -27.48 22.68
CA ASP B 523 -37.59 -26.50 22.08
C ASP B 523 -39.04 -26.90 22.19
N ASN B 524 -39.42 -27.66 23.22
CA ASN B 524 -40.83 -28.02 23.43
C ASN B 524 -41.09 -28.33 24.86
N ALA B 525 -42.03 -27.61 25.45
CA ALA B 525 -42.27 -27.69 26.90
C ALA B 525 -43.00 -28.93 27.32
N SER B 526 -43.47 -29.70 26.34
CA SER B 526 -44.06 -30.98 26.61
C SER B 526 -43.06 -32.17 26.48
N ALA B 527 -41.77 -31.88 26.28
CA ALA B 527 -40.73 -32.90 26.29
C ALA B 527 -40.92 -33.84 27.47
N LEU B 528 -41.00 -35.12 27.18
CA LEU B 528 -40.93 -36.19 28.21
C LEU B 528 -42.20 -36.40 29.06
N THR B 529 -43.15 -35.47 28.98
CA THR B 529 -44.35 -35.49 29.87
C THR B 529 -45.22 -36.76 29.75
N GLU B 530 -45.07 -37.51 28.66
CA GLU B 530 -45.68 -38.83 28.59
C GLU B 530 -45.15 -39.83 29.64
N LEU B 531 -44.02 -39.55 30.29
CA LEU B 531 -43.44 -40.50 31.26
C LEU B 531 -43.87 -40.17 32.68
N SER B 532 -45.17 -40.36 32.89
CA SER B 532 -45.84 -40.00 34.13
C SER B 532 -45.16 -40.50 35.36
N ASP B 533 -44.65 -41.72 35.30
CA ASP B 533 -44.13 -42.37 36.49
C ASP B 533 -42.65 -42.05 36.69
N LEU B 534 -42.08 -41.21 35.83
CA LEU B 534 -40.66 -40.99 35.82
C LEU B 534 -40.17 -40.53 37.20
N GLU B 535 -39.10 -41.16 37.67
CA GLU B 535 -38.52 -40.83 38.96
C GLU B 535 -37.12 -40.29 38.88
N VAL B 536 -36.35 -40.76 37.91
CA VAL B 536 -34.97 -40.28 37.74
C VAL B 536 -34.71 -39.89 36.31
N LEU B 537 -34.20 -38.70 36.12
CA LEU B 537 -33.93 -38.24 34.80
C LEU B 537 -32.51 -37.75 34.73
N ASP B 538 -31.69 -38.37 33.87
CA ASP B 538 -30.32 -37.86 33.69
C ASP B 538 -30.17 -37.21 32.35
N LEU B 539 -29.79 -35.94 32.34
CA LEU B 539 -29.55 -35.25 31.07
C LEU B 539 -28.18 -34.62 31.09
N SER B 540 -27.24 -35.19 31.87
CA SER B 540 -25.89 -34.65 31.88
C SER B 540 -25.27 -34.64 30.45
N TYR B 541 -24.34 -33.73 30.22
CA TYR B 541 -23.58 -33.71 28.96
C TYR B 541 -24.47 -33.64 27.73
N ASN B 542 -25.37 -32.67 27.72
CA ASN B 542 -26.20 -32.34 26.57
C ASN B 542 -26.08 -30.87 26.33
N SER B 543 -24.85 -30.37 26.31
CA SER B 543 -24.61 -28.93 26.30
C SER B 543 -24.58 -28.34 24.91
N HIS B 544 -24.62 -29.20 23.90
CA HIS B 544 -24.56 -28.80 22.49
C HIS B 544 -25.40 -27.55 22.20
N TYR B 545 -26.73 -27.66 22.35
CA TYR B 545 -27.61 -26.52 22.07
C TYR B 545 -27.67 -25.51 23.18
N PHE B 546 -27.38 -25.93 24.40
CA PHE B 546 -27.32 -24.95 25.50
C PHE B 546 -26.23 -23.92 25.29
N ARG B 547 -25.12 -24.30 24.68
CA ARG B 547 -24.03 -23.33 24.34
C ARG B 547 -24.48 -22.18 23.45
N ILE B 548 -25.49 -22.44 22.62
CA ILE B 548 -25.91 -21.51 21.57
C ILE B 548 -27.02 -20.56 22.03
N ALA B 549 -26.64 -19.33 22.29
CA ALA B 549 -27.57 -18.36 22.78
C ALA B 549 -28.77 -18.15 21.87
N GLY B 550 -28.58 -18.25 20.57
CA GLY B 550 -29.60 -17.77 19.61
C GLY B 550 -30.79 -18.68 19.46
N VAL B 551 -30.62 -19.97 19.81
CA VAL B 551 -31.70 -20.96 19.77
C VAL B 551 -32.42 -21.07 21.12
N THR B 552 -33.63 -21.63 21.09
CA THR B 552 -34.48 -21.68 22.29
C THR B 552 -34.05 -22.81 23.17
N HIS B 553 -34.20 -22.63 24.48
CA HIS B 553 -33.87 -23.64 25.50
C HIS B 553 -34.99 -23.72 26.54
N HIS B 554 -35.84 -24.73 26.44
CA HIS B 554 -37.08 -24.81 27.23
C HIS B 554 -36.99 -25.92 28.26
N LEU B 555 -36.91 -25.56 29.54
CA LEU B 555 -36.82 -26.53 30.65
C LEU B 555 -38.14 -26.65 31.50
N GLU B 556 -39.27 -26.22 30.89
CA GLU B 556 -40.55 -26.11 31.60
C GLU B 556 -41.15 -27.47 31.97
N PHE B 557 -41.00 -28.46 31.07
CA PHE B 557 -41.53 -29.80 31.30
C PHE B 557 -41.27 -30.37 32.69
N ILE B 558 -40.22 -29.91 33.37
CA ILE B 558 -39.88 -30.48 34.67
C ILE B 558 -41.06 -30.48 35.67
N GLN B 559 -41.86 -29.43 35.67
CA GLN B 559 -42.98 -29.33 36.62
C GLN B 559 -44.12 -30.36 36.42
N ASN B 560 -44.19 -31.02 35.27
CA ASN B 560 -45.28 -31.91 34.95
C ASN B 560 -45.16 -33.32 35.54
N PHE B 561 -44.20 -33.55 36.42
CA PHE B 561 -43.90 -34.90 36.92
C PHE B 561 -44.29 -35.01 38.40
N THR B 562 -45.19 -35.92 38.71
CA THR B 562 -45.74 -36.07 40.05
C THR B 562 -44.73 -36.77 41.00
N ASN B 563 -43.93 -37.68 40.44
CA ASN B 563 -42.95 -38.47 41.23
C ASN B 563 -41.50 -38.30 40.80
N LEU B 564 -41.13 -37.17 40.20
CA LEU B 564 -39.73 -36.98 39.82
C LEU B 564 -38.93 -36.71 41.09
N LYS B 565 -37.97 -37.59 41.37
CA LYS B 565 -37.17 -37.47 42.60
C LYS B 565 -35.82 -36.85 42.31
N VAL B 566 -35.16 -37.32 41.25
CA VAL B 566 -33.78 -36.92 40.96
C VAL B 566 -33.58 -36.42 39.56
N LEU B 567 -32.98 -35.26 39.45
CA LEU B 567 -32.71 -34.68 38.16
C LEU B 567 -31.29 -34.22 38.09
N ASN B 568 -30.59 -34.64 37.03
CA ASN B 568 -29.20 -34.30 36.82
C ASN B 568 -29.01 -33.47 35.53
N LEU B 569 -28.78 -32.19 35.72
CA LEU B 569 -28.49 -31.27 34.62
C LEU B 569 -27.00 -30.91 34.48
N SER B 570 -26.09 -31.75 34.96
CA SER B 570 -24.67 -31.34 34.99
C SER B 570 -24.10 -31.20 33.61
N HIS B 571 -23.03 -30.39 33.56
CA HIS B 571 -22.23 -30.18 32.39
C HIS B 571 -23.05 -29.91 31.16
N ASN B 572 -24.11 -29.14 31.32
CA ASN B 572 -24.91 -28.72 30.19
C ASN B 572 -24.56 -27.31 29.78
N ASN B 573 -23.76 -26.62 30.58
CA ASN B 573 -23.30 -25.34 30.16
C ASN B 573 -24.46 -24.37 30.06
N ILE B 574 -25.40 -24.48 31.00
CA ILE B 574 -26.58 -23.67 30.92
C ILE B 574 -26.26 -22.26 31.40
N TYR B 575 -26.64 -21.29 30.58
CA TYR B 575 -26.47 -19.92 30.93
C TYR B 575 -27.58 -19.02 30.46
N THR B 576 -28.53 -19.59 29.75
CA THR B 576 -29.66 -18.84 29.23
C THR B 576 -30.82 -19.76 28.92
N LEU B 577 -32.02 -19.34 29.32
CA LEU B 577 -33.28 -20.11 29.09
C LEU B 577 -34.36 -19.24 28.47
N THR B 578 -35.35 -19.86 27.83
CA THR B 578 -36.36 -19.11 27.02
C THR B 578 -37.73 -18.95 27.76
N ASP B 579 -38.19 -17.70 27.90
CA ASP B 579 -39.51 -17.38 28.53
C ASP B 579 -39.58 -17.63 30.03
N LYS B 580 -39.41 -18.89 30.45
CA LYS B 580 -39.45 -19.23 31.85
C LYS B 580 -38.04 -19.44 32.38
N TYR B 581 -37.74 -18.75 33.44
CA TYR B 581 -36.42 -18.64 33.92
C TYR B 581 -36.23 -19.44 35.21
N ASN B 582 -37.28 -20.12 35.66
CA ASN B 582 -37.23 -20.85 36.94
C ASN B 582 -37.51 -22.29 36.79
N LEU B 583 -36.78 -23.11 37.56
CA LEU B 583 -37.05 -24.54 37.60
C LEU B 583 -38.11 -24.83 38.64
N GLU B 584 -39.05 -25.71 38.32
CA GLU B 584 -40.21 -25.92 39.21
C GLU B 584 -40.71 -27.35 39.29
N SER B 585 -40.86 -27.81 40.54
CA SER B 585 -41.37 -29.13 40.85
C SER B 585 -41.75 -29.21 42.33
N LYS B 586 -42.87 -29.87 42.60
CA LYS B 586 -43.36 -30.08 43.96
C LYS B 586 -42.85 -31.38 44.43
N SER B 587 -42.25 -32.10 43.50
CA SER B 587 -41.80 -33.45 43.70
C SER B 587 -40.32 -33.49 44.07
N LEU B 588 -39.51 -32.76 43.29
CA LEU B 588 -38.09 -33.00 43.21
C LEU B 588 -37.35 -32.89 44.52
N VAL B 589 -36.55 -33.92 44.79
CA VAL B 589 -35.75 -34.06 45.99
C VAL B 589 -34.33 -33.63 45.74
N GLU B 590 -33.80 -33.95 44.56
CA GLU B 590 -32.37 -33.74 44.24
C GLU B 590 -32.15 -33.17 42.85
N LEU B 591 -31.49 -32.01 42.81
CA LEU B 591 -31.08 -31.40 41.56
C LEU B 591 -29.55 -31.28 41.50
N VAL B 592 -28.94 -31.98 40.53
CA VAL B 592 -27.51 -31.81 40.21
C VAL B 592 -27.34 -30.75 39.08
N PHE B 593 -26.69 -29.62 39.37
CA PHE B 593 -26.59 -28.49 38.41
C PHE B 593 -25.14 -28.04 38.27
N SER B 594 -24.20 -28.93 38.54
CA SER B 594 -22.78 -28.57 38.43
C SER B 594 -22.38 -28.48 36.96
N GLY B 595 -21.37 -27.65 36.65
CA GLY B 595 -20.85 -27.58 35.27
C GLY B 595 -21.79 -26.84 34.34
N ASN B 596 -22.43 -25.84 34.91
CA ASN B 596 -23.27 -24.95 34.19
C ASN B 596 -22.73 -23.57 34.52
N ARG B 597 -23.47 -22.53 34.19
CA ARG B 597 -22.94 -21.19 34.23
C ARG B 597 -23.73 -20.23 35.14
N LEU B 598 -23.93 -20.61 36.39
CA LEU B 598 -24.58 -19.69 37.34
C LEU B 598 -23.87 -18.36 37.43
N ASP B 599 -22.57 -18.32 37.14
CA ASP B 599 -21.85 -17.05 37.15
C ASP B 599 -22.47 -16.08 36.14
N ILE B 600 -22.91 -16.58 35.00
CA ILE B 600 -23.67 -15.78 34.08
C ILE B 600 -25.13 -15.63 34.54
N LEU B 601 -25.79 -16.72 34.87
CA LEU B 601 -27.19 -16.63 35.26
C LEU B 601 -27.43 -15.55 36.34
N TRP B 602 -26.58 -15.58 37.35
CA TRP B 602 -26.69 -14.71 38.51
C TRP B 602 -25.75 -13.49 38.41
N ASN B 603 -25.37 -13.12 37.20
CA ASN B 603 -24.60 -11.90 36.97
C ASN B 603 -25.28 -10.70 37.64
N ASP B 604 -24.49 -9.74 38.12
CA ASP B 604 -25.06 -8.60 38.89
C ASP B 604 -26.03 -7.70 38.10
N ASP B 605 -25.85 -7.64 36.78
CA ASP B 605 -26.60 -6.77 35.89
C ASP B 605 -27.83 -7.47 35.33
N ASP B 606 -28.19 -8.62 35.87
CA ASP B 606 -29.37 -9.34 35.38
C ASP B 606 -30.16 -9.94 36.57
N ASN B 607 -31.47 -9.74 36.56
CA ASN B 607 -32.33 -10.15 37.65
C ASN B 607 -33.06 -11.44 37.37
N ARG B 608 -33.08 -11.85 36.11
CA ARG B 608 -34.12 -12.75 35.68
C ARG B 608 -34.09 -14.08 36.39
N TYR B 609 -32.90 -14.57 36.75
CA TYR B 609 -32.76 -15.93 37.31
C TYR B 609 -32.44 -15.96 38.80
N ILE B 610 -32.85 -14.91 39.48
CA ILE B 610 -32.56 -14.77 40.88
C ILE B 610 -33.40 -15.75 41.76
N SER B 611 -34.51 -16.28 41.21
CA SER B 611 -35.37 -17.29 41.90
C SER B 611 -35.39 -18.63 41.15
N ILE B 612 -34.29 -18.94 40.49
CA ILE B 612 -34.21 -20.09 39.58
C ILE B 612 -34.51 -21.44 40.25
N PHE B 613 -34.11 -21.60 41.51
CA PHE B 613 -34.30 -22.89 42.19
C PHE B 613 -35.45 -22.89 43.18
N LYS B 614 -36.03 -21.72 43.45
CA LYS B 614 -36.96 -21.53 44.55
C LYS B 614 -38.23 -22.38 44.43
N GLY B 615 -38.74 -22.53 43.22
CA GLY B 615 -39.91 -23.35 43.00
C GLY B 615 -39.63 -24.83 43.05
N LEU B 616 -38.50 -25.22 43.65
CA LEU B 616 -38.23 -26.64 43.92
C LEU B 616 -38.54 -26.92 45.38
N LYS B 617 -39.84 -26.98 45.67
CA LYS B 617 -40.31 -26.82 47.03
C LYS B 617 -39.95 -28.02 47.91
N ASN B 618 -39.72 -29.17 47.29
CA ASN B 618 -39.44 -30.40 48.01
C ASN B 618 -37.96 -30.75 48.05
N LEU B 619 -37.07 -29.80 47.77
CA LEU B 619 -35.68 -30.10 47.45
C LEU B 619 -34.89 -30.25 48.73
N THR B 620 -34.05 -31.27 48.82
CA THR B 620 -33.12 -31.42 49.95
C THR B 620 -31.66 -31.40 49.56
N ARG B 621 -31.36 -31.81 48.33
CA ARG B 621 -30.01 -31.95 47.88
C ARG B 621 -29.82 -31.12 46.62
N LEU B 622 -28.92 -30.14 46.69
CA LEU B 622 -28.62 -29.27 45.58
C LEU B 622 -27.13 -29.21 45.35
N ASP B 623 -26.72 -29.36 44.09
CA ASP B 623 -25.30 -29.29 43.76
C ASP B 623 -24.98 -28.20 42.77
N LEU B 624 -24.27 -27.19 43.24
CA LEU B 624 -23.97 -26.02 42.44
C LEU B 624 -22.48 -25.94 42.15
N SER B 625 -21.79 -27.07 42.15
CA SER B 625 -20.35 -27.04 42.01
C SER B 625 -19.99 -26.63 40.60
N LEU B 626 -18.74 -26.21 40.39
CA LEU B 626 -18.20 -25.98 39.04
C LEU B 626 -19.10 -25.06 38.24
N ASN B 627 -19.65 -24.02 38.86
CA ASN B 627 -20.42 -23.04 38.10
C ASN B 627 -19.68 -21.75 37.94
N ARG B 628 -18.40 -21.75 38.21
CA ARG B 628 -17.56 -20.57 37.96
C ARG B 628 -17.98 -19.33 38.77
N LEU B 629 -18.50 -19.57 39.97
CA LEU B 629 -18.98 -18.48 40.83
C LEU B 629 -17.84 -17.80 41.58
N LYS B 630 -17.74 -16.49 41.44
CA LYS B 630 -16.90 -15.67 42.33
C LYS B 630 -17.69 -15.07 43.47
N HIS B 631 -18.93 -14.73 43.23
CA HIS B 631 -19.83 -14.31 44.30
C HIS B 631 -21.22 -14.84 44.05
N ILE B 632 -22.02 -14.93 45.11
CA ILE B 632 -23.42 -15.30 44.97
C ILE B 632 -24.25 -14.17 45.53
N PRO B 633 -25.16 -13.65 44.72
CA PRO B 633 -25.91 -12.52 45.20
C PRO B 633 -26.76 -12.89 46.41
N ASN B 634 -26.77 -12.03 47.41
CA ASN B 634 -27.52 -12.31 48.61
C ASN B 634 -28.96 -12.71 48.32
N GLU B 635 -29.65 -11.97 47.44
CA GLU B 635 -31.05 -12.33 47.13
C GLU B 635 -31.12 -13.74 46.51
N ALA B 636 -30.16 -14.05 45.66
CA ALA B 636 -30.10 -15.35 45.01
C ALA B 636 -29.94 -16.46 46.03
N PHE B 637 -28.96 -16.32 46.92
CA PHE B 637 -28.75 -17.32 47.99
C PHE B 637 -29.96 -17.49 48.88
N LEU B 638 -30.53 -16.36 49.31
CA LEU B 638 -31.78 -16.39 50.07
C LEU B 638 -32.88 -17.09 49.36
N ASN B 639 -32.85 -17.10 48.03
CA ASN B 639 -33.95 -17.70 47.25
C ASN B 639 -33.82 -19.21 46.97
N LEU B 640 -32.81 -19.86 47.56
CA LEU B 640 -32.67 -21.31 47.49
C LEU B 640 -33.67 -21.96 48.41
N PRO B 641 -34.12 -23.19 48.08
CA PRO B 641 -35.22 -23.81 48.85
C PRO B 641 -34.92 -24.01 50.33
N ALA B 642 -35.91 -23.78 51.18
CA ALA B 642 -35.66 -23.72 52.62
C ALA B 642 -35.63 -25.10 53.16
N SER B 643 -36.08 -26.06 52.36
CA SER B 643 -36.03 -27.47 52.73
C SER B 643 -34.66 -28.15 52.55
N LEU B 644 -33.65 -27.42 52.06
CA LEU B 644 -32.36 -28.01 51.80
C LEU B 644 -31.74 -28.55 53.06
N THR B 645 -31.38 -29.83 53.00
CA THR B 645 -30.50 -30.42 53.97
C THR B 645 -29.06 -30.54 53.46
N GLU B 646 -28.86 -30.41 52.16
CA GLU B 646 -27.52 -30.63 51.57
C GLU B 646 -27.18 -29.62 50.44
N LEU B 647 -26.06 -28.91 50.57
CA LEU B 647 -25.68 -27.90 49.59
C LEU B 647 -24.21 -27.96 49.30
N HIS B 648 -23.88 -28.13 48.00
CA HIS B 648 -22.52 -28.11 47.55
C HIS B 648 -22.28 -26.92 46.68
N ILE B 649 -21.27 -26.15 47.01
CA ILE B 649 -20.87 -25.08 46.16
C ILE B 649 -19.39 -25.18 45.98
N ASN B 650 -18.92 -26.42 45.89
CA ASN B 650 -17.49 -26.71 45.86
C ASN B 650 -16.94 -26.49 44.46
N ASP B 651 -15.63 -26.31 44.38
CA ASP B 651 -14.96 -26.09 43.10
C ASP B 651 -15.61 -24.99 42.29
N ASN B 652 -15.83 -23.86 42.91
CA ASN B 652 -16.18 -22.64 42.20
C ASN B 652 -15.02 -21.72 42.44
N MET B 653 -15.25 -20.42 42.56
CA MET B 653 -14.16 -19.49 42.89
C MET B 653 -14.63 -18.43 43.87
N LEU B 654 -15.28 -18.84 44.95
CA LEU B 654 -15.83 -17.89 45.92
C LEU B 654 -14.74 -17.31 46.79
N LYS B 655 -14.59 -16.00 46.75
CA LYS B 655 -13.72 -15.28 47.68
C LYS B 655 -14.45 -14.89 48.98
N PHE B 656 -15.76 -14.67 48.93
CA PHE B 656 -16.50 -14.36 50.13
C PHE B 656 -17.76 -15.24 50.20
N PHE B 657 -18.28 -15.46 51.42
CA PHE B 657 -19.55 -16.18 51.64
C PHE B 657 -20.35 -15.49 52.76
N ASN B 658 -21.63 -15.20 52.51
CA ASN B 658 -22.45 -14.57 53.56
C ASN B 658 -23.00 -15.60 54.55
N TRP B 659 -22.23 -15.87 55.60
CA TRP B 659 -22.66 -16.83 56.66
C TRP B 659 -23.95 -16.48 57.34
N THR B 660 -24.23 -15.19 57.51
CA THR B 660 -25.49 -14.78 58.16
C THR B 660 -26.72 -15.38 57.45
N LEU B 661 -26.58 -15.73 56.17
CA LEU B 661 -27.75 -16.13 55.38
C LEU B 661 -28.22 -17.54 55.72
N LEU B 662 -27.44 -18.27 56.54
CA LEU B 662 -27.81 -19.65 56.91
C LEU B 662 -28.98 -19.74 57.88
N GLN B 663 -29.37 -18.59 58.42
CA GLN B 663 -30.58 -18.44 59.24
C GLN B 663 -31.84 -18.82 58.47
N GLN B 664 -31.84 -18.73 57.15
CA GLN B 664 -33.04 -19.12 56.38
C GLN B 664 -33.09 -20.60 55.97
N PHE B 665 -32.11 -21.38 56.42
CA PHE B 665 -31.98 -22.78 56.00
C PHE B 665 -31.87 -23.66 57.25
N PRO B 666 -33.01 -23.87 57.93
CA PRO B 666 -33.09 -24.48 59.26
C PRO B 666 -32.94 -25.99 59.29
N ARG B 667 -33.03 -26.63 58.13
CA ARG B 667 -32.78 -28.06 58.00
C ARG B 667 -31.40 -28.37 57.41
N LEU B 668 -30.60 -27.36 57.11
CA LEU B 668 -29.36 -27.58 56.38
C LEU B 668 -28.37 -28.36 57.26
N GLU B 669 -28.04 -29.59 56.85
CA GLU B 669 -27.08 -30.43 57.60
C GLU B 669 -25.68 -30.43 57.03
N LEU B 670 -25.54 -30.31 55.70
CA LEU B 670 -24.21 -30.37 55.05
C LEU B 670 -23.96 -29.20 54.11
N LEU B 671 -22.95 -28.42 54.44
CA LEU B 671 -22.51 -27.34 53.59
C LEU B 671 -21.09 -27.58 53.17
N ASP B 672 -20.88 -27.63 51.85
CA ASP B 672 -19.60 -28.03 51.22
C ASP B 672 -19.08 -26.82 50.43
N LEU B 673 -18.06 -26.15 50.97
CA LEU B 673 -17.47 -25.02 50.27
C LEU B 673 -16.04 -25.30 49.83
N ARG B 674 -15.71 -26.57 49.61
CA ARG B 674 -14.34 -26.94 49.23
C ARG B 674 -13.95 -26.42 47.87
N GLY B 675 -12.68 -26.08 47.72
CA GLY B 675 -12.12 -25.70 46.40
C GLY B 675 -12.64 -24.34 45.96
N ASN B 676 -12.40 -23.34 46.80
CA ASN B 676 -12.86 -21.98 46.55
C ASN B 676 -11.74 -21.07 46.99
N LYS B 677 -12.00 -19.81 47.19
CA LYS B 677 -10.94 -18.88 47.57
C LYS B 677 -11.28 -18.09 48.84
N LEU B 678 -12.01 -18.74 49.74
CA LEU B 678 -12.44 -18.10 50.98
C LEU B 678 -11.24 -17.78 51.87
N LEU B 679 -11.31 -16.59 52.46
CA LEU B 679 -10.20 -15.98 53.18
C LEU B 679 -10.45 -15.84 54.69
N PHE B 680 -11.71 -15.96 55.13
CA PHE B 680 -12.01 -16.08 56.56
C PHE B 680 -13.41 -16.63 56.85
N LEU B 681 -13.57 -17.25 58.02
CA LEU B 681 -14.88 -17.70 58.48
C LEU B 681 -15.49 -16.64 59.32
N THR B 682 -16.81 -16.70 59.43
CA THR B 682 -17.50 -15.87 60.40
C THR B 682 -17.15 -16.34 61.82
N ASP B 683 -17.02 -15.39 62.74
CA ASP B 683 -16.72 -15.75 64.12
C ASP B 683 -17.98 -15.96 64.91
N SER B 684 -19.10 -15.99 64.22
CA SER B 684 -20.42 -15.95 64.85
C SER B 684 -21.32 -17.11 64.37
N LEU B 685 -20.74 -18.28 64.14
CA LEU B 685 -21.47 -19.37 63.47
C LEU B 685 -22.73 -19.84 64.22
N SER B 686 -22.60 -19.96 65.54
CA SER B 686 -23.72 -20.38 66.40
C SER B 686 -24.94 -19.46 66.21
N ASP B 687 -24.65 -18.22 65.81
CA ASP B 687 -25.69 -17.24 65.58
C ASP B 687 -26.51 -17.51 64.33
N PHE B 688 -25.95 -18.28 63.37
CA PHE B 688 -26.63 -18.44 62.09
C PHE B 688 -27.19 -19.82 61.81
N THR B 689 -26.76 -20.84 62.55
CA THR B 689 -27.33 -22.19 62.35
C THR B 689 -27.41 -23.00 63.65
N SER B 690 -28.52 -23.76 63.80
CA SER B 690 -28.68 -24.76 64.89
C SER B 690 -28.57 -26.22 64.39
N SER B 691 -28.40 -26.41 63.08
CA SER B 691 -28.68 -27.71 62.41
C SER B 691 -27.49 -28.39 61.72
N LEU B 692 -26.41 -27.64 61.51
CA LEU B 692 -25.34 -27.99 60.58
C LEU B 692 -24.43 -29.02 61.19
N ARG B 693 -24.27 -30.17 60.53
CA ARG B 693 -23.46 -31.27 61.07
C ARG B 693 -22.10 -31.35 60.39
N THR B 694 -22.08 -31.17 59.07
CA THR B 694 -20.81 -31.25 58.30
C THR B 694 -20.51 -29.96 57.53
N LEU B 695 -19.31 -29.43 57.72
CA LEU B 695 -18.86 -28.24 57.00
C LEU B 695 -17.55 -28.57 56.36
N LEU B 696 -17.51 -28.49 55.02
CA LEU B 696 -16.32 -28.81 54.24
C LEU B 696 -15.69 -27.55 53.65
N LEU B 697 -14.50 -27.22 54.14
CA LEU B 697 -13.78 -26.04 53.70
C LEU B 697 -12.39 -26.32 53.15
N SER B 698 -12.12 -27.58 52.82
CA SER B 698 -10.85 -27.96 52.21
C SER B 698 -10.53 -27.08 51.03
N HIS B 699 -9.25 -26.78 50.86
CA HIS B 699 -8.75 -26.03 49.70
C HIS B 699 -9.40 -24.69 49.57
N ASN B 700 -9.04 -23.84 50.51
CA ASN B 700 -9.43 -22.45 50.50
C ASN B 700 -8.25 -21.71 51.03
N ARG B 701 -8.42 -20.46 51.42
CA ARG B 701 -7.32 -19.70 51.96
C ARG B 701 -7.57 -19.20 53.37
N ILE B 702 -8.29 -19.98 54.18
CA ILE B 702 -8.44 -19.60 55.58
C ILE B 702 -7.05 -19.62 56.24
N SER B 703 -6.72 -18.53 56.95
CA SER B 703 -5.44 -18.44 57.68
C SER B 703 -5.58 -18.09 59.16
N HIS B 704 -6.81 -17.88 59.60
CA HIS B 704 -7.08 -17.71 61.02
C HIS B 704 -8.42 -18.35 61.36
N LEU B 705 -8.42 -19.16 62.39
CA LEU B 705 -9.65 -19.66 62.93
C LEU B 705 -10.22 -18.61 63.87
N PRO B 706 -11.47 -18.16 63.60
CA PRO B 706 -12.12 -17.25 64.52
C PRO B 706 -12.07 -17.71 65.96
N SER B 707 -12.29 -16.77 66.88
CA SER B 707 -12.24 -17.08 68.29
C SER B 707 -13.51 -17.79 68.72
N GLY B 708 -13.33 -18.86 69.48
CA GLY B 708 -14.45 -19.65 69.99
C GLY B 708 -15.10 -20.53 68.94
N PHE B 709 -14.40 -20.76 67.82
CA PHE B 709 -14.91 -21.61 66.73
C PHE B 709 -14.77 -23.04 67.19
N LEU B 710 -15.41 -23.97 66.48
CA LEU B 710 -15.36 -25.40 66.82
C LEU B 710 -16.00 -25.68 68.18
N SER B 711 -16.57 -24.65 68.80
CA SER B 711 -17.42 -24.82 69.98
C SER B 711 -18.60 -23.87 69.93
N GLU B 712 -18.86 -23.33 68.75
CA GLU B 712 -19.99 -22.44 68.56
C GLU B 712 -21.24 -23.34 68.53
N VAL B 713 -21.19 -24.41 67.71
CA VAL B 713 -22.37 -25.23 67.40
C VAL B 713 -22.29 -26.64 67.99
N SER B 714 -23.43 -27.09 68.54
CA SER B 714 -23.53 -28.41 69.14
C SER B 714 -23.62 -29.48 68.05
N SER B 715 -24.44 -29.18 67.04
CA SER B 715 -24.75 -30.13 65.96
C SER B 715 -23.56 -30.51 65.08
N LEU B 716 -22.46 -29.74 65.16
CA LEU B 716 -21.35 -29.87 64.21
C LEU B 716 -20.38 -31.04 64.50
N LYS B 717 -20.59 -32.17 63.82
CA LYS B 717 -19.79 -33.37 64.05
C LYS B 717 -18.51 -33.37 63.25
N HIS B 718 -18.55 -32.77 62.08
CA HIS B 718 -17.47 -32.92 61.08
C HIS B 718 -17.06 -31.54 60.51
N LEU B 719 -15.81 -31.17 60.75
CA LEU B 719 -15.20 -29.94 60.21
C LEU B 719 -13.95 -30.26 59.42
N ASP B 720 -13.95 -29.91 58.14
CA ASP B 720 -12.80 -30.22 57.30
C ASP B 720 -12.11 -28.94 56.92
N LEU B 721 -10.91 -28.73 57.46
CA LEU B 721 -10.09 -27.54 57.16
C LEU B 721 -8.73 -27.98 56.62
N SER B 722 -8.69 -29.13 55.96
CA SER B 722 -7.43 -29.57 55.37
C SER B 722 -7.03 -28.64 54.26
N SER B 723 -5.76 -28.69 53.88
CA SER B 723 -5.20 -27.81 52.85
C SER B 723 -5.83 -26.41 52.81
N ASN B 724 -5.66 -25.67 53.91
CA ASN B 724 -5.89 -24.24 53.95
C ASN B 724 -4.56 -23.57 54.28
N LEU B 725 -4.59 -22.34 54.80
CA LEU B 725 -3.36 -21.60 55.12
C LEU B 725 -3.16 -21.34 56.62
N LEU B 726 -3.56 -22.28 57.47
CA LEU B 726 -3.42 -22.11 58.92
C LEU B 726 -1.98 -22.37 59.37
N LYS B 727 -1.38 -21.37 60.02
CA LYS B 727 -0.03 -21.50 60.59
C LYS B 727 -0.04 -21.94 62.05
N THR B 728 -1.10 -21.59 62.77
CA THR B 728 -1.25 -21.92 64.21
C THR B 728 -2.73 -22.02 64.53
N ILE B 729 -3.05 -22.64 65.66
CA ILE B 729 -4.34 -22.43 66.30
C ILE B 729 -4.13 -22.11 67.78
N ASN B 730 -4.78 -21.05 68.24
CA ASN B 730 -4.59 -20.55 69.59
C ASN B 730 -5.76 -20.98 70.46
N LYS B 731 -5.63 -20.80 71.77
CA LYS B 731 -6.66 -21.26 72.72
C LYS B 731 -8.02 -20.61 72.46
N SER B 732 -8.01 -19.43 71.83
CA SER B 732 -9.22 -18.70 71.47
C SER B 732 -10.31 -19.63 70.93
N ALA B 733 -9.97 -20.46 69.95
CA ALA B 733 -10.92 -21.40 69.35
C ALA B 733 -10.96 -22.72 70.12
N LEU B 734 -10.12 -22.82 71.15
CA LEU B 734 -10.07 -23.98 72.02
C LEU B 734 -10.79 -23.73 73.35
N GLU B 735 -11.67 -22.72 73.36
CA GLU B 735 -12.93 -22.76 74.12
C GLU B 735 -13.91 -23.30 73.05
N THR B 736 -14.36 -24.57 73.13
CA THR B 736 -14.54 -25.40 74.34
C THR B 736 -15.37 -24.78 75.48
N LYS B 737 -16.40 -24.02 75.07
CA LYS B 737 -17.52 -23.64 75.95
C LYS B 737 -18.75 -24.36 75.42
N THR B 738 -19.70 -24.68 76.32
CA THR B 738 -20.88 -25.53 76.03
C THR B 738 -20.49 -26.95 75.59
N THR B 739 -21.45 -27.70 75.04
CA THR B 739 -21.17 -29.06 74.58
C THR B 739 -21.28 -29.19 73.04
N THR B 740 -20.27 -29.83 72.45
CA THR B 740 -20.21 -30.02 70.99
C THR B 740 -20.19 -31.50 70.63
N LYS B 741 -20.89 -31.86 69.55
CA LYS B 741 -20.83 -33.21 69.04
C LYS B 741 -19.62 -33.42 68.10
N LEU B 742 -18.63 -32.53 68.20
CA LEU B 742 -17.46 -32.56 67.35
C LEU B 742 -16.73 -33.89 67.45
N SER B 743 -16.46 -34.47 66.30
CA SER B 743 -16.19 -35.87 66.18
C SER B 743 -15.03 -36.13 65.23
N MET B 744 -15.01 -35.43 64.09
CA MET B 744 -13.86 -35.47 63.16
C MET B 744 -13.46 -34.06 62.79
N LEU B 745 -12.16 -33.84 62.76
CA LEU B 745 -11.60 -32.53 62.46
C LEU B 745 -10.35 -32.71 61.62
N GLU B 746 -10.43 -32.29 60.33
CA GLU B 746 -9.36 -32.49 59.38
C GLU B 746 -8.49 -31.25 59.29
N LEU B 747 -7.19 -31.43 59.36
CA LEU B 747 -6.26 -30.32 59.29
C LEU B 747 -5.02 -30.61 58.44
N HIS B 748 -4.96 -31.77 57.77
CA HIS B 748 -3.79 -32.07 56.91
C HIS B 748 -3.61 -31.01 55.85
N GLY B 749 -2.36 -30.60 55.64
CA GLY B 749 -2.04 -29.74 54.49
C GLY B 749 -1.94 -28.25 54.77
N ASN B 750 -2.14 -27.84 56.01
CA ASN B 750 -1.91 -26.45 56.38
C ASN B 750 -0.46 -26.24 56.68
N PRO B 751 0.03 -25.01 56.53
CA PRO B 751 1.44 -24.69 56.71
C PRO B 751 1.81 -24.34 58.17
N PHE B 752 1.50 -25.23 59.12
CA PHE B 752 1.72 -24.93 60.55
C PHE B 752 3.13 -24.53 60.86
N GLU B 753 3.24 -23.45 61.61
CA GLU B 753 4.51 -22.95 62.14
C GLU B 753 4.69 -23.56 63.56
N CYS B 754 5.73 -24.40 63.71
CA CYS B 754 5.88 -25.27 64.89
C CYS B 754 6.81 -24.68 65.97
N THR B 755 6.17 -23.99 66.91
CA THR B 755 6.82 -23.33 68.05
C THR B 755 5.84 -23.46 69.23
N CYS B 756 6.21 -22.90 70.38
CA CYS B 756 5.34 -22.92 71.57
C CYS B 756 3.91 -22.46 71.27
N ASP B 757 3.76 -21.57 70.30
CA ASP B 757 2.44 -21.08 69.89
C ASP B 757 1.46 -22.20 69.58
N ILE B 758 1.99 -23.33 69.12
CA ILE B 758 1.15 -24.51 68.86
C ILE B 758 0.76 -25.22 70.16
N GLY B 759 1.74 -25.34 71.08
CA GLY B 759 1.60 -26.13 72.31
C GLY B 759 0.21 -26.20 72.91
N ASP B 760 -0.48 -25.06 72.93
CA ASP B 760 -1.86 -25.00 73.38
C ASP B 760 -2.72 -26.01 72.63
N PHE B 761 -2.59 -26.02 71.31
CA PHE B 761 -3.43 -26.86 70.46
C PHE B 761 -3.08 -28.32 70.58
N ARG B 762 -1.78 -28.62 70.47
CA ARG B 762 -1.28 -29.97 70.78
C ARG B 762 -1.82 -30.48 72.12
N ARG B 763 -1.81 -29.61 73.12
CA ARG B 763 -2.39 -29.93 74.42
C ARG B 763 -3.87 -30.24 74.25
N TRP B 764 -4.58 -29.40 73.50
CA TRP B 764 -6.01 -29.60 73.21
C TRP B 764 -6.33 -30.96 72.58
N MET B 765 -5.50 -31.38 71.62
CA MET B 765 -5.66 -32.69 70.98
C MET B 765 -5.67 -33.74 72.05
N ASP B 766 -4.61 -33.75 72.86
CA ASP B 766 -4.46 -34.66 73.98
C ASP B 766 -5.71 -34.68 74.86
N GLU B 767 -6.23 -33.50 75.17
CA GLU B 767 -7.36 -33.37 76.08
C GLU B 767 -8.74 -33.71 75.46
N HIS B 768 -8.80 -33.91 74.15
CA HIS B 768 -10.01 -34.44 73.49
C HIS B 768 -9.62 -35.50 72.47
N LEU B 769 -9.63 -36.77 72.87
CA LEU B 769 -9.25 -37.87 71.94
C LEU B 769 -10.44 -38.37 71.14
N ASN B 770 -11.64 -38.13 71.67
CA ASN B 770 -12.90 -38.46 70.98
C ASN B 770 -13.15 -37.62 69.69
N VAL B 771 -12.24 -36.68 69.41
CA VAL B 771 -12.24 -35.93 68.17
C VAL B 771 -11.17 -36.51 67.27
N LYS B 772 -11.61 -37.27 66.27
CA LYS B 772 -10.71 -37.98 65.39
C LYS B 772 -10.06 -36.97 64.47
N ILE B 773 -8.77 -37.16 64.20
CA ILE B 773 -8.03 -36.25 63.36
C ILE B 773 -7.17 -37.07 62.44
N PRO B 774 -7.68 -37.39 61.22
CA PRO B 774 -7.04 -38.36 60.36
C PRO B 774 -5.69 -37.89 59.84
N ARG B 775 -4.92 -38.82 59.28
CA ARG B 775 -3.73 -38.50 58.49
C ARG B 775 -2.70 -37.67 59.23
N LEU B 776 -2.56 -37.91 60.54
CA LEU B 776 -1.61 -37.16 61.37
C LEU B 776 -0.23 -37.06 60.72
N VAL B 777 0.15 -38.12 60.01
CA VAL B 777 1.36 -38.08 59.17
C VAL B 777 1.46 -36.82 58.35
N ASP B 778 0.33 -36.42 57.76
CA ASP B 778 0.30 -35.33 56.78
C ASP B 778 0.01 -33.96 57.41
N VAL B 779 -0.29 -33.94 58.70
CA VAL B 779 -0.38 -32.68 59.44
C VAL B 779 1.02 -32.23 59.76
N ILE B 780 1.60 -31.45 58.85
CA ILE B 780 3.02 -31.21 58.78
C ILE B 780 3.35 -29.78 59.25
N CYS B 781 4.54 -29.60 59.81
CA CYS B 781 5.07 -28.25 60.06
C CYS B 781 5.70 -27.70 58.80
N ALA B 782 5.34 -26.47 58.42
CA ALA B 782 6.01 -25.77 57.32
C ALA B 782 7.19 -24.97 57.86
N SER B 783 7.19 -24.76 59.16
CA SER B 783 8.10 -23.83 59.80
C SER B 783 8.31 -24.25 61.28
N PRO B 784 9.50 -24.02 61.84
CA PRO B 784 10.67 -23.46 61.13
C PRO B 784 11.55 -24.56 60.51
N GLY B 785 12.79 -24.21 60.17
CA GLY B 785 13.71 -25.11 59.47
C GLY B 785 13.88 -26.48 60.12
N ASP B 786 14.19 -26.49 61.41
CA ASP B 786 14.36 -27.74 62.14
C ASP B 786 13.13 -28.68 61.96
N GLN B 787 11.92 -28.12 62.15
CA GLN B 787 10.71 -28.94 62.22
C GLN B 787 10.12 -29.28 60.85
N ARG B 788 10.71 -28.74 59.80
CA ARG B 788 10.21 -28.93 58.44
C ARG B 788 9.90 -30.39 58.13
N GLY B 789 8.77 -30.61 57.44
CA GLY B 789 8.51 -31.89 56.81
C GLY B 789 8.01 -32.99 57.73
N LYS B 790 7.94 -32.71 59.03
CA LYS B 790 7.51 -33.72 59.98
C LYS B 790 6.22 -33.32 60.71
N SER B 791 5.44 -34.33 61.08
CA SER B 791 4.19 -34.12 61.77
C SER B 791 4.31 -33.16 62.94
N ILE B 792 3.19 -32.56 63.31
CA ILE B 792 3.13 -31.65 64.44
C ILE B 792 3.10 -32.46 65.72
N VAL B 793 2.59 -33.67 65.61
CA VAL B 793 2.54 -34.57 66.74
C VAL B 793 3.96 -34.91 67.28
N SER B 794 4.94 -35.02 66.39
CA SER B 794 6.28 -35.46 66.79
C SER B 794 7.20 -34.29 67.15
N LEU B 795 6.77 -33.46 68.10
CA LEU B 795 7.64 -32.45 68.69
C LEU B 795 7.60 -32.52 70.22
N GLU B 796 8.35 -31.65 70.90
CA GLU B 796 8.31 -31.52 72.36
C GLU B 796 9.00 -30.24 72.80
N LEU B 797 8.74 -29.81 74.03
CA LEU B 797 9.54 -28.75 74.72
C LEU B 797 11.05 -28.86 74.49
N ARG C 10 33.75 -3.05 -20.35
CA ARG C 10 32.90 -1.82 -20.47
C ARG C 10 31.92 -1.92 -21.65
N SER C 11 30.65 -1.59 -21.40
CA SER C 11 29.59 -1.79 -22.38
C SER C 11 29.92 -1.17 -23.73
N TYR C 12 29.59 -1.89 -24.80
CA TYR C 12 29.57 -1.33 -26.15
C TYR C 12 28.66 -2.20 -27.04
N PRO C 13 27.85 -1.62 -27.94
CA PRO C 13 27.61 -0.16 -28.06
C PRO C 13 26.66 0.43 -26.99
N CYS C 14 25.90 -0.44 -26.33
CA CYS C 14 24.83 -0.05 -25.42
C CYS C 14 25.34 0.55 -24.10
N ASP C 15 24.42 0.79 -23.16
CA ASP C 15 24.75 1.17 -21.78
C ASP C 15 24.07 0.20 -20.80
N GLU C 16 24.84 -0.34 -19.86
CA GLU C 16 24.34 -1.40 -18.98
C GLU C 16 23.98 -0.89 -17.57
N LYS C 17 22.89 -1.39 -17.01
CA LYS C 17 22.47 -1.06 -15.62
C LYS C 17 21.89 -2.30 -14.91
N LYS C 18 21.25 -2.12 -13.75
CA LYS C 18 20.92 -3.26 -12.86
C LYS C 18 19.43 -3.38 -12.51
N GLN C 19 19.08 -4.53 -11.91
CA GLN C 19 17.71 -4.86 -11.47
C GLN C 19 16.81 -5.17 -12.66
N VAL C 23 18.79 -6.33 -15.19
CA VAL C 23 19.83 -5.64 -15.97
C VAL C 23 19.39 -5.36 -17.42
N ILE C 24 19.21 -4.06 -17.72
CA ILE C 24 18.74 -3.61 -19.04
C ILE C 24 19.93 -3.08 -19.85
N ALA C 25 19.85 -3.22 -21.17
CA ALA C 25 20.80 -2.56 -22.07
C ALA C 25 20.11 -1.49 -22.93
N GLU C 26 20.52 -0.25 -22.74
CA GLU C 26 20.02 0.87 -23.55
C GLU C 26 20.84 0.99 -24.82
N CYS C 27 20.27 0.59 -25.94
CA CYS C 27 21.00 0.59 -27.20
C CYS C 27 20.24 1.36 -28.26
N SER C 28 19.46 2.34 -27.81
CA SER C 28 18.57 3.07 -28.70
C SER C 28 19.24 4.30 -29.28
N ASN C 29 19.01 4.53 -30.57
CA ASN C 29 19.40 5.77 -31.20
C ASN C 29 20.92 5.87 -31.30
N ARG C 30 21.51 4.89 -31.97
CA ARG C 30 22.97 4.75 -32.08
C ARG C 30 23.43 4.39 -33.51
N ARG C 31 22.60 4.71 -34.49
CA ARG C 31 22.92 4.42 -35.88
C ARG C 31 23.40 2.96 -36.07
N LEU C 32 22.66 2.01 -35.51
CA LEU C 32 23.01 0.61 -35.67
C LEU C 32 22.51 0.07 -36.98
N GLN C 33 23.47 -0.29 -37.83
CA GLN C 33 23.19 -0.96 -39.11
C GLN C 33 22.50 -2.29 -38.85
N GLU C 34 22.91 -2.96 -37.76
CA GLU C 34 22.32 -4.25 -37.36
C GLU C 34 22.64 -4.55 -35.90
N VAL C 35 22.04 -5.62 -35.39
CA VAL C 35 22.11 -5.98 -33.98
C VAL C 35 23.56 -6.29 -33.53
N PRO C 36 24.10 -5.52 -32.56
CA PRO C 36 25.46 -5.77 -32.15
C PRO C 36 25.54 -7.03 -31.27
N GLN C 37 26.67 -7.75 -31.38
CA GLN C 37 26.93 -8.93 -30.55
C GLN C 37 27.66 -8.51 -29.28
N THR C 38 28.41 -7.41 -29.40
CA THR C 38 29.18 -6.79 -28.30
C THR C 38 28.45 -6.65 -26.97
N VAL C 39 27.14 -6.88 -26.99
CA VAL C 39 26.32 -6.80 -25.79
C VAL C 39 26.31 -8.13 -25.04
N GLY C 40 26.06 -8.06 -23.73
CA GLY C 40 25.67 -9.22 -22.95
C GLY C 40 26.86 -9.97 -22.39
N LYS C 41 26.72 -11.29 -22.19
CA LYS C 41 25.52 -12.05 -22.60
C LYS C 41 24.55 -12.20 -21.42
N TYR C 42 24.72 -11.38 -20.37
CA TYR C 42 24.01 -11.57 -19.09
C TYR C 42 22.99 -10.45 -18.81
N VAL C 43 22.33 -10.01 -19.89
CA VAL C 43 21.40 -8.87 -19.84
C VAL C 43 19.97 -9.35 -20.03
N THR C 44 19.05 -8.76 -19.27
CA THR C 44 17.65 -9.19 -19.24
C THR C 44 16.75 -8.47 -20.26
N GLU C 45 17.04 -7.19 -20.57
CA GLU C 45 16.12 -6.34 -21.33
C GLU C 45 16.85 -5.41 -22.30
N LEU C 46 16.55 -5.51 -23.59
CA LEU C 46 17.35 -4.81 -24.61
C LEU C 46 16.55 -3.85 -25.52
N ASP C 47 16.91 -2.56 -25.47
CA ASP C 47 16.28 -1.53 -26.29
C ASP C 47 17.15 -1.16 -27.49
N LEU C 48 16.67 -1.51 -28.68
CA LEU C 48 17.35 -1.16 -29.93
C LEU C 48 16.57 -0.14 -30.79
N SER C 49 15.51 0.43 -30.24
CA SER C 49 14.62 1.29 -31.04
C SER C 49 15.39 2.47 -31.66
N ASP C 50 14.88 2.93 -32.80
CA ASP C 50 15.44 4.11 -33.50
C ASP C 50 16.86 3.89 -34.03
N ASN C 51 17.02 2.84 -34.84
CA ASN C 51 18.30 2.55 -35.47
C ASN C 51 18.09 2.22 -36.94
N PHE C 52 19.11 1.66 -37.58
CA PHE C 52 19.04 1.36 -39.01
C PHE C 52 18.92 -0.13 -39.32
N ILE C 53 18.39 -0.91 -38.38
CA ILE C 53 18.34 -2.35 -38.57
C ILE C 53 17.27 -2.70 -39.61
N THR C 54 17.60 -3.63 -40.51
CA THR C 54 16.79 -3.94 -41.68
C THR C 54 16.36 -5.41 -41.75
N HIS C 55 17.00 -6.25 -40.93
CA HIS C 55 16.87 -7.71 -41.03
C HIS C 55 17.03 -8.36 -39.64
N ILE C 56 16.16 -9.31 -39.34
CA ILE C 56 16.25 -10.12 -38.12
C ILE C 56 16.03 -11.59 -38.45
N THR C 57 16.86 -12.46 -37.85
CA THR C 57 16.89 -13.89 -38.16
C THR C 57 17.11 -14.72 -36.90
N ASN C 58 16.98 -16.05 -37.05
CA ASN C 58 17.30 -16.98 -35.95
C ASN C 58 18.77 -16.92 -35.49
N GLU C 59 19.58 -16.11 -36.18
CA GLU C 59 20.98 -15.93 -35.81
C GLU C 59 21.21 -14.55 -35.17
N SER C 60 20.15 -13.74 -35.07
CA SER C 60 20.29 -12.32 -34.74
C SER C 60 20.63 -12.09 -33.28
N PHE C 61 19.96 -12.81 -32.39
CA PHE C 61 20.14 -12.65 -30.95
C PHE C 61 20.81 -13.88 -30.33
N GLN C 62 21.15 -14.86 -31.17
CA GLN C 62 21.68 -16.17 -30.74
C GLN C 62 22.51 -16.14 -29.44
N GLY C 63 23.37 -15.14 -29.28
CA GLY C 63 24.24 -15.04 -28.10
C GLY C 63 23.55 -15.17 -26.74
N LEU C 64 22.29 -14.72 -26.68
CA LEU C 64 21.54 -14.62 -25.40
C LEU C 64 20.15 -15.28 -25.51
N GLN C 65 19.90 -16.29 -24.68
CA GLN C 65 18.53 -16.85 -24.52
C GLN C 65 17.92 -16.38 -23.19
N ASN C 66 18.63 -15.48 -22.51
CA ASN C 66 18.20 -14.93 -21.23
C ASN C 66 17.52 -13.56 -21.40
N LEU C 67 17.32 -13.14 -22.65
CA LEU C 67 16.63 -11.88 -22.92
C LEU C 67 15.13 -12.00 -22.69
N THR C 68 14.64 -11.04 -21.93
CA THR C 68 13.30 -11.07 -21.40
C THR C 68 12.41 -10.03 -22.11
N LYS C 69 13.04 -8.96 -22.59
CA LYS C 69 12.35 -7.90 -23.30
C LYS C 69 13.23 -7.39 -24.45
N ILE C 70 12.66 -7.33 -25.64
CA ILE C 70 13.34 -6.68 -26.78
C ILE C 70 12.46 -5.57 -27.37
N ASN C 71 13.05 -4.39 -27.52
CA ASN C 71 12.42 -3.29 -28.21
C ASN C 71 13.05 -3.03 -29.58
N LEU C 72 12.30 -3.27 -30.64
CA LEU C 72 12.78 -3.01 -31.98
C LEU C 72 11.87 -2.03 -32.70
N ASN C 73 11.54 -0.94 -32.02
CA ASN C 73 10.64 0.07 -32.58
C ASN C 73 11.35 1.00 -33.57
N HIS C 74 10.58 1.52 -34.53
CA HIS C 74 11.06 2.54 -35.46
C HIS C 74 12.37 2.11 -36.12
N ASN C 75 12.32 1.00 -36.85
CA ASN C 75 13.48 0.47 -37.59
C ASN C 75 13.09 0.02 -39.01
N PRO C 76 13.83 0.43 -40.02
CA PRO C 76 14.91 1.41 -39.90
C PRO C 76 14.37 2.84 -39.74
N ASN C 77 14.96 3.57 -38.80
CA ASN C 77 14.67 4.98 -38.62
C ASN C 77 14.99 5.72 -39.93
N VAL C 78 13.93 6.15 -40.61
CA VAL C 78 14.02 6.69 -41.98
C VAL C 78 15.13 6.04 -42.80
N GLY C 91 10.89 -1.76 -45.11
CA GLY C 91 10.52 -2.14 -43.75
C GLY C 91 11.59 -2.91 -42.98
N LEU C 92 11.15 -3.85 -42.14
CA LEU C 92 12.08 -4.71 -41.40
C LEU C 92 11.81 -6.18 -41.76
N ASN C 93 12.84 -6.87 -42.25
CA ASN C 93 12.67 -8.22 -42.80
C ASN C 93 13.00 -9.29 -41.77
N ILE C 94 11.96 -9.78 -41.11
CA ILE C 94 12.09 -10.79 -40.06
C ILE C 94 11.74 -12.16 -40.64
N THR C 95 12.74 -13.06 -40.65
CA THR C 95 12.55 -14.44 -41.12
C THR C 95 11.74 -15.25 -40.12
N ASP C 96 10.99 -16.22 -40.63
CA ASP C 96 10.07 -16.99 -39.80
C ASP C 96 10.84 -17.76 -38.73
N GLY C 97 10.37 -17.65 -37.48
CA GLY C 97 11.06 -18.25 -36.34
C GLY C 97 12.23 -17.44 -35.80
N ALA C 98 12.40 -16.21 -36.29
CA ALA C 98 13.57 -15.41 -35.92
C ALA C 98 13.86 -15.32 -34.39
N PHE C 99 12.80 -15.22 -33.57
CA PHE C 99 12.96 -15.06 -32.11
C PHE C 99 12.71 -16.37 -31.35
N LEU C 100 12.24 -17.38 -32.06
CA LEU C 100 11.83 -18.66 -31.47
C LEU C 100 12.84 -19.24 -30.45
N ASN C 101 14.13 -19.22 -30.79
CA ASN C 101 15.20 -19.60 -29.86
C ASN C 101 15.03 -18.99 -28.47
N LEU C 102 14.74 -17.70 -28.42
CA LEU C 102 14.58 -16.99 -27.16
C LEU C 102 13.40 -17.55 -26.38
N LYS C 103 13.72 -18.32 -25.35
CA LYS C 103 12.72 -19.10 -24.61
C LYS C 103 12.22 -18.36 -23.35
N ASN C 104 12.89 -17.26 -22.99
CA ASN C 104 12.48 -16.42 -21.85
C ASN C 104 11.90 -15.06 -22.24
N LEU C 105 11.55 -14.90 -23.53
CA LEU C 105 11.10 -13.61 -24.02
C LEU C 105 9.65 -13.34 -23.62
N ARG C 106 9.44 -12.25 -22.88
CA ARG C 106 8.10 -11.84 -22.43
C ARG C 106 7.52 -10.69 -23.25
N GLU C 107 8.38 -9.82 -23.77
CA GLU C 107 7.97 -8.51 -24.26
C GLU C 107 8.71 -8.14 -25.54
N LEU C 108 7.98 -8.21 -26.67
CA LEU C 108 8.50 -7.86 -27.97
C LEU C 108 7.74 -6.66 -28.53
N LEU C 109 8.47 -5.56 -28.70
CA LEU C 109 7.90 -4.37 -29.25
C LEU C 109 8.41 -4.19 -30.67
N LEU C 110 7.48 -4.34 -31.62
CA LEU C 110 7.75 -4.12 -33.04
C LEU C 110 6.88 -3.00 -33.59
N GLU C 111 7.18 -1.77 -33.19
CA GLU C 111 6.35 -0.63 -33.55
C GLU C 111 7.00 0.16 -34.64
N ASP C 112 6.19 0.61 -35.61
CA ASP C 112 6.65 1.52 -36.64
C ASP C 112 7.77 0.86 -37.44
N ASN C 113 7.46 -0.28 -38.05
CA ASN C 113 8.45 -1.05 -38.77
C ASN C 113 8.01 -1.49 -40.15
N GLN C 114 6.79 -1.13 -40.55
CA GLN C 114 6.27 -1.43 -41.88
C GLN C 114 6.23 -2.93 -42.13
N LEU C 115 5.52 -3.62 -41.24
CA LEU C 115 5.37 -5.06 -41.29
C LEU C 115 4.10 -5.39 -42.05
N PRO C 116 4.19 -6.30 -43.05
CA PRO C 116 2.99 -6.69 -43.86
C PRO C 116 2.15 -7.79 -43.23
N GLN C 117 2.75 -8.57 -42.35
CA GLN C 117 2.04 -9.62 -41.61
C GLN C 117 2.55 -9.73 -40.16
N ILE C 118 1.79 -10.40 -39.32
CA ILE C 118 2.32 -10.71 -38.03
C ILE C 118 3.49 -11.64 -38.30
N PRO C 119 4.67 -11.33 -37.72
CA PRO C 119 5.86 -12.17 -37.90
C PRO C 119 5.58 -13.59 -37.44
N SER C 120 6.05 -14.57 -38.22
CA SER C 120 5.74 -15.97 -37.93
C SER C 120 6.79 -16.51 -36.99
N GLY C 121 6.45 -17.60 -36.29
CA GLY C 121 7.37 -18.22 -35.34
C GLY C 121 7.72 -17.25 -34.22
N LEU C 122 6.68 -16.82 -33.51
CA LEU C 122 6.86 -16.03 -32.31
C LEU C 122 6.88 -17.00 -31.14
N PRO C 123 7.70 -16.70 -30.12
CA PRO C 123 7.78 -17.62 -28.97
C PRO C 123 6.45 -17.71 -28.22
N GLU C 124 6.23 -18.83 -27.53
CA GLU C 124 5.07 -19.00 -26.65
C GLU C 124 5.26 -18.33 -25.30
N SER C 125 6.49 -17.95 -24.98
CA SER C 125 6.79 -17.20 -23.76
C SER C 125 6.31 -15.72 -23.78
N LEU C 126 5.98 -15.20 -24.96
CA LEU C 126 5.50 -13.82 -25.05
C LEU C 126 4.23 -13.60 -24.23
N THR C 127 4.30 -12.60 -23.36
CA THR C 127 3.15 -12.08 -22.64
C THR C 127 2.68 -10.70 -23.17
N GLU C 128 3.56 -10.00 -23.89
CA GLU C 128 3.31 -8.64 -24.35
C GLU C 128 3.90 -8.42 -25.74
N LEU C 129 3.02 -8.20 -26.72
CA LEU C 129 3.42 -7.96 -28.10
C LEU C 129 2.82 -6.63 -28.62
N SER C 130 3.67 -5.74 -29.11
CA SER C 130 3.14 -4.53 -29.76
C SER C 130 3.45 -4.54 -31.24
N LEU C 131 2.41 -4.38 -32.04
CA LEU C 131 2.55 -4.29 -33.50
C LEU C 131 1.88 -3.02 -34.01
N ILE C 132 1.85 -2.00 -33.16
CA ILE C 132 1.26 -0.71 -33.49
C ILE C 132 2.03 -0.07 -34.65
N GLN C 133 1.31 0.69 -35.47
CA GLN C 133 1.89 1.43 -36.61
C GLN C 133 2.64 0.55 -37.63
N ASN C 134 1.86 -0.26 -38.35
CA ASN C 134 2.40 -1.20 -39.32
C ASN C 134 1.40 -1.41 -40.44
N ASN C 135 1.70 -2.32 -41.36
CA ASN C 135 0.80 -2.57 -42.49
C ASN C 135 0.09 -3.91 -42.39
N ILE C 136 -0.30 -4.27 -41.18
CA ILE C 136 -0.93 -5.55 -40.90
C ILE C 136 -2.45 -5.41 -41.00
N TYR C 137 -3.05 -6.07 -41.99
CA TYR C 137 -4.50 -6.04 -42.23
C TYR C 137 -5.11 -7.42 -42.13
N ASN C 138 -4.28 -8.39 -41.74
CA ASN C 138 -4.68 -9.77 -41.60
C ASN C 138 -4.18 -10.28 -40.25
N ILE C 139 -5.12 -10.57 -39.36
CA ILE C 139 -4.81 -11.07 -38.00
C ILE C 139 -5.17 -12.55 -37.97
N THR C 140 -4.13 -13.40 -37.91
CA THR C 140 -4.27 -14.83 -38.23
C THR C 140 -3.97 -15.75 -37.06
N LYS C 141 -4.46 -16.99 -37.15
CA LYS C 141 -4.15 -18.01 -36.16
C LYS C 141 -2.71 -18.50 -36.30
N GLU C 142 -2.14 -18.37 -37.50
CA GLU C 142 -0.77 -18.83 -37.74
C GLU C 142 0.21 -17.88 -37.10
N GLY C 143 -0.27 -16.66 -36.81
CA GLY C 143 0.56 -15.64 -36.18
C GLY C 143 0.36 -15.54 -34.69
N ILE C 144 -0.85 -15.84 -34.22
CA ILE C 144 -1.28 -15.45 -32.87
C ILE C 144 -1.83 -16.62 -32.03
N SER C 145 -2.76 -17.37 -32.60
CA SER C 145 -3.55 -18.36 -31.88
C SER C 145 -2.71 -19.37 -31.08
N ARG C 146 -1.41 -19.41 -31.35
CA ARG C 146 -0.50 -20.33 -30.68
C ARG C 146 0.06 -19.74 -29.38
N LEU C 147 0.13 -18.41 -29.28
CA LEU C 147 0.86 -17.73 -28.18
C LEU C 147 0.00 -17.61 -26.92
N ILE C 148 -0.03 -18.67 -26.12
CA ILE C 148 -1.07 -18.79 -25.10
C ILE C 148 -0.92 -17.80 -23.95
N ASN C 149 0.31 -17.51 -23.56
CA ASN C 149 0.57 -16.67 -22.39
C ASN C 149 0.34 -15.16 -22.57
N LEU C 150 -0.20 -14.73 -23.71
CA LEU C 150 -0.36 -13.30 -24.00
C LEU C 150 -1.25 -12.58 -22.99
N LYS C 151 -0.71 -11.53 -22.37
CA LYS C 151 -1.47 -10.62 -21.50
C LYS C 151 -2.03 -9.46 -22.33
N ASN C 152 -1.14 -8.78 -23.07
CA ASN C 152 -1.45 -7.57 -23.84
C ASN C 152 -1.12 -7.69 -25.31
N LEU C 153 -2.13 -7.43 -26.14
CA LEU C 153 -1.93 -7.43 -27.59
C LEU C 153 -2.29 -6.04 -28.21
N TYR C 154 -1.26 -5.32 -28.68
CA TYR C 154 -1.47 -4.00 -29.29
C TYR C 154 -1.40 -4.08 -30.82
N LEU C 155 -2.53 -3.94 -31.49
CA LEU C 155 -2.54 -4.00 -32.93
C LEU C 155 -3.20 -2.75 -33.51
N ALA C 156 -2.95 -1.61 -32.88
CA ALA C 156 -3.65 -0.39 -33.26
C ALA C 156 -2.90 0.40 -34.32
N TRP C 157 -3.62 1.30 -34.98
CA TRP C 157 -3.04 2.19 -35.98
C TRP C 157 -2.38 1.44 -37.15
N ASN C 158 -3.14 0.60 -37.84
CA ASN C 158 -2.63 -0.09 -39.04
C ASN C 158 -3.38 0.29 -40.32
N CYS C 159 -4.70 0.43 -40.24
CA CYS C 159 -5.45 0.97 -41.37
C CYS C 159 -6.40 2.11 -40.94
N TYR C 160 -6.10 3.32 -41.40
CA TYR C 160 -6.77 4.54 -40.86
C TYR C 160 -6.58 5.76 -41.78
N PHE C 161 -7.46 6.75 -41.57
CA PHE C 161 -7.38 7.99 -42.28
C PHE C 161 -7.26 7.72 -43.80
N ASN C 162 -6.26 8.29 -44.47
CA ASN C 162 -6.15 8.17 -45.92
C ASN C 162 -4.93 7.35 -46.29
N LYS C 163 -4.45 6.56 -45.36
CA LYS C 163 -3.48 5.52 -45.68
C LYS C 163 -4.09 4.59 -46.71
N VAL C 164 -3.26 4.05 -47.59
CA VAL C 164 -3.70 3.02 -48.55
C VAL C 164 -3.64 1.68 -47.83
N CYS C 165 -4.79 1.02 -47.67
CA CYS C 165 -4.88 -0.21 -46.85
C CYS C 165 -6.25 -0.90 -46.99
N GLU C 166 -6.38 -2.09 -46.37
CA GLU C 166 -7.59 -2.94 -46.56
C GLU C 166 -8.54 -2.93 -45.38
N LYS C 167 -9.80 -3.33 -45.63
CA LYS C 167 -10.65 -3.93 -44.60
C LYS C 167 -9.75 -4.74 -43.69
N THR C 168 -9.74 -4.43 -42.40
CA THR C 168 -8.95 -5.26 -41.47
C THR C 168 -9.69 -6.58 -41.29
N ASN C 169 -8.99 -7.69 -41.55
CA ASN C 169 -9.59 -9.03 -41.49
C ASN C 169 -9.18 -9.79 -40.24
N ILE C 170 -10.14 -10.14 -39.40
CA ILE C 170 -9.83 -10.82 -38.14
C ILE C 170 -10.25 -12.27 -38.28
N GLU C 171 -9.27 -13.16 -38.44
CA GLU C 171 -9.58 -14.57 -38.61
C GLU C 171 -10.51 -15.00 -37.48
N ASP C 172 -11.71 -15.46 -37.82
CA ASP C 172 -12.74 -15.77 -36.82
C ASP C 172 -12.20 -16.72 -35.72
N GLY C 173 -12.52 -16.42 -34.46
CA GLY C 173 -12.08 -17.26 -33.35
C GLY C 173 -10.60 -17.15 -33.04
N VAL C 174 -9.88 -16.28 -33.75
CA VAL C 174 -8.43 -16.10 -33.57
C VAL C 174 -7.99 -15.79 -32.14
N PHE C 175 -8.79 -15.02 -31.40
CA PHE C 175 -8.43 -14.66 -30.02
C PHE C 175 -8.88 -15.72 -29.01
N GLU C 176 -9.86 -16.53 -29.39
CA GLU C 176 -10.50 -17.50 -28.48
C GLU C 176 -9.53 -18.26 -27.57
N THR C 177 -8.38 -18.67 -28.11
CA THR C 177 -7.40 -19.46 -27.32
C THR C 177 -6.36 -18.59 -26.61
N LEU C 178 -6.69 -17.32 -26.42
CA LEU C 178 -5.88 -16.43 -25.61
C LEU C 178 -6.63 -16.24 -24.29
N THR C 179 -6.63 -17.29 -23.50
CA THR C 179 -7.38 -17.34 -22.25
C THR C 179 -6.69 -16.57 -21.12
N ASN C 180 -5.53 -15.96 -21.39
CA ASN C 180 -4.88 -15.09 -20.40
C ASN C 180 -4.84 -13.62 -20.81
N LEU C 181 -5.39 -13.32 -22.00
CA LEU C 181 -5.35 -11.97 -22.53
C LEU C 181 -6.17 -11.03 -21.67
N GLU C 182 -5.48 -10.07 -21.06
CA GLU C 182 -6.12 -9.03 -20.24
C GLU C 182 -6.52 -7.78 -21.06
N LEU C 183 -5.67 -7.40 -22.02
CA LEU C 183 -5.81 -6.15 -22.79
C LEU C 183 -5.73 -6.39 -24.30
N LEU C 184 -6.77 -5.94 -25.02
CA LEU C 184 -6.80 -6.00 -26.48
C LEU C 184 -7.07 -4.64 -27.15
N SER C 185 -6.12 -4.19 -27.97
CA SER C 185 -6.26 -2.91 -28.66
C SER C 185 -6.25 -3.08 -30.20
N LEU C 186 -7.36 -2.69 -30.83
CA LEU C 186 -7.50 -2.72 -32.28
C LEU C 186 -7.99 -1.37 -32.78
N SER C 187 -7.64 -0.32 -32.06
CA SER C 187 -8.05 1.03 -32.42
C SER C 187 -7.39 1.46 -33.73
N PHE C 188 -8.05 2.34 -34.47
CA PHE C 188 -7.52 2.86 -35.74
C PHE C 188 -7.13 1.74 -36.71
N ASN C 189 -8.14 0.95 -37.02
CA ASN C 189 -8.13 -0.07 -38.05
C ASN C 189 -9.55 -0.13 -38.49
N SER C 190 -9.83 -0.73 -39.63
CA SER C 190 -11.20 -0.77 -40.14
C SER C 190 -11.78 -2.13 -39.89
N LEU C 191 -12.70 -2.21 -38.93
CA LEU C 191 -13.23 -3.50 -38.49
C LEU C 191 -14.70 -3.69 -38.83
N SER C 192 -15.51 -2.62 -38.73
CA SER C 192 -16.96 -2.71 -39.02
C SER C 192 -17.78 -3.41 -37.92
N HIS C 193 -17.27 -4.52 -37.39
CA HIS C 193 -17.96 -5.19 -36.31
C HIS C 193 -16.95 -5.60 -35.28
N VAL C 194 -17.44 -5.81 -34.06
CA VAL C 194 -16.65 -6.31 -32.97
C VAL C 194 -16.38 -7.81 -33.21
N PRO C 195 -15.11 -8.21 -33.12
CA PRO C 195 -14.80 -9.60 -33.35
C PRO C 195 -15.50 -10.50 -32.35
N PRO C 196 -16.29 -11.48 -32.84
CA PRO C 196 -16.78 -12.51 -31.94
C PRO C 196 -15.66 -13.30 -31.33
N LYS C 197 -16.02 -14.17 -30.41
CA LYS C 197 -15.11 -15.11 -29.79
C LYS C 197 -13.94 -14.37 -29.18
N LEU C 198 -14.30 -13.48 -28.25
CA LEU C 198 -13.33 -12.80 -27.39
C LEU C 198 -13.21 -13.51 -26.02
N PRO C 199 -11.96 -13.75 -25.58
CA PRO C 199 -11.72 -14.45 -24.33
C PRO C 199 -12.33 -13.76 -23.11
N SER C 200 -13.05 -14.52 -22.28
CA SER C 200 -13.69 -13.97 -21.08
C SER C 200 -12.71 -13.33 -20.08
N SER C 201 -11.42 -13.54 -20.29
CA SER C 201 -10.37 -12.92 -19.46
C SER C 201 -10.16 -11.41 -19.68
N LEU C 202 -10.74 -10.85 -20.72
CA LEU C 202 -10.48 -9.45 -21.06
C LEU C 202 -10.85 -8.48 -19.94
N ARG C 203 -9.88 -7.63 -19.58
CA ARG C 203 -10.11 -6.50 -18.67
C ARG C 203 -10.31 -5.16 -19.44
N LYS C 204 -9.60 -5.01 -20.57
CA LYS C 204 -9.59 -3.77 -21.34
C LYS C 204 -9.69 -4.01 -22.85
N LEU C 205 -10.78 -3.52 -23.44
CA LEU C 205 -10.98 -3.61 -24.89
C LEU C 205 -10.90 -2.23 -25.58
N PHE C 206 -9.88 -2.02 -26.38
CA PHE C 206 -9.76 -0.79 -27.14
C PHE C 206 -10.20 -0.98 -28.60
N LEU C 207 -11.28 -0.28 -28.97
CA LEU C 207 -11.80 -0.33 -30.35
C LEU C 207 -12.11 1.11 -30.86
N SER C 208 -11.20 2.05 -30.66
CA SER C 208 -11.48 3.39 -31.12
C SER C 208 -11.30 3.46 -32.60
N ASN C 209 -12.14 4.29 -33.25
CA ASN C 209 -12.01 4.57 -34.66
C ASN C 209 -11.88 3.30 -35.51
N THR C 210 -12.80 2.35 -35.28
CA THR C 210 -12.81 1.09 -36.00
C THR C 210 -14.05 0.92 -36.91
N GLN C 211 -14.85 1.97 -37.04
CA GLN C 211 -15.98 2.03 -37.99
C GLN C 211 -17.22 1.20 -37.61
N ILE C 212 -17.49 1.09 -36.31
CA ILE C 212 -18.55 0.20 -35.82
C ILE C 212 -19.85 0.94 -35.51
N LYS C 213 -20.84 0.89 -36.41
CA LYS C 213 -22.10 1.63 -36.21
C LYS C 213 -23.04 0.98 -35.20
N TYR C 214 -22.91 -0.33 -34.98
CA TYR C 214 -23.87 -1.06 -34.16
C TYR C 214 -23.20 -1.82 -33.01
N ILE C 215 -23.80 -1.74 -31.82
CA ILE C 215 -23.40 -2.55 -30.69
C ILE C 215 -24.67 -3.20 -30.11
N SER C 216 -24.60 -4.50 -29.80
CA SER C 216 -25.76 -5.24 -29.27
C SER C 216 -25.42 -6.16 -28.11
N GLU C 217 -26.48 -6.73 -27.53
CA GLU C 217 -26.38 -7.74 -26.48
C GLU C 217 -25.25 -8.76 -26.74
N GLU C 218 -25.20 -9.32 -27.95
CA GLU C 218 -24.29 -10.45 -28.25
C GLU C 218 -22.83 -10.07 -28.46
N ASP C 219 -22.58 -8.78 -28.74
CA ASP C 219 -21.19 -8.31 -29.04
C ASP C 219 -20.18 -8.55 -27.90
N PHE C 220 -20.69 -8.74 -26.69
CA PHE C 220 -19.83 -8.98 -25.52
C PHE C 220 -19.92 -10.43 -24.98
N LYS C 221 -18.91 -11.22 -25.37
CA LYS C 221 -18.91 -12.70 -25.32
C LYS C 221 -18.55 -13.23 -23.94
N GLY C 222 -19.46 -13.00 -22.99
CA GLY C 222 -19.17 -13.22 -21.59
C GLY C 222 -17.91 -12.50 -21.11
N LEU C 223 -17.81 -11.21 -21.46
CA LEU C 223 -16.66 -10.39 -21.08
C LEU C 223 -16.98 -9.72 -19.77
N ILE C 224 -16.95 -10.50 -18.70
CA ILE C 224 -17.47 -10.08 -17.39
C ILE C 224 -16.37 -9.63 -16.42
N ASN C 225 -15.12 -9.82 -16.83
CA ASN C 225 -14.02 -9.22 -16.14
C ASN C 225 -13.67 -7.81 -16.70
N LEU C 226 -14.47 -7.33 -17.66
CA LEU C 226 -14.04 -6.15 -18.45
C LEU C 226 -14.14 -4.89 -17.61
N THR C 227 -13.02 -4.19 -17.46
CA THR C 227 -13.00 -2.91 -16.74
C THR C 227 -12.99 -1.65 -17.63
N LEU C 228 -12.52 -1.77 -18.88
CA LEU C 228 -12.42 -0.64 -19.79
C LEU C 228 -12.95 -0.97 -21.16
N LEU C 229 -13.90 -0.16 -21.65
CA LEU C 229 -14.42 -0.34 -23.01
C LEU C 229 -14.28 0.98 -23.77
N ASP C 230 -13.33 1.05 -24.70
CA ASP C 230 -13.14 2.21 -25.54
C ASP C 230 -13.84 2.00 -26.88
N LEU C 231 -14.89 2.79 -27.13
CA LEU C 231 -15.59 2.78 -28.41
C LEU C 231 -15.58 4.14 -29.06
N SER C 232 -14.65 4.98 -28.67
CA SER C 232 -14.62 6.32 -29.20
C SER C 232 -14.42 6.30 -30.74
N GLY C 233 -14.89 7.37 -31.40
CA GLY C 233 -14.58 7.61 -32.83
C GLY C 233 -15.25 6.68 -33.84
N ASN C 234 -16.33 6.04 -33.42
CA ASN C 234 -17.17 5.27 -34.32
C ASN C 234 -18.47 6.00 -34.51
N CYS C 235 -18.79 6.32 -35.78
CA CYS C 235 -19.73 7.41 -36.12
C CYS C 235 -19.27 8.74 -35.54
N PRO C 236 -18.07 9.18 -35.94
CA PRO C 236 -17.46 10.42 -35.44
C PRO C 236 -18.24 11.71 -35.71
N ARG C 237 -18.00 12.72 -34.87
CA ARG C 237 -18.40 14.10 -35.12
C ARG C 237 -17.30 14.79 -35.90
N CYS C 238 -17.57 15.07 -37.17
CA CYS C 238 -16.55 15.36 -38.15
C CYS C 238 -16.33 16.84 -38.39
N PHE C 239 -17.28 17.67 -37.98
CA PHE C 239 -17.09 19.10 -38.10
C PHE C 239 -15.80 19.55 -37.46
N ASN C 240 -14.93 20.18 -38.26
CA ASN C 240 -13.65 20.76 -37.80
C ASN C 240 -12.63 19.74 -37.38
N ALA C 241 -12.73 18.53 -37.93
CA ALA C 241 -11.83 17.45 -37.56
C ALA C 241 -10.38 17.77 -37.94
N PRO C 242 -9.43 17.67 -36.99
CA PRO C 242 -7.99 17.79 -37.32
C PRO C 242 -7.41 16.56 -38.00
N PHE C 243 -8.29 15.77 -38.59
CA PHE C 243 -7.88 14.59 -39.31
C PHE C 243 -9.00 14.24 -40.30
N PRO C 244 -8.66 13.47 -41.33
CA PRO C 244 -9.66 12.96 -42.27
C PRO C 244 -10.77 12.26 -41.53
N CYS C 245 -12.01 12.55 -41.88
CA CYS C 245 -13.12 12.16 -41.06
C CYS C 245 -14.34 11.83 -41.89
N VAL C 246 -14.94 10.69 -41.58
CA VAL C 246 -15.97 10.08 -42.37
C VAL C 246 -17.13 9.85 -41.43
N PRO C 247 -18.22 10.59 -41.61
CA PRO C 247 -19.40 10.35 -40.76
C PRO C 247 -20.15 9.09 -41.15
N CYS C 248 -20.88 8.51 -40.20
CA CYS C 248 -21.93 7.58 -40.55
C CYS C 248 -22.99 8.39 -41.32
N ASP C 249 -23.66 7.74 -42.28
CA ASP C 249 -24.60 8.42 -43.17
C ASP C 249 -25.70 9.12 -42.36
N GLY C 250 -25.96 10.38 -42.70
CA GLY C 250 -26.97 11.20 -42.00
C GLY C 250 -26.37 11.89 -40.79
N GLY C 251 -25.04 11.80 -40.63
CA GLY C 251 -24.37 12.15 -39.37
C GLY C 251 -24.92 11.39 -38.16
N ALA C 252 -25.57 10.25 -38.40
CA ALA C 252 -26.16 9.42 -37.33
C ALA C 252 -25.13 9.04 -36.28
N SER C 253 -25.63 8.70 -35.09
CA SER C 253 -24.80 8.29 -34.00
C SER C 253 -24.54 6.81 -34.05
N ILE C 254 -23.57 6.36 -33.27
CA ILE C 254 -23.40 4.94 -33.02
C ILE C 254 -24.72 4.49 -32.46
N ASN C 255 -25.14 3.28 -32.84
CA ASN C 255 -26.39 2.68 -32.32
C ASN C 255 -26.06 1.57 -31.32
N ILE C 256 -26.40 1.82 -30.06
CA ILE C 256 -26.09 0.89 -28.97
C ILE C 256 -27.37 0.34 -28.40
N ASP C 257 -27.55 -0.98 -28.50
CA ASP C 257 -28.78 -1.57 -28.02
C ASP C 257 -28.97 -1.26 -26.53
N ARG C 258 -30.21 -1.01 -26.13
CA ARG C 258 -30.54 -0.68 -24.78
C ARG C 258 -29.88 -1.65 -23.79
N PHE C 259 -29.74 -2.91 -24.23
CA PHE C 259 -29.18 -3.99 -23.39
C PHE C 259 -27.73 -4.30 -23.73
N ALA C 260 -27.08 -3.44 -24.50
CA ALA C 260 -25.72 -3.74 -24.98
C ALA C 260 -24.70 -4.03 -23.86
N PHE C 261 -24.78 -3.29 -22.75
CA PHE C 261 -23.77 -3.37 -21.67
C PHE C 261 -24.22 -4.17 -20.43
N GLN C 262 -25.31 -4.90 -20.56
CA GLN C 262 -25.97 -5.50 -19.37
C GLN C 262 -25.18 -6.56 -18.59
N ASN C 263 -24.16 -7.14 -19.18
CA ASN C 263 -23.36 -8.13 -18.51
C ASN C 263 -22.04 -7.52 -18.06
N LEU C 264 -21.79 -6.23 -18.38
CA LEU C 264 -20.50 -5.55 -18.08
C LEU C 264 -20.44 -4.95 -16.65
N THR C 265 -20.62 -5.81 -15.67
CA THR C 265 -20.72 -5.44 -14.28
C THR C 265 -19.48 -4.75 -13.71
N GLN C 266 -18.30 -5.08 -14.23
CA GLN C 266 -17.06 -4.58 -13.69
C GLN C 266 -16.57 -3.29 -14.36
N LEU C 267 -17.38 -2.64 -15.20
CA LEU C 267 -16.85 -1.52 -16.01
C LEU C 267 -16.49 -0.37 -15.10
N ARG C 268 -15.25 0.13 -15.24
CA ARG C 268 -14.77 1.32 -14.52
C ARG C 268 -14.55 2.51 -15.45
N TYR C 269 -14.10 2.22 -16.67
CA TYR C 269 -13.73 3.24 -17.65
C TYR C 269 -14.52 3.09 -18.94
N LEU C 270 -15.41 4.04 -19.23
CA LEU C 270 -16.19 4.00 -20.49
C LEU C 270 -15.94 5.25 -21.33
N ASN C 271 -15.44 5.05 -22.54
CA ASN C 271 -15.09 6.13 -23.42
C ASN C 271 -15.99 6.11 -24.65
N LEU C 272 -16.87 7.10 -24.81
CA LEU C 272 -17.69 7.19 -26.01
C LEU C 272 -17.51 8.52 -26.71
N SER C 273 -16.30 9.04 -26.66
CA SER C 273 -16.03 10.30 -27.26
C SER C 273 -16.21 10.17 -28.77
N SER C 274 -16.69 11.23 -29.40
CA SER C 274 -16.81 11.28 -30.88
C SER C 274 -17.55 10.08 -31.44
N THR C 275 -18.76 9.86 -30.96
CA THR C 275 -19.64 8.83 -31.51
C THR C 275 -21.00 9.44 -31.88
N SER C 276 -21.09 10.77 -31.88
CA SER C 276 -22.21 11.53 -32.46
C SER C 276 -23.51 11.33 -31.71
N LEU C 277 -23.38 11.09 -30.41
CA LEU C 277 -24.55 10.83 -29.60
C LEU C 277 -25.34 12.12 -29.36
N ARG C 278 -26.66 12.00 -29.43
CA ARG C 278 -27.59 13.07 -29.04
C ARG C 278 -28.32 12.72 -27.77
N LYS C 279 -28.50 11.42 -27.54
CA LYS C 279 -29.29 10.88 -26.44
C LYS C 279 -28.36 9.92 -25.70
N ILE C 280 -28.47 9.84 -24.40
CA ILE C 280 -27.73 8.83 -23.70
C ILE C 280 -28.66 8.02 -22.89
N ASN C 281 -28.74 6.75 -23.23
CA ASN C 281 -29.74 5.86 -22.67
C ASN C 281 -29.34 5.43 -21.29
N ALA C 282 -30.17 5.80 -20.33
CA ALA C 282 -29.94 5.50 -18.92
C ALA C 282 -29.77 4.01 -18.70
N ALA C 283 -30.50 3.20 -19.47
CA ALA C 283 -30.53 1.76 -19.21
C ALA C 283 -29.16 1.08 -19.40
N TRP C 284 -28.27 1.71 -20.16
CA TRP C 284 -26.91 1.20 -20.34
C TRP C 284 -26.16 1.02 -19.04
N PHE C 285 -26.56 1.77 -18.02
CA PHE C 285 -25.83 1.78 -16.77
C PHE C 285 -26.50 0.96 -15.70
N LYS C 286 -27.64 0.36 -16.04
CA LYS C 286 -28.45 -0.32 -15.06
C LYS C 286 -27.61 -1.28 -14.23
N ASN C 287 -26.70 -1.99 -14.87
CA ASN C 287 -25.81 -2.93 -14.21
C ASN C 287 -24.41 -2.43 -14.12
N MET C 288 -24.21 -1.13 -14.03
CA MET C 288 -22.85 -0.60 -14.07
C MET C 288 -22.49 0.18 -12.78
N PRO C 289 -22.56 -0.52 -11.65
CA PRO C 289 -22.34 0.13 -10.38
C PRO C 289 -20.94 0.64 -10.12
N HIS C 290 -19.95 0.23 -10.92
CA HIS C 290 -18.59 0.60 -10.60
C HIS C 290 -18.00 1.70 -11.43
N LEU C 291 -18.78 2.35 -12.28
CA LEU C 291 -18.20 3.23 -13.30
C LEU C 291 -17.63 4.52 -12.68
N LYS C 292 -16.35 4.80 -12.89
CA LYS C 292 -15.71 5.99 -12.31
C LYS C 292 -15.42 7.09 -13.34
N VAL C 293 -15.14 6.67 -14.58
CA VAL C 293 -14.75 7.55 -15.65
C VAL C 293 -15.62 7.32 -16.91
N LEU C 294 -16.42 8.34 -17.23
CA LEU C 294 -17.24 8.36 -18.41
C LEU C 294 -16.76 9.50 -19.25
N ASP C 295 -16.19 9.18 -20.39
CA ASP C 295 -15.66 10.15 -21.32
C ASP C 295 -16.66 10.29 -22.49
N LEU C 296 -17.23 11.49 -22.66
CA LEU C 296 -18.26 11.75 -23.68
C LEU C 296 -17.95 12.99 -24.53
N GLU C 297 -16.69 13.22 -24.82
CA GLU C 297 -16.32 14.38 -25.57
C GLU C 297 -16.76 14.31 -27.03
N PHE C 298 -16.90 15.47 -27.67
CA PHE C 298 -17.16 15.58 -29.12
C PHE C 298 -18.38 14.79 -29.58
N ASN C 299 -19.46 14.95 -28.85
CA ASN C 299 -20.73 14.43 -29.24
C ASN C 299 -21.71 15.64 -29.41
N TYR C 300 -23.03 15.43 -29.30
CA TYR C 300 -24.02 16.50 -29.45
C TYR C 300 -24.96 16.48 -28.24
N LEU C 301 -24.40 16.58 -27.04
CA LEU C 301 -25.15 16.39 -25.80
C LEU C 301 -25.58 17.67 -25.09
N VAL C 302 -25.61 18.79 -25.79
CA VAL C 302 -26.09 20.00 -25.14
C VAL C 302 -27.49 19.73 -24.53
N GLY C 303 -28.38 19.11 -25.29
CA GLY C 303 -29.70 18.78 -24.77
C GLY C 303 -29.67 17.84 -23.57
N GLU C 304 -28.84 16.80 -23.66
CA GLU C 304 -28.66 15.83 -22.56
C GLU C 304 -28.06 16.43 -21.29
N ILE C 305 -27.04 17.26 -21.45
CA ILE C 305 -26.55 18.03 -20.32
C ILE C 305 -27.66 18.85 -19.67
N ALA C 306 -28.69 19.19 -20.46
CA ALA C 306 -29.85 19.93 -19.92
C ALA C 306 -30.81 19.08 -19.06
N SER C 307 -31.06 17.83 -19.45
CA SER C 307 -32.06 16.97 -18.77
C SER C 307 -31.41 15.79 -18.06
N GLY C 308 -30.61 15.03 -18.80
CA GLY C 308 -29.66 14.06 -18.20
C GLY C 308 -30.29 13.04 -17.27
N ALA C 309 -31.26 12.29 -17.81
CA ALA C 309 -31.86 11.15 -17.12
C ALA C 309 -30.79 10.17 -16.70
N PHE C 310 -29.79 9.97 -17.56
CA PHE C 310 -28.73 9.01 -17.28
C PHE C 310 -27.90 9.35 -16.04
N LEU C 311 -27.89 10.62 -15.63
CA LEU C 311 -27.05 11.06 -14.51
C LEU C 311 -27.47 10.44 -13.17
N THR C 312 -28.70 9.96 -13.12
CA THR C 312 -29.21 9.21 -11.98
C THR C 312 -28.50 7.86 -11.75
N MET C 313 -27.94 7.27 -12.80
CA MET C 313 -27.41 5.91 -12.72
C MET C 313 -25.97 5.85 -12.20
N LEU C 314 -25.38 7.01 -11.89
CA LEU C 314 -23.94 7.15 -11.85
C LEU C 314 -23.39 7.82 -10.58
N PRO C 315 -23.85 7.37 -9.39
CA PRO C 315 -23.47 8.05 -8.14
C PRO C 315 -22.08 7.69 -7.61
N ARG C 316 -21.42 6.73 -8.27
CA ARG C 316 -20.01 6.39 -8.04
C ARG C 316 -19.04 7.03 -9.05
N LEU C 317 -19.57 7.67 -10.10
CA LEU C 317 -18.72 8.31 -11.11
C LEU C 317 -17.82 9.39 -10.50
N GLU C 318 -16.53 9.31 -10.78
CA GLU C 318 -15.55 10.27 -10.28
C GLU C 318 -15.13 11.30 -11.35
N ILE C 319 -15.07 10.88 -12.61
CA ILE C 319 -14.68 11.80 -13.69
C ILE C 319 -15.66 11.78 -14.83
N LEU C 320 -16.15 12.97 -15.20
CA LEU C 320 -17.11 13.10 -16.28
C LEU C 320 -16.61 14.11 -17.24
N ASP C 321 -16.36 13.68 -18.48
CA ASP C 321 -15.93 14.63 -19.50
C ASP C 321 -16.99 14.84 -20.57
N LEU C 322 -17.62 16.00 -20.52
CA LEU C 322 -18.60 16.36 -21.55
C LEU C 322 -18.12 17.50 -22.49
N SER C 323 -16.80 17.53 -22.77
CA SER C 323 -16.17 18.59 -23.56
C SER C 323 -16.48 18.56 -25.06
N PHE C 324 -16.53 19.76 -25.64
CA PHE C 324 -16.67 19.96 -27.09
C PHE C 324 -17.93 19.29 -27.62
N ASN C 325 -19.03 19.56 -26.93
CA ASN C 325 -20.35 19.20 -27.40
C ASN C 325 -21.10 20.39 -28.02
N TYR C 326 -20.40 21.51 -28.24
CA TYR C 326 -21.08 22.74 -28.70
C TYR C 326 -21.90 22.51 -29.97
N ILE C 327 -23.12 23.01 -29.96
CA ILE C 327 -23.92 23.11 -31.19
C ILE C 327 -23.29 24.17 -32.08
N LYS C 328 -22.90 23.81 -33.29
CA LYS C 328 -22.10 24.72 -34.11
C LYS C 328 -23.01 25.86 -34.53
N GLY C 329 -22.51 27.09 -34.44
CA GLY C 329 -23.30 28.27 -34.78
C GLY C 329 -24.06 28.86 -33.60
N SER C 330 -24.29 28.05 -32.57
CA SER C 330 -24.92 28.55 -31.37
C SER C 330 -23.86 29.08 -30.42
N TYR C 331 -24.20 30.19 -29.77
CA TYR C 331 -23.31 30.83 -28.81
C TYR C 331 -24.22 31.37 -27.71
N PRO C 332 -24.90 30.48 -27.00
CA PRO C 332 -25.95 30.87 -26.09
C PRO C 332 -25.46 31.73 -24.96
N GLN C 333 -26.37 32.51 -24.38
CA GLN C 333 -26.04 33.41 -23.29
C GLN C 333 -25.47 32.68 -22.08
N HIS C 334 -26.06 31.53 -21.76
CA HIS C 334 -25.74 30.78 -20.53
C HIS C 334 -25.55 29.27 -20.86
N ILE C 335 -24.97 28.53 -19.91
CA ILE C 335 -24.91 27.06 -19.98
C ILE C 335 -26.08 26.48 -19.19
N ASN C 336 -26.60 25.34 -19.62
CA ASN C 336 -27.77 24.74 -18.96
C ASN C 336 -27.46 23.34 -18.39
N ILE C 337 -27.08 23.35 -17.12
CA ILE C 337 -26.78 22.15 -16.37
C ILE C 337 -28.06 21.59 -15.69
N SER C 338 -28.45 20.38 -16.06
CA SER C 338 -29.55 19.69 -15.38
C SER C 338 -29.39 19.67 -13.85
N ARG C 339 -30.53 19.76 -13.19
CA ARG C 339 -30.63 19.50 -11.75
C ARG C 339 -30.03 18.12 -11.40
N ASN C 340 -30.10 17.18 -12.36
CA ASN C 340 -29.66 15.81 -12.14
C ASN C 340 -28.15 15.62 -11.96
N PHE C 341 -27.34 16.64 -12.25
CA PHE C 341 -25.90 16.61 -11.90
C PHE C 341 -25.68 16.42 -10.41
N SER C 342 -26.67 16.81 -9.60
CA SER C 342 -26.57 16.70 -8.14
C SER C 342 -26.58 15.25 -7.60
N LYS C 343 -26.92 14.29 -8.46
CA LYS C 343 -26.87 12.85 -8.12
C LYS C 343 -25.47 12.25 -8.27
N LEU C 344 -24.53 13.04 -8.79
CA LEU C 344 -23.18 12.58 -9.00
C LEU C 344 -22.37 12.83 -7.73
N LEU C 345 -22.68 12.05 -6.72
CA LEU C 345 -22.21 12.29 -5.37
C LEU C 345 -20.74 11.97 -5.20
N SER C 346 -20.21 11.04 -6.00
CA SER C 346 -18.77 10.76 -5.96
C SER C 346 -17.92 11.60 -6.93
N LEU C 347 -18.53 12.46 -7.76
CA LEU C 347 -17.76 13.18 -8.78
C LEU C 347 -16.58 14.02 -8.24
N ARG C 348 -15.39 13.84 -8.80
CA ARG C 348 -14.19 14.62 -8.41
C ARG C 348 -13.80 15.70 -9.45
N ALA C 349 -14.05 15.43 -10.72
CA ALA C 349 -13.61 16.28 -11.80
C ALA C 349 -14.72 16.40 -12.82
N LEU C 350 -15.09 17.63 -13.14
CA LEU C 350 -16.05 17.88 -14.23
C LEU C 350 -15.40 18.65 -15.35
N HIS C 351 -15.44 18.08 -16.55
CA HIS C 351 -14.74 18.66 -17.68
C HIS C 351 -15.74 19.09 -18.71
N LEU C 352 -15.87 20.41 -18.90
CA LEU C 352 -16.64 20.89 -20.03
C LEU C 352 -15.93 22.01 -20.79
N ARG C 353 -14.87 21.61 -21.49
CA ARG C 353 -14.29 22.46 -22.47
C ARG C 353 -15.29 22.61 -23.62
N GLY C 354 -15.20 23.72 -24.35
CA GLY C 354 -15.88 23.83 -25.66
C GLY C 354 -17.35 23.50 -25.67
N TYR C 355 -18.04 23.93 -24.65
CA TYR C 355 -19.48 23.97 -24.64
C TYR C 355 -19.88 25.21 -25.41
N VAL C 356 -19.11 26.29 -25.19
CA VAL C 356 -19.22 27.59 -25.90
C VAL C 356 -20.42 28.45 -25.44
N PHE C 357 -20.15 29.43 -24.60
CA PHE C 357 -21.21 30.24 -24.10
C PHE C 357 -20.70 31.54 -23.53
N GLN C 358 -21.62 32.44 -23.23
CA GLN C 358 -21.26 33.84 -22.97
C GLN C 358 -21.04 34.15 -21.51
N GLU C 359 -21.99 33.78 -20.69
CA GLU C 359 -22.04 34.28 -19.34
C GLU C 359 -22.14 33.11 -18.41
N LEU C 360 -21.50 33.21 -17.27
CA LEU C 360 -21.68 32.24 -16.21
C LEU C 360 -22.20 32.99 -14.96
N ARG C 361 -23.33 32.53 -14.41
CA ARG C 361 -24.03 33.22 -13.32
C ARG C 361 -24.29 32.27 -12.14
N GLU C 362 -24.49 32.85 -10.95
CA GLU C 362 -24.58 32.06 -9.71
C GLU C 362 -25.49 30.83 -9.87
N ASP C 363 -26.78 31.06 -10.08
CA ASP C 363 -27.75 29.99 -10.41
C ASP C 363 -27.25 28.87 -11.32
N ASP C 364 -26.40 29.20 -12.30
CA ASP C 364 -26.08 28.25 -13.37
C ASP C 364 -25.46 26.92 -12.89
N PHE C 365 -24.78 26.95 -11.75
CA PHE C 365 -24.08 25.78 -11.23
C PHE C 365 -24.63 25.25 -9.90
N GLN C 366 -25.86 25.61 -9.57
CA GLN C 366 -26.47 25.12 -8.32
C GLN C 366 -26.29 23.62 -8.12
N PRO C 367 -26.67 22.79 -9.13
CA PRO C 367 -26.74 21.36 -8.94
C PRO C 367 -25.41 20.74 -8.41
N LEU C 368 -24.31 21.34 -8.83
CA LEU C 368 -22.99 20.90 -8.46
C LEU C 368 -22.62 21.37 -7.04
N MET C 369 -23.32 22.34 -6.49
CA MET C 369 -22.78 23.10 -5.36
C MET C 369 -22.66 22.30 -4.06
N GLN C 370 -23.39 21.18 -3.96
CA GLN C 370 -23.36 20.32 -2.75
C GLN C 370 -22.62 18.99 -2.96
N LEU C 371 -22.11 18.74 -4.16
CA LEU C 371 -21.34 17.52 -4.38
C LEU C 371 -20.07 17.52 -3.47
N PRO C 372 -19.88 16.46 -2.69
CA PRO C 372 -18.94 16.60 -1.58
C PRO C 372 -17.46 16.45 -1.96
N ASN C 373 -17.15 15.75 -3.05
CA ASN C 373 -15.77 15.56 -3.47
C ASN C 373 -15.42 16.28 -4.79
N LEU C 374 -16.27 17.21 -5.26
CA LEU C 374 -15.99 17.94 -6.52
C LEU C 374 -14.86 18.93 -6.33
N SER C 375 -13.71 18.56 -6.88
CA SER C 375 -12.44 19.22 -6.66
C SER C 375 -12.02 20.07 -7.89
N THR C 376 -12.21 19.51 -9.08
CA THR C 376 -11.81 20.16 -10.31
C THR C 376 -13.02 20.58 -11.15
N ILE C 377 -12.98 21.81 -11.67
CA ILE C 377 -13.98 22.30 -12.61
C ILE C 377 -13.30 22.98 -13.79
N ASN C 378 -13.36 22.33 -14.95
CA ASN C 378 -12.62 22.78 -16.13
C ASN C 378 -13.57 23.37 -17.20
N LEU C 379 -13.49 24.68 -17.37
CA LEU C 379 -14.29 25.41 -18.33
C LEU C 379 -13.38 26.13 -19.35
N GLY C 380 -12.29 25.51 -19.75
CA GLY C 380 -11.46 26.09 -20.81
C GLY C 380 -12.16 26.17 -22.17
N ILE C 381 -11.69 27.07 -23.01
CA ILE C 381 -12.12 27.17 -24.41
C ILE C 381 -13.64 27.16 -24.59
N ASN C 382 -14.30 28.06 -23.88
CA ASN C 382 -15.75 28.28 -24.00
C ASN C 382 -16.15 29.67 -24.49
N PHE C 383 -15.14 30.51 -24.75
CA PHE C 383 -15.35 31.91 -25.13
C PHE C 383 -16.19 32.75 -24.13
N ILE C 384 -16.32 32.28 -22.90
CA ILE C 384 -17.04 33.00 -21.85
C ILE C 384 -16.55 34.44 -21.76
N LYS C 385 -17.46 35.39 -21.89
CA LYS C 385 -17.15 36.81 -21.74
C LYS C 385 -17.20 37.28 -20.28
N GLN C 386 -17.97 36.60 -19.42
CA GLN C 386 -18.15 37.04 -18.02
C GLN C 386 -18.58 35.94 -17.02
N ILE C 387 -18.06 36.03 -15.80
CA ILE C 387 -18.41 35.12 -14.73
C ILE C 387 -18.83 35.92 -13.51
N ASP C 388 -19.80 35.44 -12.75
CA ASP C 388 -19.95 35.90 -11.40
C ASP C 388 -19.10 35.03 -10.45
N PHE C 389 -17.92 35.53 -10.12
CA PHE C 389 -16.92 34.74 -9.39
C PHE C 389 -17.35 34.29 -8.01
N LYS C 390 -18.41 34.89 -7.49
CA LYS C 390 -18.89 34.56 -6.17
C LYS C 390 -19.56 33.19 -6.15
N LEU C 391 -19.90 32.66 -7.33
CA LEU C 391 -20.52 31.33 -7.46
C LEU C 391 -19.61 30.17 -6.97
N PHE C 392 -18.30 30.38 -6.97
CA PHE C 392 -17.36 29.40 -6.44
C PHE C 392 -17.27 29.29 -4.91
N GLN C 393 -17.95 30.17 -4.16
CA GLN C 393 -17.92 30.08 -2.70
C GLN C 393 -18.78 28.93 -2.23
N ASN C 394 -20.05 28.94 -2.65
CA ASN C 394 -21.04 27.93 -2.21
C ASN C 394 -20.55 26.48 -2.35
N PHE C 395 -19.49 26.29 -3.13
CA PHE C 395 -18.91 24.97 -3.33
C PHE C 395 -18.15 24.46 -2.11
N SER C 396 -18.28 23.16 -1.87
CA SER C 396 -17.64 22.49 -0.75
C SER C 396 -16.10 22.56 -0.78
N ASN C 397 -15.52 22.04 -1.85
CA ASN C 397 -14.15 21.57 -1.82
C ASN C 397 -13.43 21.77 -3.16
N LEU C 398 -13.66 22.91 -3.83
CA LEU C 398 -12.97 23.22 -5.09
C LEU C 398 -11.51 23.48 -4.86
N GLU C 399 -10.66 22.87 -5.67
CA GLU C 399 -9.21 23.10 -5.58
C GLU C 399 -8.64 23.61 -6.89
N ILE C 400 -9.20 23.16 -8.01
CA ILE C 400 -8.82 23.62 -9.34
C ILE C 400 -10.03 24.31 -9.97
N ILE C 401 -9.87 25.57 -10.33
CA ILE C 401 -10.85 26.30 -11.12
C ILE C 401 -10.14 26.77 -12.34
N TYR C 402 -10.45 26.14 -13.46
CA TYR C 402 -9.67 26.29 -14.66
C TYR C 402 -10.50 27.05 -15.72
N LEU C 403 -10.15 28.33 -15.95
CA LEU C 403 -10.89 29.20 -16.83
C LEU C 403 -9.98 29.74 -17.92
N SER C 404 -8.94 28.97 -18.23
CA SER C 404 -7.93 29.42 -19.18
C SER C 404 -8.58 29.47 -20.54
N GLU C 405 -8.11 30.33 -21.39
CA GLU C 405 -8.65 30.41 -22.71
C GLU C 405 -10.12 30.72 -22.85
N ASN C 406 -10.55 31.78 -22.22
CA ASN C 406 -11.87 32.32 -22.46
C ASN C 406 -11.82 33.75 -22.94
N ARG C 407 -12.85 34.53 -22.69
CA ARG C 407 -12.90 35.93 -23.07
C ARG C 407 -13.12 36.86 -21.89
N ILE C 408 -12.66 36.49 -20.71
CA ILE C 408 -12.81 37.35 -19.55
C ILE C 408 -11.99 38.60 -19.75
N SER C 409 -12.54 39.74 -19.38
CA SER C 409 -11.85 41.01 -19.54
C SER C 409 -12.16 41.94 -18.34
N PRO C 410 -11.49 43.09 -18.24
CA PRO C 410 -11.62 43.94 -17.04
C PRO C 410 -13.07 44.15 -16.61
N ASP C 436 6.73 10.22 -38.51
CA ASP C 436 6.00 10.47 -39.77
C ASP C 436 4.48 10.49 -39.61
N PHE C 437 4.00 10.08 -38.45
CA PHE C 437 2.56 10.12 -38.14
C PHE C 437 2.27 11.21 -37.10
N GLU C 438 1.12 11.85 -37.27
CA GLU C 438 0.78 13.06 -36.57
C GLU C 438 0.60 12.77 -35.10
N PHE C 439 -0.22 11.78 -34.79
CA PHE C 439 -0.78 11.62 -33.45
C PHE C 439 -0.04 10.55 -32.71
N ASP C 440 0.22 10.78 -31.41
CA ASP C 440 0.92 9.78 -30.59
C ASP C 440 -0.02 8.67 -30.31
N PRO C 441 0.32 7.44 -30.75
CA PRO C 441 -0.54 6.25 -30.55
C PRO C 441 -0.60 5.73 -29.10
N HIS C 442 0.29 6.18 -28.24
CA HIS C 442 0.25 5.78 -26.83
C HIS C 442 -0.37 6.86 -25.95
N SER C 443 -1.13 7.77 -26.53
CA SER C 443 -1.77 8.79 -25.70
C SER C 443 -3.23 8.98 -26.10
N ASN C 444 -3.95 9.77 -25.32
CA ASN C 444 -5.38 9.98 -25.51
C ASN C 444 -5.52 10.84 -26.72
N PHE C 445 -6.53 10.54 -27.53
CA PHE C 445 -6.77 11.20 -28.83
C PHE C 445 -7.74 12.41 -28.72
N TYR C 446 -8.58 12.46 -27.68
CA TYR C 446 -9.60 13.54 -27.57
C TYR C 446 -9.23 14.65 -26.58
N HIS C 447 -8.19 14.44 -25.79
CA HIS C 447 -7.65 15.52 -25.01
C HIS C 447 -6.23 15.25 -24.62
N PHE C 448 -5.54 16.32 -24.29
CA PHE C 448 -4.22 16.26 -23.72
C PHE C 448 -4.38 15.76 -22.32
N THR C 449 -3.30 15.20 -21.78
CA THR C 449 -3.36 14.61 -20.44
C THR C 449 -2.38 15.19 -19.39
N ARG C 450 -1.67 16.26 -19.73
CA ARG C 450 -0.95 17.08 -18.76
C ARG C 450 -1.86 17.64 -17.64
N PRO C 451 -1.28 17.96 -16.46
CA PRO C 451 -2.05 18.61 -15.40
C PRO C 451 -2.58 19.95 -15.83
N LEU C 452 -3.79 20.29 -15.39
CA LEU C 452 -4.41 21.55 -15.71
C LEU C 452 -3.61 22.72 -15.17
N ILE C 453 -3.17 22.62 -13.92
CA ILE C 453 -2.28 23.62 -13.31
C ILE C 453 -0.96 22.93 -13.05
N LYS C 454 0.14 23.67 -13.14
CA LYS C 454 1.41 23.06 -12.74
C LYS C 454 1.27 22.61 -11.26
N PRO C 455 1.75 21.41 -10.94
CA PRO C 455 1.68 20.89 -9.57
C PRO C 455 2.39 21.77 -8.55
N GLN C 456 3.56 22.29 -8.91
CA GLN C 456 4.29 23.27 -8.10
C GLN C 456 3.40 24.42 -7.59
N CYS C 457 2.42 24.82 -8.38
CA CYS C 457 1.46 25.85 -8.00
C CYS C 457 0.31 25.27 -7.19
N ALA C 458 -0.25 24.16 -7.68
CA ALA C 458 -1.45 23.52 -7.07
C ALA C 458 -1.22 23.11 -5.62
N ALA C 459 0.03 22.74 -5.33
CA ALA C 459 0.45 22.30 -4.00
C ALA C 459 0.09 23.30 -2.93
N TYR C 460 0.10 24.58 -3.26
CA TYR C 460 -0.10 25.63 -2.26
C TYR C 460 -1.55 25.75 -1.78
N GLY C 461 -2.47 25.14 -2.52
CA GLY C 461 -3.89 25.20 -2.18
C GLY C 461 -4.73 25.55 -3.38
N LYS C 462 -5.96 25.97 -3.11
CA LYS C 462 -6.89 26.46 -4.11
C LYS C 462 -6.22 27.24 -5.28
N ALA C 463 -6.61 26.90 -6.50
CA ALA C 463 -5.96 27.37 -7.69
C ALA C 463 -6.99 27.96 -8.66
N LEU C 464 -6.77 29.19 -9.09
CA LEU C 464 -7.58 29.81 -10.14
C LEU C 464 -6.68 30.09 -11.31
N ASP C 465 -7.01 29.50 -12.47
CA ASP C 465 -6.31 29.75 -13.73
C ASP C 465 -7.11 30.64 -14.70
N LEU C 466 -6.65 31.88 -14.88
CA LEU C 466 -7.27 32.87 -15.80
C LEU C 466 -6.32 33.25 -16.95
N SER C 467 -5.47 32.32 -17.34
CA SER C 467 -4.55 32.58 -18.43
C SER C 467 -5.29 32.66 -19.77
N LEU C 468 -4.65 33.31 -20.75
CA LEU C 468 -5.12 33.33 -22.13
C LEU C 468 -6.53 33.96 -22.21
N ASN C 469 -6.66 35.06 -21.49
CA ASN C 469 -7.86 35.86 -21.53
C ASN C 469 -7.46 37.29 -21.93
N SER C 470 -8.40 38.24 -21.84
CA SER C 470 -8.16 39.60 -22.24
C SER C 470 -8.30 40.52 -21.04
N ILE C 471 -7.78 40.07 -19.88
CA ILE C 471 -7.78 40.90 -18.69
C ILE C 471 -6.58 41.82 -18.79
N PHE C 472 -6.68 42.82 -19.69
CA PHE C 472 -5.53 43.74 -19.96
C PHE C 472 -5.20 44.72 -18.84
N PHE C 473 -6.13 44.89 -17.91
CA PHE C 473 -5.78 45.37 -16.58
C PHE C 473 -6.69 44.74 -15.58
N ILE C 474 -6.19 44.62 -14.34
CA ILE C 474 -6.99 44.12 -13.21
C ILE C 474 -7.66 45.30 -12.57
N GLY C 475 -8.98 45.28 -12.56
CA GLY C 475 -9.77 46.33 -11.94
C GLY C 475 -9.65 46.33 -10.42
N PRO C 476 -10.41 47.23 -9.76
CA PRO C 476 -10.38 47.33 -8.29
C PRO C 476 -11.04 46.11 -7.59
N ASN C 477 -12.20 45.67 -8.08
CA ASN C 477 -12.87 44.47 -7.59
C ASN C 477 -12.98 43.34 -8.63
N GLN C 478 -11.91 43.06 -9.35
CA GLN C 478 -11.85 41.91 -10.27
C GLN C 478 -11.95 40.58 -9.48
N PHE C 479 -11.22 40.50 -8.37
CA PHE C 479 -11.18 39.29 -7.56
C PHE C 479 -12.07 39.39 -6.32
N GLU C 480 -13.18 40.09 -6.48
CA GLU C 480 -14.22 40.20 -5.48
C GLU C 480 -14.80 38.79 -5.28
N ASN C 481 -15.04 38.42 -4.03
CA ASN C 481 -15.89 37.27 -3.71
C ASN C 481 -15.32 35.89 -4.09
N LEU C 482 -13.99 35.78 -4.12
CA LEU C 482 -13.36 34.52 -4.46
C LEU C 482 -13.12 33.73 -3.20
N PRO C 483 -12.83 32.45 -3.35
CA PRO C 483 -12.35 31.71 -2.19
C PRO C 483 -10.94 32.18 -1.86
N ASP C 484 -10.29 31.52 -0.91
CA ASP C 484 -8.94 31.89 -0.55
C ASP C 484 -7.94 31.24 -1.49
N ILE C 485 -7.66 31.94 -2.58
CA ILE C 485 -6.79 31.45 -3.65
C ILE C 485 -5.35 31.39 -3.15
N ALA C 486 -4.73 30.22 -3.25
CA ALA C 486 -3.29 30.11 -2.99
C ALA C 486 -2.42 30.19 -4.26
N CYS C 487 -3.02 29.88 -5.40
CA CYS C 487 -2.29 29.71 -6.66
C CYS C 487 -3.11 30.37 -7.74
N LEU C 488 -2.51 31.35 -8.41
CA LEU C 488 -3.24 32.19 -9.36
C LEU C 488 -2.44 32.31 -10.64
N ASN C 489 -3.06 31.97 -11.78
CA ASN C 489 -2.42 32.14 -13.10
C ASN C 489 -3.09 33.26 -13.89
N LEU C 490 -2.30 34.28 -14.24
CA LEU C 490 -2.76 35.33 -15.13
C LEU C 490 -1.80 35.53 -16.29
N SER C 491 -1.06 34.49 -16.64
CA SER C 491 -0.20 34.55 -17.82
C SER C 491 -1.01 34.85 -19.10
N ALA C 492 -0.39 35.54 -20.04
CA ALA C 492 -0.94 35.70 -21.39
C ALA C 492 -2.29 36.42 -21.40
N ASN C 493 -2.37 37.53 -20.69
CA ASN C 493 -3.54 38.38 -20.73
C ASN C 493 -3.20 39.75 -21.35
N SER C 494 -2.00 39.88 -21.90
CA SER C 494 -1.49 41.15 -22.40
C SER C 494 -1.77 42.27 -21.40
N ASN C 495 -1.56 41.98 -20.12
CA ASN C 495 -1.80 42.94 -19.07
C ASN C 495 -0.71 43.98 -19.06
N ALA C 496 -1.11 45.23 -19.20
CA ALA C 496 -0.18 46.33 -19.40
C ALA C 496 -0.15 47.33 -18.23
N GLN C 497 -0.69 46.92 -17.08
CA GLN C 497 -1.01 47.88 -16.06
C GLN C 497 0.14 48.13 -15.15
N VAL C 498 0.01 49.21 -14.39
CA VAL C 498 0.92 49.54 -13.32
C VAL C 498 0.36 48.97 -12.02
N LEU C 499 0.83 47.79 -11.65
CA LEU C 499 0.53 47.23 -10.33
C LEU C 499 0.98 48.19 -9.25
N SER C 500 0.09 48.44 -8.29
CA SER C 500 0.26 49.49 -7.28
C SER C 500 0.28 48.97 -5.83
N GLY C 501 -0.02 47.68 -5.64
CA GLY C 501 -0.12 47.10 -4.30
C GLY C 501 -1.54 46.89 -3.74
N THR C 502 -2.59 47.18 -4.52
CA THR C 502 -4.01 47.04 -4.08
C THR C 502 -4.87 46.07 -4.91
N GLU C 503 -4.28 45.47 -5.94
CA GLU C 503 -5.06 44.76 -6.97
C GLU C 503 -5.36 43.34 -6.55
N PHE C 504 -4.56 42.81 -5.62
CA PHE C 504 -4.73 41.45 -5.11
C PHE C 504 -5.16 41.41 -3.65
N SER C 505 -5.74 42.53 -3.17
CA SER C 505 -6.13 42.68 -1.76
C SER C 505 -7.27 41.72 -1.35
N ALA C 506 -8.19 41.45 -2.29
CA ALA C 506 -9.27 40.49 -2.09
C ALA C 506 -8.77 39.03 -2.05
N ILE C 507 -7.54 38.79 -2.49
CA ILE C 507 -6.92 37.48 -2.43
C ILE C 507 -5.45 37.59 -1.93
N PRO C 508 -5.31 37.98 -0.67
CA PRO C 508 -4.01 38.39 -0.16
C PRO C 508 -3.14 37.26 0.29
N HIS C 509 -3.61 36.04 0.19
CA HIS C 509 -2.78 34.91 0.61
C HIS C 509 -2.27 34.06 -0.56
N VAL C 510 -2.18 34.67 -1.76
CA VAL C 510 -1.55 33.97 -2.88
C VAL C 510 -0.05 33.75 -2.60
N LYS C 511 0.34 32.49 -2.73
CA LYS C 511 1.70 32.06 -2.55
C LYS C 511 2.42 31.88 -3.90
N TYR C 512 1.67 31.63 -4.97
CA TYR C 512 2.25 31.36 -6.28
C TYR C 512 1.50 32.16 -7.33
N LEU C 513 2.22 33.02 -8.05
CA LEU C 513 1.60 33.91 -9.01
C LEU C 513 2.35 33.77 -10.35
N ASP C 514 1.62 33.33 -11.38
CA ASP C 514 2.16 33.24 -12.75
C ASP C 514 1.65 34.46 -13.47
N LEU C 515 2.56 35.36 -13.84
CA LEU C 515 2.23 36.53 -14.64
C LEU C 515 3.05 36.55 -15.93
N THR C 516 3.50 35.37 -16.36
CA THR C 516 4.30 35.28 -17.57
C THR C 516 3.50 35.80 -18.75
N ASN C 517 4.21 36.22 -19.81
CA ASN C 517 3.58 36.63 -21.08
C ASN C 517 2.55 37.69 -20.90
N ASN C 518 2.96 38.76 -20.24
CA ASN C 518 2.14 39.92 -20.18
C ASN C 518 3.02 41.07 -20.64
N ARG C 519 2.59 42.30 -20.41
CA ARG C 519 3.38 43.44 -20.75
C ARG C 519 3.27 44.43 -19.61
N LEU C 520 3.72 44.01 -18.43
CA LEU C 520 3.50 44.80 -17.22
C LEU C 520 4.30 46.11 -17.21
N ASP C 521 3.67 47.22 -16.82
CA ASP C 521 4.42 48.48 -16.65
C ASP C 521 4.86 48.68 -15.21
N PHE C 522 6.09 48.28 -14.91
CA PHE C 522 6.65 48.42 -13.58
C PHE C 522 6.99 49.89 -13.22
N ASP C 523 5.95 50.65 -12.91
CA ASP C 523 6.10 52.06 -12.54
C ASP C 523 5.82 52.39 -11.05
N ASN C 524 5.59 51.38 -10.21
CA ASN C 524 5.26 51.66 -8.80
C ASN C 524 5.87 50.63 -7.85
N ALA C 525 6.66 51.12 -6.89
CA ALA C 525 7.53 50.27 -6.05
C ALA C 525 6.80 49.44 -5.00
N SER C 526 5.53 49.74 -4.78
CA SER C 526 4.63 48.90 -3.96
C SER C 526 3.96 47.74 -4.74
N ALA C 527 4.41 47.47 -5.96
CA ALA C 527 3.74 46.48 -6.79
C ALA C 527 3.86 45.12 -6.14
N LEU C 528 2.72 44.49 -5.86
CA LEU C 528 2.62 43.09 -5.38
C LEU C 528 2.89 42.88 -3.89
N THR C 529 3.11 43.98 -3.16
CA THR C 529 3.48 43.92 -1.76
C THR C 529 2.34 43.42 -0.86
N GLU C 530 1.09 43.70 -1.26
CA GLU C 530 -0.11 43.20 -0.53
C GLU C 530 -0.18 41.68 -0.36
N LEU C 531 0.64 40.96 -1.12
CA LEU C 531 0.72 39.54 -0.98
C LEU C 531 1.91 39.21 -0.11
N SER C 532 1.73 39.34 1.19
CA SER C 532 2.85 39.17 2.16
C SER C 532 3.37 37.75 2.12
N ASP C 533 2.49 36.83 1.79
CA ASP C 533 2.81 35.41 1.84
C ASP C 533 3.47 34.90 0.56
N LEU C 534 3.69 35.77 -0.42
CA LEU C 534 4.15 35.34 -1.75
C LEU C 534 5.42 34.52 -1.64
N GLU C 535 5.33 33.26 -2.05
CA GLU C 535 6.50 32.39 -2.06
C GLU C 535 7.13 32.30 -3.44
N VAL C 536 6.33 32.49 -4.49
CA VAL C 536 6.83 32.25 -5.88
C VAL C 536 6.27 33.23 -6.90
N LEU C 537 7.15 33.79 -7.72
CA LEU C 537 6.74 34.80 -8.70
C LEU C 537 7.39 34.55 -10.05
N ASP C 538 6.56 34.33 -11.06
CA ASP C 538 7.02 34.19 -12.47
C ASP C 538 6.60 35.42 -13.25
N LEU C 539 7.59 36.12 -13.75
CA LEU C 539 7.37 37.31 -14.60
C LEU C 539 8.15 37.14 -15.92
N SER C 540 8.37 35.90 -16.34
CA SER C 540 8.93 35.63 -17.65
C SER C 540 8.18 36.38 -18.76
N TYR C 541 8.90 36.87 -19.76
CA TYR C 541 8.29 37.45 -20.93
C TYR C 541 7.33 38.57 -20.58
N ASN C 542 7.85 39.60 -19.92
CA ASN C 542 7.17 40.89 -19.80
C ASN C 542 8.11 41.99 -20.34
N SER C 543 8.72 41.69 -21.46
CA SER C 543 9.75 42.54 -22.08
C SER C 543 9.21 43.84 -22.62
N HIS C 544 7.95 43.85 -23.02
CA HIS C 544 7.35 45.00 -23.68
C HIS C 544 7.97 46.35 -23.21
N TYR C 545 7.97 46.64 -21.91
CA TYR C 545 8.38 47.96 -21.43
C TYR C 545 9.85 48.04 -21.04
N PHE C 546 10.38 46.96 -20.46
CA PHE C 546 11.83 46.79 -20.31
C PHE C 546 12.60 47.19 -21.58
N ARG C 547 12.03 46.86 -22.76
CA ARG C 547 12.63 47.17 -24.06
C ARG C 547 12.79 48.66 -24.25
N ILE C 548 11.82 49.43 -23.78
CA ILE C 548 11.82 50.87 -24.02
C ILE C 548 12.70 51.62 -23.02
N ALA C 549 13.83 52.15 -23.45
CA ALA C 549 14.72 52.94 -22.55
C ALA C 549 14.06 54.17 -21.91
N GLY C 550 13.20 54.85 -22.65
CA GLY C 550 12.62 56.12 -22.18
C GLY C 550 11.72 56.02 -20.95
N VAL C 551 11.19 54.82 -20.66
CA VAL C 551 10.20 54.69 -19.55
C VAL C 551 10.76 54.11 -18.27
N THR C 552 10.06 54.42 -17.18
CA THR C 552 10.37 53.92 -15.85
C THR C 552 10.49 52.39 -15.81
N HIS C 553 11.45 51.91 -15.04
CA HIS C 553 11.55 50.49 -14.74
C HIS C 553 11.89 50.29 -13.27
N HIS C 554 10.85 50.22 -12.43
CA HIS C 554 11.03 50.05 -10.97
C HIS C 554 10.84 48.61 -10.52
N LEU C 555 11.95 47.92 -10.21
CA LEU C 555 11.89 46.57 -9.63
C LEU C 555 12.16 46.54 -8.09
N GLU C 556 11.99 47.64 -7.40
CA GLU C 556 12.38 47.73 -6.01
C GLU C 556 11.64 46.77 -5.10
N PHE C 557 10.40 46.50 -5.46
CA PHE C 557 9.41 45.91 -4.61
C PHE C 557 9.80 44.53 -4.21
N ILE C 558 10.81 44.00 -4.85
CA ILE C 558 11.20 42.64 -4.59
C ILE C 558 11.60 42.48 -3.13
N GLN C 559 12.17 43.51 -2.55
CA GLN C 559 12.63 43.45 -1.17
C GLN C 559 11.60 43.29 -0.06
N ASN C 560 10.39 43.75 -0.29
CA ASN C 560 9.37 43.81 0.77
C ASN C 560 8.69 42.46 1.02
N PHE C 561 9.28 41.38 0.48
CA PHE C 561 8.71 40.06 0.62
C PHE C 561 9.49 39.22 1.61
N THR C 562 8.88 39.03 2.77
CA THR C 562 9.46 38.22 3.83
C THR C 562 9.55 36.75 3.40
N ASN C 563 8.70 36.33 2.46
CA ASN C 563 8.55 34.91 2.13
C ASN C 563 8.92 34.48 0.71
N LEU C 564 9.62 35.31 -0.05
CA LEU C 564 9.83 35.03 -1.48
C LEU C 564 11.02 34.11 -1.71
N LYS C 565 10.75 32.93 -2.27
CA LYS C 565 11.77 31.90 -2.43
C LYS C 565 12.27 31.79 -3.87
N VAL C 566 11.35 31.90 -4.85
CA VAL C 566 11.71 31.75 -6.28
C VAL C 566 11.18 32.90 -7.12
N LEU C 567 12.08 33.49 -7.91
CA LEU C 567 11.73 34.60 -8.82
C LEU C 567 12.26 34.40 -10.25
N ASN C 568 11.37 34.55 -11.22
CA ASN C 568 11.72 34.32 -12.59
C ASN C 568 11.42 35.56 -13.37
N LEU C 569 12.47 36.07 -14.01
CA LEU C 569 12.42 37.29 -14.78
C LEU C 569 13.09 37.00 -16.12
N SER C 570 12.97 35.74 -16.55
CA SER C 570 13.52 35.33 -17.81
C SER C 570 12.90 36.07 -18.98
N HIS C 571 13.70 36.31 -20.02
CA HIS C 571 13.26 36.84 -21.29
C HIS C 571 12.46 38.10 -21.12
N ASN C 572 13.04 39.05 -20.41
CA ASN C 572 12.46 40.40 -20.23
C ASN C 572 13.32 41.44 -20.91
N ASN C 573 14.48 41.01 -21.40
CA ASN C 573 15.31 41.89 -22.17
C ASN C 573 15.61 43.12 -21.33
N ILE C 574 15.99 42.87 -20.09
CA ILE C 574 16.23 43.94 -19.15
C ILE C 574 17.63 44.48 -19.37
N TYR C 575 17.73 45.79 -19.50
CA TYR C 575 19.03 46.42 -19.68
C TYR C 575 19.14 47.79 -19.06
N THR C 576 18.08 48.26 -18.40
CA THR C 576 18.09 49.55 -17.74
C THR C 576 16.99 49.61 -16.68
N LEU C 577 17.30 50.28 -15.57
CA LEU C 577 16.39 50.38 -14.42
C LEU C 577 16.38 51.81 -13.91
N THR C 578 15.33 52.15 -13.17
CA THR C 578 15.18 53.51 -12.63
C THR C 578 15.58 53.55 -11.14
N ASP C 579 16.49 54.48 -10.82
CA ASP C 579 17.01 54.72 -9.45
C ASP C 579 17.76 53.51 -8.88
N LYS C 580 17.07 52.59 -8.22
CA LYS C 580 17.74 51.43 -7.65
C LYS C 580 18.30 50.50 -8.75
N TYR C 581 19.61 50.34 -8.76
CA TYR C 581 20.28 49.49 -9.74
C TYR C 581 20.67 48.14 -9.12
N ASN C 582 20.06 47.80 -7.99
CA ASN C 582 20.33 46.54 -7.28
C ASN C 582 19.10 45.76 -6.92
N LEU C 583 19.18 44.45 -7.09
CA LEU C 583 18.17 43.54 -6.61
C LEU C 583 18.47 43.14 -5.15
N GLU C 584 17.55 43.46 -4.24
CA GLU C 584 17.76 43.22 -2.80
C GLU C 584 16.71 42.28 -2.21
N SER C 585 17.16 41.19 -1.58
CA SER C 585 16.24 40.29 -0.86
C SER C 585 16.97 39.46 0.18
N LYS C 586 16.45 39.47 1.42
CA LYS C 586 16.98 38.64 2.49
C LYS C 586 16.51 37.20 2.35
N SER C 587 15.50 36.99 1.51
CA SER C 587 14.81 35.71 1.43
C SER C 587 15.19 34.86 0.23
N LEU C 588 15.18 35.50 -0.95
CA LEU C 588 15.17 34.77 -2.20
C LEU C 588 16.29 33.76 -2.31
N VAL C 589 15.91 32.52 -2.59
CA VAL C 589 16.84 31.44 -2.86
C VAL C 589 17.20 31.35 -4.34
N GLU C 590 16.20 31.50 -5.21
CA GLU C 590 16.37 31.23 -6.63
C GLU C 590 15.97 32.42 -7.46
N LEU C 591 16.83 32.80 -8.40
CA LEU C 591 16.52 33.81 -9.41
C LEU C 591 16.88 33.31 -10.79
N VAL C 592 15.91 33.36 -11.71
CA VAL C 592 16.21 33.12 -13.13
C VAL C 592 16.25 34.45 -13.87
N PHE C 593 17.42 34.75 -14.45
CA PHE C 593 17.68 36.06 -15.11
C PHE C 593 18.04 35.89 -16.58
N SER C 594 17.65 34.77 -17.15
CA SER C 594 18.06 34.42 -18.51
C SER C 594 17.32 35.31 -19.48
N GLY C 595 17.89 35.51 -20.67
CA GLY C 595 17.21 36.28 -21.74
C GLY C 595 17.02 37.73 -21.39
N ASN C 596 18.00 38.28 -20.69
CA ASN C 596 18.06 39.68 -20.37
C ASN C 596 19.37 40.20 -20.91
N ARG C 597 19.71 41.44 -20.58
CA ARG C 597 20.90 42.05 -21.14
C ARG C 597 21.97 42.43 -20.11
N LEU C 598 22.59 41.43 -19.49
CA LEU C 598 23.80 41.63 -18.67
C LEU C 598 25.02 42.02 -19.50
N ASP C 599 24.97 41.81 -20.81
CA ASP C 599 26.04 42.31 -21.68
C ASP C 599 26.03 43.83 -21.61
N ILE C 600 24.84 44.41 -21.54
CA ILE C 600 24.66 45.85 -21.52
C ILE C 600 24.84 46.46 -20.12
N LEU C 601 24.26 45.82 -19.13
CA LEU C 601 24.31 46.35 -17.80
C LEU C 601 25.76 46.34 -17.34
N TRP C 602 26.48 45.32 -17.78
CA TRP C 602 27.89 45.14 -17.39
C TRP C 602 28.84 45.53 -18.51
N ASN C 603 28.54 46.62 -19.21
CA ASN C 603 29.51 47.28 -20.06
C ASN C 603 30.62 47.83 -19.17
N ASP C 604 31.86 47.74 -19.67
CA ASP C 604 33.03 48.27 -18.97
C ASP C 604 32.99 49.79 -18.80
N ASP C 605 32.10 50.46 -19.52
CA ASP C 605 31.98 51.89 -19.44
C ASP C 605 30.89 52.32 -18.49
N ASP C 606 30.32 51.35 -17.78
CA ASP C 606 29.27 51.64 -16.80
C ASP C 606 29.58 50.94 -15.49
N ASN C 607 29.53 51.68 -14.39
CA ASN C 607 29.75 51.09 -13.06
C ASN C 607 28.45 50.68 -12.34
N ARG C 608 27.35 51.35 -12.69
CA ARG C 608 26.11 51.27 -11.91
C ARG C 608 25.64 49.85 -11.51
N TYR C 609 25.83 48.85 -12.36
CA TYR C 609 25.20 47.53 -12.13
C TYR C 609 26.17 46.44 -11.70
N ILE C 610 27.33 46.82 -11.15
CA ILE C 610 28.32 45.84 -10.63
C ILE C 610 27.76 44.95 -9.50
N SER C 611 26.98 45.56 -8.61
CA SER C 611 26.44 44.90 -7.41
C SER C 611 24.92 44.54 -7.50
N ILE C 612 24.42 44.35 -8.72
CA ILE C 612 22.99 44.13 -8.98
C ILE C 612 22.41 42.91 -8.24
N PHE C 613 23.21 41.85 -8.12
CA PHE C 613 22.79 40.63 -7.42
C PHE C 613 23.29 40.48 -5.98
N LYS C 614 24.27 41.30 -5.57
CA LYS C 614 24.91 41.16 -4.25
C LYS C 614 23.90 41.16 -3.11
N GLY C 615 22.88 42.01 -3.22
CA GLY C 615 21.84 42.12 -2.19
C GLY C 615 20.92 40.93 -2.05
N LEU C 616 21.08 39.91 -2.92
CA LEU C 616 20.33 38.66 -2.80
C LEU C 616 21.05 37.72 -1.84
N LYS C 617 20.65 37.77 -0.57
CA LYS C 617 21.46 37.25 0.55
C LYS C 617 21.45 35.74 0.63
N ASN C 618 20.24 35.16 0.65
CA ASN C 618 20.05 33.73 0.86
C ASN C 618 20.27 32.93 -0.45
N LEU C 619 20.62 33.64 -1.54
CA LEU C 619 20.53 33.07 -2.88
C LEU C 619 21.46 31.90 -3.07
N THR C 620 20.90 30.76 -3.44
CA THR C 620 21.67 29.55 -3.69
C THR C 620 21.70 29.14 -5.15
N ARG C 621 20.82 29.75 -5.98
CA ARG C 621 20.71 29.38 -7.42
C ARG C 621 20.51 30.59 -8.34
N LEU C 622 21.40 30.74 -9.31
CA LEU C 622 21.37 31.88 -10.22
C LEU C 622 21.56 31.46 -11.66
N ASP C 623 20.66 31.92 -12.52
CA ASP C 623 20.68 31.56 -13.94
C ASP C 623 20.87 32.79 -14.78
N LEU C 624 22.05 32.89 -15.38
CA LEU C 624 22.44 34.03 -16.18
C LEU C 624 22.60 33.63 -17.65
N SER C 625 22.01 32.50 -18.05
CA SER C 625 22.09 32.07 -19.44
C SER C 625 21.57 33.15 -20.41
N LEU C 626 21.95 33.07 -21.68
CA LEU C 626 21.37 33.96 -22.73
C LEU C 626 21.33 35.43 -22.34
N ASN C 627 22.47 35.98 -21.93
CA ASN C 627 22.64 37.44 -21.78
C ASN C 627 23.71 38.00 -22.73
N ARG C 628 24.07 37.24 -23.75
CA ARG C 628 24.97 37.74 -24.78
C ARG C 628 26.31 38.19 -24.24
N LEU C 629 26.80 37.52 -23.18
CA LEU C 629 28.02 37.96 -22.48
C LEU C 629 29.28 37.45 -23.17
N LYS C 630 30.15 38.36 -23.55
CA LYS C 630 31.45 37.98 -24.10
C LYS C 630 32.46 37.82 -22.96
N HIS C 631 32.40 38.72 -21.99
CA HIS C 631 33.19 38.60 -20.78
C HIS C 631 32.44 39.20 -19.58
N ILE C 632 32.76 38.72 -18.39
CA ILE C 632 32.14 39.25 -17.18
C ILE C 632 33.11 40.13 -16.39
N PRO C 633 32.76 41.42 -16.23
CA PRO C 633 33.60 42.29 -15.42
C PRO C 633 34.12 41.57 -14.19
N ASN C 634 35.45 41.48 -14.08
CA ASN C 634 36.07 40.80 -12.96
C ASN C 634 35.38 41.14 -11.64
N GLU C 635 35.21 42.44 -11.37
CA GLU C 635 34.59 42.88 -10.12
C GLU C 635 33.10 42.47 -9.97
N ALA C 636 32.37 42.44 -11.08
CA ALA C 636 30.95 42.09 -11.03
C ALA C 636 30.77 40.66 -10.57
N PHE C 637 31.64 39.80 -11.09
CA PHE C 637 31.65 38.39 -10.70
C PHE C 637 31.85 38.23 -9.20
N LEU C 638 32.68 39.07 -8.61
CA LEU C 638 32.93 38.99 -7.17
C LEU C 638 31.65 39.25 -6.43
N ASN C 639 30.88 40.25 -6.88
CA ASN C 639 29.69 40.71 -6.16
C ASN C 639 28.46 39.82 -6.32
N LEU C 640 28.63 38.64 -6.89
CA LEU C 640 27.61 37.60 -6.79
C LEU C 640 27.61 37.00 -5.38
N PRO C 641 26.41 36.69 -4.83
CA PRO C 641 26.25 36.19 -3.46
C PRO C 641 27.15 35.02 -3.14
N ALA C 642 27.79 35.04 -1.97
CA ALA C 642 28.73 33.99 -1.56
C ALA C 642 28.04 32.63 -1.40
N SER C 643 26.73 32.71 -1.15
CA SER C 643 25.90 31.53 -0.92
C SER C 643 25.78 30.56 -2.09
N LEU C 644 26.06 31.01 -3.30
CA LEU C 644 25.69 30.24 -4.48
C LEU C 644 26.20 28.81 -4.40
N THR C 645 25.28 27.87 -4.63
CA THR C 645 25.60 26.45 -4.81
C THR C 645 25.59 26.09 -6.29
N GLU C 646 24.87 26.89 -7.07
CA GLU C 646 24.51 26.52 -8.42
C GLU C 646 24.50 27.76 -9.27
N LEU C 647 25.35 27.81 -10.30
CA LEU C 647 25.39 28.96 -11.20
C LEU C 647 25.44 28.53 -12.66
N HIS C 648 24.41 28.92 -13.40
CA HIS C 648 24.36 28.72 -14.84
C HIS C 648 24.67 30.02 -15.57
N ILE C 649 25.75 30.01 -16.35
CA ILE C 649 26.09 31.10 -17.25
C ILE C 649 26.14 30.56 -18.69
N ASN C 650 25.35 29.55 -18.97
CA ASN C 650 25.44 28.85 -20.23
C ASN C 650 24.77 29.63 -21.39
N ASP C 651 25.12 29.24 -22.62
CA ASP C 651 24.57 29.84 -23.84
C ASP C 651 24.73 31.36 -23.88
N ASN C 652 25.94 31.80 -23.55
CA ASN C 652 26.35 33.18 -23.75
C ASN C 652 27.37 33.16 -24.89
N MET C 653 28.36 34.05 -24.86
CA MET C 653 29.38 34.10 -25.91
C MET C 653 30.79 34.17 -25.31
N LEU C 654 30.97 33.62 -24.12
CA LEU C 654 32.18 33.90 -23.32
C LEU C 654 33.50 33.53 -24.01
N LYS C 655 34.48 34.42 -23.88
CA LYS C 655 35.84 34.12 -24.26
C LYS C 655 36.68 33.88 -23.01
N PHE C 656 36.78 34.91 -22.16
CA PHE C 656 37.64 34.83 -20.97
C PHE C 656 36.82 34.59 -19.68
N PHE C 657 37.41 33.87 -18.71
CA PHE C 657 36.74 33.50 -17.45
C PHE C 657 37.76 33.26 -16.31
N ASN C 658 37.92 34.26 -15.42
CA ASN C 658 38.97 34.20 -14.38
C ASN C 658 38.60 33.14 -13.33
N TRP C 659 39.01 31.90 -13.64
CA TRP C 659 38.86 30.75 -12.73
C TRP C 659 39.25 31.04 -11.27
N THR C 660 40.26 31.88 -11.08
CA THR C 660 40.72 32.30 -9.75
C THR C 660 39.58 32.66 -8.81
N LEU C 661 38.53 33.27 -9.36
CA LEU C 661 37.55 33.98 -8.55
C LEU C 661 36.61 33.05 -7.78
N LEU C 662 36.68 31.74 -8.07
CA LEU C 662 35.84 30.75 -7.37
C LEU C 662 36.14 30.59 -5.87
N GLN C 663 37.02 31.44 -5.33
CA GLN C 663 37.40 31.33 -3.91
C GLN C 663 36.46 32.11 -2.98
N GLN C 664 35.52 32.88 -3.54
CA GLN C 664 34.47 33.54 -2.74
C GLN C 664 33.18 32.73 -2.72
N PHE C 665 33.21 31.53 -3.31
CA PHE C 665 32.04 30.63 -3.29
C PHE C 665 32.51 29.26 -2.83
N PRO C 666 32.46 29.03 -1.52
CA PRO C 666 32.74 27.71 -0.95
C PRO C 666 31.52 26.79 -0.93
N ARG C 667 30.33 27.30 -1.29
CA ARG C 667 29.13 26.46 -1.42
C ARG C 667 28.96 25.93 -2.87
N LEU C 668 29.59 26.61 -3.81
CA LEU C 668 29.39 26.34 -5.22
C LEU C 668 29.69 24.88 -5.58
N GLU C 669 28.64 24.17 -5.97
CA GLU C 669 28.73 22.78 -6.34
C GLU C 669 28.71 22.60 -7.84
N LEU C 670 27.84 23.35 -8.50
CA LEU C 670 27.58 23.16 -9.91
C LEU C 670 27.94 24.44 -10.67
N LEU C 671 28.62 24.27 -11.82
CA LEU C 671 28.97 25.39 -12.72
C LEU C 671 28.69 25.11 -14.21
N ASP C 672 27.72 25.83 -14.77
CA ASP C 672 27.33 25.66 -16.16
C ASP C 672 28.00 26.72 -17.00
N LEU C 673 28.89 26.29 -17.88
CA LEU C 673 29.54 27.19 -18.82
C LEU C 673 29.37 26.71 -20.27
N ARG C 674 28.42 25.80 -20.47
CA ARG C 674 28.11 25.28 -21.80
C ARG C 674 27.71 26.37 -22.80
N GLY C 675 27.89 26.08 -24.09
CA GLY C 675 27.53 26.99 -25.17
C GLY C 675 28.21 28.34 -25.06
N ASN C 676 29.54 28.33 -25.06
CA ASN C 676 30.32 29.56 -25.09
C ASN C 676 31.47 29.37 -26.06
N LYS C 677 32.53 30.18 -25.90
CA LYS C 677 33.69 30.11 -26.78
C LYS C 677 34.95 30.12 -25.93
N LEU C 678 35.02 29.20 -24.99
CA LEU C 678 36.14 29.15 -24.02
C LEU C 678 37.30 28.32 -24.53
N LEU C 679 38.51 28.89 -24.44
CA LEU C 679 39.68 28.36 -25.16
C LEU C 679 40.60 27.48 -24.30
N PHE C 680 40.79 27.84 -23.03
CA PHE C 680 41.56 26.99 -22.10
C PHE C 680 41.09 27.11 -20.65
N LEU C 681 41.24 26.00 -19.94
CA LEU C 681 41.03 25.95 -18.48
C LEU C 681 42.29 26.47 -17.76
N THR C 682 42.19 26.59 -16.44
CA THR C 682 43.38 26.83 -15.62
C THR C 682 44.08 25.50 -15.33
N ASP C 683 45.38 25.58 -15.08
CA ASP C 683 46.23 24.41 -14.86
C ASP C 683 46.24 23.93 -13.40
N SER C 684 45.55 24.66 -12.53
CA SER C 684 45.60 24.40 -11.10
C SER C 684 44.30 24.81 -10.42
N LEU C 685 43.27 23.96 -10.55
CA LEU C 685 41.92 24.35 -10.10
C LEU C 685 41.79 24.38 -8.59
N SER C 686 42.23 23.32 -7.92
CA SER C 686 41.94 23.15 -6.49
C SER C 686 42.55 24.24 -5.62
N ASP C 687 43.41 25.07 -6.21
CA ASP C 687 43.81 26.35 -5.61
C ASP C 687 42.62 27.33 -5.53
N PHE C 688 41.52 26.99 -6.21
CA PHE C 688 40.39 27.91 -6.38
C PHE C 688 39.07 27.37 -5.81
N THR C 689 38.78 26.11 -6.08
CA THR C 689 37.58 25.50 -5.52
C THR C 689 37.86 24.19 -4.74
N SER C 690 37.43 24.18 -3.48
CA SER C 690 37.26 22.94 -2.75
C SER C 690 35.97 22.31 -3.18
N SER C 691 34.99 23.17 -3.46
CA SER C 691 33.56 22.84 -3.33
C SER C 691 32.86 22.26 -4.56
N LEU C 692 33.54 22.22 -5.70
CA LEU C 692 32.88 21.87 -6.96
C LEU C 692 32.58 20.38 -7.07
N ARG C 693 31.32 20.08 -7.37
CA ARG C 693 30.83 18.71 -7.56
C ARG C 693 30.62 18.42 -9.06
N THR C 694 30.03 19.38 -9.78
CA THR C 694 29.71 19.25 -11.20
C THR C 694 30.36 20.36 -12.00
N LEU C 695 30.76 20.07 -13.24
CA LEU C 695 31.29 21.10 -14.13
C LEU C 695 30.90 20.86 -15.58
N LEU C 696 30.04 21.74 -16.10
CA LEU C 696 29.52 21.61 -17.46
C LEU C 696 30.23 22.60 -18.35
N LEU C 697 30.82 22.09 -19.42
CA LEU C 697 31.61 22.90 -20.36
C LEU C 697 31.43 22.47 -21.83
N SER C 698 30.34 21.76 -22.14
CA SER C 698 30.06 21.30 -23.51
C SER C 698 29.87 22.46 -24.47
N HIS C 699 30.18 22.20 -25.75
CA HIS C 699 30.11 23.20 -26.81
C HIS C 699 30.94 24.42 -26.42
N ASN C 700 32.26 24.24 -26.47
CA ASN C 700 33.22 25.33 -26.27
C ASN C 700 34.43 25.14 -27.20
N ARG C 701 35.44 26.01 -27.08
CA ARG C 701 36.60 25.97 -27.97
C ARG C 701 37.87 25.48 -27.26
N ILE C 702 37.72 24.48 -26.39
CA ILE C 702 38.86 23.93 -25.67
C ILE C 702 39.67 23.04 -26.58
N SER C 703 40.97 23.27 -26.64
CA SER C 703 41.85 22.59 -27.58
C SER C 703 42.66 21.49 -26.90
N HIS C 704 43.39 21.86 -25.84
CA HIS C 704 44.21 20.92 -25.04
C HIS C 704 43.90 21.08 -23.54
N LEU C 705 44.49 20.20 -22.72
CA LEU C 705 44.11 20.02 -21.32
C LEU C 705 45.36 20.01 -20.41
N PRO C 706 45.35 20.79 -19.31
CA PRO C 706 46.35 20.61 -18.23
C PRO C 706 46.29 19.18 -17.63
N SER C 707 47.37 18.66 -17.01
CA SER C 707 48.68 19.32 -16.77
C SER C 707 48.62 20.60 -15.90
N GLY C 708 48.11 20.49 -14.66
CA GLY C 708 47.62 19.24 -14.06
C GLY C 708 46.14 19.33 -13.69
N PHE C 709 45.29 18.62 -14.43
CA PHE C 709 43.83 18.77 -14.32
C PHE C 709 43.15 17.50 -13.82
N LEU C 710 41.89 17.63 -13.42
CA LEU C 710 41.00 16.49 -13.12
C LEU C 710 41.51 15.50 -12.06
N SER C 711 42.60 15.85 -11.38
CA SER C 711 43.09 15.06 -10.26
C SER C 711 43.66 15.99 -9.19
N GLU C 712 43.04 17.16 -9.05
CA GLU C 712 43.45 18.13 -8.05
C GLU C 712 42.24 18.54 -7.18
N VAL C 713 41.06 18.68 -7.79
CA VAL C 713 39.80 18.74 -7.04
C VAL C 713 39.16 17.35 -7.01
N SER C 714 39.06 16.78 -5.82
CA SER C 714 38.64 15.40 -5.63
C SER C 714 37.12 15.28 -5.44
N SER C 715 36.50 16.37 -4.98
CA SER C 715 35.06 16.42 -4.74
C SER C 715 34.23 16.42 -6.05
N LEU C 716 34.89 16.72 -7.18
CA LEU C 716 34.22 16.78 -8.48
C LEU C 716 33.84 15.40 -9.04
N LYS C 717 32.52 15.20 -9.24
CA LYS C 717 31.95 13.93 -9.71
C LYS C 717 31.70 13.88 -11.24
N HIS C 718 31.10 14.95 -11.78
CA HIS C 718 30.63 14.98 -13.17
C HIS C 718 31.36 16.09 -13.90
N LEU C 719 31.93 15.75 -15.05
CA LEU C 719 32.71 16.68 -15.87
C LEU C 719 32.31 16.53 -17.33
N ASP C 720 31.76 17.60 -17.89
CA ASP C 720 31.14 17.57 -19.21
C ASP C 720 32.03 18.31 -20.19
N LEU C 721 32.83 17.57 -20.96
CA LEU C 721 33.72 18.19 -21.93
C LEU C 721 33.41 17.72 -23.34
N SER C 722 32.15 17.32 -23.56
CA SER C 722 31.70 16.87 -24.88
C SER C 722 31.54 18.05 -25.81
N SER C 723 31.60 17.77 -27.11
CA SER C 723 31.53 18.80 -28.15
C SER C 723 32.45 19.96 -27.85
N ASN C 724 33.74 19.69 -27.99
CA ASN C 724 34.78 20.70 -27.87
C ASN C 724 35.79 20.50 -29.00
N LEU C 725 37.01 21.00 -28.83
CA LEU C 725 38.07 20.85 -29.83
C LEU C 725 39.26 20.03 -29.31
N LEU C 726 38.95 18.98 -28.55
CA LEU C 726 39.99 18.12 -27.98
C LEU C 726 40.56 17.15 -29.03
N LYS C 727 41.79 17.43 -29.46
CA LYS C 727 42.50 16.59 -30.43
C LYS C 727 42.85 15.25 -29.83
N THR C 728 43.30 15.27 -28.58
CA THR C 728 43.63 14.05 -27.84
C THR C 728 43.76 14.33 -26.35
N ILE C 729 43.88 13.28 -25.55
CA ILE C 729 44.10 13.41 -24.11
C ILE C 729 45.52 12.96 -23.79
N ASN C 730 46.36 13.93 -23.44
CA ASN C 730 47.68 13.63 -22.90
C ASN C 730 47.53 12.79 -21.63
N LYS C 731 48.65 12.45 -21.01
CA LYS C 731 48.63 11.49 -19.91
C LYS C 731 48.23 12.20 -18.60
N SER C 732 48.67 13.45 -18.45
CA SER C 732 48.13 14.35 -17.43
C SER C 732 46.83 14.97 -17.91
N ALA C 733 45.80 15.13 -17.06
CA ALA C 733 45.72 14.60 -15.68
C ALA C 733 46.86 15.02 -14.67
N LEU C 734 47.81 14.15 -14.23
CA LEU C 734 48.02 12.75 -14.67
C LEU C 734 47.42 11.72 -13.74
N GLU C 735 47.32 12.07 -12.45
CA GLU C 735 47.06 11.09 -11.40
C GLU C 735 45.84 10.21 -11.74
N THR C 736 46.15 9.08 -12.37
CA THR C 736 45.13 8.15 -12.88
C THR C 736 44.40 7.47 -11.72
N LYS C 737 45.18 7.01 -10.74
CA LYS C 737 44.67 6.13 -9.69
C LYS C 737 44.31 6.86 -8.36
N THR C 738 44.14 8.18 -8.40
CA THR C 738 43.70 8.87 -7.19
C THR C 738 42.35 8.26 -6.88
N THR C 739 42.20 7.81 -5.66
CA THR C 739 41.12 6.91 -5.31
C THR C 739 39.73 7.49 -5.48
N THR C 740 39.58 8.76 -5.13
CA THR C 740 38.27 9.41 -5.14
C THR C 740 38.23 10.49 -6.22
N LYS C 741 37.18 10.49 -7.02
CA LYS C 741 37.23 11.20 -8.26
C LYS C 741 35.92 11.26 -9.04
N LEU C 742 36.06 11.47 -10.34
CA LEU C 742 34.91 11.59 -11.21
C LEU C 742 34.12 10.33 -11.22
N SER C 743 32.81 10.52 -11.17
CA SER C 743 31.85 9.48 -11.47
C SER C 743 31.59 9.42 -12.98
N MET C 744 31.47 10.58 -13.61
CA MET C 744 30.92 10.67 -14.97
C MET C 744 31.75 11.60 -15.85
N LEU C 745 32.26 11.06 -16.95
CA LEU C 745 33.04 11.86 -17.93
C LEU C 745 32.38 11.77 -19.28
N GLU C 746 32.03 12.92 -19.84
CA GLU C 746 31.42 12.99 -21.17
C GLU C 746 32.42 13.59 -22.13
N LEU C 747 32.73 12.86 -23.20
CA LEU C 747 33.67 13.31 -24.21
C LEU C 747 33.26 12.78 -25.58
N HIS C 748 32.08 13.16 -26.02
CA HIS C 748 31.63 12.86 -27.36
C HIS C 748 31.61 14.14 -28.17
N GLY C 749 31.79 14.03 -29.48
CA GLY C 749 31.74 15.20 -30.38
C GLY C 749 33.04 15.97 -30.45
N ASN C 750 34.16 15.31 -30.15
CA ASN C 750 35.48 15.92 -30.25
C ASN C 750 36.23 15.36 -31.44
N PRO C 751 37.15 16.17 -32.03
CA PRO C 751 37.88 15.79 -33.24
C PRO C 751 39.16 15.00 -32.95
N PHE C 752 39.00 13.74 -32.57
CA PHE C 752 40.13 12.92 -32.18
C PHE C 752 40.99 12.54 -33.40
N GLU C 753 42.31 12.71 -33.26
CA GLU C 753 43.26 12.08 -34.19
C GLU C 753 43.65 10.75 -33.56
N CYS C 754 43.38 9.66 -34.26
CA CYS C 754 43.49 8.34 -33.66
C CYS C 754 44.75 7.59 -34.12
N THR C 755 45.66 7.39 -33.17
CA THR C 755 46.96 6.76 -33.41
C THR C 755 47.29 5.89 -32.19
N CYS C 756 48.57 5.60 -31.96
CA CYS C 756 49.04 4.99 -30.70
C CYS C 756 49.44 6.06 -29.69
N ASP C 757 49.03 7.30 -29.95
CA ASP C 757 49.08 8.36 -28.95
C ASP C 757 47.78 8.37 -28.13
N ILE C 758 46.68 8.04 -28.81
CA ILE C 758 45.36 7.98 -28.18
C ILE C 758 45.24 6.70 -27.35
N GLY C 759 45.91 5.65 -27.81
CA GLY C 759 45.97 4.38 -27.10
C GLY C 759 46.41 4.53 -25.65
N ASP C 760 47.16 5.61 -25.38
CA ASP C 760 47.56 5.93 -24.00
C ASP C 760 46.34 6.23 -23.13
N PHE C 761 45.44 7.08 -23.64
CA PHE C 761 44.20 7.40 -22.91
C PHE C 761 43.37 6.15 -22.64
N ARG C 762 43.35 5.22 -23.59
CA ARG C 762 42.57 4.00 -23.43
C ARG C 762 43.05 3.16 -22.22
N ARG C 763 44.30 3.38 -21.78
CA ARG C 763 44.73 2.89 -20.46
C ARG C 763 43.87 3.55 -19.39
N TRP C 764 43.80 4.88 -19.42
CA TRP C 764 42.90 5.64 -18.55
C TRP C 764 41.54 4.98 -18.51
N MET C 765 40.92 4.80 -19.69
CA MET C 765 39.57 4.24 -19.76
C MET C 765 39.52 2.86 -19.15
N ASP C 766 40.23 1.92 -19.77
CA ASP C 766 40.15 0.50 -19.41
C ASP C 766 40.48 0.27 -17.94
N GLU C 767 41.43 1.03 -17.41
CA GLU C 767 41.79 0.96 -16.00
C GLU C 767 40.99 1.95 -15.14
N HIS C 768 39.81 2.35 -15.63
CA HIS C 768 38.86 3.15 -14.85
C HIS C 768 37.46 2.84 -15.31
N LEU C 769 36.97 1.65 -15.00
CA LEU C 769 35.60 1.26 -15.35
C LEU C 769 34.60 1.69 -14.28
N ASN C 770 35.10 2.23 -13.18
CA ASN C 770 34.27 2.99 -12.24
C ASN C 770 33.82 4.35 -12.83
N VAL C 771 34.63 4.92 -13.72
CA VAL C 771 34.30 6.18 -14.40
C VAL C 771 33.44 5.94 -15.64
N LYS C 772 32.15 6.30 -15.53
CA LYS C 772 31.19 6.12 -16.62
C LYS C 772 31.44 7.17 -17.69
N ILE C 773 31.48 6.73 -18.95
CA ILE C 773 31.54 7.63 -20.08
C ILE C 773 30.38 7.30 -21.01
N PRO C 774 29.23 7.98 -20.81
CA PRO C 774 28.04 7.63 -21.58
C PRO C 774 28.16 8.09 -23.02
N ARG C 775 27.29 7.55 -23.88
CA ARG C 775 27.28 7.90 -25.29
C ARG C 775 28.68 7.72 -25.86
N LEU C 776 29.03 6.47 -26.14
CA LEU C 776 30.38 6.12 -26.55
C LEU C 776 30.53 6.15 -28.09
N VAL C 777 29.43 6.04 -28.81
CA VAL C 777 29.47 5.94 -30.27
C VAL C 777 29.53 7.30 -30.94
N ASP C 778 29.43 8.37 -30.17
CA ASP C 778 29.65 9.72 -30.69
C ASP C 778 30.94 10.31 -30.14
N VAL C 779 31.80 9.43 -29.60
CA VAL C 779 33.19 9.75 -29.33
C VAL C 779 34.01 9.32 -30.56
N ILE C 780 34.28 10.26 -31.46
CA ILE C 780 34.63 9.93 -32.84
C ILE C 780 36.00 10.48 -33.26
N CYS C 781 36.79 9.60 -33.88
CA CYS C 781 37.99 10.02 -34.59
C CYS C 781 37.60 10.92 -35.75
N ALA C 782 38.15 12.12 -35.78
CA ALA C 782 38.06 12.97 -36.97
C ALA C 782 39.10 12.52 -38.01
N SER C 783 40.22 12.00 -37.51
CA SER C 783 41.32 11.53 -38.35
C SER C 783 41.92 10.23 -37.79
N PRO C 784 42.64 9.47 -38.62
CA PRO C 784 42.83 9.76 -40.04
C PRO C 784 41.60 9.40 -40.88
N GLY C 785 41.61 9.82 -42.16
CA GLY C 785 40.43 9.74 -43.05
C GLY C 785 39.81 8.36 -43.28
N ASP C 786 40.62 7.31 -43.10
CA ASP C 786 40.13 5.91 -43.14
C ASP C 786 39.28 5.56 -41.90
N GLN C 787 39.79 5.93 -40.72
CA GLN C 787 39.09 5.68 -39.44
C GLN C 787 38.14 6.83 -39.05
N ARG C 788 38.19 7.90 -39.82
CA ARG C 788 37.19 8.96 -39.75
C ARG C 788 35.79 8.36 -39.86
N GLY C 789 34.94 8.68 -38.90
CA GLY C 789 33.61 8.08 -38.79
C GLY C 789 33.54 7.11 -37.62
N LYS C 790 34.55 6.26 -37.48
CA LYS C 790 34.51 5.17 -36.52
C LYS C 790 34.70 5.66 -35.09
N SER C 791 34.40 4.78 -34.14
CA SER C 791 34.56 5.06 -32.72
C SER C 791 36.05 5.15 -32.35
N ILE C 792 36.32 5.29 -31.06
CA ILE C 792 37.71 5.19 -30.55
C ILE C 792 37.92 3.93 -29.72
N VAL C 793 36.90 3.07 -29.67
CA VAL C 793 37.04 1.72 -29.16
C VAL C 793 37.16 0.75 -30.34
N SER C 794 36.77 1.17 -31.54
CA SER C 794 36.88 0.33 -32.74
C SER C 794 38.27 -0.30 -32.82
N LEU C 795 39.31 0.53 -32.87
CA LEU C 795 40.68 0.10 -32.59
C LEU C 795 41.51 1.31 -32.17
N ARG D 10 42.82 36.39 -60.70
CA ARG D 10 41.80 36.37 -59.61
C ARG D 10 42.37 36.86 -58.26
N SER D 11 41.99 38.06 -57.88
CA SER D 11 42.56 38.72 -56.70
C SER D 11 42.44 37.91 -55.39
N TYR D 12 43.23 38.30 -54.39
CA TYR D 12 43.29 37.64 -53.08
C TYR D 12 44.22 38.50 -52.19
N PRO D 13 43.88 38.72 -50.91
CA PRO D 13 42.72 38.14 -50.26
C PRO D 13 41.47 39.01 -50.34
N CYS D 14 41.58 40.16 -50.99
CA CYS D 14 40.46 41.09 -51.08
C CYS D 14 39.50 40.69 -52.20
N ASP D 15 38.23 41.04 -52.03
CA ASP D 15 37.23 41.00 -53.09
C ASP D 15 37.24 42.34 -53.80
N GLU D 16 37.95 42.40 -54.93
CA GLU D 16 38.23 43.66 -55.60
C GLU D 16 37.31 43.82 -56.81
N LYS D 17 36.54 44.91 -56.84
CA LYS D 17 35.64 45.15 -57.96
C LYS D 17 35.58 46.62 -58.35
N LYS D 18 35.01 46.87 -59.52
CA LYS D 18 35.29 48.09 -60.28
C LYS D 18 34.40 49.30 -59.93
N GLN D 19 33.14 49.06 -59.56
CA GLN D 19 32.20 50.14 -59.21
C GLN D 19 32.12 51.22 -60.29
N VAL D 23 37.81 51.58 -58.95
CA VAL D 23 38.34 50.29 -58.48
C VAL D 23 38.58 50.30 -56.94
N ILE D 24 38.11 49.25 -56.26
CA ILE D 24 38.01 49.21 -54.80
C ILE D 24 38.22 47.78 -54.28
N ALA D 25 38.87 47.65 -53.11
CA ALA D 25 39.14 46.34 -52.51
C ALA D 25 38.43 46.17 -51.16
N GLU D 26 37.44 45.28 -51.12
CA GLU D 26 36.84 44.84 -49.87
C GLU D 26 37.81 43.88 -49.24
N CYS D 27 38.20 44.14 -47.99
CA CYS D 27 39.17 43.28 -47.34
C CYS D 27 38.96 43.24 -45.80
N SER D 28 37.71 43.17 -45.37
CA SER D 28 37.37 43.15 -43.94
C SER D 28 36.99 41.74 -43.50
N ASN D 29 36.78 41.56 -42.20
CA ASN D 29 36.24 40.31 -41.66
C ASN D 29 37.12 39.08 -41.93
N ARG D 30 38.26 39.29 -42.55
CA ARG D 30 38.90 38.23 -43.32
C ARG D 30 39.96 37.44 -42.52
N ARG D 31 39.99 37.66 -41.20
CA ARG D 31 40.96 37.02 -40.29
C ARG D 31 42.42 37.32 -40.69
N LEU D 32 42.64 38.53 -41.20
CA LEU D 32 43.97 38.99 -41.60
C LEU D 32 44.77 39.39 -40.36
N GLN D 33 46.02 38.93 -40.28
CA GLN D 33 46.91 39.22 -39.14
C GLN D 33 47.95 40.31 -39.49
N GLU D 34 48.35 40.37 -40.75
CA GLU D 34 49.17 41.47 -41.27
C GLU D 34 48.44 42.05 -42.48
N VAL D 35 48.59 43.35 -42.72
CA VAL D 35 48.12 43.92 -43.98
C VAL D 35 48.79 43.12 -45.13
N PRO D 36 47.97 42.55 -46.04
CA PRO D 36 48.52 41.53 -46.94
C PRO D 36 49.30 42.14 -48.11
N GLN D 37 50.44 41.54 -48.43
CA GLN D 37 51.35 42.09 -49.42
C GLN D 37 51.00 41.61 -50.83
N THR D 38 49.74 41.22 -51.04
CA THR D 38 49.33 40.54 -52.28
C THR D 38 48.13 41.24 -52.95
N VAL D 39 48.14 42.56 -52.90
CA VAL D 39 47.01 43.36 -53.38
C VAL D 39 47.24 43.70 -54.84
N GLY D 40 46.15 43.92 -55.58
CA GLY D 40 46.24 44.61 -56.87
C GLY D 40 46.78 46.00 -56.65
N LYS D 41 47.64 46.47 -57.56
CA LYS D 41 48.45 47.67 -57.32
C LYS D 41 47.98 48.87 -58.17
N TYR D 42 46.72 48.86 -58.56
CA TYR D 42 46.10 50.02 -59.23
C TYR D 42 44.75 50.33 -58.58
N VAL D 43 44.64 49.98 -57.29
CA VAL D 43 43.40 50.13 -56.53
C VAL D 43 43.37 51.52 -55.90
N THR D 44 42.17 52.08 -55.73
CA THR D 44 42.02 53.44 -55.18
C THR D 44 41.29 53.50 -53.84
N GLU D 45 40.69 52.40 -53.39
CA GLU D 45 40.11 52.32 -52.02
C GLU D 45 40.26 50.92 -51.45
N LEU D 46 40.67 50.86 -50.18
CA LEU D 46 41.05 49.60 -49.57
C LEU D 46 40.42 49.45 -48.19
N ASP D 47 39.54 48.45 -48.03
CA ASP D 47 38.78 48.26 -46.79
C ASP D 47 39.36 47.14 -45.93
N LEU D 48 40.41 47.49 -45.19
CA LEU D 48 40.85 46.67 -44.07
C LEU D 48 40.04 47.11 -42.85
N SER D 49 39.58 46.15 -42.05
CA SER D 49 38.90 46.44 -40.82
C SER D 49 38.46 45.13 -40.27
N ASP D 50 38.08 45.12 -39.00
CA ASP D 50 37.53 43.92 -38.37
C ASP D 50 38.45 42.70 -38.59
N ASN D 51 39.75 42.95 -38.70
CA ASN D 51 40.76 41.92 -38.82
C ASN D 51 41.64 41.95 -37.57
N PHE D 52 42.55 41.00 -37.45
CA PHE D 52 43.39 40.86 -36.26
C PHE D 52 44.78 41.49 -36.49
N ILE D 53 44.79 42.75 -36.91
CA ILE D 53 46.02 43.41 -37.40
C ILE D 53 46.67 44.23 -36.29
N THR D 54 47.86 43.81 -35.86
CA THR D 54 48.55 44.49 -34.75
C THR D 54 49.45 45.64 -35.21
N HIS D 55 49.94 45.59 -36.44
CA HIS D 55 51.03 46.50 -36.86
C HIS D 55 50.86 47.19 -38.21
N ILE D 56 51.17 48.49 -38.24
CA ILE D 56 51.25 49.28 -39.47
C ILE D 56 52.54 50.10 -39.51
N THR D 57 53.18 50.16 -40.69
CA THR D 57 54.41 50.95 -40.91
C THR D 57 54.46 51.58 -42.32
N ASN D 58 55.41 52.51 -42.52
CA ASN D 58 55.63 53.11 -43.85
C ASN D 58 55.91 52.05 -44.91
N GLU D 59 56.64 51.01 -44.49
CA GLU D 59 56.99 49.87 -45.35
C GLU D 59 55.77 49.11 -45.84
N SER D 60 54.92 48.72 -44.89
CA SER D 60 53.84 47.74 -45.15
C SER D 60 52.81 48.15 -46.21
N PHE D 61 52.89 49.36 -46.74
CA PHE D 61 51.92 49.83 -47.72
C PHE D 61 52.44 50.05 -49.13
N GLN D 62 53.76 50.10 -49.32
CA GLN D 62 54.34 50.39 -50.65
C GLN D 62 54.23 49.17 -51.60
N GLY D 63 53.88 49.41 -52.86
CA GLY D 63 53.67 50.76 -53.43
C GLY D 63 52.33 50.90 -54.13
N LEU D 64 51.62 51.99 -53.81
CA LEU D 64 50.28 52.25 -54.40
C LEU D 64 50.09 53.74 -54.67
N GLN D 65 50.98 54.27 -55.49
CA GLN D 65 50.98 55.70 -55.89
C GLN D 65 49.57 56.30 -55.91
N ASN D 66 48.64 55.60 -56.54
CA ASN D 66 47.23 56.00 -56.56
C ASN D 66 46.45 55.29 -55.45
N LEU D 67 45.99 56.05 -54.45
CA LEU D 67 45.13 55.49 -53.38
C LEU D 67 44.42 56.62 -52.62
N THR D 68 43.09 56.53 -52.51
CA THR D 68 42.30 57.56 -51.82
C THR D 68 41.86 57.17 -50.40
N LYS D 69 41.49 55.91 -50.18
CA LYS D 69 40.79 55.52 -48.95
C LYS D 69 41.39 54.31 -48.25
N ILE D 70 41.74 54.47 -46.98
CA ILE D 70 42.14 53.32 -46.14
C ILE D 70 41.24 53.20 -44.92
N ASN D 71 40.31 52.25 -44.98
CA ASN D 71 39.48 51.89 -43.83
C ASN D 71 40.23 50.87 -42.99
N LEU D 72 40.39 51.16 -41.71
CA LEU D 72 41.19 50.32 -40.82
C LEU D 72 40.52 50.07 -39.45
N ASN D 73 39.22 50.34 -39.36
CA ASN D 73 38.52 50.30 -38.07
C ASN D 73 38.52 48.91 -37.41
N HIS D 74 38.38 48.89 -36.09
CA HIS D 74 38.21 47.63 -35.33
C HIS D 74 39.34 46.60 -35.58
N ASN D 75 40.58 47.07 -35.65
CA ASN D 75 41.75 46.18 -35.62
C ASN D 75 42.55 46.45 -34.35
N PRO D 76 42.80 45.44 -33.53
CA PRO D 76 42.38 44.06 -33.76
C PRO D 76 40.90 43.85 -33.41
N ASN D 77 40.49 42.60 -33.19
CA ASN D 77 39.11 42.31 -32.78
C ASN D 77 38.98 40.97 -32.05
N ASN D 90 47.76 45.20 -26.62
CA ASN D 90 46.38 45.50 -26.99
C ASN D 90 46.27 46.86 -27.68
N GLY D 91 46.32 46.84 -29.01
CA GLY D 91 46.18 48.04 -29.82
C GLY D 91 46.85 47.90 -31.17
N LEU D 92 46.36 48.67 -32.16
CA LEU D 92 47.03 48.77 -33.44
C LEU D 92 48.25 49.69 -33.31
N ASN D 93 49.44 49.13 -33.56
CA ASN D 93 50.68 49.92 -33.56
C ASN D 93 50.94 50.50 -34.95
N ILE D 94 50.82 51.82 -35.06
CA ILE D 94 51.15 52.52 -36.29
C ILE D 94 52.47 53.27 -36.10
N THR D 95 53.52 52.84 -36.80
CA THR D 95 54.83 53.50 -36.66
C THR D 95 54.76 54.91 -37.25
N ASP D 96 55.65 55.76 -36.77
CA ASP D 96 55.56 57.18 -37.06
C ASP D 96 55.86 57.39 -38.55
N GLY D 97 55.15 58.34 -39.15
CA GLY D 97 55.25 58.61 -40.59
C GLY D 97 54.91 57.44 -41.50
N ALA D 98 54.14 56.47 -41.00
CA ALA D 98 53.86 55.22 -41.73
C ALA D 98 52.95 55.40 -42.96
N PHE D 99 52.20 56.51 -42.97
CA PHE D 99 51.27 56.81 -44.07
C PHE D 99 51.81 57.92 -44.96
N LEU D 100 53.00 58.43 -44.64
CA LEU D 100 53.47 59.68 -45.24
C LEU D 100 53.68 59.55 -46.74
N ASN D 101 54.36 58.49 -47.16
CA ASN D 101 54.70 58.26 -48.57
C ASN D 101 53.47 57.88 -49.40
N LEU D 102 52.44 58.72 -49.32
CA LEU D 102 51.21 58.54 -50.11
C LEU D 102 50.67 59.93 -50.46
N LYS D 103 51.06 60.40 -51.65
CA LYS D 103 50.63 61.72 -52.17
C LYS D 103 49.11 61.84 -52.28
N ASN D 104 48.46 60.75 -52.67
CA ASN D 104 47.05 60.80 -53.05
C ASN D 104 46.09 60.42 -51.93
N LEU D 105 46.61 60.15 -50.73
CA LEU D 105 45.75 59.68 -49.63
C LEU D 105 44.90 60.80 -49.04
N ARG D 106 43.59 60.74 -49.33
CA ARG D 106 42.64 61.77 -48.91
C ARG D 106 41.80 61.33 -47.70
N GLU D 107 41.40 60.05 -47.65
CA GLU D 107 40.51 59.56 -46.60
C GLU D 107 41.13 58.44 -45.74
N LEU D 108 41.24 58.68 -44.44
CA LEU D 108 41.76 57.69 -43.50
C LEU D 108 40.77 57.41 -42.36
N LEU D 109 40.44 56.13 -42.15
CA LEU D 109 39.56 55.72 -41.04
C LEU D 109 40.30 54.83 -40.05
N LEU D 110 40.42 55.29 -38.81
CA LEU D 110 41.10 54.52 -37.76
C LEU D 110 40.29 54.54 -36.45
N GLU D 111 39.05 54.07 -36.53
CA GLU D 111 38.14 54.07 -35.39
C GLU D 111 38.26 52.76 -34.66
N ASP D 112 38.12 52.80 -33.33
CA ASP D 112 38.18 51.61 -32.48
C ASP D 112 39.50 50.84 -32.66
N ASN D 113 40.61 51.50 -32.38
CA ASN D 113 41.89 50.82 -32.38
C ASN D 113 42.69 51.08 -31.12
N GLN D 114 42.01 51.56 -30.07
CA GLN D 114 42.60 51.68 -28.74
C GLN D 114 43.97 52.37 -28.82
N LEU D 115 44.02 53.48 -29.56
CA LEU D 115 45.25 54.24 -29.73
C LEU D 115 45.36 55.28 -28.61
N PRO D 116 46.56 55.38 -27.98
CA PRO D 116 46.78 56.36 -26.90
C PRO D 116 46.95 57.80 -27.40
N GLN D 117 47.49 57.96 -28.60
CA GLN D 117 47.79 59.27 -29.18
C GLN D 117 47.31 59.42 -30.63
N ILE D 118 47.11 60.67 -31.06
CA ILE D 118 47.02 60.96 -32.48
C ILE D 118 48.37 60.59 -33.09
N PRO D 119 48.38 59.61 -34.02
CA PRO D 119 49.65 59.08 -34.51
C PRO D 119 50.38 60.07 -35.41
N SER D 120 51.70 60.15 -35.23
CA SER D 120 52.53 61.15 -35.89
C SER D 120 52.90 60.73 -37.32
N GLY D 121 52.90 61.72 -38.24
CA GLY D 121 53.39 61.54 -39.60
C GLY D 121 52.27 61.28 -40.60
N LEU D 122 51.41 62.26 -40.74
CA LEU D 122 50.23 62.17 -41.57
C LEU D 122 50.27 63.27 -42.63
N PRO D 123 49.80 62.97 -43.85
CA PRO D 123 49.99 63.89 -45.00
C PRO D 123 49.10 65.15 -45.03
N GLU D 124 49.60 66.19 -45.70
CA GLU D 124 48.80 67.38 -46.03
C GLU D 124 47.58 67.00 -46.86
N SER D 125 47.67 65.84 -47.54
CA SER D 125 46.64 65.38 -48.48
C SER D 125 45.38 64.78 -47.83
N LEU D 126 45.40 64.59 -46.52
CA LEU D 126 44.21 64.09 -45.80
C LEU D 126 43.07 65.10 -45.88
N THR D 127 41.87 64.55 -46.08
CA THR D 127 40.63 65.34 -46.11
C THR D 127 39.61 64.82 -45.09
N GLU D 128 39.51 63.50 -44.96
CA GLU D 128 38.75 62.90 -43.88
C GLU D 128 39.65 62.03 -42.99
N LEU D 129 39.62 62.32 -41.69
CA LEU D 129 40.32 61.51 -40.68
C LEU D 129 39.35 61.20 -39.53
N SER D 130 39.44 60.00 -38.98
CA SER D 130 38.49 59.55 -37.99
C SER D 130 39.12 58.71 -36.90
N LEU D 131 39.18 59.26 -35.69
CA LEU D 131 39.75 58.56 -34.56
C LEU D 131 38.71 58.36 -33.44
N ILE D 132 37.45 58.22 -33.85
CA ILE D 132 36.36 57.89 -32.95
C ILE D 132 36.65 56.57 -32.26
N GLN D 133 36.37 56.52 -30.95
CA GLN D 133 36.52 55.32 -30.12
C GLN D 133 37.97 54.86 -29.97
N ASN D 134 38.75 55.72 -29.33
CA ASN D 134 40.11 55.38 -28.97
C ASN D 134 40.43 55.92 -27.58
N ASN D 135 41.69 55.78 -27.17
CA ASN D 135 42.14 56.32 -25.91
C ASN D 135 43.00 57.57 -26.13
N ILE D 136 42.47 58.49 -26.94
CA ILE D 136 43.13 59.75 -27.27
C ILE D 136 42.64 60.91 -26.39
N TYR D 137 43.56 61.45 -25.58
CA TYR D 137 43.24 62.51 -24.63
C TYR D 137 43.99 63.82 -24.87
N ASN D 138 44.83 63.85 -25.91
CA ASN D 138 45.58 65.07 -26.26
C ASN D 138 45.42 65.38 -27.77
N ILE D 139 44.79 66.52 -28.09
CA ILE D 139 44.79 67.04 -29.48
C ILE D 139 46.04 67.94 -29.73
N THR D 140 47.20 67.28 -29.81
CA THR D 140 48.48 67.96 -30.00
C THR D 140 48.50 68.73 -31.34
N LYS D 141 49.32 69.78 -31.39
CA LYS D 141 49.43 70.62 -32.58
C LYS D 141 50.35 69.99 -33.62
N GLU D 142 51.06 68.93 -33.22
CA GLU D 142 52.07 68.25 -34.07
C GLU D 142 51.73 68.03 -35.58
N GLY D 143 50.62 67.39 -35.95
CA GLY D 143 49.51 67.06 -35.07
C GLY D 143 48.26 67.19 -35.88
N ILE D 144 47.68 68.38 -35.88
CA ILE D 144 46.59 68.72 -36.78
C ILE D 144 47.03 69.82 -37.74
N SER D 145 47.72 70.82 -37.22
CA SER D 145 47.93 72.07 -37.95
C SER D 145 48.61 71.89 -39.30
N ARG D 146 49.54 70.94 -39.38
CA ARG D 146 50.28 70.70 -40.61
C ARG D 146 49.36 70.22 -41.76
N LEU D 147 48.29 69.50 -41.41
CA LEU D 147 47.46 68.79 -42.40
C LEU D 147 46.38 69.71 -42.99
N ILE D 148 46.82 70.66 -43.80
CA ILE D 148 45.99 71.81 -44.20
C ILE D 148 44.65 71.42 -44.82
N ASN D 149 44.62 70.34 -45.60
CA ASN D 149 43.44 70.04 -46.43
C ASN D 149 42.33 69.19 -45.76
N LEU D 150 42.32 69.11 -44.42
CA LEU D 150 41.26 68.41 -43.68
C LEU D 150 39.90 69.06 -43.91
N LYS D 151 38.98 68.28 -44.48
CA LYS D 151 37.61 68.71 -44.68
C LYS D 151 36.80 68.38 -43.43
N ASN D 152 36.90 67.12 -42.99
CA ASN D 152 36.07 66.59 -41.91
C ASN D 152 36.93 65.84 -40.88
N LEU D 153 36.81 66.22 -39.61
CA LEU D 153 37.61 65.61 -38.55
C LEU D 153 36.70 64.99 -37.49
N TYR D 154 36.88 63.69 -37.25
CA TYR D 154 36.07 62.94 -36.30
C TYR D 154 36.89 62.43 -35.12
N LEU D 155 36.62 62.95 -33.94
CA LEU D 155 37.36 62.58 -32.75
C LEU D 155 36.49 62.10 -31.58
N ALA D 156 35.17 62.01 -31.78
CA ALA D 156 34.22 61.79 -30.68
C ALA D 156 34.42 60.45 -29.99
N TRP D 157 33.91 60.32 -28.77
CA TRP D 157 34.02 59.07 -28.00
C TRP D 157 35.46 58.65 -27.79
N ASN D 158 36.19 59.42 -26.98
CA ASN D 158 37.43 58.91 -26.38
C ASN D 158 37.38 59.00 -24.84
N CYS D 159 36.65 59.98 -24.32
CA CYS D 159 36.43 60.06 -22.90
C CYS D 159 35.02 60.45 -22.59
N TYR D 160 34.31 59.51 -22.00
CA TYR D 160 32.89 59.62 -21.74
C TYR D 160 32.56 58.57 -20.67
N PHE D 161 31.46 58.76 -19.95
CA PHE D 161 30.94 57.77 -18.96
C PHE D 161 31.94 57.36 -17.85
N ASN D 162 31.73 56.18 -17.25
CA ASN D 162 32.59 55.67 -16.19
C ASN D 162 33.82 54.97 -16.75
N LYS D 163 34.17 55.29 -18.00
CA LYS D 163 35.46 54.88 -18.57
C LYS D 163 36.61 55.53 -17.81
N VAL D 164 37.73 54.81 -17.70
CA VAL D 164 38.99 55.34 -17.14
C VAL D 164 39.75 56.16 -18.21
N CYS D 165 39.66 57.48 -18.10
CA CYS D 165 40.25 58.40 -19.10
C CYS D 165 40.44 59.79 -18.52
N GLU D 166 41.19 60.61 -19.25
CA GLU D 166 41.52 61.96 -18.79
C GLU D 166 40.58 62.99 -19.37
N LYS D 167 40.53 64.16 -18.74
CA LYS D 167 39.94 65.34 -19.36
C LYS D 167 40.74 65.64 -20.64
N THR D 168 40.03 65.82 -21.76
CA THR D 168 40.66 65.97 -23.06
C THR D 168 41.41 67.29 -23.14
N ASN D 169 42.55 67.28 -23.83
CA ASN D 169 43.38 68.49 -24.00
C ASN D 169 43.52 68.92 -25.47
N ILE D 170 42.80 69.99 -25.83
CA ILE D 170 43.10 70.76 -27.05
C ILE D 170 44.29 71.66 -26.78
N GLU D 171 45.12 71.87 -27.79
CA GLU D 171 46.26 72.77 -27.65
C GLU D 171 45.86 74.12 -28.19
N ASP D 172 46.02 75.16 -27.39
CA ASP D 172 45.48 76.48 -27.75
C ASP D 172 45.82 76.78 -29.22
N GLY D 173 44.81 76.75 -30.08
CA GLY D 173 44.97 77.15 -31.47
C GLY D 173 45.32 76.02 -32.44
N VAL D 174 45.21 74.78 -32.01
CA VAL D 174 45.53 73.64 -32.88
C VAL D 174 44.69 73.64 -34.16
N PHE D 175 43.43 74.08 -34.07
CA PHE D 175 42.51 73.97 -35.22
C PHE D 175 42.66 75.06 -36.30
N GLU D 176 43.28 76.18 -35.97
CA GLU D 176 43.14 77.41 -36.80
C GLU D 176 43.79 77.34 -38.18
N THR D 177 44.83 76.52 -38.31
CA THR D 177 45.55 76.36 -39.57
C THR D 177 44.73 75.67 -40.69
N LEU D 178 43.48 75.29 -40.39
CA LEU D 178 42.67 74.45 -41.27
C LEU D 178 41.36 75.15 -41.68
N THR D 179 41.45 76.17 -42.54
CA THR D 179 40.23 76.80 -43.10
C THR D 179 39.78 76.05 -44.36
N ASN D 180 40.13 74.78 -44.45
CA ASN D 180 39.42 73.83 -45.29
C ASN D 180 38.45 72.98 -44.47
N LEU D 181 38.51 73.10 -43.15
CA LEU D 181 37.74 72.22 -42.27
C LEU D 181 36.26 72.56 -42.29
N GLU D 182 35.45 71.60 -42.72
CA GLU D 182 34.00 71.79 -42.86
C GLU D 182 33.21 71.06 -41.76
N LEU D 183 33.69 69.88 -41.37
CA LEU D 183 33.14 69.19 -40.20
C LEU D 183 34.19 69.07 -39.11
N LEU D 184 33.73 69.20 -37.86
CA LEU D 184 34.56 68.94 -36.70
C LEU D 184 33.70 68.34 -35.60
N SER D 185 34.07 67.15 -35.13
CA SER D 185 33.32 66.47 -34.06
C SER D 185 34.19 66.11 -32.84
N LEU D 186 33.83 66.70 -31.68
CA LEU D 186 34.52 66.42 -30.43
C LEU D 186 33.60 65.75 -29.40
N SER D 187 32.40 65.38 -29.84
CA SER D 187 31.33 64.90 -28.96
C SER D 187 31.76 63.72 -28.12
N PHE D 188 31.09 63.54 -26.99
CA PHE D 188 31.40 62.44 -26.09
C PHE D 188 32.88 62.41 -25.74
N ASN D 189 33.34 63.55 -25.25
CA ASN D 189 34.70 63.73 -24.74
C ASN D 189 34.65 64.71 -23.56
N SER D 190 35.61 64.60 -22.65
CA SER D 190 35.65 65.46 -21.46
C SER D 190 36.39 66.79 -21.70
N LEU D 191 35.64 67.89 -21.59
CA LEU D 191 36.19 69.25 -21.64
C LEU D 191 35.13 70.14 -21.01
N SER D 192 35.28 71.46 -21.02
CA SER D 192 34.26 72.30 -20.38
C SER D 192 34.02 73.67 -21.01
N HIS D 193 34.86 74.05 -21.97
CA HIS D 193 34.62 75.26 -22.77
C HIS D 193 34.61 74.87 -24.23
N VAL D 194 33.91 75.65 -25.05
CA VAL D 194 34.09 75.56 -26.49
C VAL D 194 35.50 76.06 -26.78
N PRO D 195 36.35 75.19 -27.33
CA PRO D 195 37.73 75.59 -27.46
C PRO D 195 37.88 76.58 -28.60
N PRO D 196 38.63 77.67 -28.36
CA PRO D 196 38.64 78.77 -29.32
C PRO D 196 39.61 78.54 -30.48
N LYS D 197 39.70 79.54 -31.37
CA LYS D 197 40.55 79.49 -32.56
C LYS D 197 40.03 78.41 -33.50
N LEU D 198 38.79 78.62 -33.95
CA LEU D 198 38.09 77.66 -34.82
C LEU D 198 37.78 78.28 -36.19
N PRO D 199 38.20 77.59 -37.27
CA PRO D 199 38.20 78.16 -38.61
C PRO D 199 36.80 78.51 -39.12
N SER D 200 36.66 79.72 -39.67
CA SER D 200 35.36 80.19 -40.18
C SER D 200 34.87 79.40 -41.42
N SER D 201 35.63 78.37 -41.80
CA SER D 201 35.21 77.42 -42.85
C SER D 201 34.23 76.32 -42.34
N LEU D 202 33.94 76.31 -41.04
CA LEU D 202 33.15 75.23 -40.44
C LEU D 202 31.67 75.28 -40.80
N ARG D 203 31.18 74.18 -41.36
CA ARG D 203 29.78 74.00 -41.67
C ARG D 203 29.06 73.24 -40.53
N LYS D 204 29.78 72.32 -39.90
CA LYS D 204 29.18 71.44 -38.89
C LYS D 204 30.09 71.20 -37.69
N LEU D 205 29.55 71.47 -36.49
CA LEU D 205 30.30 71.42 -35.24
C LEU D 205 29.62 70.47 -34.25
N PHE D 206 30.28 69.35 -33.94
CA PHE D 206 29.69 68.34 -33.02
C PHE D 206 30.36 68.34 -31.64
N LEU D 207 29.58 68.82 -30.65
CA LEU D 207 30.05 69.03 -29.28
C LEU D 207 29.09 68.44 -28.25
N SER D 208 28.31 67.43 -28.64
CA SER D 208 27.37 66.81 -27.71
C SER D 208 28.15 66.11 -26.61
N ASN D 209 27.63 66.12 -25.38
CA ASN D 209 28.23 65.35 -24.29
C ASN D 209 29.71 65.68 -24.13
N THR D 210 30.03 66.97 -24.10
CA THR D 210 31.42 67.43 -23.92
C THR D 210 31.65 68.06 -22.54
N GLN D 211 30.72 67.78 -21.61
CA GLN D 211 30.69 68.40 -20.27
C GLN D 211 30.78 69.93 -20.29
N ILE D 212 30.21 70.58 -21.30
CA ILE D 212 30.19 72.06 -21.35
C ILE D 212 29.05 72.61 -20.49
N LYS D 213 29.32 73.69 -19.77
CA LYS D 213 28.36 74.33 -18.87
C LYS D 213 27.90 75.66 -19.43
N TYR D 214 28.82 76.37 -20.10
CA TYR D 214 28.60 77.75 -20.49
C TYR D 214 28.92 77.96 -21.95
N ILE D 215 28.03 78.69 -22.64
CA ILE D 215 28.29 79.17 -24.00
C ILE D 215 28.32 80.70 -23.98
N SER D 216 29.51 81.27 -24.20
CA SER D 216 29.68 82.74 -24.24
C SER D 216 29.44 83.27 -25.64
N GLU D 217 29.19 84.58 -25.72
CA GLU D 217 29.12 85.29 -26.99
C GLU D 217 30.36 85.03 -27.88
N GLU D 218 31.52 84.82 -27.24
CA GLU D 218 32.81 84.67 -27.94
C GLU D 218 33.04 83.28 -28.53
N ASP D 219 32.44 82.25 -27.90
CA ASP D 219 32.58 80.87 -28.35
C ASP D 219 32.27 80.68 -29.86
N PHE D 220 31.13 81.20 -30.32
CA PHE D 220 30.69 81.04 -31.73
C PHE D 220 30.71 82.35 -32.56
N LYS D 221 31.50 83.34 -32.11
CA LYS D 221 31.42 84.71 -32.63
C LYS D 221 31.42 84.81 -34.17
N GLY D 222 32.27 84.02 -34.83
CA GLY D 222 32.51 84.19 -36.26
C GLY D 222 32.47 82.92 -37.10
N LEU D 223 31.53 82.03 -36.77
CA LEU D 223 31.31 80.80 -37.53
C LEU D 223 30.08 80.95 -38.44
N ILE D 224 30.05 82.05 -39.20
CA ILE D 224 28.81 82.55 -39.81
C ILE D 224 28.36 81.76 -41.04
N ASN D 225 29.01 80.64 -41.32
CA ASN D 225 28.53 79.69 -42.29
C ASN D 225 28.14 78.34 -41.66
N LEU D 226 28.02 78.30 -40.34
CA LEU D 226 27.55 77.09 -39.64
C LEU D 226 26.12 76.71 -40.03
N THR D 227 25.95 75.47 -40.51
CA THR D 227 24.63 74.94 -40.76
C THR D 227 24.14 74.15 -39.55
N LEU D 228 25.01 73.32 -38.97
CA LEU D 228 24.65 72.53 -37.80
C LEU D 228 25.41 72.98 -36.58
N LEU D 229 24.69 73.12 -35.46
CA LEU D 229 25.31 73.10 -34.14
C LEU D 229 24.66 72.05 -33.25
N ASP D 230 25.46 71.10 -32.80
CA ASP D 230 25.01 70.12 -31.82
C ASP D 230 25.65 70.46 -30.47
N LEU D 231 24.80 70.77 -29.49
CA LEU D 231 25.24 71.10 -28.14
C LEU D 231 24.65 70.16 -27.12
N SER D 232 24.07 69.07 -27.60
CA SER D 232 23.23 68.23 -26.78
C SER D 232 24.02 67.52 -25.69
N GLY D 233 23.31 67.07 -24.66
CA GLY D 233 23.91 66.28 -23.60
C GLY D 233 24.90 67.06 -22.79
N ASN D 234 24.62 68.34 -22.62
CA ASN D 234 25.44 69.21 -21.79
C ASN D 234 24.51 69.83 -20.77
N CYS D 235 24.76 69.52 -19.50
CA CYS D 235 23.79 69.70 -18.42
C CYS D 235 22.57 68.81 -18.64
N PRO D 236 22.78 67.50 -18.50
CA PRO D 236 21.88 66.48 -18.99
C PRO D 236 20.76 66.13 -18.04
N ARG D 237 19.55 65.99 -18.59
CA ARG D 237 18.45 65.34 -17.91
C ARG D 237 18.88 63.91 -17.58
N CYS D 238 18.98 63.61 -16.29
CA CYS D 238 19.58 62.37 -15.82
C CYS D 238 18.59 61.36 -15.24
N PHE D 239 17.37 61.81 -14.93
CA PHE D 239 16.36 60.89 -14.45
C PHE D 239 16.12 59.76 -15.47
N ASN D 240 16.25 58.53 -15.02
CA ASN D 240 16.00 57.37 -15.86
C ASN D 240 16.98 57.28 -17.02
N ALA D 241 18.16 57.84 -16.85
CA ALA D 241 19.16 57.86 -17.89
C ALA D 241 19.61 56.45 -18.15
N PRO D 242 19.61 56.03 -19.42
CA PRO D 242 20.13 54.70 -19.78
C PRO D 242 21.64 54.66 -19.91
N PHE D 243 22.31 55.57 -19.22
CA PHE D 243 23.76 55.72 -19.30
C PHE D 243 24.23 56.50 -18.07
N PRO D 244 25.47 56.23 -17.60
CA PRO D 244 26.00 57.04 -16.51
C PRO D 244 25.78 58.51 -16.79
N CYS D 245 24.91 59.13 -16.00
CA CYS D 245 24.51 60.50 -16.23
C CYS D 245 24.82 61.29 -14.97
N VAL D 246 25.45 62.44 -15.16
CA VAL D 246 25.85 63.31 -14.06
C VAL D 246 25.37 64.73 -14.37
N PRO D 247 24.45 65.27 -13.56
CA PRO D 247 23.89 66.58 -13.92
C PRO D 247 24.85 67.75 -13.63
N CYS D 248 24.56 68.91 -14.19
CA CYS D 248 25.25 70.14 -13.82
C CYS D 248 24.79 70.50 -12.42
N ASP D 249 25.74 70.76 -11.54
CA ASP D 249 25.50 70.90 -10.10
C ASP D 249 24.24 71.69 -9.78
N GLY D 250 23.42 71.16 -8.88
CA GLY D 250 22.10 71.72 -8.60
C GLY D 250 21.11 71.44 -9.72
N GLY D 251 21.34 70.33 -10.44
CA GLY D 251 20.51 69.93 -11.60
C GLY D 251 20.29 71.02 -12.63
N ALA D 252 21.24 71.97 -12.71
CA ALA D 252 20.99 73.26 -13.35
C ALA D 252 21.07 73.21 -14.87
N SER D 253 20.47 74.20 -15.50
CA SER D 253 20.40 74.29 -16.94
C SER D 253 21.71 74.82 -17.50
N ILE D 254 22.14 74.26 -18.62
CA ILE D 254 23.25 74.83 -19.40
C ILE D 254 23.00 76.32 -19.70
N ASN D 255 24.03 77.13 -19.49
CA ASN D 255 23.90 78.56 -19.52
C ASN D 255 24.36 79.08 -20.87
N ILE D 256 23.43 79.63 -21.65
CA ILE D 256 23.77 80.15 -22.98
C ILE D 256 23.43 81.62 -23.07
N ASP D 257 24.41 82.41 -23.50
CA ASP D 257 24.29 83.86 -23.52
C ASP D 257 23.33 84.31 -24.61
N ARG D 258 22.62 85.42 -24.36
CA ARG D 258 21.67 85.98 -25.33
C ARG D 258 22.26 86.18 -26.74
N PHE D 259 23.57 86.43 -26.85
CA PHE D 259 24.22 86.70 -28.15
C PHE D 259 25.14 85.57 -28.66
N ALA D 260 24.99 84.37 -28.11
CA ALA D 260 25.86 83.24 -28.45
C ALA D 260 25.62 82.71 -29.87
N PHE D 261 24.43 82.97 -30.42
CA PHE D 261 24.12 82.55 -31.80
C PHE D 261 23.88 83.75 -32.71
N GLN D 262 24.30 84.93 -32.28
CA GLN D 262 23.98 86.18 -32.96
C GLN D 262 24.49 86.22 -34.42
N ASN D 263 25.65 85.61 -34.66
CA ASN D 263 26.26 85.63 -36.00
C ASN D 263 26.04 84.33 -36.83
N LEU D 264 25.10 83.47 -36.42
CA LEU D 264 24.92 82.15 -37.03
C LEU D 264 23.75 82.08 -38.01
N THR D 265 23.57 83.14 -38.82
CA THR D 265 22.50 83.24 -39.84
C THR D 265 22.21 81.92 -40.55
N GLN D 266 23.27 81.17 -40.86
CA GLN D 266 23.19 80.01 -41.73
C GLN D 266 22.74 78.71 -41.04
N LEU D 267 22.43 78.78 -39.75
CA LEU D 267 22.11 77.56 -39.02
C LEU D 267 20.78 76.95 -39.47
N ARG D 268 20.86 75.69 -39.90
CA ARG D 268 19.70 74.88 -40.23
C ARG D 268 19.41 73.88 -39.11
N TYR D 269 20.45 73.40 -38.44
CA TYR D 269 20.31 72.32 -37.45
C TYR D 269 20.77 72.76 -36.08
N LEU D 270 19.86 72.70 -35.12
CA LEU D 270 20.20 73.00 -33.74
C LEU D 270 19.71 71.92 -32.78
N ASN D 271 20.65 71.14 -32.29
CA ASN D 271 20.35 70.08 -31.34
C ASN D 271 20.72 70.51 -29.94
N LEU D 272 19.70 70.80 -29.14
CA LEU D 272 19.85 71.18 -27.74
C LEU D 272 19.23 70.15 -26.80
N SER D 273 19.23 68.89 -27.21
CA SER D 273 18.64 67.82 -26.39
C SER D 273 19.46 67.61 -25.12
N SER D 274 18.78 67.20 -24.04
CA SER D 274 19.45 66.84 -22.80
C SER D 274 20.41 67.96 -22.37
N THR D 275 19.87 69.18 -22.31
CA THR D 275 20.59 70.33 -21.78
C THR D 275 19.81 70.96 -20.61
N SER D 276 19.01 70.12 -19.95
CA SER D 276 18.22 70.50 -18.78
C SER D 276 17.49 71.84 -18.87
N LEU D 277 17.11 72.22 -20.09
CA LEU D 277 16.48 73.51 -20.34
C LEU D 277 15.11 73.55 -19.73
N ARG D 278 14.86 74.61 -18.96
CA ARG D 278 13.52 74.88 -18.44
C ARG D 278 13.00 76.14 -19.13
N LYS D 279 13.88 77.13 -19.26
CA LYS D 279 13.53 78.37 -19.95
C LYS D 279 14.14 78.34 -21.34
N ILE D 280 13.50 79.03 -22.29
CA ILE D 280 14.00 79.10 -23.66
C ILE D 280 13.93 80.52 -24.26
N ASN D 281 15.12 81.04 -24.57
CA ASN D 281 15.32 82.44 -24.96
C ASN D 281 15.07 82.70 -26.46
N ALA D 282 13.92 83.32 -26.75
CA ALA D 282 13.51 83.64 -28.13
C ALA D 282 14.58 84.39 -28.94
N ALA D 283 15.30 85.26 -28.25
CA ALA D 283 16.31 86.06 -28.90
C ALA D 283 17.53 85.22 -29.34
N TRP D 284 17.63 83.96 -28.88
CA TRP D 284 18.67 83.02 -29.38
C TRP D 284 18.49 82.78 -30.88
N PHE D 285 17.25 82.91 -31.36
CA PHE D 285 16.95 82.93 -32.80
C PHE D 285 16.23 84.23 -33.21
N LYS D 286 17.01 85.29 -33.43
CA LYS D 286 16.53 86.48 -34.17
C LYS D 286 17.28 86.66 -35.49
N ASN D 287 18.54 86.21 -35.52
CA ASN D 287 19.38 86.27 -36.70
C ASN D 287 19.58 84.87 -37.27
N MET D 288 18.47 84.17 -37.47
CA MET D 288 18.48 82.74 -37.74
C MET D 288 17.18 82.33 -38.44
N PRO D 289 16.93 82.85 -39.65
CA PRO D 289 15.65 82.69 -40.31
C PRO D 289 15.58 81.44 -41.16
N HIS D 290 16.67 80.69 -41.23
CA HIS D 290 16.73 79.46 -42.02
C HIS D 290 16.68 78.18 -41.14
N LEU D 291 16.59 78.35 -39.83
CA LEU D 291 16.52 77.19 -38.95
C LEU D 291 15.39 76.25 -39.37
N LYS D 292 15.76 74.99 -39.62
CA LYS D 292 14.85 73.96 -40.16
C LYS D 292 14.57 72.86 -39.16
N VAL D 293 15.51 72.59 -38.27
CA VAL D 293 15.38 71.50 -37.31
C VAL D 293 15.81 71.93 -35.90
N LEU D 294 14.91 71.75 -34.94
CA LEU D 294 15.19 72.12 -33.55
C LEU D 294 14.98 70.92 -32.62
N ASP D 295 16.05 70.31 -32.14
CA ASP D 295 15.95 69.14 -31.28
C ASP D 295 16.05 69.55 -29.81
N LEU D 296 14.90 69.60 -29.16
CA LEU D 296 14.83 69.94 -27.74
C LEU D 296 14.24 68.78 -26.94
N GLU D 297 14.77 67.59 -27.18
CA GLU D 297 14.34 66.41 -26.45
C GLU D 297 14.96 66.40 -25.06
N PHE D 298 14.36 65.59 -24.19
CA PHE D 298 14.94 65.26 -22.89
C PHE D 298 15.35 66.51 -22.12
N ASN D 299 14.44 67.49 -22.11
CA ASN D 299 14.55 68.69 -21.28
C ASN D 299 13.25 68.84 -20.45
N TYR D 300 13.10 69.97 -19.75
CA TYR D 300 11.87 70.23 -19.00
C TYR D 300 11.19 71.46 -19.59
N LEU D 301 10.55 71.28 -20.74
CA LEU D 301 10.03 72.41 -21.51
C LEU D 301 8.52 72.47 -21.50
N VAL D 302 7.90 71.85 -20.50
CA VAL D 302 6.45 71.80 -20.45
C VAL D 302 5.89 73.22 -20.37
N GLY D 303 6.52 74.07 -19.56
CA GLY D 303 6.11 75.47 -19.41
C GLY D 303 6.21 76.24 -20.72
N GLU D 304 7.29 75.99 -21.46
CA GLU D 304 7.52 76.65 -22.71
C GLU D 304 6.66 76.06 -23.82
N ILE D 305 6.27 74.79 -23.69
CA ILE D 305 5.33 74.20 -24.64
C ILE D 305 3.98 74.90 -24.49
N ALA D 306 3.59 75.19 -23.26
CA ALA D 306 2.30 75.82 -22.97
C ALA D 306 2.20 77.30 -23.37
N SER D 307 3.34 78.00 -23.44
CA SER D 307 3.31 79.48 -23.64
C SER D 307 4.48 80.10 -24.42
N GLY D 308 5.40 79.29 -24.92
CA GLY D 308 6.71 79.77 -25.38
C GLY D 308 6.66 80.70 -26.58
N ALA D 309 7.00 81.97 -26.35
CA ALA D 309 7.03 82.98 -27.40
C ALA D 309 8.13 82.69 -28.41
N PHE D 310 9.05 81.81 -28.05
CA PHE D 310 10.07 81.38 -28.97
C PHE D 310 9.49 80.84 -30.28
N LEU D 311 8.26 80.31 -30.24
CA LEU D 311 7.63 79.75 -31.44
C LEU D 311 7.30 80.83 -32.49
N THR D 312 7.04 82.05 -32.00
CA THR D 312 6.81 83.23 -32.84
C THR D 312 7.95 83.54 -33.84
N MET D 313 9.17 83.06 -33.54
CA MET D 313 10.39 83.40 -34.33
C MET D 313 10.95 82.24 -35.20
N LEU D 314 10.10 81.37 -35.73
CA LEU D 314 10.57 80.17 -36.44
C LEU D 314 9.70 79.83 -37.66
N PRO D 315 9.54 80.80 -38.57
CA PRO D 315 8.54 80.63 -39.63
C PRO D 315 8.97 79.63 -40.70
N ARG D 316 10.27 79.32 -40.75
CA ARG D 316 10.79 78.36 -41.72
C ARG D 316 11.19 77.00 -41.08
N LEU D 317 10.78 76.76 -39.84
CA LEU D 317 11.08 75.48 -39.17
C LEU D 317 10.20 74.35 -39.72
N GLU D 318 10.85 73.23 -40.05
CA GLU D 318 10.18 72.09 -40.70
C GLU D 318 10.03 70.88 -39.75
N ILE D 319 10.93 70.77 -38.76
CA ILE D 319 10.91 69.69 -37.80
C ILE D 319 11.10 70.30 -36.41
N LEU D 320 10.12 70.03 -35.54
CA LEU D 320 10.19 70.46 -34.14
C LEU D 320 10.05 69.24 -33.19
N ASP D 321 11.13 68.93 -32.49
CA ASP D 321 11.15 67.75 -31.66
C ASP D 321 11.14 68.12 -30.17
N LEU D 322 9.95 68.05 -29.57
CA LEU D 322 9.76 68.38 -28.16
C LEU D 322 9.51 67.13 -27.31
N SER D 323 10.28 66.07 -27.56
CA SER D 323 9.98 64.77 -26.98
C SER D 323 10.61 64.58 -25.61
N PHE D 324 10.00 63.72 -24.82
CA PHE D 324 10.50 63.37 -23.51
C PHE D 324 10.79 64.58 -22.65
N ASN D 325 9.81 65.48 -22.55
CA ASN D 325 9.89 66.58 -21.59
C ASN D 325 9.04 66.37 -20.34
N TYR D 326 8.49 65.16 -20.17
CA TYR D 326 7.54 64.89 -19.06
C TYR D 326 8.10 65.32 -17.67
N ILE D 327 7.22 65.95 -16.88
CA ILE D 327 7.49 66.20 -15.47
C ILE D 327 7.27 64.86 -14.78
N LYS D 328 8.26 64.44 -13.99
CA LYS D 328 8.24 63.10 -13.43
C LYS D 328 7.17 63.01 -12.36
N GLY D 329 6.39 61.94 -12.40
CA GLY D 329 5.18 61.82 -11.58
C GLY D 329 4.16 62.90 -11.92
N SER D 330 4.06 63.23 -13.20
CA SER D 330 2.96 64.03 -13.68
C SER D 330 2.28 63.36 -14.86
N TYR D 331 1.06 62.89 -14.61
CA TYR D 331 0.26 62.20 -15.61
C TYR D 331 -1.05 62.99 -15.77
N PRO D 332 -0.98 64.20 -16.36
CA PRO D 332 -2.11 65.14 -16.55
C PRO D 332 -3.16 64.68 -17.53
N GLN D 333 -4.41 65.06 -17.28
CA GLN D 333 -5.50 64.60 -18.14
C GLN D 333 -5.34 65.11 -19.56
N HIS D 334 -4.78 66.32 -19.72
CA HIS D 334 -4.64 66.93 -21.05
C HIS D 334 -3.23 67.43 -21.38
N ILE D 335 -3.04 67.76 -22.66
CA ILE D 335 -1.81 68.35 -23.15
C ILE D 335 -2.09 69.83 -23.35
N ASN D 336 -1.10 70.66 -23.05
CA ASN D 336 -1.27 72.10 -23.19
C ASN D 336 -0.40 72.66 -24.30
N ILE D 337 -1.05 73.02 -25.41
CA ILE D 337 -0.36 73.50 -26.61
C ILE D 337 -0.54 75.00 -26.80
N SER D 338 0.55 75.74 -26.68
CA SER D 338 0.58 77.19 -26.91
C SER D 338 -0.10 77.55 -28.23
N ARG D 339 -0.91 78.62 -28.22
CA ARG D 339 -1.47 79.18 -29.48
C ARG D 339 -0.37 79.56 -30.48
N ASN D 340 0.83 79.82 -29.97
CA ASN D 340 1.96 80.20 -30.80
C ASN D 340 2.51 79.09 -31.68
N PHE D 341 2.01 77.85 -31.51
CA PHE D 341 2.33 76.77 -32.44
C PHE D 341 1.78 77.06 -33.82
N SER D 342 0.67 77.79 -33.85
CA SER D 342 0.07 78.33 -35.08
C SER D 342 1.03 79.14 -35.98
N LYS D 343 2.11 79.65 -35.40
CA LYS D 343 3.05 80.50 -36.12
C LYS D 343 4.06 79.73 -37.00
N LEU D 344 4.12 78.41 -36.84
CA LEU D 344 5.07 77.58 -37.57
C LEU D 344 4.45 77.07 -38.88
N LEU D 345 4.54 77.87 -39.93
CA LEU D 345 3.89 77.53 -41.20
C LEU D 345 4.67 76.50 -42.01
N SER D 346 5.98 76.42 -41.75
CA SER D 346 6.86 75.53 -42.52
C SER D 346 6.86 74.11 -41.98
N LEU D 347 6.30 73.94 -40.77
CA LEU D 347 6.43 72.71 -40.00
C LEU D 347 5.80 71.49 -40.68
N ARG D 348 6.65 70.55 -41.08
CA ARG D 348 6.20 69.30 -41.69
C ARG D 348 5.93 68.27 -40.57
N ALA D 349 6.81 68.22 -39.56
CA ALA D 349 6.74 67.22 -38.50
C ALA D 349 6.81 67.81 -37.10
N LEU D 350 6.12 67.15 -36.16
CA LEU D 350 6.18 67.49 -34.75
C LEU D 350 6.29 66.20 -33.90
N HIS D 351 7.44 66.04 -33.27
CA HIS D 351 7.67 64.89 -32.43
C HIS D 351 7.39 65.25 -30.96
N LEU D 352 6.32 64.67 -30.42
CA LEU D 352 5.89 64.87 -29.03
C LEU D 352 5.74 63.54 -28.30
N ARG D 353 6.77 62.72 -28.35
CA ARG D 353 6.81 61.49 -27.54
C ARG D 353 7.03 61.91 -26.10
N GLY D 354 6.70 61.01 -25.17
CA GLY D 354 7.18 61.13 -23.78
C GLY D 354 6.82 62.42 -23.05
N TYR D 355 5.66 62.97 -23.35
CA TYR D 355 5.11 64.10 -22.62
C TYR D 355 4.31 63.53 -21.46
N VAL D 356 3.50 62.52 -21.80
CA VAL D 356 2.70 61.73 -20.84
C VAL D 356 1.46 62.44 -20.36
N PHE D 357 0.32 61.92 -20.79
CA PHE D 357 -0.95 62.49 -20.44
C PHE D 357 -2.09 61.57 -20.87
N GLN D 358 -3.25 61.71 -20.25
CA GLN D 358 -4.29 60.69 -20.36
C GLN D 358 -5.14 60.81 -21.60
N GLU D 359 -5.44 62.03 -22.01
CA GLU D 359 -6.49 62.24 -22.98
C GLU D 359 -6.10 63.27 -24.02
N LEU D 360 -6.46 62.99 -25.28
CA LEU D 360 -6.33 63.94 -26.36
C LEU D 360 -7.72 64.42 -26.79
N ARG D 361 -8.00 65.67 -26.49
CA ARG D 361 -9.27 66.25 -26.87
C ARG D 361 -9.10 67.10 -28.11
N GLU D 362 -10.15 67.17 -28.91
CA GLU D 362 -10.18 68.04 -30.07
C GLU D 362 -9.72 69.46 -29.73
N ASP D 363 -10.10 69.95 -28.56
CA ASP D 363 -9.75 71.32 -28.14
C ASP D 363 -8.25 71.51 -28.00
N ASP D 364 -7.55 70.49 -27.51
CA ASP D 364 -6.14 70.65 -27.11
C ASP D 364 -5.19 70.92 -28.29
N PHE D 365 -5.65 70.64 -29.51
CA PHE D 365 -4.82 70.72 -30.71
C PHE D 365 -5.29 71.78 -31.71
N GLN D 366 -5.99 72.79 -31.20
CA GLN D 366 -6.44 73.92 -32.02
C GLN D 366 -5.29 74.60 -32.76
N PRO D 367 -4.21 74.95 -32.03
CA PRO D 367 -3.08 75.66 -32.64
C PRO D 367 -2.57 75.02 -33.95
N LEU D 368 -2.59 73.68 -33.99
CA LEU D 368 -1.99 72.94 -35.09
C LEU D 368 -2.88 72.81 -36.35
N MET D 369 -4.19 73.06 -36.19
CA MET D 369 -5.20 72.61 -37.18
C MET D 369 -5.34 73.49 -38.42
N GLN D 370 -4.51 74.54 -38.53
CA GLN D 370 -4.54 75.45 -39.68
C GLN D 370 -3.16 75.58 -40.30
N LEU D 371 -2.24 74.66 -39.98
CA LEU D 371 -0.90 74.69 -40.59
C LEU D 371 -0.94 73.80 -41.80
N PRO D 372 -0.61 74.35 -42.98
CA PRO D 372 -0.84 73.58 -44.20
C PRO D 372 0.32 72.64 -44.61
N ASN D 373 1.54 72.90 -44.13
CA ASN D 373 2.68 72.00 -44.40
C ASN D 373 2.58 70.70 -43.54
N LEU D 374 2.00 70.81 -42.35
CA LEU D 374 2.18 69.81 -41.29
C LEU D 374 1.66 68.43 -41.69
N SER D 375 2.62 67.51 -41.79
CA SER D 375 2.42 66.27 -42.48
C SER D 375 2.42 65.07 -41.57
N THR D 376 3.01 65.23 -40.38
CA THR D 376 3.33 64.13 -39.48
C THR D 376 3.24 64.59 -38.06
N ILE D 377 2.54 63.83 -37.24
CA ILE D 377 2.45 64.11 -35.81
C ILE D 377 2.76 62.83 -35.01
N ASN D 378 3.86 62.85 -34.25
CA ASN D 378 4.27 61.69 -33.45
C ASN D 378 3.89 61.85 -31.97
N LEU D 379 2.96 61.04 -31.51
CA LEU D 379 2.60 60.99 -30.09
C LEU D 379 2.77 59.60 -29.54
N GLY D 380 3.96 59.04 -29.76
CA GLY D 380 4.30 57.75 -29.25
C GLY D 380 4.72 57.85 -27.80
N ILE D 381 4.52 56.76 -27.06
CA ILE D 381 4.96 56.64 -25.68
C ILE D 381 4.43 57.78 -24.82
N ASN D 382 3.13 58.06 -24.91
CA ASN D 382 2.48 59.02 -24.01
C ASN D 382 1.49 58.46 -23.02
N PHE D 383 1.42 57.14 -22.95
CA PHE D 383 0.47 56.47 -22.07
C PHE D 383 -0.98 57.00 -22.18
N ILE D 384 -1.35 57.53 -23.35
CA ILE D 384 -2.64 58.17 -23.58
C ILE D 384 -3.73 57.13 -23.49
N LYS D 385 -4.62 57.29 -22.51
CA LYS D 385 -5.73 56.37 -22.32
C LYS D 385 -6.88 56.65 -23.26
N GLN D 386 -7.10 57.90 -23.66
CA GLN D 386 -8.18 58.18 -24.64
C GLN D 386 -7.91 59.26 -25.68
N ILE D 387 -8.47 59.05 -26.85
CA ILE D 387 -8.29 59.95 -27.97
C ILE D 387 -9.60 60.28 -28.65
N ASP D 388 -9.80 61.54 -29.00
CA ASP D 388 -10.93 61.89 -29.83
C ASP D 388 -10.49 61.98 -31.29
N PHE D 389 -10.88 60.96 -32.07
CA PHE D 389 -10.34 60.80 -33.43
C PHE D 389 -10.82 61.82 -34.48
N LYS D 390 -11.99 62.41 -34.25
CA LYS D 390 -12.55 63.37 -35.22
C LYS D 390 -11.65 64.60 -35.38
N LEU D 391 -10.85 64.90 -34.35
CA LEU D 391 -9.93 66.03 -34.39
C LEU D 391 -8.94 65.99 -35.58
N PHE D 392 -8.60 64.79 -36.03
CA PHE D 392 -7.67 64.65 -37.15
C PHE D 392 -8.30 64.98 -38.53
N GLN D 393 -9.57 65.38 -38.57
CA GLN D 393 -10.19 65.83 -39.82
C GLN D 393 -9.95 67.32 -40.11
N ASN D 394 -9.75 68.12 -39.06
CA ASN D 394 -9.59 69.58 -39.20
C ASN D 394 -8.24 69.96 -39.84
N PHE D 395 -7.31 69.01 -39.87
CA PHE D 395 -5.99 69.20 -40.48
C PHE D 395 -6.09 69.15 -42.01
N SER D 396 -5.00 69.52 -42.69
CA SER D 396 -5.07 69.78 -44.13
C SER D 396 -4.06 69.00 -44.99
N ASN D 397 -3.01 68.47 -44.38
CA ASN D 397 -1.99 67.70 -45.12
C ASN D 397 -1.42 66.56 -44.28
N LEU D 398 -2.23 66.04 -43.35
CA LEU D 398 -1.80 65.00 -42.42
C LEU D 398 -1.63 63.68 -43.13
N GLU D 399 -0.38 63.22 -43.23
CA GLU D 399 -0.08 61.94 -43.86
C GLU D 399 0.23 60.85 -42.83
N ILE D 400 0.79 61.24 -41.68
CA ILE D 400 1.28 60.29 -40.69
C ILE D 400 0.80 60.63 -39.29
N ILE D 401 -0.06 59.77 -38.76
CA ILE D 401 -0.63 59.92 -37.43
C ILE D 401 -0.09 58.77 -36.57
N TYR D 402 0.91 59.07 -35.73
CA TYR D 402 1.61 58.04 -35.01
C TYR D 402 1.28 58.04 -33.53
N LEU D 403 0.63 56.96 -33.12
CA LEU D 403 0.14 56.76 -31.76
C LEU D 403 0.62 55.41 -31.21
N SER D 404 1.61 54.82 -31.84
CA SER D 404 2.05 53.53 -31.38
C SER D 404 2.52 53.69 -29.97
N GLU D 405 2.40 52.65 -29.17
CA GLU D 405 2.81 52.65 -27.78
C GLU D 405 2.10 53.56 -26.78
N ASN D 406 0.79 53.62 -26.86
CA ASN D 406 0.01 54.35 -25.90
C ASN D 406 -0.94 53.42 -25.19
N ARG D 407 -2.02 53.91 -24.64
CA ARG D 407 -2.92 53.05 -23.86
C ARG D 407 -4.32 52.95 -24.38
N ILE D 408 -4.48 53.13 -25.67
CA ILE D 408 -5.77 53.13 -26.34
C ILE D 408 -6.44 51.76 -26.18
N SER D 409 -7.70 51.77 -25.74
CA SER D 409 -8.48 50.58 -25.56
C SER D 409 -9.84 50.80 -26.22
N PRO D 410 -10.76 49.84 -26.09
CA PRO D 410 -12.18 50.12 -26.44
C PRO D 410 -12.95 50.65 -25.22
N LEU D 411 -14.18 51.20 -25.33
CA LEU D 411 -14.99 51.64 -26.52
C LEU D 411 -16.32 50.90 -26.60
N ASP D 436 30.75 46.36 -29.98
CA ASP D 436 31.69 46.30 -28.85
C ASP D 436 31.27 47.28 -27.73
N PHE D 437 30.66 48.39 -28.14
CA PHE D 437 30.15 49.42 -27.22
C PHE D 437 28.64 49.60 -27.45
N GLU D 438 27.95 50.14 -26.45
CA GLU D 438 26.49 50.05 -26.42
C GLU D 438 25.82 50.98 -27.41
N PHE D 439 26.51 52.06 -27.77
CA PHE D 439 25.91 53.07 -28.63
C PHE D 439 26.68 53.20 -29.93
N ASP D 440 25.95 53.20 -31.03
CA ASP D 440 26.55 53.48 -32.33
C ASP D 440 26.95 54.95 -32.40
N PRO D 441 28.26 55.23 -32.38
CA PRO D 441 28.72 56.61 -32.40
C PRO D 441 28.24 57.38 -33.62
N HIS D 442 28.00 56.68 -34.73
CA HIS D 442 27.48 57.28 -35.97
C HIS D 442 25.93 57.41 -36.06
N SER D 443 25.23 57.20 -34.96
CA SER D 443 23.79 57.42 -34.96
C SER D 443 23.40 58.58 -34.05
N ASN D 444 22.16 59.02 -34.21
CA ASN D 444 21.52 59.91 -33.26
C ASN D 444 21.23 59.24 -31.91
N PHE D 445 21.53 59.97 -30.83
CA PHE D 445 21.63 59.43 -29.47
C PHE D 445 20.34 59.64 -28.64
N TYR D 446 19.45 60.51 -29.11
CA TYR D 446 18.24 60.85 -28.37
C TYR D 446 16.93 60.31 -28.98
N HIS D 447 16.99 59.80 -30.21
CA HIS D 447 15.87 59.05 -30.80
C HIS D 447 16.40 58.14 -31.87
N PHE D 448 15.68 57.05 -32.15
CA PHE D 448 15.94 56.23 -33.33
C PHE D 448 15.58 56.99 -34.58
N THR D 449 16.22 56.64 -35.69
CA THR D 449 15.99 57.36 -36.95
C THR D 449 15.42 56.49 -38.07
N ARG D 450 14.80 55.36 -37.70
CA ARG D 450 14.01 54.57 -38.65
C ARG D 450 12.70 55.32 -38.94
N PRO D 451 12.15 55.17 -40.17
CA PRO D 451 10.92 55.89 -40.49
C PRO D 451 9.79 55.37 -39.60
N LEU D 452 8.92 56.26 -39.20
CA LEU D 452 7.90 55.95 -38.21
C LEU D 452 6.97 54.86 -38.69
N ILE D 453 6.63 54.95 -39.96
CA ILE D 453 5.79 54.00 -40.62
C ILE D 453 6.57 53.41 -41.75
N LYS D 454 6.47 52.10 -41.96
CA LYS D 454 7.13 51.47 -43.09
C LYS D 454 6.68 52.16 -44.41
N PRO D 455 7.65 52.65 -45.19
CA PRO D 455 7.37 53.34 -46.44
C PRO D 455 6.31 52.63 -47.26
N GLN D 456 6.38 51.30 -47.34
CA GLN D 456 5.56 50.53 -48.26
C GLN D 456 4.06 50.68 -47.95
N CYS D 457 3.76 50.96 -46.69
CA CYS D 457 2.40 51.22 -46.23
C CYS D 457 2.08 52.68 -46.45
N ALA D 458 3.01 53.53 -46.03
CA ALA D 458 2.84 54.98 -46.13
C ALA D 458 2.64 55.44 -47.57
N ALA D 459 3.45 54.91 -48.48
CA ALA D 459 3.30 55.20 -49.92
C ALA D 459 1.85 55.32 -50.41
N TYR D 460 0.92 54.60 -49.78
CA TYR D 460 -0.46 54.47 -50.27
C TYR D 460 -1.36 55.66 -49.89
N GLY D 461 -0.92 56.47 -48.93
CA GLY D 461 -1.76 57.58 -48.46
C GLY D 461 -1.74 57.75 -46.95
N LYS D 462 -2.61 58.63 -46.44
CA LYS D 462 -2.82 58.83 -45.01
C LYS D 462 -2.64 57.53 -44.26
N ALA D 463 -1.72 57.53 -43.29
CA ALA D 463 -1.45 56.36 -42.48
C ALA D 463 -1.70 56.66 -41.00
N LEU D 464 -2.22 55.67 -40.28
CA LEU D 464 -2.55 55.78 -38.84
C LEU D 464 -1.99 54.58 -38.09
N ASP D 465 -1.06 54.80 -37.17
CA ASP D 465 -0.34 53.70 -36.51
C ASP D 465 -0.87 53.59 -35.10
N LEU D 466 -1.63 52.52 -34.85
CA LEU D 466 -2.21 52.27 -33.52
C LEU D 466 -1.56 51.05 -32.82
N SER D 467 -0.35 50.72 -33.25
CA SER D 467 0.34 49.59 -32.74
C SER D 467 0.67 49.75 -31.26
N LEU D 468 0.88 48.62 -30.58
CA LEU D 468 1.28 48.60 -29.15
C LEU D 468 0.31 49.38 -28.25
N ASN D 469 -0.98 49.10 -28.40
CA ASN D 469 -2.01 49.61 -27.50
C ASN D 469 -2.81 48.41 -27.04
N SER D 470 -3.96 48.59 -26.39
CA SER D 470 -4.76 47.47 -25.90
C SER D 470 -6.16 47.40 -26.54
N ILE D 471 -6.21 47.55 -27.87
CA ILE D 471 -7.49 47.46 -28.59
C ILE D 471 -7.86 45.99 -28.82
N PHE D 472 -8.21 45.30 -27.73
CA PHE D 472 -8.34 43.83 -27.75
C PHE D 472 -9.55 43.34 -28.56
N PHE D 473 -10.45 44.27 -28.87
CA PHE D 473 -11.36 44.10 -30.00
C PHE D 473 -11.67 45.46 -30.57
N ILE D 474 -12.29 45.47 -31.74
CA ILE D 474 -12.68 46.71 -32.38
C ILE D 474 -14.19 46.92 -32.27
N GLY D 475 -14.58 47.90 -31.46
CA GLY D 475 -15.99 48.24 -31.32
C GLY D 475 -16.56 48.80 -32.61
N PRO D 476 -17.91 48.81 -32.74
CA PRO D 476 -18.52 49.22 -34.01
C PRO D 476 -18.24 50.67 -34.40
N ASN D 477 -18.09 51.55 -33.41
CA ASN D 477 -17.82 52.97 -33.65
C ASN D 477 -16.41 53.37 -33.23
N GLN D 478 -15.42 52.52 -33.48
CA GLN D 478 -14.08 52.76 -32.95
C GLN D 478 -13.32 53.70 -33.90
N PHE D 479 -13.70 53.66 -35.17
CA PHE D 479 -12.99 54.38 -36.20
C PHE D 479 -13.84 55.51 -36.80
N GLU D 480 -15.02 55.74 -36.25
CA GLU D 480 -15.92 56.72 -36.82
C GLU D 480 -15.28 58.13 -36.71
N ASN D 481 -15.53 58.96 -37.74
CA ASN D 481 -14.99 60.32 -37.83
C ASN D 481 -13.49 60.34 -38.02
N LEU D 482 -13.00 59.34 -38.74
CA LEU D 482 -11.58 59.28 -39.10
C LEU D 482 -11.44 59.73 -40.53
N PRO D 483 -10.28 60.29 -40.87
CA PRO D 483 -10.03 60.58 -42.28
C PRO D 483 -9.85 59.28 -43.07
N ASP D 484 -9.91 59.37 -44.39
CA ASP D 484 -9.78 58.20 -45.24
C ASP D 484 -8.39 57.54 -45.11
N ILE D 485 -8.25 56.59 -44.17
CA ILE D 485 -6.98 55.95 -43.93
C ILE D 485 -6.71 54.95 -45.06
N ALA D 486 -5.47 54.99 -45.55
CA ALA D 486 -4.99 54.07 -46.59
C ALA D 486 -4.05 53.02 -45.99
N CYS D 487 -3.32 53.42 -44.95
CA CYS D 487 -2.38 52.56 -44.29
C CYS D 487 -2.71 52.52 -42.81
N LEU D 488 -2.95 51.31 -42.29
CA LEU D 488 -3.37 51.13 -40.89
C LEU D 488 -2.51 50.09 -40.14
N ASN D 489 -2.05 50.48 -38.96
CA ASN D 489 -1.32 49.58 -38.11
C ASN D 489 -2.06 49.32 -36.81
N LEU D 490 -2.41 48.06 -36.61
CA LEU D 490 -3.02 47.59 -35.36
C LEU D 490 -2.19 46.43 -34.84
N SER D 491 -0.90 46.44 -35.15
CA SER D 491 -0.01 45.44 -34.63
C SER D 491 0.01 45.46 -33.11
N ALA D 492 0.17 44.29 -32.51
CA ALA D 492 0.40 44.16 -31.08
C ALA D 492 -0.63 44.88 -30.27
N ASN D 493 -1.89 44.52 -30.45
CA ASN D 493 -2.95 44.99 -29.56
C ASN D 493 -3.61 43.80 -28.85
N SER D 494 -3.00 42.62 -28.93
CA SER D 494 -3.66 41.37 -28.52
C SER D 494 -5.16 41.34 -28.92
N ASN D 495 -5.44 41.69 -30.16
CA ASN D 495 -6.78 41.62 -30.65
C ASN D 495 -7.18 40.14 -30.76
N ALA D 496 -8.27 39.79 -30.06
CA ALA D 496 -8.75 38.43 -30.04
C ALA D 496 -10.06 38.28 -30.75
N GLN D 497 -10.57 39.33 -31.36
CA GLN D 497 -11.96 39.29 -31.80
C GLN D 497 -12.19 38.46 -33.04
N VAL D 498 -13.46 38.31 -33.40
CA VAL D 498 -13.85 37.69 -34.66
C VAL D 498 -14.23 38.80 -35.64
N LEU D 499 -13.36 39.05 -36.59
CA LEU D 499 -13.62 40.00 -37.67
C LEU D 499 -14.74 39.47 -38.54
N SER D 500 -15.77 40.30 -38.76
CA SER D 500 -17.04 39.88 -39.34
C SER D 500 -17.38 40.58 -40.65
N GLY D 501 -16.48 41.42 -41.15
CA GLY D 501 -16.75 42.21 -42.37
C GLY D 501 -17.46 43.57 -42.15
N THR D 502 -17.46 44.06 -40.91
CA THR D 502 -17.99 45.40 -40.60
C THR D 502 -17.02 46.30 -39.84
N GLU D 503 -16.08 45.69 -39.11
CA GLU D 503 -15.18 46.41 -38.20
C GLU D 503 -14.54 47.65 -38.84
N PHE D 504 -14.21 47.57 -40.13
CA PHE D 504 -13.54 48.66 -40.86
C PHE D 504 -14.43 49.52 -41.78
N SER D 505 -15.75 49.40 -41.71
CA SER D 505 -16.66 50.18 -42.60
C SER D 505 -16.32 51.71 -42.67
N ALA D 506 -16.01 52.30 -41.49
CA ALA D 506 -15.73 53.75 -41.39
C ALA D 506 -14.42 54.18 -42.07
N ILE D 507 -13.60 53.22 -42.51
CA ILE D 507 -12.40 53.52 -43.29
C ILE D 507 -12.17 52.44 -44.38
N PRO D 508 -13.16 52.27 -45.27
CA PRO D 508 -13.22 51.18 -46.26
C PRO D 508 -12.12 51.13 -47.33
N HIS D 509 -11.26 52.15 -47.40
CA HIS D 509 -10.16 52.18 -48.40
C HIS D 509 -8.74 51.96 -47.81
N VAL D 510 -8.63 51.10 -46.79
CA VAL D 510 -7.30 50.61 -46.37
C VAL D 510 -6.69 49.71 -47.46
N LYS D 511 -5.48 50.04 -47.88
CA LYS D 511 -4.80 49.27 -48.91
C LYS D 511 -3.72 48.39 -48.27
N TYR D 512 -3.18 48.87 -47.15
CA TYR D 512 -2.15 48.16 -46.40
C TYR D 512 -2.66 48.07 -44.98
N LEU D 513 -2.95 46.85 -44.53
CA LEU D 513 -3.39 46.57 -43.15
C LEU D 513 -2.38 45.69 -42.36
N ASP D 514 -1.89 46.24 -41.26
CA ASP D 514 -0.97 45.52 -40.43
C ASP D 514 -1.68 45.04 -39.18
N LEU D 515 -1.96 43.74 -39.15
CA LEU D 515 -2.64 43.13 -38.02
C LEU D 515 -1.76 42.13 -37.32
N THR D 516 -0.45 42.23 -37.50
CA THR D 516 0.48 41.24 -36.94
C THR D 516 0.51 41.29 -35.42
N ASN D 517 1.01 40.23 -34.81
CA ASN D 517 1.17 40.16 -33.35
C ASN D 517 -0.12 40.41 -32.60
N ASN D 518 -1.15 39.69 -33.00
CA ASN D 518 -2.41 39.71 -32.34
C ASN D 518 -2.83 38.27 -32.17
N ARG D 519 -4.03 38.06 -31.63
CA ARG D 519 -4.55 36.74 -31.41
C ARG D 519 -5.94 36.60 -32.06
N LEU D 520 -6.03 36.94 -33.33
CA LEU D 520 -7.32 37.05 -33.99
C LEU D 520 -8.10 35.73 -34.06
N ASP D 521 -9.37 35.75 -33.71
CA ASP D 521 -10.17 34.52 -33.81
C ASP D 521 -10.92 34.46 -35.12
N PHE D 522 -10.31 33.75 -36.08
CA PHE D 522 -10.80 33.61 -37.43
C PHE D 522 -11.98 32.67 -37.58
N ASP D 523 -13.12 33.10 -37.08
CA ASP D 523 -14.35 32.31 -37.16
C ASP D 523 -15.49 32.95 -37.96
N ASN D 524 -15.18 33.62 -39.05
CA ASN D 524 -16.23 34.20 -39.92
C ASN D 524 -15.66 34.41 -41.31
N ALA D 525 -16.37 33.92 -42.31
CA ALA D 525 -15.86 33.89 -43.70
C ALA D 525 -15.88 35.26 -44.39
N SER D 526 -16.64 36.21 -43.84
CA SER D 526 -16.73 37.56 -44.38
C SER D 526 -15.66 38.50 -43.82
N ALA D 527 -14.77 37.97 -42.98
CA ALA D 527 -13.83 38.82 -42.24
C ALA D 527 -13.06 39.71 -43.20
N LEU D 528 -13.01 41.00 -42.88
CA LEU D 528 -12.26 41.98 -43.66
C LEU D 528 -12.78 42.22 -45.11
N THR D 529 -13.84 41.54 -45.55
CA THR D 529 -14.29 41.65 -46.95
C THR D 529 -14.75 43.06 -47.31
N GLU D 530 -15.10 43.85 -46.31
CA GLU D 530 -15.45 45.25 -46.54
C GLU D 530 -14.29 46.09 -47.13
N LEU D 531 -13.03 45.71 -46.92
CA LEU D 531 -11.91 46.46 -47.50
C LEU D 531 -11.59 45.97 -48.90
N SER D 532 -12.43 46.37 -49.85
CA SER D 532 -12.37 45.92 -51.26
C SER D 532 -11.07 46.23 -52.01
N ASP D 533 -10.35 47.25 -51.56
CA ASP D 533 -9.15 47.72 -52.25
C ASP D 533 -7.86 47.20 -51.61
N LEU D 534 -8.00 46.37 -50.58
CA LEU D 534 -6.86 45.87 -49.86
C LEU D 534 -5.88 45.17 -50.80
N GLU D 535 -4.64 45.66 -50.75
CA GLU D 535 -3.55 45.12 -51.54
C GLU D 535 -2.59 44.29 -50.67
N VAL D 536 -2.33 44.75 -49.45
CA VAL D 536 -1.35 44.12 -48.56
C VAL D 536 -1.99 43.84 -47.19
N LEU D 537 -1.97 42.56 -46.77
CA LEU D 537 -2.50 42.16 -45.47
C LEU D 537 -1.45 41.34 -44.77
N ASP D 538 -0.96 41.87 -43.65
CA ASP D 538 -0.02 41.15 -42.82
C ASP D 538 -0.78 40.55 -41.65
N LEU D 539 -0.79 39.22 -41.55
CA LEU D 539 -1.40 38.55 -40.39
C LEU D 539 -0.35 37.78 -39.59
N SER D 540 0.91 38.15 -39.77
CA SER D 540 2.06 37.51 -39.08
C SER D 540 1.85 37.44 -37.57
N TYR D 541 2.24 36.32 -36.96
CA TYR D 541 2.21 36.17 -35.49
C TYR D 541 0.79 36.34 -34.89
N ASN D 542 -0.17 35.55 -35.41
CA ASN D 542 -1.54 35.40 -34.84
C ASN D 542 -1.90 33.92 -34.51
N SER D 543 -0.92 33.14 -34.04
CA SER D 543 -1.06 31.70 -33.84
C SER D 543 -2.01 31.27 -32.71
N HIS D 544 -2.29 32.18 -31.79
CA HIS D 544 -3.07 31.87 -30.58
C HIS D 544 -4.20 30.89 -30.82
N TYR D 545 -5.15 31.25 -31.66
CA TYR D 545 -6.24 30.34 -31.95
C TYR D 545 -5.87 29.27 -32.95
N PHE D 546 -4.90 29.54 -33.82
CA PHE D 546 -4.47 28.49 -34.75
C PHE D 546 -3.90 27.28 -34.02
N ARG D 547 -3.28 27.47 -32.85
CA ARG D 547 -2.75 26.31 -32.09
C ARG D 547 -3.85 25.35 -31.72
N ILE D 548 -5.05 25.88 -31.55
CA ILE D 548 -6.09 25.18 -30.83
C ILE D 548 -6.96 24.39 -31.80
N ALA D 549 -6.68 23.09 -31.88
CA ALA D 549 -7.31 22.24 -32.88
C ALA D 549 -8.83 22.34 -32.90
N GLY D 550 -9.44 22.54 -31.75
CA GLY D 550 -10.88 22.34 -31.57
C GLY D 550 -11.78 23.54 -31.79
N VAL D 551 -11.21 24.73 -31.87
CA VAL D 551 -11.96 25.89 -32.32
C VAL D 551 -11.86 25.97 -33.87
N THR D 552 -12.71 26.78 -34.51
CA THR D 552 -12.69 26.93 -35.99
C THR D 552 -11.57 27.83 -36.47
N HIS D 553 -11.13 27.60 -37.71
CA HIS D 553 -10.11 28.42 -38.37
C HIS D 553 -10.51 28.59 -39.79
N HIS D 554 -11.07 29.75 -40.10
CA HIS D 554 -11.74 30.03 -41.41
C HIS D 554 -10.95 31.06 -42.24
N LEU D 555 -10.36 30.65 -43.36
CA LEU D 555 -9.54 31.59 -44.16
C LEU D 555 -10.15 31.82 -45.58
N GLU D 556 -11.43 31.54 -45.71
CA GLU D 556 -12.12 31.63 -46.99
C GLU D 556 -12.18 33.06 -47.50
N PHE D 557 -12.23 34.02 -46.59
CA PHE D 557 -12.25 35.45 -46.93
C PHE D 557 -11.10 35.96 -47.81
N ILE D 558 -10.13 35.14 -48.11
CA ILE D 558 -9.00 35.61 -48.90
C ILE D 558 -9.39 35.77 -50.36
N GLN D 559 -10.38 35.02 -50.81
CA GLN D 559 -10.82 35.09 -52.21
C GLN D 559 -11.73 36.29 -52.54
N ASN D 560 -12.48 36.79 -51.56
CA ASN D 560 -13.38 37.92 -51.77
C ASN D 560 -12.63 39.25 -51.87
N PHE D 561 -11.33 39.19 -52.16
CA PHE D 561 -10.49 40.37 -52.40
C PHE D 561 -10.02 40.35 -53.83
N THR D 562 -10.17 41.48 -54.48
CA THR D 562 -10.20 41.54 -55.91
C THR D 562 -8.91 42.18 -56.47
N ASN D 563 -8.12 42.76 -55.60
CA ASN D 563 -6.83 43.34 -55.97
C ASN D 563 -5.74 43.10 -54.92
N LEU D 564 -5.84 42.05 -54.10
CA LEU D 564 -4.86 41.79 -53.04
C LEU D 564 -3.63 41.14 -53.60
N LYS D 565 -2.48 41.72 -53.31
CA LYS D 565 -1.27 41.28 -53.96
C LYS D 565 -0.33 40.52 -53.02
N VAL D 566 -0.15 41.06 -51.82
CA VAL D 566 0.78 40.49 -50.86
C VAL D 566 0.05 40.09 -49.61
N LEU D 567 0.27 38.85 -49.20
CA LEU D 567 -0.39 38.30 -48.00
C LEU D 567 0.66 37.61 -47.18
N ASN D 568 0.66 37.89 -45.89
CA ASN D 568 1.62 37.27 -44.96
C ASN D 568 0.92 36.58 -43.80
N LEU D 569 1.06 35.25 -43.78
CA LEU D 569 0.55 34.40 -42.73
C LEU D 569 1.71 33.72 -41.98
N SER D 570 2.86 34.37 -41.89
CA SER D 570 4.01 33.72 -41.24
C SER D 570 3.74 33.48 -39.76
N HIS D 571 4.35 32.43 -39.22
CA HIS D 571 4.38 32.16 -37.79
C HIS D 571 3.01 32.13 -37.18
N ASN D 572 2.07 31.48 -37.87
CA ASN D 572 0.73 31.31 -37.33
C ASN D 572 0.48 29.88 -36.90
N ASN D 573 1.49 29.03 -37.02
CA ASN D 573 1.37 27.65 -36.56
C ASN D 573 0.19 26.91 -37.18
N ILE D 574 -0.16 27.27 -38.42
CA ILE D 574 -1.32 26.70 -39.05
C ILE D 574 -1.10 25.22 -39.36
N TYR D 575 -2.02 24.39 -38.87
CA TYR D 575 -1.99 22.96 -39.21
C TYR D 575 -3.38 22.40 -39.48
N THR D 576 -4.40 23.24 -39.38
CA THR D 576 -5.77 22.77 -39.55
C THR D 576 -6.71 23.95 -39.87
N LEU D 577 -7.58 23.73 -40.85
CA LEU D 577 -8.54 24.76 -41.27
C LEU D 577 -9.89 24.13 -41.28
N THR D 578 -10.92 24.93 -41.05
CA THR D 578 -12.30 24.43 -41.06
C THR D 578 -12.96 24.44 -42.46
N ASP D 579 -13.70 23.39 -42.81
CA ASP D 579 -14.53 23.36 -44.06
C ASP D 579 -13.73 23.49 -45.34
N LYS D 580 -13.11 24.64 -45.56
CA LYS D 580 -12.43 24.92 -46.80
C LYS D 580 -10.95 24.88 -46.56
N TYR D 581 -10.32 23.91 -47.21
CA TYR D 581 -8.93 23.58 -47.00
C TYR D 581 -7.99 24.28 -48.01
N ASN D 582 -8.57 25.00 -48.98
CA ASN D 582 -7.79 25.62 -50.07
C ASN D 582 -7.83 27.14 -50.08
N LEU D 583 -6.66 27.77 -50.06
CA LEU D 583 -6.58 29.21 -50.28
C LEU D 583 -6.84 29.54 -51.74
N GLU D 584 -7.56 30.63 -52.00
CA GLU D 584 -7.95 30.99 -53.37
C GLU D 584 -7.94 32.49 -53.63
N SER D 585 -7.33 32.87 -54.76
CA SER D 585 -7.30 34.28 -55.20
C SER D 585 -6.84 34.43 -56.64
N LYS D 586 -7.68 35.11 -57.43
CA LYS D 586 -7.35 35.51 -58.79
C LYS D 586 -6.32 36.63 -58.78
N SER D 587 -6.25 37.34 -57.67
CA SER D 587 -5.44 38.54 -57.55
C SER D 587 -3.97 38.26 -57.13
N LEU D 588 -3.75 37.34 -56.19
CA LEU D 588 -2.57 37.34 -55.33
C LEU D 588 -1.26 36.90 -55.97
N VAL D 589 -0.19 37.64 -55.63
CA VAL D 589 1.11 37.54 -56.27
C VAL D 589 2.18 37.02 -55.30
N GLU D 590 2.03 37.37 -54.01
CA GLU D 590 2.94 36.92 -52.96
C GLU D 590 2.20 36.39 -51.78
N LEU D 591 2.61 35.19 -51.35
CA LEU D 591 2.12 34.55 -50.12
C LEU D 591 3.33 34.15 -49.26
N VAL D 592 3.39 34.71 -48.06
CA VAL D 592 4.40 34.30 -47.11
C VAL D 592 3.74 33.24 -46.25
N PHE D 593 4.37 32.09 -46.13
CA PHE D 593 3.73 31.02 -45.36
C PHE D 593 4.69 30.32 -44.42
N SER D 594 5.78 30.99 -44.06
CA SER D 594 6.79 30.42 -43.25
C SER D 594 6.31 30.30 -41.81
N GLY D 595 6.92 29.41 -41.04
CA GLY D 595 6.60 29.28 -39.63
C GLY D 595 5.21 28.73 -39.42
N ASN D 596 4.78 27.84 -40.30
CA ASN D 596 3.51 27.14 -40.12
C ASN D 596 3.82 25.66 -40.12
N ARG D 597 2.81 24.80 -40.25
CA ARG D 597 3.00 23.35 -40.14
C ARG D 597 2.55 22.57 -41.36
N LEU D 598 3.14 22.88 -42.51
CA LEU D 598 2.90 22.11 -43.71
C LEU D 598 3.33 20.64 -43.55
N ASP D 599 4.22 20.35 -42.62
CA ASP D 599 4.51 18.95 -42.27
C ASP D 599 3.23 18.20 -41.85
N ILE D 600 2.37 18.88 -41.13
CA ILE D 600 1.13 18.25 -40.71
C ILE D 600 0.05 18.36 -41.79
N LEU D 601 -0.02 19.49 -42.48
CA LEU D 601 -1.00 19.65 -43.57
C LEU D 601 -0.78 18.66 -44.70
N TRP D 602 0.48 18.33 -44.95
CA TRP D 602 0.86 17.49 -46.08
C TRP D 602 1.35 16.15 -45.64
N ASN D 603 0.71 15.61 -44.61
CA ASN D 603 1.11 14.35 -44.05
C ASN D 603 0.53 13.20 -44.87
N ASP D 604 1.36 12.18 -45.11
CA ASP D 604 1.03 11.03 -45.98
C ASP D 604 -0.34 10.39 -45.68
N ASP D 605 -0.83 10.53 -44.45
CA ASP D 605 -2.13 9.91 -44.07
C ASP D 605 -3.36 10.80 -44.36
N ASP D 606 -3.14 11.92 -45.04
CA ASP D 606 -4.11 13.02 -45.08
C ASP D 606 -4.13 13.73 -46.47
N ASN D 607 -5.25 13.62 -47.20
CA ASN D 607 -5.41 14.26 -48.54
C ASN D 607 -5.89 15.70 -48.57
N ARG D 608 -6.47 16.17 -47.47
CA ARG D 608 -7.38 17.28 -47.58
C ARG D 608 -6.70 18.60 -48.05
N TYR D 609 -5.39 18.73 -47.88
CA TYR D 609 -4.64 19.97 -48.20
C TYR D 609 -3.66 19.77 -49.35
N ILE D 610 -3.90 18.75 -50.13
CA ILE D 610 -3.10 18.44 -51.30
C ILE D 610 -3.12 19.60 -52.34
N SER D 611 -4.18 20.41 -52.34
CA SER D 611 -4.32 21.54 -53.28
C SER D 611 -4.43 22.87 -52.56
N ILE D 612 -3.77 22.98 -51.41
CA ILE D 612 -3.90 24.18 -50.55
C ILE D 612 -3.54 25.51 -51.24
N PHE D 613 -2.62 25.47 -52.22
CA PHE D 613 -2.11 26.67 -52.86
C PHE D 613 -2.44 26.78 -54.34
N LYS D 614 -3.08 25.77 -54.91
CA LYS D 614 -3.25 25.70 -56.37
C LYS D 614 -4.17 26.81 -56.85
N GLY D 615 -5.25 27.05 -56.13
CA GLY D 615 -6.17 28.15 -56.45
C GLY D 615 -5.58 29.54 -56.32
N LEU D 616 -4.27 29.62 -56.11
CA LEU D 616 -3.56 30.91 -56.12
C LEU D 616 -3.02 31.14 -57.52
N LYS D 617 -3.94 31.49 -58.42
CA LYS D 617 -3.70 31.41 -59.86
C LYS D 617 -2.67 32.45 -60.36
N ASN D 618 -2.54 33.58 -59.67
CA ASN D 618 -1.62 34.67 -60.08
C ASN D 618 -0.29 34.68 -59.36
N LEU D 619 -0.05 33.68 -58.51
CA LEU D 619 1.07 33.74 -57.56
C LEU D 619 2.45 33.61 -58.24
N THR D 620 3.39 34.43 -57.82
CA THR D 620 4.74 34.32 -58.35
C THR D 620 5.80 34.11 -57.28
N ARG D 621 5.49 34.56 -56.05
CA ARG D 621 6.44 34.45 -54.94
C ARG D 621 5.78 33.75 -53.75
N LEU D 622 6.34 32.61 -53.35
CA LEU D 622 5.74 31.76 -52.31
C LEU D 622 6.79 31.32 -51.29
N ASP D 623 6.61 31.68 -50.02
CA ASP D 623 7.64 31.36 -49.01
C ASP D 623 7.11 30.30 -48.05
N LEU D 624 7.73 29.13 -48.13
CA LEU D 624 7.33 27.97 -47.34
C LEU D 624 8.45 27.57 -46.35
N SER D 625 9.26 28.54 -45.95
CA SER D 625 10.33 28.28 -45.05
C SER D 625 9.78 27.95 -43.69
N LEU D 626 10.62 27.36 -42.84
CA LEU D 626 10.29 27.10 -41.44
C LEU D 626 8.98 26.40 -41.30
N ASN D 627 8.77 25.33 -42.06
CA ASN D 627 7.56 24.49 -41.89
C ASN D 627 7.84 23.04 -41.45
N ARG D 628 9.08 22.77 -41.02
CA ARG D 628 9.46 21.49 -40.45
C ARG D 628 9.32 20.32 -41.44
N LEU D 629 9.56 20.60 -42.71
CA LEU D 629 9.22 19.66 -43.76
C LEU D 629 10.36 18.74 -44.03
N LYS D 630 10.06 17.46 -44.09
CA LYS D 630 11.05 16.44 -44.39
C LYS D 630 10.93 16.01 -45.83
N HIS D 631 9.72 15.74 -46.26
CA HIS D 631 9.45 15.37 -47.63
C HIS D 631 8.21 16.11 -48.07
N ILE D 632 8.11 16.35 -49.36
CA ILE D 632 6.92 16.95 -49.91
C ILE D 632 6.30 15.93 -50.84
N PRO D 633 5.04 15.57 -50.61
CA PRO D 633 4.41 14.69 -51.57
C PRO D 633 4.47 15.29 -52.98
N ASN D 634 4.83 14.43 -53.93
CA ASN D 634 4.84 14.77 -55.35
C ASN D 634 3.53 15.47 -55.75
N GLU D 635 2.38 14.91 -55.38
CA GLU D 635 1.11 15.53 -55.75
C GLU D 635 1.00 16.95 -55.18
N ALA D 636 1.58 17.17 -54.00
CA ALA D 636 1.50 18.46 -53.34
C ALA D 636 2.34 19.47 -54.07
N PHE D 637 3.53 19.03 -54.47
CA PHE D 637 4.43 19.90 -55.25
C PHE D 637 3.80 20.28 -56.60
N LEU D 638 3.08 19.34 -57.22
CA LEU D 638 2.51 19.53 -58.55
C LEU D 638 1.33 20.46 -58.51
N ASN D 639 0.80 20.71 -57.32
CA ASN D 639 -0.30 21.63 -57.16
C ASN D 639 0.14 23.01 -56.74
N LEU D 640 1.44 23.24 -56.64
CA LEU D 640 1.93 24.60 -56.51
C LEU D 640 1.69 25.32 -57.87
N PRO D 641 1.36 26.63 -57.83
CA PRO D 641 1.02 27.32 -59.05
C PRO D 641 2.17 27.39 -60.07
N ALA D 642 1.85 27.14 -61.34
CA ALA D 642 2.83 27.24 -62.42
C ALA D 642 3.31 28.69 -62.64
N SER D 643 2.53 29.67 -62.19
CA SER D 643 2.89 31.08 -62.31
C SER D 643 4.10 31.46 -61.47
N LEU D 644 4.59 30.52 -60.67
CA LEU D 644 5.66 30.78 -59.78
C LEU D 644 6.95 31.06 -60.49
N THR D 645 7.53 32.21 -60.18
CA THR D 645 8.87 32.54 -60.58
C THR D 645 9.85 32.39 -59.43
N GLU D 646 9.36 32.34 -58.20
CA GLU D 646 10.22 32.36 -57.01
C GLU D 646 9.67 31.44 -55.93
N LEU D 647 10.47 30.47 -55.48
CA LEU D 647 10.05 29.50 -54.43
C LEU D 647 11.13 29.30 -53.38
N HIS D 648 10.71 29.47 -52.13
CA HIS D 648 11.57 29.30 -50.96
C HIS D 648 11.08 28.15 -50.12
N ILE D 649 11.96 27.17 -49.89
CA ILE D 649 11.64 26.04 -49.02
C ILE D 649 12.79 25.86 -48.05
N ASN D 650 13.44 26.98 -47.72
CA ASN D 650 14.63 26.93 -46.92
C ASN D 650 14.30 26.63 -45.48
N ASP D 651 15.31 26.21 -44.72
CA ASP D 651 15.21 26.02 -43.29
C ASP D 651 14.07 25.11 -42.97
N ASN D 652 14.01 24.00 -43.66
CA ASN D 652 13.19 22.91 -43.22
C ASN D 652 14.15 21.79 -42.88
N MET D 653 13.76 20.56 -43.19
CA MET D 653 14.56 19.39 -42.89
C MET D 653 14.45 18.46 -44.06
N LEU D 654 14.59 19.01 -45.26
CA LEU D 654 14.34 18.24 -46.48
C LEU D 654 15.46 17.26 -46.72
N LYS D 655 15.07 15.99 -46.90
CA LYS D 655 15.99 14.90 -47.18
C LYS D 655 16.22 14.76 -48.69
N PHE D 656 15.11 14.71 -49.43
CA PHE D 656 15.11 14.49 -50.87
C PHE D 656 14.37 15.62 -51.60
N PHE D 657 14.62 15.74 -52.89
CA PHE D 657 13.92 16.70 -53.73
C PHE D 657 13.80 16.14 -55.13
N ASN D 658 12.58 15.78 -55.54
CA ASN D 658 12.32 15.30 -56.89
C ASN D 658 12.56 16.47 -57.79
N TRP D 659 13.72 16.48 -58.43
CA TRP D 659 14.07 17.57 -59.32
C TRP D 659 13.19 17.54 -60.56
N THR D 660 12.88 16.33 -61.00
CA THR D 660 11.96 16.08 -62.14
C THR D 660 10.74 17.01 -62.17
N LEU D 661 10.29 17.44 -60.99
CA LEU D 661 9.04 18.17 -60.87
C LEU D 661 9.15 19.63 -61.32
N LEU D 662 10.37 20.12 -61.53
CA LEU D 662 10.54 21.47 -62.05
C LEU D 662 10.06 21.64 -63.51
N GLN D 663 9.82 20.54 -64.20
CA GLN D 663 9.29 20.57 -65.56
C GLN D 663 7.93 21.21 -65.66
N GLN D 664 7.28 21.43 -64.52
CA GLN D 664 5.94 22.01 -64.47
C GLN D 664 5.99 23.48 -64.11
N PHE D 665 7.20 24.01 -63.99
CA PHE D 665 7.42 25.38 -63.55
C PHE D 665 8.31 26.10 -64.56
N PRO D 666 7.75 26.35 -65.76
CA PRO D 666 8.43 26.98 -66.88
C PRO D 666 8.80 28.43 -66.63
N ARG D 667 8.24 29.06 -65.60
CA ARG D 667 8.64 30.43 -65.24
C ARG D 667 9.46 30.50 -63.98
N LEU D 668 9.90 29.35 -63.46
CA LEU D 668 10.68 29.34 -62.21
C LEU D 668 12.10 29.86 -62.44
N GLU D 669 12.49 30.86 -61.64
CA GLU D 669 13.77 31.57 -61.76
C GLU D 669 14.63 31.55 -60.49
N LEU D 670 14.01 31.41 -59.33
CA LEU D 670 14.73 31.34 -58.07
C LEU D 670 14.22 30.19 -57.23
N LEU D 671 15.15 29.33 -56.83
CA LEU D 671 14.82 28.19 -55.99
C LEU D 671 15.73 28.23 -54.77
N ASP D 672 15.09 28.34 -53.60
CA ASP D 672 15.79 28.42 -52.34
C ASP D 672 15.56 27.12 -51.59
N LEU D 673 16.65 26.40 -51.35
CA LEU D 673 16.61 25.19 -50.53
C LEU D 673 17.68 25.18 -49.44
N ARG D 674 18.16 26.35 -49.04
CA ARG D 674 19.16 26.46 -47.99
C ARG D 674 18.65 25.90 -46.64
N GLY D 675 19.55 25.32 -45.85
CA GLY D 675 19.22 24.94 -44.47
C GLY D 675 18.29 23.75 -44.44
N ASN D 676 18.58 22.78 -45.27
CA ASN D 676 17.86 21.52 -45.28
C ASN D 676 18.91 20.41 -45.13
N LYS D 677 18.51 19.15 -45.32
CA LYS D 677 19.45 18.02 -45.25
C LYS D 677 19.59 17.28 -46.60
N LEU D 678 19.76 18.02 -47.69
CA LEU D 678 19.79 17.42 -49.03
C LEU D 678 21.13 16.72 -49.28
N LEU D 679 21.07 15.52 -49.85
CA LEU D 679 22.27 14.67 -50.01
C LEU D 679 22.82 14.63 -51.44
N PHE D 680 21.96 14.69 -52.45
CA PHE D 680 22.45 14.64 -53.82
C PHE D 680 21.66 15.52 -54.78
N LEU D 681 22.36 16.05 -55.77
CA LEU D 681 21.73 16.67 -56.92
C LEU D 681 21.49 15.65 -58.03
N THR D 682 20.55 15.96 -58.91
CA THR D 682 20.32 15.16 -60.11
C THR D 682 21.38 15.51 -61.18
N ASP D 683 21.50 14.66 -62.19
CA ASP D 683 22.47 14.91 -63.26
C ASP D 683 21.90 15.80 -64.37
N SER D 684 20.66 15.52 -64.80
CA SER D 684 20.07 16.19 -65.97
C SER D 684 19.09 17.32 -65.60
N LEU D 685 19.62 18.38 -64.99
CA LEU D 685 18.83 19.55 -64.60
C LEU D 685 18.21 20.22 -65.82
N SER D 686 18.98 20.29 -66.90
CA SER D 686 18.54 20.93 -68.15
C SER D 686 17.26 20.33 -68.72
N ASP D 687 17.06 19.02 -68.52
CA ASP D 687 15.80 18.37 -68.88
C ASP D 687 14.65 18.94 -68.07
N PHE D 688 14.96 19.29 -66.82
CA PHE D 688 13.94 19.62 -65.83
C PHE D 688 13.54 21.11 -65.83
N THR D 689 14.44 21.99 -66.26
CA THR D 689 14.17 23.42 -66.21
C THR D 689 14.90 24.17 -67.31
N SER D 690 14.30 25.28 -67.75
CA SER D 690 14.95 26.23 -68.70
C SER D 690 15.00 27.66 -68.16
N SER D 691 14.31 27.92 -67.05
CA SER D 691 14.04 29.26 -66.59
C SER D 691 14.86 29.66 -65.38
N LEU D 692 15.35 28.66 -64.66
CA LEU D 692 15.96 28.83 -63.34
C LEU D 692 17.24 29.65 -63.40
N ARG D 693 17.23 30.83 -62.78
CA ARG D 693 18.36 31.74 -62.81
C ARG D 693 19.22 31.64 -61.55
N THR D 694 18.58 31.46 -60.40
CA THR D 694 19.31 31.37 -59.12
C THR D 694 18.93 30.10 -58.40
N LEU D 695 19.93 29.39 -57.88
CA LEU D 695 19.70 28.16 -57.10
C LEU D 695 20.59 28.15 -55.87
N LEU D 696 19.95 28.23 -54.71
CA LEU D 696 20.64 28.39 -53.45
C LEU D 696 20.51 27.10 -52.67
N LEU D 697 21.66 26.51 -52.34
CA LEU D 697 21.73 25.25 -51.60
C LEU D 697 22.65 25.31 -50.36
N SER D 698 23.09 26.51 -49.96
CA SER D 698 23.87 26.69 -48.75
C SER D 698 23.32 25.82 -47.63
N HIS D 699 24.19 25.20 -46.86
CA HIS D 699 23.80 24.43 -45.67
C HIS D 699 22.90 23.26 -45.98
N ASN D 700 23.41 22.33 -46.76
CA ASN D 700 22.84 21.00 -46.87
C ASN D 700 23.95 19.99 -46.66
N ARG D 701 23.71 18.72 -47.00
CA ARG D 701 24.73 17.66 -46.86
C ARG D 701 25.12 17.09 -48.23
N ILE D 702 25.41 17.97 -49.19
CA ILE D 702 25.75 17.54 -50.53
C ILE D 702 27.23 17.18 -50.60
N SER D 703 27.48 15.93 -50.99
CA SER D 703 28.78 15.27 -50.88
C SER D 703 29.50 15.25 -52.21
N HIS D 704 28.78 14.92 -53.28
CA HIS D 704 29.36 14.85 -54.63
C HIS D 704 28.59 15.73 -55.61
N LEU D 705 29.31 16.29 -56.58
CA LEU D 705 28.69 17.08 -57.66
C LEU D 705 28.54 16.21 -58.91
N PRO D 706 27.29 16.03 -59.40
CA PRO D 706 27.03 15.03 -60.41
C PRO D 706 27.72 15.31 -61.76
N SER D 707 27.66 14.31 -62.64
CA SER D 707 28.59 14.16 -63.78
C SER D 707 29.14 15.47 -64.40
N GLY D 708 28.31 16.34 -64.98
CA GLY D 708 26.86 16.17 -65.07
C GLY D 708 26.27 17.50 -65.46
N PHE D 709 25.52 18.11 -64.54
CA PHE D 709 25.24 19.53 -64.63
C PHE D 709 26.57 20.25 -64.34
N LEU D 710 26.65 21.55 -64.61
CA LEU D 710 25.53 22.33 -65.10
C LEU D 710 25.45 22.21 -66.61
N SER D 711 25.16 21.00 -67.07
CA SER D 711 25.46 20.57 -68.42
C SER D 711 24.78 21.29 -69.58
N GLU D 712 23.47 21.43 -69.54
CA GLU D 712 22.78 22.15 -70.59
C GLU D 712 22.02 23.32 -70.01
N VAL D 713 22.36 23.66 -68.77
CA VAL D 713 21.65 24.64 -68.00
C VAL D 713 22.17 26.01 -68.30
N SER D 714 21.70 26.58 -69.39
CA SER D 714 22.31 27.81 -69.88
C SER D 714 21.78 29.05 -69.18
N SER D 715 20.59 28.96 -68.60
CA SER D 715 19.96 30.11 -67.96
C SER D 715 20.49 30.36 -66.54
N LEU D 716 21.06 29.35 -65.89
CA LEU D 716 21.45 29.47 -64.49
C LEU D 716 22.64 30.41 -64.27
N LYS D 717 22.37 31.46 -63.50
CA LYS D 717 23.30 32.57 -63.32
C LYS D 717 24.03 32.53 -61.96
N HIS D 718 23.37 31.99 -60.94
CA HIS D 718 23.85 32.09 -59.54
C HIS D 718 23.74 30.74 -58.83
N LEU D 719 24.86 30.21 -58.37
CA LEU D 719 24.86 28.94 -57.63
C LEU D 719 25.55 29.08 -56.29
N ASP D 720 24.89 28.61 -55.24
CA ASP D 720 25.43 28.63 -53.90
C ASP D 720 25.60 27.19 -53.44
N LEU D 721 26.81 26.81 -53.07
CA LEU D 721 27.04 25.48 -52.49
C LEU D 721 27.70 25.58 -51.12
N SER D 722 27.53 26.70 -50.49
CA SER D 722 28.21 26.96 -49.27
C SER D 722 27.80 25.96 -48.21
N SER D 723 28.75 25.63 -47.37
CA SER D 723 28.45 24.87 -46.19
C SER D 723 27.88 23.53 -46.49
N ASN D 724 28.34 22.93 -47.56
CA ASN D 724 28.01 21.54 -47.82
C ASN D 724 29.16 20.64 -47.45
N LEU D 725 29.17 19.44 -48.02
CA LEU D 725 30.17 18.47 -47.68
C LEU D 725 30.80 18.08 -48.98
N LEU D 726 31.61 18.96 -49.48
CA LEU D 726 32.34 18.73 -50.71
C LEU D 726 33.85 18.67 -50.48
N LYS D 727 34.41 17.49 -50.70
CA LYS D 727 35.85 17.28 -50.61
C LYS D 727 36.57 17.76 -51.87
N THR D 728 35.89 17.71 -53.02
CA THR D 728 36.54 17.96 -54.33
C THR D 728 35.52 18.23 -55.45
N ILE D 729 35.94 18.93 -56.49
CA ILE D 729 35.14 19.07 -57.71
C ILE D 729 35.98 18.74 -58.93
N ASN D 730 35.32 18.25 -59.98
CA ASN D 730 35.97 17.90 -61.25
C ASN D 730 35.65 18.94 -62.34
N LYS D 731 36.48 18.95 -63.40
CA LYS D 731 36.19 19.82 -64.56
C LYS D 731 34.91 19.37 -65.25
N SER D 732 34.67 18.05 -65.23
CA SER D 732 33.49 17.44 -65.83
C SER D 732 32.19 17.93 -65.20
N ALA D 733 32.24 18.25 -63.91
CA ALA D 733 31.04 18.67 -63.18
C ALA D 733 30.57 20.09 -63.56
N LEU D 734 31.47 20.91 -64.12
CA LEU D 734 31.08 22.25 -64.59
C LEU D 734 31.60 22.52 -66.00
N GLU D 735 31.35 21.56 -66.90
CA GLU D 735 31.68 21.72 -68.31
C GLU D 735 30.70 22.68 -68.99
N THR D 736 31.22 23.82 -69.45
CA THR D 736 30.40 24.91 -69.97
C THR D 736 29.93 24.65 -71.42
N LYS D 737 29.14 23.59 -71.60
CA LYS D 737 28.57 23.27 -72.91
C LYS D 737 27.47 24.27 -73.28
N THR D 738 27.15 24.33 -74.56
CA THR D 738 26.32 25.40 -75.12
C THR D 738 26.87 26.78 -74.66
N THR D 739 26.25 27.39 -73.65
CA THR D 739 26.81 28.60 -73.01
C THR D 739 26.35 28.70 -71.55
N THR D 740 27.22 29.25 -70.70
CA THR D 740 26.95 29.37 -69.27
C THR D 740 26.73 30.85 -68.89
N LYS D 741 25.56 31.14 -68.35
CA LYS D 741 25.26 32.48 -67.80
C LYS D 741 25.86 32.69 -66.40
N LEU D 742 26.65 31.70 -65.94
CA LEU D 742 27.07 31.60 -64.55
C LEU D 742 28.03 32.72 -64.13
N SER D 743 27.46 33.80 -63.57
CA SER D 743 28.23 34.97 -63.14
C SER D 743 28.82 34.77 -61.77
N MET D 744 28.23 33.86 -60.98
CA MET D 744 28.58 33.74 -59.55
C MET D 744 28.34 32.36 -58.94
N LEU D 745 29.41 31.80 -58.37
CA LEU D 745 29.36 30.51 -57.73
C LEU D 745 30.02 30.64 -56.35
N GLU D 746 29.33 30.13 -55.32
CA GLU D 746 29.76 30.28 -53.93
C GLU D 746 30.11 28.94 -53.37
N LEU D 747 31.16 28.87 -52.56
CA LEU D 747 31.65 27.57 -52.08
C LEU D 747 32.21 27.54 -50.65
N HIS D 748 32.18 28.67 -49.94
CA HIS D 748 32.82 28.73 -48.61
C HIS D 748 32.28 27.67 -47.65
N GLY D 749 33.15 27.20 -46.74
CA GLY D 749 32.77 26.25 -45.70
C GLY D 749 32.46 24.82 -46.16
N ASN D 750 33.09 24.39 -47.23
CA ASN D 750 33.07 22.97 -47.56
C ASN D 750 34.37 22.31 -47.07
N PRO D 751 34.30 21.03 -46.67
CA PRO D 751 35.53 20.34 -46.24
C PRO D 751 36.40 19.89 -47.44
N PHE D 752 37.13 20.83 -48.05
CA PHE D 752 37.92 20.52 -49.25
C PHE D 752 39.17 19.68 -48.95
N GLU D 753 39.30 18.58 -49.69
CA GLU D 753 40.50 17.75 -49.65
C GLU D 753 41.50 18.29 -50.66
N CYS D 754 42.32 19.26 -50.24
CA CYS D 754 43.30 19.87 -51.13
C CYS D 754 44.55 19.00 -51.26
N THR D 755 44.39 17.88 -51.96
CA THR D 755 45.51 16.99 -52.23
C THR D 755 45.89 17.19 -53.71
N CYS D 756 46.34 16.14 -54.37
CA CYS D 756 46.46 16.15 -55.83
C CYS D 756 45.05 16.11 -56.40
N ASP D 757 44.23 15.23 -55.82
CA ASP D 757 42.78 15.29 -55.99
C ASP D 757 42.34 16.73 -55.82
N ILE D 758 41.73 17.29 -56.88
CA ILE D 758 41.65 18.75 -57.12
C ILE D 758 42.58 19.06 -58.29
N GLY D 759 42.72 20.33 -58.63
CA GLY D 759 43.72 20.79 -59.59
C GLY D 759 42.99 21.17 -60.85
N ASP D 760 42.09 20.28 -61.26
CA ASP D 760 41.06 20.58 -62.25
C ASP D 760 40.34 21.85 -61.89
N PHE D 761 39.90 21.91 -60.64
CA PHE D 761 39.12 23.05 -60.19
C PHE D 761 39.90 24.37 -60.19
N ARG D 762 41.18 24.33 -59.83
CA ARG D 762 42.00 25.56 -59.87
C ARG D 762 42.24 26.06 -61.30
N ARG D 763 42.41 25.11 -62.22
CA ARG D 763 42.55 25.41 -63.66
C ARG D 763 41.20 25.87 -64.22
N TRP D 764 40.14 25.18 -63.81
CA TRP D 764 38.78 25.65 -64.02
C TRP D 764 38.60 27.08 -63.48
N MET D 765 39.07 27.29 -62.25
CA MET D 765 38.94 28.57 -61.57
C MET D 765 39.74 29.71 -62.20
N ASP D 766 40.79 29.38 -62.93
CA ASP D 766 41.60 30.42 -63.55
C ASP D 766 41.23 30.66 -65.01
N GLU D 767 40.69 29.64 -65.67
CA GLU D 767 40.13 29.79 -67.01
C GLU D 767 38.84 30.62 -67.00
N HIS D 768 37.97 30.36 -66.02
CA HIS D 768 36.71 31.09 -65.90
C HIS D 768 36.78 32.13 -64.79
N LEU D 769 37.18 33.36 -65.15
CA LEU D 769 37.23 34.48 -64.19
C LEU D 769 35.97 35.34 -64.28
N ASN D 770 35.32 35.32 -65.45
CA ASN D 770 33.89 35.71 -65.59
C ASN D 770 33.00 35.30 -64.39
N VAL D 771 33.39 34.21 -63.69
CA VAL D 771 32.66 33.68 -62.53
C VAL D 771 33.25 34.20 -61.22
N LYS D 772 32.78 35.37 -60.78
CA LYS D 772 33.27 35.96 -59.52
C LYS D 772 33.02 35.03 -58.32
N ILE D 773 33.81 35.20 -57.27
CA ILE D 773 33.65 34.38 -56.06
C ILE D 773 33.87 35.24 -54.82
N PRO D 774 32.94 35.13 -53.84
CA PRO D 774 33.10 35.85 -52.60
C PRO D 774 33.75 34.99 -51.55
N ARG D 775 34.45 35.63 -50.60
CA ARG D 775 34.98 34.97 -49.39
C ARG D 775 35.93 33.82 -49.72
N LEU D 776 36.97 34.14 -50.47
CA LEU D 776 37.92 33.12 -50.94
C LEU D 776 38.76 32.60 -49.77
N VAL D 777 38.89 33.42 -48.73
CA VAL D 777 39.52 33.02 -47.46
C VAL D 777 38.72 31.98 -46.67
N ASP D 778 37.46 31.74 -47.03
CA ASP D 778 36.64 30.76 -46.32
C ASP D 778 36.37 29.51 -47.15
N VAL D 779 37.10 29.38 -48.25
CA VAL D 779 37.10 28.16 -49.04
C VAL D 779 38.27 27.31 -48.55
N ILE D 780 38.07 26.70 -47.39
CA ILE D 780 39.15 26.17 -46.59
C ILE D 780 39.47 24.73 -46.97
N CYS D 781 40.74 24.38 -46.87
CA CYS D 781 41.15 22.98 -46.86
C CYS D 781 40.80 22.37 -45.49
N ALA D 782 39.98 21.34 -45.48
CA ALA D 782 39.66 20.63 -44.24
C ALA D 782 40.29 19.25 -44.19
N SER D 783 40.44 18.62 -45.35
CA SER D 783 40.90 17.24 -45.42
C SER D 783 42.16 17.00 -46.28
N PRO D 784 43.03 18.03 -46.43
CA PRO D 784 44.25 17.78 -47.22
C PRO D 784 45.18 16.59 -46.79
N GLY D 785 45.47 16.39 -45.49
CA GLY D 785 44.83 17.08 -44.37
C GLY D 785 45.79 17.65 -43.33
N ASP D 786 46.87 18.27 -43.80
CA ASP D 786 47.71 19.15 -42.96
C ASP D 786 48.01 20.50 -43.62
N GLN D 787 47.31 20.79 -44.72
CA GLN D 787 47.18 22.16 -45.23
C GLN D 787 45.82 22.72 -44.82
N ARG D 788 45.38 22.40 -43.60
CA ARG D 788 44.12 22.92 -43.11
C ARG D 788 44.24 24.39 -42.72
N GLY D 789 43.12 25.10 -42.79
CA GLY D 789 43.07 26.52 -42.48
C GLY D 789 43.77 27.36 -43.53
N LYS D 790 43.87 26.83 -44.74
CA LYS D 790 44.43 27.56 -45.87
C LYS D 790 43.42 27.56 -46.99
N SER D 791 43.19 28.72 -47.59
CA SER D 791 42.36 28.81 -48.76
C SER D 791 42.86 27.80 -49.77
N ILE D 792 41.95 27.26 -50.58
CA ILE D 792 42.35 26.37 -51.66
C ILE D 792 43.25 27.08 -52.68
N VAL D 793 43.11 28.40 -52.81
CA VAL D 793 43.90 29.16 -53.78
C VAL D 793 45.39 29.27 -53.40
N SER D 794 45.68 29.48 -52.11
CA SER D 794 47.08 29.56 -51.64
C SER D 794 47.65 28.16 -51.40
#